data_7L7E
#
_entry.id   7L7E
#
_cell.length_a   97.152
_cell.length_b   152.525
_cell.length_c   199.244
_cell.angle_alpha   90.00
_cell.angle_beta   94.74
_cell.angle_gamma   90.00
#
_symmetry.space_group_name_H-M   'P 1 21 1'
#
loop_
_entity.id
_entity.type
_entity.pdbx_description
1 polymer 'heavy chain of human monoclonal antibody AZD8895'
2 polymer 'light chain of human monoclonal antibody Fab AZD8895'
3 polymer 'heavy chain of human monoclonal antibody Fab AZD1061'
4 polymer 'light chain of human monoclonal antibody Fab AZD1061'
5 polymer 'Spike protein S1'
6 non-polymer 'PHOSPHATE ION'
7 non-polymer 2-acetamido-2-deoxy-beta-D-glucopyranose
8 water water
#
loop_
_entity_poly.entity_id
_entity_poly.type
_entity_poly.pdbx_seq_one_letter_code
_entity_poly.pdbx_strand_id
1 'polypeptide(L)'
;EVQLVQSGPEVKKPGTSVKVSCKASGFTFMSSAVQWVRQARGQRLEWIGWIVIGSGNTNYAQKFQERVTITRDMSTSTAY
MELSSLRSEDTAVYYCAAPYCSSISCNDGFDIWGQGTMVTVSSASTKGPSVFPLAPSS(UNK)(UNK)(UNK)SGGTAAL
GCLVKDYFPEPVTVSWNSGALTSGVHTFPAVLQSSGLYSLSSVVTVPSSSLGTQTYICNVNHKPSNTKVDKKVEPKS
;
A,H,I,T
2 'polypeptide(L)'
;EIVLTQSPGTLSLSPGERATLSCRASQSVSSSYLAWYQQKPGQAPRLLIYGASSRATGIPDRFSGSGSGTDFTLTISRLE
PEDFAVYYCQHYGSSRGWTFGQGTKVEIKRTVAAPSVFIFPPSDEQLKSGTASVVCLLNNFYPREAKVQWKVDNALQSGN
SQESVTEQDSKDSTYSLSSTLTLSKADYEKHKVYACEVTHQGLSSPVTKSFNRGEC
;
B,J,L,U
3 'polypeptide(L)'
;EVQLVESGGGLVKPGGSLRLSCAASGFTFRDVWMSWVRQAPGKGLEWVGRIKSKIDGGTTDYAAPVKGRFTISRDDSKNT
LYLQMNSLKTEDTAVYYCTTAGSYYYDTVGPGLPEGKFDYWGQGTLVTVSSASTKGPSVFPLAPSSKSTSGGTAALGCLV
KDYFPEPVTVSWNSGALTSGVHTFPAVLQSSGLYSLSSVVTVPSSSLGTQTYICNVNHKPSNTKVDKKVEPKSCDK
;
C,E,M,O
4 'polypeptide(L)'
;DIVMTQSPDSLAVSLGERATINCKSSQSVLYSSNNKNYLAWYQQKPGQPPKLLMYWASTRESGVPDRFSGSGSGAEFTLT
ISSLQAEDVAIYYCQQYYSTLTFGGGTKVEIKRTVAAPSVFIFPPSDEQLKSGTASVVCLLNNFYPREAKVQWKVDNALQ
SGNSQESVTEQDSKDSTYSLSSTLTLSKADYEKHKVYACEVTHQGLRSPVTKSFNRGEC
;
D,F,N,P
5 'polypeptide(L)'
;PNITNLCPFGEVFNATRFASVYAWNRKRISNCVADYSVLYNSASFSTFKCYGVSPTKLNDLCFTNVYADSFVIRGDEVRQ
IAPGQTGKIADYNYKLPDDFTGCVIAWNSNNLDSKVGGNYNYLYRLFRKSNLKPFERDISTEIYQAGSTPCNGVEGFNCY
FPLQSYGFQPTNGVGYQPYRVVVLSFELLHAPATVCGPKKGLVPRGSHHHHHHHH
;
G,K,S,b
#
loop_
_chem_comp.id
_chem_comp.type
_chem_comp.name
_chem_comp.formula
NAG D-saccharide, beta linking 2-acetamido-2-deoxy-beta-D-glucopyranose 'C8 H15 N O6'
PO4 non-polymer 'PHOSPHATE ION' 'O4 P -3'
#
# COMPACT_ATOMS: atom_id res chain seq x y z
N GLU A 1 -9.50 37.90 52.63
CA GLU A 1 -10.38 37.79 51.48
C GLU A 1 -9.56 37.67 50.20
N VAL A 2 -8.44 38.40 50.14
CA VAL A 2 -7.44 38.25 49.09
C VAL A 2 -6.11 38.12 49.81
N GLN A 3 -5.46 36.96 49.67
CA GLN A 3 -4.40 36.63 50.62
C GLN A 3 -3.51 35.51 50.09
N LEU A 4 -2.38 35.35 50.78
CA LEU A 4 -1.45 34.25 50.63
C LEU A 4 -1.22 33.65 52.01
N VAL A 5 -1.39 32.34 52.13
CA VAL A 5 -1.25 31.63 53.40
C VAL A 5 -0.10 30.64 53.25
N GLN A 6 0.91 30.76 54.12
CA GLN A 6 2.10 29.93 54.06
C GLN A 6 2.02 28.81 55.09
N SER A 7 3.05 27.96 55.08
CA SER A 7 3.13 26.81 55.97
C SER A 7 3.37 27.25 57.40
N GLY A 8 3.44 26.27 58.30
CA GLY A 8 3.73 26.52 59.69
C GLY A 8 5.22 26.58 59.94
N PRO A 9 5.62 26.97 61.15
CA PRO A 9 7.05 27.06 61.46
C PRO A 9 7.74 25.70 61.39
N GLU A 10 8.99 25.72 60.90
CA GLU A 10 9.79 24.52 60.75
C GLU A 10 11.03 24.60 61.65
N VAL A 11 11.39 23.45 62.22
CA VAL A 11 12.69 23.25 62.84
C VAL A 11 13.42 22.19 62.04
N LYS A 12 14.69 22.45 61.71
CA LYS A 12 15.39 21.64 60.73
C LYS A 12 16.82 21.41 61.18
N LYS A 13 17.39 20.27 60.74
CA LYS A 13 18.77 19.92 61.04
C LYS A 13 19.66 20.18 59.83
N PRO A 14 20.92 20.54 60.06
CA PRO A 14 21.82 20.86 58.96
C PRO A 14 21.96 19.70 57.98
N GLY A 15 22.02 20.04 56.69
CA GLY A 15 22.13 19.09 55.62
C GLY A 15 20.80 18.74 54.95
N THR A 16 19.70 18.88 55.68
CA THR A 16 18.38 18.55 55.16
C THR A 16 17.86 19.71 54.30
N SER A 17 16.62 19.61 53.85
CA SER A 17 15.97 20.62 53.05
C SER A 17 14.73 21.14 53.78
N VAL A 18 14.01 22.05 53.12
CA VAL A 18 12.77 22.58 53.66
C VAL A 18 11.94 23.09 52.49
N LYS A 19 10.64 22.82 52.54
CA LYS A 19 9.71 23.19 51.45
C LYS A 19 8.56 23.98 52.06
N VAL A 20 8.55 25.28 51.83
CA VAL A 20 7.49 26.16 52.31
C VAL A 20 6.45 26.29 51.21
N SER A 21 5.18 26.40 51.61
CA SER A 21 4.07 26.52 50.68
C SER A 21 3.49 27.93 50.73
N CYS A 22 2.72 28.27 49.69
CA CYS A 22 2.12 29.60 49.56
C CYS A 22 0.84 29.44 48.74
N LYS A 23 -0.29 29.29 49.42
CA LYS A 23 -1.59 29.07 48.78
C LYS A 23 -2.31 30.40 48.63
N ALA A 24 -2.69 30.74 47.40
CA ALA A 24 -3.35 32.00 47.10
C ALA A 24 -4.85 31.79 46.98
N SER A 25 -5.61 32.72 47.58
CA SER A 25 -7.06 32.72 47.47
C SER A 25 -7.54 34.16 47.31
N GLY A 26 -8.43 34.38 46.34
CA GLY A 26 -9.09 35.66 46.18
C GLY A 26 -8.83 36.38 44.87
N PHE A 27 -7.96 35.88 44.00
CA PHE A 27 -7.64 36.59 42.78
C PHE A 27 -7.21 35.60 41.71
N THR A 28 -6.97 36.13 40.51
CA THR A 28 -6.62 35.31 39.34
C THR A 28 -5.16 34.90 39.45
N PHE A 29 -4.93 33.69 39.95
CA PHE A 29 -3.58 33.22 40.26
C PHE A 29 -2.80 32.87 39.00
N MET A 30 -3.47 32.33 37.99
CA MET A 30 -2.79 31.81 36.79
C MET A 30 -2.09 32.91 36.00
N SER A 31 -2.46 34.18 36.20
CA SER A 31 -1.81 35.29 35.54
C SER A 31 -0.80 36.01 36.42
N SER A 32 -0.66 35.59 37.68
CA SER A 32 0.20 36.28 38.62
C SER A 32 1.60 35.66 38.64
N ALA A 33 2.42 36.09 39.59
CA ALA A 33 3.75 35.55 39.80
C ALA A 33 4.08 35.65 41.29
N VAL A 34 4.89 34.73 41.77
CA VAL A 34 5.28 34.68 43.18
C VAL A 34 6.78 34.89 43.28
N GLN A 35 7.20 35.79 44.16
CA GLN A 35 8.60 35.93 44.52
C GLN A 35 8.79 35.46 45.95
N TRP A 36 10.02 35.02 46.26
CA TRP A 36 10.34 34.52 47.58
C TRP A 36 11.43 35.38 48.22
N VAL A 37 11.22 35.72 49.49
CA VAL A 37 12.10 36.60 50.24
C VAL A 37 12.29 36.01 51.63
N ARG A 38 13.49 36.18 52.18
CA ARG A 38 13.75 35.81 53.57
C ARG A 38 14.34 37.00 54.31
N GLN A 39 14.34 36.87 55.64
CA GLN A 39 14.84 37.94 56.52
C GLN A 39 15.17 37.33 57.87
N ALA A 40 16.43 37.38 58.26
CA ALA A 40 16.83 36.88 59.56
C ALA A 40 16.39 37.86 60.66
N ARG A 41 16.50 37.41 61.90
CA ARG A 41 16.05 38.19 63.05
C ARG A 41 16.77 39.52 63.13
N GLY A 42 16.04 40.61 62.90
CA GLY A 42 16.60 41.95 62.96
C GLY A 42 17.62 42.24 61.88
N GLN A 43 17.32 41.87 60.64
CA GLN A 43 18.24 42.06 59.54
C GLN A 43 17.47 42.48 58.29
N ARG A 44 18.19 42.56 57.17
CA ARG A 44 17.67 43.09 55.93
C ARG A 44 16.92 42.01 55.13
N LEU A 45 16.22 42.47 54.10
CA LEU A 45 15.48 41.57 53.24
C LEU A 45 16.41 40.92 52.22
N GLU A 46 16.35 39.59 52.14
CA GLU A 46 17.14 38.83 51.17
C GLU A 46 16.23 38.25 50.11
N TRP A 47 16.53 38.55 48.85
CA TRP A 47 15.75 38.04 47.73
C TRP A 47 16.22 36.64 47.35
N ILE A 48 15.26 35.74 47.16
CA ILE A 48 15.53 34.33 46.88
C ILE A 48 15.32 33.99 45.42
N GLY A 49 14.14 34.27 44.88
CA GLY A 49 13.84 33.99 43.50
C GLY A 49 12.39 34.29 43.20
N TRP A 50 11.95 33.90 42.00
CA TRP A 50 10.55 34.12 41.65
C TRP A 50 10.16 33.21 40.49
N ILE A 51 8.86 32.91 40.42
CA ILE A 51 8.30 32.02 39.41
C ILE A 51 7.12 32.72 38.76
N VAL A 52 6.85 32.37 37.52
CA VAL A 52 5.72 32.90 36.77
C VAL A 52 4.68 31.80 36.69
N ILE A 53 3.55 32.00 37.37
CA ILE A 53 2.58 30.93 37.57
C ILE A 53 2.12 30.35 36.24
N GLY A 54 1.94 31.20 35.23
CA GLY A 54 1.45 30.72 33.94
C GLY A 54 2.42 29.78 33.26
N SER A 55 3.73 30.04 33.39
CA SER A 55 4.75 29.26 32.71
C SER A 55 5.58 28.38 33.62
N GLY A 56 5.65 28.69 34.91
CA GLY A 56 6.57 27.99 35.80
C GLY A 56 8.01 28.39 35.62
N ASN A 57 8.30 29.36 34.76
CA ASN A 57 9.66 29.81 34.54
C ASN A 57 10.20 30.46 35.82
N THR A 58 11.39 30.03 36.24
CA THR A 58 11.97 30.47 37.50
C THR A 58 13.24 31.26 37.25
N ASN A 59 13.62 32.02 38.27
CA ASN A 59 14.86 32.81 38.25
C ASN A 59 15.29 33.02 39.69
N TYR A 60 16.42 32.46 40.06
CA TYR A 60 16.91 32.52 41.43
C TYR A 60 18.05 33.52 41.54
N ALA A 61 18.19 34.10 42.72
CA ALA A 61 19.35 34.94 43.00
C ALA A 61 20.63 34.11 42.88
N GLN A 62 21.72 34.78 42.53
CA GLN A 62 23.00 34.10 42.39
C GLN A 62 23.41 33.41 43.69
N LYS A 63 23.00 33.97 44.82
CA LYS A 63 23.38 33.41 46.12
C LYS A 63 22.82 32.00 46.32
N PHE A 64 21.63 31.72 45.78
CA PHE A 64 20.95 30.45 45.99
C PHE A 64 20.80 29.62 44.72
N GLN A 65 21.43 30.02 43.61
CA GLN A 65 21.12 29.41 42.32
C GLN A 65 21.33 27.90 42.29
N GLU A 66 22.13 27.34 43.18
CA GLU A 66 22.34 25.90 43.17
C GLU A 66 21.33 25.16 44.04
N ARG A 67 21.11 25.63 45.27
CA ARG A 67 20.37 24.88 46.28
C ARG A 67 18.99 25.48 46.57
N VAL A 68 18.27 25.91 45.55
CA VAL A 68 16.90 26.39 45.73
C VAL A 68 16.06 25.97 44.52
N THR A 69 14.80 25.65 44.79
CA THR A 69 13.83 25.33 43.76
C THR A 69 12.55 26.09 44.05
N ILE A 70 11.90 26.57 43.00
CA ILE A 70 10.60 27.22 43.12
C ILE A 70 9.66 26.57 42.13
N THR A 71 8.49 26.16 42.62
CA THR A 71 7.54 25.39 41.83
C THR A 71 6.14 25.88 42.15
N ARG A 72 5.19 25.56 41.25
CA ARG A 72 3.81 25.97 41.45
C ARG A 72 2.87 24.85 41.03
N ASP A 73 1.78 24.70 41.78
CA ASP A 73 0.69 23.80 41.43
C ASP A 73 -0.51 24.68 41.09
N MET A 74 -0.88 24.71 39.80
CA MET A 74 -1.99 25.57 39.38
C MET A 74 -3.32 25.06 39.92
N SER A 75 -3.50 23.74 39.98
CA SER A 75 -4.76 23.16 40.41
C SER A 75 -5.06 23.40 41.89
N THR A 76 -4.05 23.75 42.68
CA THR A 76 -4.23 24.10 44.07
C THR A 76 -3.89 25.56 44.36
N SER A 77 -3.49 26.33 43.35
CA SER A 77 -3.13 27.74 43.51
C SER A 77 -2.07 27.91 44.59
N THR A 78 -0.97 27.17 44.43
CA THR A 78 0.05 27.08 45.46
C THR A 78 1.44 27.18 44.83
N ALA A 79 2.29 28.01 45.43
CA ALA A 79 3.70 28.08 45.09
C ALA A 79 4.53 27.49 46.22
N TYR A 80 5.55 26.71 45.86
CA TYR A 80 6.46 26.12 46.83
C TYR A 80 7.88 26.58 46.56
N MET A 81 8.66 26.72 47.63
CA MET A 81 10.09 27.01 47.54
C MET A 81 10.82 26.03 48.43
N GLU A 82 11.88 25.42 47.91
CA GLU A 82 12.62 24.38 48.62
C GLU A 82 14.09 24.77 48.70
N LEU A 83 14.63 24.82 49.92
CA LEU A 83 16.00 25.22 50.17
C LEU A 83 16.81 24.02 50.62
N SER A 84 17.85 23.68 49.85
CA SER A 84 18.64 22.49 50.12
C SER A 84 19.84 22.81 51.02
N SER A 85 20.33 21.77 51.69
CA SER A 85 21.56 21.82 52.48
C SER A 85 21.54 22.96 53.50
N LEU A 86 20.52 22.91 54.36
CA LEU A 86 20.29 23.98 55.32
C LEU A 86 21.48 24.13 56.27
N ARG A 87 21.93 25.37 56.43
CA ARG A 87 22.95 25.71 57.41
C ARG A 87 22.37 26.66 58.45
N SER A 88 23.17 26.93 59.49
CA SER A 88 22.72 27.81 60.56
C SER A 88 22.36 29.20 60.03
N GLU A 89 23.12 29.69 59.06
CA GLU A 89 22.84 31.00 58.47
C GLU A 89 21.53 31.03 57.68
N ASP A 90 20.86 29.88 57.51
CA ASP A 90 19.56 29.84 56.88
C ASP A 90 18.41 30.08 57.86
N THR A 91 18.69 30.11 59.16
CA THR A 91 17.67 30.42 60.16
C THR A 91 17.12 31.81 59.90
N ALA A 92 15.88 31.90 59.39
CA ALA A 92 15.31 33.18 58.99
C ALA A 92 13.79 33.04 58.96
N VAL A 93 13.13 34.08 58.44
CA VAL A 93 11.69 34.09 58.22
C VAL A 93 11.44 34.30 56.74
N TYR A 94 10.65 33.42 56.14
CA TYR A 94 10.54 33.35 54.69
C TYR A 94 9.18 33.87 54.24
N TYR A 95 9.20 34.65 53.15
CA TYR A 95 8.03 35.39 52.68
C TYR A 95 7.79 35.09 51.22
N CYS A 96 6.52 34.89 50.86
CA CYS A 96 6.10 34.91 49.47
C CYS A 96 5.27 36.17 49.21
N ALA A 97 5.33 36.66 47.98
CA ALA A 97 4.64 37.89 47.62
C ALA A 97 4.17 37.79 46.18
N ALA A 98 3.05 38.45 45.89
CA ALA A 98 2.44 38.38 44.57
C ALA A 98 1.67 39.66 44.31
N PRO A 99 1.49 40.02 43.04
CA PRO A 99 0.59 41.13 42.72
C PRO A 99 -0.83 40.65 42.51
N TYR A 100 -1.79 41.45 42.98
CA TYR A 100 -3.19 41.16 42.71
C TYR A 100 -3.43 41.15 41.21
N CYS A 101 -4.12 40.12 40.73
CA CYS A 101 -4.57 40.04 39.36
C CYS A 101 -6.08 39.88 39.34
N SER A 102 -6.67 40.19 38.19
CA SER A 102 -8.09 39.99 37.98
C SER A 102 -8.28 39.23 36.68
N SER A 103 -9.53 39.11 36.23
CA SER A 103 -9.77 38.54 34.91
C SER A 103 -9.26 39.45 33.81
N ILE A 104 -8.78 40.65 34.14
CA ILE A 104 -8.40 41.66 33.16
C ILE A 104 -6.88 41.79 33.06
N SER A 105 -6.22 42.16 34.16
CA SER A 105 -4.78 42.39 34.15
C SER A 105 -4.29 42.37 35.59
N CYS A 106 -2.98 42.54 35.77
CA CYS A 106 -2.34 42.45 37.06
C CYS A 106 -1.80 43.79 37.51
N ASN A 107 -1.54 43.89 38.82
CA ASN A 107 -0.89 45.06 39.38
C ASN A 107 0.60 45.04 39.07
N ASP A 108 1.22 46.21 39.15
CA ASP A 108 2.62 46.39 38.80
C ASP A 108 3.51 46.51 40.05
N GLY A 109 3.22 45.69 41.06
CA GLY A 109 3.97 45.67 42.30
C GLY A 109 3.57 44.52 43.20
N PHE A 110 4.49 43.99 44.00
CA PHE A 110 4.19 42.87 44.89
C PHE A 110 3.48 43.42 46.11
N ASP A 111 2.15 43.52 46.02
CA ASP A 111 1.35 44.11 47.08
C ASP A 111 0.75 43.08 48.02
N ILE A 112 0.61 41.83 47.61
CA ILE A 112 0.10 40.78 48.48
C ILE A 112 1.29 40.08 49.12
N TRP A 113 1.23 39.88 50.43
CA TRP A 113 2.28 39.19 51.15
C TRP A 113 1.68 38.15 52.08
N GLY A 114 2.41 37.05 52.25
CA GLY A 114 2.02 36.00 53.18
C GLY A 114 2.30 36.39 54.62
N GLN A 115 1.90 35.50 55.53
CA GLN A 115 2.09 35.77 56.95
C GLN A 115 3.55 35.70 57.36
N GLY A 116 4.37 34.98 56.60
CA GLY A 116 5.76 34.77 56.99
C GLY A 116 5.98 33.42 57.66
N THR A 117 7.01 32.68 57.24
CA THR A 117 7.25 31.34 57.75
C THR A 117 8.60 31.33 58.47
N MET A 118 8.55 31.11 59.79
CA MET A 118 9.78 30.96 60.56
C MET A 118 10.41 29.60 60.27
N VAL A 119 11.72 29.58 60.04
CA VAL A 119 12.47 28.36 59.76
C VAL A 119 13.72 28.38 60.63
N THR A 120 13.71 27.61 61.72
CA THR A 120 14.87 27.48 62.58
C THR A 120 15.71 26.29 62.12
N VAL A 121 16.96 26.54 61.77
CA VAL A 121 17.89 25.48 61.36
C VAL A 121 18.92 25.36 62.47
N SER A 122 18.92 24.22 63.16
CA SER A 122 19.83 23.99 64.27
C SER A 122 19.99 22.50 64.47
N SER A 123 21.03 22.12 65.21
CA SER A 123 21.31 20.74 65.57
C SER A 123 20.76 20.40 66.96
N ALA A 124 20.01 21.29 67.57
CA ALA A 124 19.52 21.10 68.93
C ALA A 124 18.28 20.22 68.94
N SER A 125 17.72 20.02 70.13
CA SER A 125 16.51 19.23 70.31
C SER A 125 15.58 19.95 71.27
N THR A 126 14.28 19.67 71.15
CA THR A 126 13.28 20.38 71.91
C THR A 126 13.52 20.23 73.41
N LYS A 127 13.27 21.31 74.15
CA LYS A 127 13.59 21.35 75.57
C LYS A 127 12.77 22.44 76.24
N GLY A 128 12.38 22.18 77.49
CA GLY A 128 11.60 23.11 78.26
C GLY A 128 12.46 24.07 79.03
N PRO A 129 12.00 25.32 79.18
CA PRO A 129 12.82 26.33 79.85
C PRO A 129 12.85 26.15 81.35
N SER A 130 14.00 26.49 81.94
CA SER A 130 14.18 26.54 83.39
C SER A 130 14.16 28.00 83.79
N VAL A 131 13.02 28.47 84.30
CA VAL A 131 12.87 29.87 84.65
C VAL A 131 13.41 30.08 86.06
N PHE A 132 14.06 31.22 86.27
CA PHE A 132 14.68 31.60 87.52
C PHE A 132 14.25 33.01 87.89
N PRO A 133 14.28 33.35 89.17
CA PRO A 133 13.85 34.68 89.59
C PRO A 133 14.98 35.71 89.61
N LEU A 134 14.59 36.96 89.39
CA LEU A 134 15.48 38.11 89.53
C LEU A 134 15.09 38.83 90.82
N ALA A 135 15.99 38.83 91.80
CA ALA A 135 15.67 39.32 93.13
C ALA A 135 15.33 40.80 93.10
N PRO A 136 14.21 41.23 93.67
CA PRO A 136 13.80 42.64 93.54
C PRO A 136 14.68 43.61 94.29
N SER A 137 15.37 43.17 95.34
CA SER A 137 16.23 44.05 96.15
C SER A 137 15.45 45.25 96.70
N SER A 142 15.46 51.26 97.11
CA SER A 142 15.28 52.69 96.93
C SER A 142 14.14 53.21 97.79
N GLY A 143 13.85 54.51 97.67
CA GLY A 143 12.66 55.05 98.31
C GLY A 143 11.39 54.65 97.59
N GLY A 144 11.44 54.63 96.25
CA GLY A 144 10.31 54.18 95.47
C GLY A 144 10.80 53.65 94.14
N THR A 145 9.89 52.98 93.42
CA THR A 145 10.18 52.39 92.11
C THR A 145 11.24 51.29 92.22
N ALA A 146 10.81 50.03 92.14
CA ALA A 146 11.70 48.88 92.25
C ALA A 146 11.65 48.06 90.97
N ALA A 147 12.67 47.21 90.80
CA ALA A 147 12.82 46.40 89.60
C ALA A 147 12.91 44.92 89.98
N LEU A 148 12.05 44.10 89.37
CA LEU A 148 12.09 42.66 89.52
C LEU A 148 11.81 42.01 88.17
N GLY A 149 11.92 40.69 88.12
CA GLY A 149 11.63 39.97 86.90
C GLY A 149 11.92 38.50 87.07
N CYS A 150 11.98 37.81 85.93
CA CYS A 150 12.34 36.40 85.89
C CYS A 150 13.10 36.12 84.60
N LEU A 151 13.91 35.05 84.64
CA LEU A 151 14.83 34.75 83.56
C LEU A 151 14.50 33.38 82.97
N VAL A 152 14.07 33.37 81.72
CA VAL A 152 13.74 32.14 80.99
C VAL A 152 15.00 31.68 80.26
N LYS A 153 15.62 30.61 80.74
CA LYS A 153 16.93 30.17 80.27
C LYS A 153 16.88 28.77 79.67
N ASP A 154 17.65 28.58 78.60
CA ASP A 154 17.89 27.27 78.01
C ASP A 154 16.63 26.60 77.50
N TYR A 155 16.17 26.99 76.31
CA TYR A 155 15.00 26.37 75.70
C TYR A 155 15.18 26.34 74.18
N PHE A 156 14.39 25.48 73.53
CA PHE A 156 14.43 25.30 72.10
C PHE A 156 13.15 24.61 71.65
N PRO A 157 12.55 25.03 70.52
CA PRO A 157 12.98 26.19 69.74
C PRO A 157 12.29 27.47 70.19
N GLU A 158 12.41 28.52 69.39
CA GLU A 158 11.57 29.68 69.59
C GLU A 158 10.12 29.31 69.27
N PRO A 159 9.14 30.02 69.87
CA PRO A 159 9.26 31.09 70.85
C PRO A 159 8.81 30.72 72.26
N VAL A 160 8.86 31.70 73.15
CA VAL A 160 8.29 31.60 74.49
C VAL A 160 7.50 32.87 74.76
N THR A 161 6.43 32.74 75.54
CA THR A 161 5.61 33.87 75.93
C THR A 161 5.72 34.09 77.43
N VAL A 162 5.56 35.35 77.85
CA VAL A 162 5.70 35.74 79.24
C VAL A 162 4.55 36.65 79.63
N SER A 163 3.77 36.26 80.63
CA SER A 163 2.73 37.08 81.21
C SER A 163 3.07 37.39 82.67
N TRP A 164 2.39 38.38 83.22
CA TRP A 164 2.60 38.79 84.61
C TRP A 164 1.25 38.96 85.28
N ASN A 165 1.03 38.21 86.37
CA ASN A 165 -0.25 38.17 87.07
C ASN A 165 -1.39 37.82 86.13
N SER A 166 -1.13 36.87 85.22
CA SER A 166 -2.13 36.34 84.30
C SER A 166 -2.72 37.43 83.42
N GLY A 167 -1.88 38.38 82.99
CA GLY A 167 -2.32 39.49 82.18
C GLY A 167 -2.70 40.74 82.95
N ALA A 168 -2.63 40.71 84.28
CA ALA A 168 -3.00 41.89 85.06
C ALA A 168 -1.88 42.93 85.05
N LEU A 169 -0.63 42.49 85.18
CA LEU A 169 0.51 43.39 85.18
C LEU A 169 0.99 43.58 83.74
N THR A 170 0.70 44.75 83.18
CA THR A 170 1.08 45.09 81.82
C THR A 170 1.94 46.33 81.72
N SER A 171 1.66 47.35 82.53
CA SER A 171 2.45 48.57 82.50
C SER A 171 3.82 48.32 83.14
N GLY A 172 4.87 48.75 82.46
CA GLY A 172 6.23 48.56 82.94
C GLY A 172 6.82 47.20 82.66
N VAL A 173 6.11 46.33 81.94
CA VAL A 173 6.58 44.99 81.63
C VAL A 173 7.40 45.04 80.35
N HIS A 174 8.67 44.66 80.45
CA HIS A 174 9.57 44.57 79.29
C HIS A 174 10.04 43.13 79.15
N THR A 175 9.49 42.42 78.16
CA THR A 175 10.00 41.11 77.78
C THR A 175 10.92 41.29 76.57
N PHE A 176 12.17 40.89 76.74
CA PHE A 176 13.23 41.14 75.79
C PHE A 176 13.25 40.07 74.71
N PRO A 177 13.90 40.35 73.56
CA PRO A 177 14.10 39.28 72.58
C PRO A 177 15.04 38.22 73.14
N ALA A 178 14.93 37.02 72.61
CA ALA A 178 15.80 35.94 73.03
C ALA A 178 17.19 36.12 72.42
N VAL A 179 18.16 35.45 73.04
CA VAL A 179 19.50 35.33 72.49
C VAL A 179 19.80 33.85 72.33
N LEU A 180 20.82 33.56 71.51
CA LEU A 180 21.18 32.18 71.19
C LEU A 180 22.54 31.89 71.81
N GLN A 181 22.53 31.12 72.91
CA GLN A 181 23.76 30.85 73.64
C GLN A 181 24.63 29.86 72.87
N SER A 182 25.88 29.72 73.33
CA SER A 182 26.83 28.82 72.67
C SER A 182 26.32 27.39 72.64
N SER A 183 25.53 27.00 73.64
CA SER A 183 25.06 25.62 73.79
C SER A 183 23.96 25.34 72.77
N GLY A 184 23.62 26.35 71.98
CA GLY A 184 22.61 26.24 70.96
C GLY A 184 21.20 26.45 71.43
N LEU A 185 21.00 26.78 72.70
CA LEU A 185 19.68 27.01 73.26
C LEU A 185 19.47 28.50 73.51
N TYR A 186 18.21 28.93 73.43
CA TYR A 186 17.90 30.32 73.64
C TYR A 186 17.74 30.65 75.13
N SER A 187 17.71 31.94 75.43
CA SER A 187 17.55 32.42 76.80
C SER A 187 17.12 33.89 76.74
N LEU A 188 15.98 34.20 77.36
CA LEU A 188 15.46 35.57 77.40
C LEU A 188 15.00 35.91 78.80
N SER A 189 15.14 37.18 79.15
CA SER A 189 14.72 37.70 80.44
C SER A 189 13.48 38.56 80.29
N SER A 190 12.78 38.77 81.42
CA SER A 190 11.60 39.61 81.48
C SER A 190 11.65 40.42 82.77
N VAL A 191 11.21 41.68 82.70
CA VAL A 191 11.31 42.58 83.83
C VAL A 191 10.03 43.39 83.96
N VAL A 192 9.70 43.76 85.20
CA VAL A 192 8.66 44.72 85.50
C VAL A 192 9.21 45.70 86.54
N THR A 193 8.69 46.91 86.53
CA THR A 193 8.97 47.90 87.56
C THR A 193 7.71 48.10 88.40
N VAL A 194 7.86 47.98 89.71
CA VAL A 194 6.72 48.05 90.64
C VAL A 194 7.06 49.06 91.73
N PRO A 195 6.03 49.64 92.36
CA PRO A 195 6.30 50.58 93.46
C PRO A 195 6.94 49.86 94.64
N SER A 196 8.03 50.44 95.14
CA SER A 196 8.77 49.82 96.24
C SER A 196 7.93 49.69 97.50
N SER A 197 6.94 50.56 97.68
CA SER A 197 6.13 50.54 98.89
C SER A 197 5.32 49.25 98.98
N SER A 198 4.73 48.81 97.87
CA SER A 198 3.91 47.60 97.83
C SER A 198 4.72 46.38 97.42
N LEU A 199 5.97 46.27 97.87
CA LEU A 199 6.75 45.09 97.54
C LEU A 199 6.31 43.88 98.37
N GLY A 200 5.98 44.09 99.64
CA GLY A 200 5.55 43.01 100.49
C GLY A 200 4.06 42.74 100.42
N THR A 201 3.27 43.80 100.19
CA THR A 201 1.82 43.64 100.13
C THR A 201 1.39 42.92 98.86
N GLN A 202 1.97 43.30 97.73
CA GLN A 202 1.58 42.74 96.43
C GLN A 202 2.41 41.49 96.14
N THR A 203 1.78 40.54 95.44
CA THR A 203 2.40 39.28 95.08
C THR A 203 2.58 39.21 93.57
N TYR A 204 3.79 38.89 93.13
CA TYR A 204 4.16 38.92 91.72
C TYR A 204 4.58 37.53 91.28
N ILE A 205 3.81 36.94 90.36
CA ILE A 205 4.14 35.66 89.75
C ILE A 205 4.18 35.84 88.25
N CYS A 206 5.29 35.44 87.63
CA CYS A 206 5.47 35.57 86.19
C CYS A 206 5.14 34.25 85.52
N ASN A 207 4.31 34.32 84.47
CA ASN A 207 3.81 33.14 83.78
C ASN A 207 4.63 32.91 82.52
N VAL A 208 4.93 31.64 82.23
CA VAL A 208 5.78 31.25 81.11
C VAL A 208 5.09 30.13 80.34
N ASN A 209 5.15 30.22 79.01
CA ASN A 209 4.61 29.19 78.14
C ASN A 209 5.60 28.92 77.02
N HIS A 210 5.88 27.63 76.79
CA HIS A 210 6.74 27.18 75.69
C HIS A 210 5.96 26.08 74.97
N LYS A 211 5.12 26.50 74.02
CA LYS A 211 4.21 25.56 73.36
C LYS A 211 4.89 24.44 72.58
N PRO A 212 6.08 24.62 71.96
CA PRO A 212 6.71 23.48 71.28
C PRO A 212 7.02 22.29 72.18
N SER A 213 6.82 22.39 73.49
CA SER A 213 7.07 21.27 74.38
C SER A 213 5.98 21.08 75.44
N ASN A 214 4.91 21.86 75.41
CA ASN A 214 3.84 21.87 76.40
C ASN A 214 4.33 22.27 77.79
N THR A 215 5.58 22.73 77.90
CA THR A 215 6.09 23.20 79.17
C THR A 215 5.45 24.55 79.51
N LYS A 216 4.80 24.61 80.66
CA LYS A 216 4.21 25.85 81.17
C LYS A 216 4.60 25.99 82.63
N VAL A 217 5.03 27.19 83.01
CA VAL A 217 5.57 27.43 84.34
C VAL A 217 5.14 28.80 84.84
N ASP A 218 4.68 28.85 86.09
CA ASP A 218 4.51 30.09 86.83
C ASP A 218 5.52 30.11 87.97
N LYS A 219 6.11 31.27 88.22
CA LYS A 219 7.19 31.38 89.20
C LYS A 219 6.99 32.62 90.05
N LYS A 220 6.96 32.43 91.37
CA LYS A 220 6.86 33.55 92.30
C LYS A 220 8.21 34.26 92.44
N VAL A 221 8.15 35.56 92.64
CA VAL A 221 9.33 36.41 92.78
C VAL A 221 9.18 37.20 94.07
N GLU A 222 10.05 36.92 95.04
CA GLU A 222 10.00 37.51 96.36
C GLU A 222 11.34 38.15 96.71
N PRO A 223 11.35 39.14 97.61
CA PRO A 223 12.60 39.75 98.07
C PRO A 223 13.42 38.81 98.93
N GLU B 1 25.28 41.14 41.11
CA GLU B 1 24.14 41.76 40.44
C GLU B 1 24.11 43.26 40.76
N ILE B 2 22.96 43.90 40.63
CA ILE B 2 22.86 45.33 40.93
C ILE B 2 22.72 45.52 42.44
N VAL B 3 23.24 46.64 42.95
CA VAL B 3 23.29 46.92 44.38
C VAL B 3 22.57 48.22 44.66
N LEU B 4 21.70 48.21 45.68
CA LEU B 4 20.99 49.39 46.13
C LEU B 4 21.46 49.78 47.52
N THR B 5 21.66 51.07 47.74
CA THR B 5 22.17 51.58 49.02
C THR B 5 21.25 52.68 49.52
N GLN B 6 20.71 52.49 50.72
CA GLN B 6 19.77 53.44 51.30
C GLN B 6 20.47 54.37 52.27
N SER B 7 20.01 55.63 52.30
CA SER B 7 20.61 56.66 53.13
C SER B 7 19.52 57.44 53.84
N PRO B 8 19.63 57.64 55.16
CA PRO B 8 20.72 57.09 55.98
C PRO B 8 20.35 55.72 56.54
N GLY B 9 20.98 55.33 57.64
CA GLY B 9 20.64 54.07 58.29
C GLY B 9 19.53 54.23 59.29
N THR B 10 19.50 55.38 59.96
CA THR B 10 18.47 55.66 60.96
C THR B 10 18.06 57.12 60.87
N LEU B 11 16.76 57.37 60.89
CA LEU B 11 16.19 58.71 60.95
C LEU B 11 15.54 58.92 62.31
N SER B 12 15.94 59.97 63.00
CA SER B 12 15.39 60.33 64.32
C SER B 12 14.56 61.59 64.15
N LEU B 13 13.25 61.42 63.97
CA LEU B 13 12.35 62.51 63.66
C LEU B 13 11.13 62.47 64.58
N SER B 14 10.58 63.64 64.86
CA SER B 14 9.40 63.78 65.69
C SER B 14 8.14 63.67 64.83
N PRO B 15 6.99 63.41 65.43
CA PRO B 15 5.75 63.38 64.66
C PRO B 15 5.46 64.74 64.02
N GLY B 16 5.06 64.70 62.76
CA GLY B 16 4.75 65.90 62.00
C GLY B 16 5.91 66.46 61.19
N GLU B 17 7.11 65.92 61.35
CA GLU B 17 8.27 66.40 60.60
C GLU B 17 8.29 65.75 59.21
N ARG B 18 9.37 65.95 58.47
CA ARG B 18 9.46 65.55 57.07
C ARG B 18 10.65 64.62 56.90
N ALA B 19 10.37 63.38 56.48
CA ALA B 19 11.40 62.36 56.31
C ALA B 19 11.77 62.21 54.84
N THR B 20 13.06 62.26 54.55
CA THR B 20 13.58 62.07 53.19
C THR B 20 14.48 60.84 53.20
N LEU B 21 14.05 59.80 52.50
CA LEU B 21 14.79 58.54 52.41
C LEU B 21 15.31 58.36 51.00
N SER B 22 16.61 58.08 50.89
CA SER B 22 17.27 57.96 49.60
C SER B 22 17.61 56.50 49.32
N CYS B 23 17.51 56.12 48.04
CA CYS B 23 17.91 54.80 47.58
C CYS B 23 18.72 54.98 46.30
N ARG B 24 20.00 54.63 46.36
CA ARG B 24 20.93 54.85 45.26
C ARG B 24 21.35 53.52 44.66
N ALA B 25 21.20 53.40 43.34
CA ALA B 25 21.50 52.19 42.60
C ALA B 25 22.92 52.20 42.05
N SER B 26 23.57 51.04 42.03
CA SER B 26 24.94 50.96 41.56
C SER B 26 25.04 51.16 40.05
N GLN B 27 24.00 50.80 39.30
CA GLN B 27 23.89 51.15 37.89
C GLN B 27 22.58 51.87 37.64
N SER B 28 22.46 52.46 36.46
CA SER B 28 21.21 53.07 36.04
C SER B 28 20.15 51.99 35.84
N VAL B 29 18.98 52.21 36.43
CA VAL B 29 17.89 51.25 36.34
C VAL B 29 16.60 51.98 35.96
N SER B 30 15.66 51.22 35.44
CA SER B 30 14.41 51.79 34.97
C SER B 30 13.50 52.13 36.14
N SER B 31 12.78 53.26 36.01
CA SER B 31 11.84 53.66 37.04
C SER B 31 10.65 52.71 37.15
N SER B 32 10.37 51.95 36.09
CA SER B 32 9.20 51.08 36.08
C SER B 32 9.29 49.96 37.10
N TYR B 33 10.49 49.65 37.60
CA TYR B 33 10.71 48.47 38.44
C TYR B 33 11.53 48.83 39.66
N LEU B 34 11.16 49.92 40.33
CA LEU B 34 11.68 50.25 41.65
C LEU B 34 10.51 50.50 42.58
N ALA B 35 10.49 49.79 43.69
CA ALA B 35 9.39 49.86 44.64
C ALA B 35 9.91 50.19 46.04
N TRP B 36 9.00 50.63 46.90
CA TRP B 36 9.27 50.90 48.30
C TRP B 36 8.32 50.08 49.17
N TYR B 37 8.84 49.54 50.27
CA TYR B 37 8.03 48.80 51.21
C TYR B 37 8.22 49.36 52.62
N GLN B 38 7.18 49.21 53.43
CA GLN B 38 7.18 49.55 54.83
C GLN B 38 7.07 48.28 55.66
N GLN B 39 7.67 48.26 56.84
CA GLN B 39 7.67 47.06 57.66
C GLN B 39 7.74 47.42 59.14
N LYS B 40 6.71 47.04 59.88
CA LYS B 40 6.70 47.05 61.32
C LYS B 40 7.21 45.70 61.84
N PRO B 41 7.70 45.66 63.08
CA PRO B 41 8.22 44.38 63.61
C PRO B 41 7.14 43.32 63.68
N GLY B 42 7.47 42.12 63.21
CA GLY B 42 6.56 40.99 63.20
C GLY B 42 5.66 40.92 61.98
N GLN B 43 5.46 42.02 61.27
CA GLN B 43 4.61 42.05 60.10
C GLN B 43 5.42 41.79 58.83
N ALA B 44 4.71 41.38 57.78
CA ALA B 44 5.30 41.26 56.46
C ALA B 44 5.47 42.65 55.85
N PRO B 45 6.34 42.77 54.83
CA PRO B 45 6.47 44.06 54.14
C PRO B 45 5.14 44.51 53.55
N ARG B 46 5.05 45.82 53.31
CA ARG B 46 3.82 46.43 52.83
C ARG B 46 4.17 47.45 51.76
N LEU B 47 3.58 47.29 50.57
CA LEU B 47 3.95 48.08 49.40
C LEU B 47 3.40 49.48 49.52
N LEU B 48 4.31 50.47 49.63
CA LEU B 48 3.93 51.88 49.59
C LEU B 48 3.95 52.42 48.17
N ILE B 49 5.04 52.18 47.45
CA ILE B 49 5.32 52.85 46.19
C ILE B 49 5.75 51.80 45.18
N TYR B 50 5.22 51.89 43.97
CA TYR B 50 5.66 51.07 42.85
C TYR B 50 5.80 51.96 41.62
N GLY B 51 6.63 51.51 40.68
CA GLY B 51 6.97 52.36 39.55
C GLY B 51 7.64 53.65 39.94
N ALA B 52 8.45 53.64 41.02
CA ALA B 52 9.20 54.79 41.50
C ALA B 52 8.30 55.91 42.06
N SER B 53 7.20 56.22 41.38
CA SER B 53 6.42 57.40 41.73
C SER B 53 4.92 57.15 41.94
N SER B 54 4.43 55.93 41.74
CA SER B 54 3.02 55.64 41.94
C SER B 54 2.78 55.08 43.34
N ARG B 55 1.65 55.45 43.92
CA ARG B 55 1.24 54.91 45.21
C ARG B 55 0.38 53.66 45.02
N ALA B 56 0.61 52.66 45.86
CA ALA B 56 -0.23 51.47 45.84
C ALA B 56 -1.58 51.77 46.46
N THR B 57 -2.56 50.93 46.12
CA THR B 57 -3.95 51.13 46.52
C THR B 57 -4.09 51.41 48.00
N GLY B 58 -4.64 52.58 48.34
CA GLY B 58 -4.98 52.92 49.69
C GLY B 58 -3.88 53.54 50.53
N ILE B 59 -2.81 54.03 49.92
CA ILE B 59 -1.71 54.65 50.66
C ILE B 59 -2.00 56.13 50.80
N PRO B 60 -1.86 56.70 52.01
CA PRO B 60 -2.17 58.12 52.20
C PRO B 60 -1.33 59.02 51.31
N ASP B 61 -1.83 60.23 51.09
CA ASP B 61 -1.17 61.17 50.18
C ASP B 61 0.24 61.52 50.64
N ARG B 62 0.48 61.51 51.95
CA ARG B 62 1.74 61.96 52.52
C ARG B 62 2.93 61.08 52.14
N PHE B 63 2.67 59.99 51.43
CA PHE B 63 3.73 59.13 50.90
C PHE B 63 3.96 59.48 49.44
N SER B 64 5.22 59.74 49.08
CA SER B 64 5.55 60.25 47.75
C SER B 64 6.89 59.70 47.30
N GLY B 65 6.92 59.11 46.11
CA GLY B 65 8.13 58.54 45.54
C GLY B 65 8.58 59.34 44.33
N SER B 66 9.90 59.55 44.24
CA SER B 66 10.48 60.29 43.13
C SER B 66 11.82 59.67 42.76
N GLY B 67 12.23 59.88 41.51
CA GLY B 67 13.53 59.42 41.09
C GLY B 67 13.64 58.92 39.66
N SER B 68 14.87 58.64 39.24
CA SER B 68 15.19 58.12 37.92
C SER B 68 16.67 57.77 37.92
N GLY B 69 17.09 57.03 36.90
CA GLY B 69 18.48 56.69 36.74
C GLY B 69 19.04 55.86 37.88
N THR B 70 19.75 56.51 38.81
CA THR B 70 20.34 55.83 39.95
C THR B 70 19.95 56.43 41.30
N ASP B 71 19.19 57.53 41.32
CA ASP B 71 18.85 58.21 42.56
C ASP B 71 17.34 58.24 42.72
N PHE B 72 16.84 57.51 43.72
CA PHE B 72 15.41 57.42 43.99
C PHE B 72 15.14 57.86 45.43
N THR B 73 14.03 58.57 45.63
CA THR B 73 13.69 59.15 46.92
C THR B 73 12.27 58.80 47.31
N LEU B 74 12.08 58.47 48.57
CA LEU B 74 10.75 58.35 49.18
C LEU B 74 10.61 59.44 50.24
N THR B 75 9.54 60.23 50.15
CA THR B 75 9.32 61.35 51.04
C THR B 75 8.01 61.16 51.79
N ILE B 76 8.06 61.28 53.11
CA ILE B 76 6.88 61.35 53.95
C ILE B 76 6.75 62.79 54.43
N SER B 77 5.68 63.46 54.00
CA SER B 77 5.56 64.90 54.20
C SER B 77 5.44 65.26 55.68
N ARG B 78 4.34 64.86 56.32
CA ARG B 78 4.13 65.10 57.74
C ARG B 78 4.02 63.74 58.43
N LEU B 79 4.93 63.47 59.36
CA LEU B 79 5.06 62.14 59.92
C LEU B 79 3.92 61.85 60.90
N GLU B 80 3.11 60.84 60.57
CA GLU B 80 2.12 60.31 61.48
C GLU B 80 2.75 59.33 62.45
N PRO B 81 2.13 59.11 63.62
CA PRO B 81 2.67 58.09 64.55
C PRO B 81 2.73 56.70 63.95
N GLU B 82 1.79 56.36 63.06
CA GLU B 82 1.74 55.05 62.43
C GLU B 82 2.71 54.93 61.26
N ASP B 83 3.69 55.82 61.17
CA ASP B 83 4.65 55.84 60.07
C ASP B 83 6.07 55.48 60.48
N PHE B 84 6.35 55.42 61.78
CA PHE B 84 7.69 55.05 62.25
C PHE B 84 7.87 53.54 62.09
N ALA B 85 8.71 53.15 61.14
CA ALA B 85 8.97 51.74 60.84
C ALA B 85 10.29 51.68 60.08
N VAL B 86 10.53 50.54 59.43
CA VAL B 86 11.71 50.35 58.60
C VAL B 86 11.26 50.34 57.15
N TYR B 87 12.02 51.02 56.29
CA TYR B 87 11.67 51.18 54.90
C TYR B 87 12.73 50.56 54.00
N TYR B 88 12.30 49.83 52.99
CA TYR B 88 13.19 49.17 52.05
C TYR B 88 12.80 49.56 50.63
N CYS B 89 13.81 49.75 49.78
CA CYS B 89 13.59 49.84 48.34
C CYS B 89 13.92 48.51 47.70
N GLN B 90 13.25 48.21 46.58
CA GLN B 90 13.53 47.00 45.82
C GLN B 90 13.52 47.31 44.34
N HIS B 91 14.59 46.91 43.66
CA HIS B 91 14.65 46.92 42.22
C HIS B 91 14.31 45.53 41.68
N TYR B 92 13.48 45.48 40.66
CA TYR B 92 13.07 44.20 40.09
C TYR B 92 12.92 44.33 38.58
N GLY B 93 13.93 44.92 37.93
CA GLY B 93 14.01 44.92 36.49
C GLY B 93 14.61 43.63 35.95
N SER B 94 14.35 43.38 34.66
CA SER B 94 14.71 42.13 33.99
C SER B 94 14.03 40.94 34.64
N SER B 95 14.20 39.75 34.07
CA SER B 95 13.67 38.55 34.69
C SER B 95 14.58 38.03 35.81
N ARG B 96 15.70 38.69 36.08
CA ARG B 96 16.68 38.15 37.01
C ARG B 96 17.48 39.27 37.65
N GLY B 97 18.02 39.00 38.84
CA GLY B 97 18.96 39.87 39.48
C GLY B 97 18.39 40.89 40.46
N TRP B 98 17.21 40.63 41.02
CA TRP B 98 16.54 41.62 41.86
C TRP B 98 17.23 41.72 43.22
N THR B 99 17.12 42.90 43.83
CA THR B 99 17.82 43.17 45.08
C THR B 99 17.00 44.13 45.94
N PHE B 100 17.32 44.13 47.24
CA PHE B 100 16.77 45.04 48.21
C PHE B 100 17.87 45.92 48.77
N GLY B 101 17.46 47.01 49.43
CA GLY B 101 18.40 47.82 50.17
C GLY B 101 18.60 47.31 51.60
N GLN B 102 19.62 47.86 52.26
CA GLN B 102 19.87 47.49 53.66
C GLN B 102 18.79 48.03 54.58
N GLY B 103 18.00 48.99 54.13
CA GLY B 103 16.87 49.46 54.91
C GLY B 103 17.21 50.66 55.78
N THR B 104 16.21 51.53 55.95
CA THR B 104 16.31 52.69 56.81
C THR B 104 15.25 52.61 57.89
N LYS B 105 15.68 52.72 59.15
CA LYS B 105 14.75 52.79 60.27
C LYS B 105 14.37 54.24 60.53
N VAL B 106 13.07 54.46 60.80
CA VAL B 106 12.56 55.78 61.13
C VAL B 106 11.95 55.68 62.53
N GLU B 107 12.48 56.46 63.47
CA GLU B 107 12.12 56.35 64.87
C GLU B 107 11.72 57.71 65.43
N ILE B 108 10.88 57.66 66.47
CA ILE B 108 10.40 58.89 67.10
C ILE B 108 11.54 59.56 67.86
N LYS B 109 11.61 60.88 67.74
CA LYS B 109 12.59 61.68 68.45
C LYS B 109 12.00 62.20 69.75
N ARG B 110 12.78 62.15 70.83
CA ARG B 110 12.34 62.61 72.13
C ARG B 110 13.52 63.21 72.89
N THR B 111 13.21 63.93 73.95
CA THR B 111 14.24 64.47 74.82
C THR B 111 15.05 63.34 75.46
N VAL B 112 16.31 63.63 75.76
CA VAL B 112 17.22 62.61 76.28
C VAL B 112 16.73 62.13 77.64
N ALA B 113 16.69 60.82 77.81
CA ALA B 113 16.36 60.19 79.08
C ALA B 113 17.52 59.27 79.49
N ALA B 114 17.95 59.38 80.73
CA ALA B 114 19.05 58.54 81.18
C ALA B 114 18.52 57.23 81.74
N PRO B 115 19.28 56.15 81.61
CA PRO B 115 18.80 54.85 82.11
C PRO B 115 18.91 54.75 83.63
N SER B 116 17.92 54.07 84.21
CA SER B 116 17.99 53.64 85.60
C SER B 116 18.50 52.21 85.62
N VAL B 117 19.69 52.01 86.18
CA VAL B 117 20.42 50.75 86.07
C VAL B 117 20.13 49.89 87.29
N PHE B 118 19.78 48.63 87.04
CA PHE B 118 19.56 47.65 88.09
C PHE B 118 20.41 46.43 87.80
N ILE B 119 21.19 46.00 88.79
CA ILE B 119 21.94 44.75 88.70
C ILE B 119 21.17 43.68 89.44
N PHE B 120 21.38 42.42 89.05
CA PHE B 120 20.64 41.30 89.60
C PHE B 120 21.60 40.18 89.96
N PRO B 121 21.49 39.62 91.17
CA PRO B 121 22.31 38.46 91.51
C PRO B 121 21.71 37.20 90.92
N PRO B 122 22.53 36.20 90.60
CA PRO B 122 21.99 34.91 90.18
C PRO B 122 21.20 34.26 91.30
N SER B 123 20.28 33.37 90.93
CA SER B 123 19.44 32.71 91.91
C SER B 123 20.15 31.50 92.50
N ASP B 124 19.85 31.22 93.77
CA ASP B 124 20.37 30.03 94.42
C ASP B 124 19.88 28.78 93.71
N GLU B 125 18.63 28.80 93.23
CA GLU B 125 18.09 27.67 92.50
C GLU B 125 18.87 27.38 91.23
N GLN B 126 19.44 28.42 90.60
CA GLN B 126 20.17 28.21 89.36
C GLN B 126 21.57 27.63 89.61
N LEU B 127 22.21 28.01 90.72
CA LEU B 127 23.54 27.50 91.02
C LEU B 127 23.56 25.98 91.14
N LYS B 128 22.41 25.36 91.41
CA LYS B 128 22.36 23.90 91.49
C LYS B 128 22.56 23.26 90.11
N SER B 129 22.24 23.98 89.04
CA SER B 129 22.42 23.43 87.70
C SER B 129 23.88 23.46 87.27
N GLY B 130 24.71 24.27 87.91
CA GLY B 130 26.11 24.37 87.58
C GLY B 130 26.52 25.67 86.92
N THR B 131 25.56 26.42 86.39
CA THR B 131 25.83 27.69 85.72
C THR B 131 25.20 28.84 86.49
N ALA B 132 25.79 30.01 86.35
CA ALA B 132 25.33 31.22 87.02
C ALA B 132 25.00 32.29 85.98
N SER B 133 23.94 33.04 86.23
CA SER B 133 23.48 34.09 85.32
C SER B 133 23.33 35.40 86.10
N VAL B 134 24.26 36.31 85.88
CA VAL B 134 24.17 37.67 86.40
C VAL B 134 23.54 38.54 85.34
N VAL B 135 22.63 39.44 85.74
CA VAL B 135 21.82 40.20 84.81
C VAL B 135 21.90 41.69 85.16
N CYS B 136 22.16 42.51 84.15
CA CYS B 136 22.09 43.97 84.28
C CYS B 136 20.94 44.49 83.43
N LEU B 137 20.21 45.46 83.99
CA LEU B 137 19.02 46.01 83.34
C LEU B 137 19.18 47.51 83.13
N LEU B 138 18.91 47.95 81.91
CA LEU B 138 18.83 49.37 81.57
C LEU B 138 17.41 49.66 81.13
N ASN B 139 16.76 50.64 81.76
CA ASN B 139 15.32 50.80 81.65
C ASN B 139 14.94 52.20 81.18
N ASN B 140 14.16 52.27 80.11
CA ASN B 140 13.47 53.48 79.66
C ASN B 140 14.46 54.63 79.43
N PHE B 141 15.26 54.49 78.38
CA PHE B 141 16.26 55.47 78.03
C PHE B 141 16.23 55.77 76.55
N TYR B 142 16.75 56.95 76.19
CA TYR B 142 16.86 57.46 74.84
C TYR B 142 18.02 58.45 74.82
N PRO B 143 18.87 58.44 73.77
CA PRO B 143 18.80 57.58 72.57
C PRO B 143 19.29 56.16 72.79
N ARG B 144 19.35 55.38 71.70
CA ARG B 144 19.44 53.93 71.80
C ARG B 144 20.84 53.42 72.10
N GLU B 145 21.89 54.15 71.69
CA GLU B 145 23.24 53.66 71.90
C GLU B 145 23.62 53.72 73.38
N ALA B 146 24.38 52.71 73.82
CA ALA B 146 24.91 52.64 75.17
C ALA B 146 25.96 51.55 75.20
N LYS B 147 26.69 51.49 76.32
CA LYS B 147 27.73 50.48 76.52
C LYS B 147 27.66 49.98 77.95
N VAL B 148 27.60 48.66 78.12
CA VAL B 148 27.49 48.03 79.43
C VAL B 148 28.67 47.10 79.59
N GLN B 149 29.63 47.49 80.41
CA GLN B 149 30.83 46.71 80.66
C GLN B 149 30.69 45.93 81.96
N TRP B 150 31.23 44.71 81.97
CA TRP B 150 31.09 43.79 83.10
C TRP B 150 32.42 43.71 83.82
N LYS B 151 32.41 44.07 85.11
CA LYS B 151 33.61 44.06 85.95
C LYS B 151 33.39 43.12 87.13
N VAL B 152 34.13 42.02 87.15
CA VAL B 152 34.14 41.09 88.27
C VAL B 152 35.32 41.47 89.17
N ASP B 153 35.03 41.76 90.44
CA ASP B 153 35.95 42.46 91.32
C ASP B 153 36.38 43.75 90.63
N ASN B 154 37.58 43.75 90.03
CA ASN B 154 37.98 44.84 89.14
C ASN B 154 38.61 44.29 87.86
N ALA B 155 38.25 43.06 87.49
CA ALA B 155 38.67 42.48 86.24
C ALA B 155 37.60 42.73 85.18
N LEU B 156 37.97 43.45 84.13
CA LEU B 156 37.07 43.63 82.99
C LEU B 156 36.83 42.28 82.33
N GLN B 157 35.55 41.98 82.06
CA GLN B 157 35.16 40.74 81.42
C GLN B 157 34.83 40.97 79.95
N SER B 158 35.32 40.08 79.10
CA SER B 158 35.07 40.14 77.67
C SER B 158 34.82 38.74 77.15
N GLY B 159 33.92 38.63 76.17
CA GLY B 159 33.65 37.37 75.51
C GLY B 159 32.64 36.47 76.20
N ASN B 160 31.98 36.94 77.27
CA ASN B 160 30.97 36.14 77.95
C ASN B 160 29.73 36.96 78.28
N SER B 161 29.48 38.02 77.52
CA SER B 161 28.29 38.83 77.66
C SER B 161 27.42 38.70 76.41
N GLN B 162 26.11 38.66 76.62
CA GLN B 162 25.15 38.71 75.51
C GLN B 162 24.15 39.82 75.77
N GLU B 163 23.82 40.56 74.72
CA GLU B 163 22.99 41.75 74.83
C GLU B 163 21.66 41.54 74.10
N SER B 164 20.65 42.27 74.54
CA SER B 164 19.31 42.19 73.94
C SER B 164 18.58 43.49 74.24
N VAL B 165 18.06 44.12 73.18
CA VAL B 165 17.42 45.43 73.28
C VAL B 165 16.01 45.33 72.72
N THR B 166 15.09 46.09 73.32
CA THR B 166 13.69 46.09 72.92
C THR B 166 13.45 47.11 71.81
N GLU B 167 12.26 47.03 71.21
CA GLU B 167 11.77 48.12 70.38
C GLU B 167 11.37 49.29 71.26
N GLN B 168 11.52 50.50 70.72
CA GLN B 168 11.22 51.69 71.52
C GLN B 168 9.74 51.75 71.84
N ASP B 169 9.43 52.15 73.07
CA ASP B 169 8.08 52.08 73.60
C ASP B 169 7.13 52.98 72.81
N SER B 170 5.85 52.63 72.85
CA SER B 170 4.83 53.48 72.24
C SER B 170 4.28 54.52 73.20
N LYS B 171 4.63 54.43 74.49
CA LYS B 171 4.15 55.39 75.49
C LYS B 171 5.18 56.51 75.69
N ASP B 172 6.35 56.16 76.22
CA ASP B 172 7.40 57.15 76.47
C ASP B 172 8.47 57.17 75.38
N SER B 173 8.33 56.34 74.33
CA SER B 173 9.24 56.33 73.20
C SER B 173 10.69 56.10 73.61
N THR B 174 10.91 55.30 74.65
CA THR B 174 12.25 55.00 75.15
C THR B 174 12.60 53.54 74.86
N TYR B 175 13.89 53.25 75.00
CA TYR B 175 14.42 51.91 74.81
C TYR B 175 14.73 51.26 76.16
N SER B 176 15.03 49.97 76.11
CA SER B 176 15.45 49.22 77.28
C SER B 176 16.20 47.99 76.82
N LEU B 177 17.27 47.64 77.54
CA LEU B 177 18.11 46.53 77.15
C LEU B 177 18.58 45.78 78.39
N SER B 178 18.94 44.51 78.19
CA SER B 178 19.43 43.65 79.25
C SER B 178 20.71 42.96 78.79
N SER B 179 21.67 42.86 79.70
CA SER B 179 22.93 42.14 79.47
C SER B 179 23.09 41.10 80.56
N THR B 180 23.29 39.85 80.15
CA THR B 180 23.39 38.73 81.09
C THR B 180 24.80 38.15 81.04
N LEU B 181 25.58 38.43 82.09
CA LEU B 181 26.85 37.75 82.26
C LEU B 181 26.61 36.28 82.57
N THR B 182 27.48 35.42 82.06
CA THR B 182 27.36 33.98 82.28
C THR B 182 28.69 33.43 82.77
N LEU B 183 28.65 32.72 83.89
CA LEU B 183 29.83 32.12 84.48
C LEU B 183 29.49 30.73 84.99
N SER B 184 30.51 29.87 85.07
CA SER B 184 30.35 28.60 85.76
C SER B 184 30.18 28.84 87.26
N LYS B 185 29.63 27.83 87.94
CA LYS B 185 29.41 27.97 89.38
C LYS B 185 30.72 28.08 90.13
N ALA B 186 31.72 27.27 89.75
CA ALA B 186 33.01 27.30 90.42
C ALA B 186 33.68 28.65 90.26
N ASP B 187 33.76 29.16 89.03
CA ASP B 187 34.35 30.47 88.79
C ASP B 187 33.55 31.59 89.43
N TYR B 188 32.27 31.37 89.71
CA TYR B 188 31.43 32.42 90.29
C TYR B 188 31.70 32.60 91.79
N GLU B 189 31.86 31.50 92.52
CA GLU B 189 32.06 31.56 93.96
C GLU B 189 33.46 32.01 94.35
N LYS B 190 34.36 32.21 93.37
CA LYS B 190 35.72 32.63 93.70
C LYS B 190 35.83 34.13 93.93
N HIS B 191 35.02 34.93 93.25
CA HIS B 191 35.07 36.37 93.35
C HIS B 191 33.90 36.90 94.19
N LYS B 192 34.05 38.13 94.66
CA LYS B 192 33.09 38.70 95.61
C LYS B 192 32.32 39.90 95.08
N VAL B 193 32.97 40.78 94.30
CA VAL B 193 32.36 42.01 93.83
C VAL B 193 32.01 41.85 92.36
N TYR B 194 30.72 41.91 92.05
CA TYR B 194 30.21 41.78 90.69
C TYR B 194 29.58 43.11 90.29
N ALA B 195 30.21 43.81 89.35
CA ALA B 195 29.85 45.18 89.02
C ALA B 195 29.47 45.30 87.54
N CYS B 196 28.44 46.10 87.27
CA CYS B 196 27.99 46.40 85.91
C CYS B 196 28.19 47.88 85.66
N GLU B 197 28.98 48.21 84.64
CA GLU B 197 29.34 49.58 84.32
C GLU B 197 28.61 50.03 83.07
N VAL B 198 27.87 51.14 83.18
CA VAL B 198 27.01 51.63 82.12
C VAL B 198 27.40 53.05 81.76
N THR B 199 27.64 53.29 80.48
CA THR B 199 27.78 54.64 79.94
C THR B 199 26.64 54.91 78.98
N HIS B 200 26.12 56.14 79.01
CA HIS B 200 25.05 56.55 78.12
C HIS B 200 25.14 58.06 77.92
N GLN B 201 24.55 58.53 76.81
CA GLN B 201 24.61 59.95 76.49
C GLN B 201 23.96 60.80 77.57
N GLY B 202 22.78 60.41 78.03
CA GLY B 202 22.11 61.08 79.12
C GLY B 202 22.77 60.97 80.48
N LEU B 203 23.93 60.32 80.59
CA LEU B 203 24.62 60.16 81.86
C LEU B 203 25.81 61.11 81.91
N SER B 204 25.89 61.92 82.97
CA SER B 204 27.03 62.82 83.13
C SER B 204 28.33 62.03 83.24
N SER B 205 28.38 61.09 84.16
CA SER B 205 29.50 60.19 84.34
C SER B 205 28.99 58.76 84.33
N PRO B 206 29.85 57.79 83.99
CA PRO B 206 29.40 56.39 83.97
C PRO B 206 28.84 55.94 85.31
N VAL B 207 27.88 55.02 85.24
CA VAL B 207 27.13 54.56 86.41
C VAL B 207 27.47 53.09 86.65
N THR B 208 27.80 52.75 87.89
CA THR B 208 28.15 51.39 88.27
C THR B 208 27.23 50.93 89.39
N LYS B 209 26.51 49.84 89.15
CA LYS B 209 25.75 49.13 90.17
C LYS B 209 26.38 47.77 90.40
N SER B 210 26.41 47.32 91.65
CA SER B 210 27.14 46.10 91.99
C SER B 210 26.52 45.45 93.22
N PHE B 211 26.94 44.21 93.48
CA PHE B 211 26.54 43.48 94.67
C PHE B 211 27.71 42.66 95.18
N ASN B 212 27.64 42.26 96.45
CA ASN B 212 28.70 41.52 97.12
C ASN B 212 28.17 40.17 97.57
N ARG B 213 28.59 39.11 96.87
CA ARG B 213 28.34 37.72 97.25
C ARG B 213 29.34 36.86 96.49
N GLY B 214 29.28 35.55 96.75
CA GLY B 214 30.13 34.60 96.05
C GLY B 214 31.51 34.44 96.65
N GLU C 1 5.79 4.75 19.62
CA GLU C 1 5.86 4.42 21.05
C GLU C 1 5.87 2.92 21.26
N VAL C 2 6.67 2.47 22.20
CA VAL C 2 6.59 1.08 22.64
C VAL C 2 5.54 1.00 23.73
N GLN C 3 4.81 -0.12 23.76
CA GLN C 3 3.62 -0.19 24.58
C GLN C 3 3.28 -1.64 24.88
N LEU C 4 2.74 -1.87 26.08
CA LEU C 4 2.22 -3.17 26.50
C LEU C 4 0.82 -2.96 27.04
N VAL C 5 -0.17 -3.60 26.42
CA VAL C 5 -1.58 -3.42 26.76
C VAL C 5 -2.15 -4.78 27.09
N GLU C 6 -2.51 -5.01 28.35
CA GLU C 6 -3.14 -6.25 28.78
C GLU C 6 -4.64 -6.18 28.60
N SER C 7 -5.26 -7.34 28.44
CA SER C 7 -6.70 -7.44 28.27
C SER C 7 -7.15 -8.84 28.66
N GLY C 8 -8.40 -8.96 29.06
CA GLY C 8 -9.00 -10.23 29.42
C GLY C 8 -9.39 -10.39 30.87
N GLY C 9 -9.01 -9.48 31.76
CA GLY C 9 -9.36 -9.61 33.15
C GLY C 9 -10.86 -9.46 33.39
N GLY C 10 -11.28 -9.92 34.56
CA GLY C 10 -12.68 -9.79 34.94
C GLY C 10 -13.00 -10.69 36.12
N LEU C 11 -14.26 -11.08 36.19
CA LEU C 11 -14.74 -11.95 37.26
C LEU C 11 -14.84 -13.38 36.75
N VAL C 12 -14.45 -14.33 37.59
CA VAL C 12 -14.44 -15.75 37.21
C VAL C 12 -14.67 -16.58 38.46
N LYS C 13 -15.47 -17.64 38.30
CA LYS C 13 -15.76 -18.52 39.43
C LYS C 13 -14.54 -19.36 39.79
N PRO C 14 -14.41 -19.75 41.05
CA PRO C 14 -13.29 -20.63 41.44
C PRO C 14 -13.33 -21.94 40.70
N GLY C 15 -12.15 -22.50 40.47
CA GLY C 15 -12.02 -23.65 39.60
C GLY C 15 -12.23 -23.36 38.13
N GLY C 16 -12.35 -22.08 37.77
CA GLY C 16 -12.62 -21.70 36.39
C GLY C 16 -11.35 -21.41 35.60
N SER C 17 -11.55 -20.95 34.37
CA SER C 17 -10.45 -20.68 33.44
C SER C 17 -10.49 -19.22 33.00
N LEU C 18 -9.36 -18.76 32.47
CA LEU C 18 -9.27 -17.42 31.90
C LEU C 18 -7.98 -17.30 31.10
N ARG C 19 -8.07 -16.65 29.95
CA ARG C 19 -6.93 -16.40 29.08
C ARG C 19 -6.60 -14.91 29.12
N LEU C 20 -5.40 -14.59 29.60
CA LEU C 20 -4.92 -13.22 29.59
C LEU C 20 -4.11 -12.96 28.32
N SER C 21 -4.22 -11.73 27.81
CA SER C 21 -3.58 -11.34 26.56
C SER C 21 -2.84 -10.02 26.77
N CYS C 22 -1.64 -9.94 26.19
CA CYS C 22 -0.79 -8.76 26.30
C CYS C 22 -0.31 -8.39 24.90
N ALA C 23 -0.85 -7.30 24.35
CA ALA C 23 -0.53 -6.85 23.00
C ALA C 23 0.65 -5.89 23.04
N ALA C 24 1.76 -6.29 22.43
CA ALA C 24 2.98 -5.49 22.43
C ALA C 24 3.16 -4.77 21.10
N SER C 25 3.76 -3.60 21.16
CA SER C 25 4.05 -2.80 19.97
C SER C 25 5.15 -1.81 20.28
N GLY C 26 5.88 -1.41 19.25
CA GLY C 26 6.90 -0.40 19.35
C GLY C 26 8.33 -0.92 19.42
N PHE C 27 8.51 -2.17 19.86
CA PHE C 27 9.83 -2.77 19.95
C PHE C 27 9.81 -4.12 19.24
N THR C 28 11.00 -4.69 19.02
CA THR C 28 11.13 -5.99 18.36
C THR C 28 10.75 -7.05 19.37
N PHE C 29 9.51 -7.54 19.27
CA PHE C 29 8.92 -8.36 20.32
C PHE C 29 9.57 -9.74 20.40
N ARG C 30 9.77 -10.38 19.26
CA ARG C 30 10.28 -11.76 19.24
C ARG C 30 11.67 -11.91 19.84
N ASP C 31 12.31 -10.81 20.25
CA ASP C 31 13.64 -10.85 20.83
C ASP C 31 13.64 -10.77 22.35
N VAL C 32 12.47 -10.67 22.97
CA VAL C 32 12.36 -10.33 24.39
C VAL C 32 11.79 -11.52 25.16
N TRP C 33 12.22 -11.65 26.41
CA TRP C 33 11.73 -12.67 27.34
C TRP C 33 10.60 -12.05 28.16
N MET C 34 9.37 -12.24 27.69
CA MET C 34 8.22 -11.65 28.37
C MET C 34 7.92 -12.40 29.67
N SER C 35 7.28 -11.70 30.59
CA SER C 35 6.95 -12.26 31.90
C SER C 35 5.64 -11.66 32.40
N TRP C 36 4.89 -12.46 33.14
CA TRP C 36 3.72 -11.98 33.87
C TRP C 36 4.07 -11.84 35.35
N VAL C 37 3.78 -10.67 35.91
CA VAL C 37 3.95 -10.40 37.32
C VAL C 37 2.61 -9.94 37.87
N ARG C 38 2.17 -10.53 38.98
CA ARG C 38 0.87 -10.22 39.56
C ARG C 38 1.03 -9.53 40.90
N GLN C 39 0.04 -8.70 41.24
CA GLN C 39 -0.01 -7.97 42.51
C GLN C 39 -1.39 -8.15 43.12
N ALA C 40 -1.47 -8.89 44.22
CA ALA C 40 -2.72 -8.98 44.95
C ALA C 40 -3.07 -7.63 45.57
N PRO C 41 -4.36 -7.35 45.74
CA PRO C 41 -4.78 -6.03 46.26
C PRO C 41 -4.20 -5.77 47.65
N GLY C 42 -3.62 -4.58 47.80
CA GLY C 42 -2.87 -4.23 49.00
C GLY C 42 -1.56 -4.99 49.17
N LYS C 43 -1.32 -6.06 48.42
CA LYS C 43 -0.11 -6.87 48.56
C LYS C 43 1.01 -6.32 47.67
N GLY C 44 2.12 -7.05 47.57
CA GLY C 44 3.23 -6.66 46.74
C GLY C 44 3.35 -7.47 45.46
N LEU C 45 4.46 -7.24 44.76
CA LEU C 45 4.73 -7.92 43.50
C LEU C 45 5.13 -9.37 43.74
N GLU C 46 4.81 -10.23 42.77
CA GLU C 46 5.17 -11.64 42.81
C GLU C 46 5.26 -12.14 41.38
N TRP C 47 6.40 -12.75 41.05
CA TRP C 47 6.61 -13.28 39.71
C TRP C 47 5.73 -14.51 39.48
N VAL C 48 5.19 -14.60 38.27
CA VAL C 48 4.28 -15.68 37.90
C VAL C 48 4.91 -16.61 36.87
N GLY C 49 5.50 -16.06 35.83
CA GLY C 49 6.09 -16.89 34.79
C GLY C 49 6.88 -16.08 33.80
N ARG C 50 7.57 -16.80 32.91
CA ARG C 50 8.37 -16.19 31.86
C ARG C 50 8.47 -17.14 30.69
N ILE C 51 8.39 -16.60 29.48
CA ILE C 51 8.69 -17.34 28.26
C ILE C 51 9.84 -16.65 27.55
N LYS C 52 10.84 -17.42 27.14
CA LYS C 52 12.00 -16.84 26.48
C LYS C 52 11.70 -16.65 24.99
N SER C 53 12.64 -16.04 24.28
CA SER C 53 12.51 -15.87 22.84
C SER C 53 12.66 -17.21 22.13
N LYS C 54 12.24 -17.24 20.86
CA LYS C 54 12.38 -18.45 20.07
C LYS C 54 13.83 -18.80 19.85
N ILE C 55 14.69 -17.80 19.64
CA ILE C 55 16.09 -18.07 19.35
C ILE C 55 16.82 -18.59 20.59
N ASP C 56 16.33 -18.26 21.79
CA ASP C 56 16.90 -18.76 23.02
C ASP C 56 16.17 -20.00 23.54
N GLY C 57 15.34 -20.61 22.71
CA GLY C 57 14.73 -21.89 23.06
C GLY C 57 13.23 -21.93 22.98
N GLY C 58 12.56 -20.88 23.44
CA GLY C 58 11.14 -20.93 23.70
C GLY C 58 10.77 -21.46 25.07
N THR C 59 11.74 -21.53 25.98
CA THR C 59 11.53 -22.14 27.29
C THR C 59 10.58 -21.31 28.14
N THR C 60 9.72 -22.00 28.89
CA THR C 60 8.85 -21.37 29.88
C THR C 60 9.30 -21.78 31.29
N ASP C 61 9.12 -20.86 32.23
CA ASP C 61 9.34 -21.14 33.64
C ASP C 61 8.19 -20.56 34.43
N TYR C 62 7.68 -21.33 35.38
CA TYR C 62 6.54 -20.92 36.19
C TYR C 62 6.90 -20.97 37.67
N ALA C 63 6.24 -20.11 38.44
CA ALA C 63 6.44 -20.10 39.88
C ALA C 63 5.67 -21.26 40.53
N ALA C 64 6.01 -21.53 41.79
CA ALA C 64 5.44 -22.69 42.48
C ALA C 64 3.92 -22.60 42.66
N PRO C 65 3.34 -21.48 43.13
CA PRO C 65 1.87 -21.48 43.30
C PRO C 65 1.10 -21.60 42.00
N VAL C 66 1.71 -21.30 40.85
CA VAL C 66 1.01 -21.38 39.57
C VAL C 66 1.37 -22.60 38.75
N LYS C 67 2.51 -23.25 39.03
CA LYS C 67 2.98 -24.34 38.18
C LYS C 67 2.00 -25.50 38.19
N GLY C 68 1.63 -25.96 36.99
CA GLY C 68 0.64 -27.00 36.81
C GLY C 68 -0.73 -26.50 36.42
N ARG C 69 -1.01 -25.20 36.61
CA ARG C 69 -2.28 -24.61 36.25
C ARG C 69 -2.19 -23.48 35.24
N PHE C 70 -1.04 -22.80 35.15
CA PHE C 70 -0.86 -21.71 34.21
C PHE C 70 0.08 -22.13 33.09
N THR C 71 -0.20 -21.62 31.88
CA THR C 71 0.67 -21.82 30.73
C THR C 71 0.84 -20.50 30.01
N ILE C 72 2.09 -20.09 29.84
CA ILE C 72 2.42 -18.90 29.06
C ILE C 72 2.61 -19.31 27.61
N SER C 73 2.22 -18.44 26.70
CA SER C 73 2.25 -18.72 25.27
C SER C 73 2.80 -17.52 24.52
N ARG C 74 2.88 -17.64 23.20
CA ARG C 74 3.47 -16.61 22.36
C ARG C 74 2.94 -16.72 20.94
N ASP C 75 2.57 -15.58 20.36
CA ASP C 75 2.25 -15.47 18.94
C ASP C 75 3.14 -14.37 18.40
N ASP C 76 4.31 -14.76 17.87
CA ASP C 76 5.26 -13.78 17.36
C ASP C 76 4.73 -13.07 16.12
N SER C 77 3.87 -13.75 15.34
CA SER C 77 3.32 -13.12 14.14
C SER C 77 2.34 -12.01 14.47
N LYS C 78 1.68 -12.08 15.63
CA LYS C 78 0.78 -11.04 16.08
C LYS C 78 1.38 -10.16 17.17
N ASN C 79 2.60 -10.47 17.63
CA ASN C 79 3.30 -9.69 18.65
C ASN C 79 2.50 -9.64 19.95
N THR C 80 2.00 -10.80 20.37
CA THR C 80 1.13 -10.90 21.53
C THR C 80 1.65 -11.96 22.50
N LEU C 81 1.49 -11.68 23.80
CA LEU C 81 1.82 -12.60 24.86
C LEU C 81 0.53 -13.11 25.51
N TYR C 82 0.56 -14.36 25.96
CA TYR C 82 -0.60 -14.97 26.58
C TYR C 82 -0.25 -15.54 27.95
N LEU C 83 -1.28 -15.60 28.80
CA LEU C 83 -1.22 -16.33 30.07
C LEU C 83 -2.51 -17.12 30.19
N GLN C 84 -2.39 -18.45 30.19
CA GLN C 84 -3.53 -19.33 30.30
C GLN C 84 -3.71 -19.75 31.75
N MET C 85 -4.90 -19.50 32.31
CA MET C 85 -5.19 -19.75 33.71
C MET C 85 -6.28 -20.81 33.81
N ASN C 86 -6.00 -21.86 34.58
CA ASN C 86 -6.96 -22.94 34.82
C ASN C 86 -6.90 -23.32 36.29
N SER C 87 -7.96 -23.99 36.75
CA SER C 87 -8.10 -24.40 38.15
C SER C 87 -7.87 -23.22 39.08
N LEU C 88 -8.57 -22.13 38.80
CA LEU C 88 -8.32 -20.87 39.49
C LEU C 88 -8.72 -20.96 40.95
N LYS C 89 -8.06 -20.15 41.77
CA LYS C 89 -8.32 -20.08 43.21
C LYS C 89 -8.62 -18.65 43.60
N THR C 90 -9.19 -18.48 44.80
CA THR C 90 -9.42 -17.13 45.31
C THR C 90 -8.11 -16.43 45.62
N GLU C 91 -7.07 -17.18 45.98
CA GLU C 91 -5.74 -16.59 46.19
C GLU C 91 -5.07 -16.18 44.88
N ASP C 92 -5.72 -16.39 43.73
CA ASP C 92 -5.23 -15.91 42.45
C ASP C 92 -5.68 -14.49 42.14
N THR C 93 -6.62 -13.94 42.92
CA THR C 93 -7.13 -12.60 42.66
C THR C 93 -6.02 -11.57 42.79
N ALA C 94 -5.77 -10.84 41.70
CA ALA C 94 -4.66 -9.89 41.63
C ALA C 94 -4.79 -9.15 40.30
N VAL C 95 -4.06 -8.04 40.19
CA VAL C 95 -3.87 -7.37 38.91
C VAL C 95 -2.65 -7.98 38.25
N TYR C 96 -2.77 -8.29 36.96
CA TYR C 96 -1.74 -9.06 36.27
C TYR C 96 -1.04 -8.18 35.24
N TYR C 97 0.26 -7.98 35.43
CA TYR C 97 1.08 -7.24 34.49
C TYR C 97 1.78 -8.20 33.53
N CYS C 98 1.99 -7.72 32.31
CA CYS C 98 2.99 -8.27 31.41
C CYS C 98 4.16 -7.30 31.37
N THR C 99 5.37 -7.85 31.30
CA THR C 99 6.55 -7.01 31.42
C THR C 99 7.69 -7.58 30.58
N THR C 100 8.59 -6.69 30.16
CA THR C 100 9.87 -7.05 29.60
C THR C 100 10.96 -7.10 30.66
N ALA C 101 10.58 -6.98 31.93
CA ALA C 101 11.54 -6.97 33.03
C ALA C 101 12.33 -8.28 33.06
N GLY C 102 13.64 -8.17 33.22
CA GLY C 102 14.51 -9.33 33.29
C GLY C 102 15.09 -9.79 31.97
N SER C 103 14.60 -9.28 30.84
CA SER C 103 15.02 -9.80 29.55
C SER C 103 16.34 -9.20 29.07
N TYR C 104 16.50 -7.88 29.20
CA TYR C 104 17.64 -7.19 28.60
C TYR C 104 18.98 -7.68 29.13
N TYR C 105 19.02 -8.24 30.34
CA TYR C 105 20.26 -8.79 30.85
C TYR C 105 20.61 -10.14 30.23
N TYR C 106 19.73 -10.71 29.40
CA TYR C 106 19.97 -12.01 28.78
C TYR C 106 19.70 -12.03 27.29
N ASP C 107 18.73 -11.24 26.82
CA ASP C 107 18.24 -11.38 25.45
C ASP C 107 19.29 -10.91 24.44
N THR C 108 18.89 -10.91 23.17
CA THR C 108 19.81 -10.73 22.05
C THR C 108 19.77 -9.32 21.45
N VAL C 109 19.05 -8.39 22.06
CA VAL C 109 18.97 -7.04 21.51
C VAL C 109 20.17 -6.23 21.97
N GLY C 110 20.52 -5.22 21.17
CA GLY C 110 21.72 -4.44 21.42
C GLY C 110 21.45 -3.10 22.05
N PRO C 111 22.27 -2.10 21.73
CA PRO C 111 22.13 -0.78 22.35
C PRO C 111 21.10 0.11 21.69
N GLY C 112 20.60 -0.25 20.51
CA GLY C 112 19.64 0.58 19.82
C GLY C 112 18.26 0.53 20.43
N LEU C 113 18.16 0.91 21.70
CA LEU C 113 16.85 0.92 22.37
C LEU C 113 16.02 2.06 21.81
N PRO C 114 14.77 1.81 21.42
CA PRO C 114 13.98 2.86 20.76
C PRO C 114 13.79 4.12 21.59
N GLU C 115 13.80 4.00 22.92
CA GLU C 115 13.63 5.15 23.80
C GLU C 115 14.63 5.16 24.95
N GLY C 116 15.75 4.46 24.79
CA GLY C 116 16.83 4.49 25.76
C GLY C 116 16.64 3.64 26.99
N LYS C 117 15.55 2.88 27.08
CA LYS C 117 15.33 2.02 28.23
C LYS C 117 14.79 0.68 27.76
N PHE C 118 14.77 -0.28 28.68
CA PHE C 118 14.45 -1.67 28.36
C PHE C 118 13.44 -2.30 29.30
N ASP C 119 13.21 -1.75 30.49
CA ASP C 119 12.30 -2.32 31.47
C ASP C 119 10.92 -1.69 31.28
N TYR C 120 9.99 -2.44 30.71
CA TYR C 120 8.68 -1.92 30.34
C TYR C 120 7.57 -2.72 31.01
N TRP C 121 6.51 -2.02 31.42
CA TRP C 121 5.37 -2.62 32.07
C TRP C 121 4.09 -2.05 31.49
N GLY C 122 3.05 -2.90 31.43
CA GLY C 122 1.73 -2.44 31.07
C GLY C 122 0.95 -1.96 32.28
N GLN C 123 -0.31 -1.60 32.05
CA GLN C 123 -1.15 -1.14 33.14
C GLN C 123 -1.74 -2.30 33.93
N GLY C 124 -1.98 -3.44 33.29
CA GLY C 124 -2.45 -4.63 33.98
C GLY C 124 -3.95 -4.71 34.15
N THR C 125 -4.51 -5.89 33.90
CA THR C 125 -5.92 -6.15 34.11
C THR C 125 -6.12 -6.83 35.45
N LEU C 126 -7.26 -6.54 36.08
CA LEU C 126 -7.61 -7.09 37.39
C LEU C 126 -8.46 -8.34 37.20
N VAL C 127 -8.02 -9.45 37.80
CA VAL C 127 -8.70 -10.73 37.73
C VAL C 127 -9.26 -11.06 39.10
N THR C 128 -10.57 -11.25 39.18
CA THR C 128 -11.26 -11.56 40.44
C THR C 128 -11.84 -12.95 40.37
N VAL C 129 -11.41 -13.81 41.28
CA VAL C 129 -11.94 -15.16 41.41
C VAL C 129 -12.90 -15.16 42.57
N SER C 130 -14.19 -15.35 42.29
CA SER C 130 -15.21 -15.23 43.32
C SER C 130 -16.45 -15.99 42.91
N SER C 131 -17.01 -16.76 43.85
CA SER C 131 -18.32 -17.37 43.64
C SER C 131 -19.45 -16.35 43.68
N ALA C 132 -19.16 -15.10 44.01
CA ALA C 132 -20.16 -14.05 44.04
C ALA C 132 -20.50 -13.60 42.63
N SER C 133 -21.58 -12.82 42.53
CA SER C 133 -22.11 -12.38 41.24
C SER C 133 -21.91 -10.89 41.05
N THR C 134 -21.92 -10.48 39.78
CA THR C 134 -21.69 -9.09 39.42
C THR C 134 -22.85 -8.21 39.85
N LYS C 135 -22.54 -6.95 40.16
CA LYS C 135 -23.55 -5.98 40.56
C LYS C 135 -23.08 -4.59 40.17
N GLY C 136 -23.92 -3.86 39.44
CA GLY C 136 -23.61 -2.52 39.01
C GLY C 136 -23.72 -1.52 40.14
N PRO C 137 -23.12 -0.35 39.97
CA PRO C 137 -23.11 0.66 41.02
C PRO C 137 -24.28 1.64 40.90
N SER C 138 -24.45 2.42 41.98
CA SER C 138 -25.45 3.48 42.03
C SER C 138 -24.69 4.80 42.22
N VAL C 139 -24.90 5.74 41.30
CA VAL C 139 -24.18 7.00 41.28
C VAL C 139 -25.10 8.08 41.83
N PHE C 140 -24.74 8.63 42.99
CA PHE C 140 -25.49 9.72 43.60
C PHE C 140 -24.63 10.97 43.70
N PRO C 141 -25.17 12.14 43.37
CA PRO C 141 -24.34 13.35 43.36
C PRO C 141 -24.03 13.85 44.76
N LEU C 142 -22.78 14.32 44.94
CA LEU C 142 -22.36 15.03 46.15
C LEU C 142 -22.51 16.51 45.86
N ALA C 143 -23.70 17.05 46.11
CA ALA C 143 -24.04 18.38 45.61
C ALA C 143 -23.32 19.45 46.41
N PRO C 144 -22.73 20.46 45.77
CA PRO C 144 -22.06 21.52 46.53
C PRO C 144 -23.07 22.49 47.14
N SER C 145 -22.67 23.12 48.23
CA SER C 145 -23.56 23.97 49.00
C SER C 145 -22.72 24.97 49.78
N SER C 146 -23.37 25.70 50.69
CA SER C 146 -22.62 26.54 51.63
C SER C 146 -21.70 25.70 52.53
N LYS C 147 -21.93 24.39 52.60
CA LYS C 147 -21.20 23.51 53.51
C LYS C 147 -20.05 22.78 52.84
N SER C 148 -19.70 23.15 51.61
CA SER C 148 -18.56 22.56 50.93
C SER C 148 -17.72 23.62 50.21
N THR C 149 -17.80 24.88 50.65
CA THR C 149 -17.05 25.97 50.06
C THR C 149 -16.21 26.69 51.10
N SER C 150 -15.13 27.31 50.63
CA SER C 150 -14.31 28.18 51.46
C SER C 150 -13.41 28.99 50.55
N GLY C 151 -13.51 30.32 50.63
CA GLY C 151 -12.60 31.21 49.93
C GLY C 151 -12.61 31.09 48.41
N GLY C 152 -13.80 31.04 47.81
CA GLY C 152 -13.92 31.06 46.37
C GLY C 152 -13.96 29.71 45.69
N THR C 153 -13.59 28.64 46.39
CA THR C 153 -13.60 27.30 45.82
C THR C 153 -14.72 26.47 46.45
N ALA C 154 -15.28 25.56 45.65
CA ALA C 154 -16.40 24.74 46.08
C ALA C 154 -16.08 23.27 45.83
N ALA C 155 -16.45 22.42 46.79
CA ALA C 155 -16.24 21.00 46.66
C ALA C 155 -17.54 20.33 46.22
N LEU C 156 -17.46 19.53 45.16
CA LEU C 156 -18.56 18.69 44.72
C LEU C 156 -17.98 17.35 44.30
N GLY C 157 -18.86 16.39 44.04
CA GLY C 157 -18.38 15.08 43.66
C GLY C 157 -19.49 14.09 43.36
N CYS C 158 -19.10 12.82 43.33
CA CYS C 158 -19.99 11.72 43.00
C CYS C 158 -19.78 10.59 44.01
N LEU C 159 -20.82 9.77 44.17
CA LEU C 159 -20.80 8.62 45.07
C LEU C 159 -21.13 7.37 44.26
N VAL C 160 -20.11 6.54 44.02
CA VAL C 160 -20.28 5.26 43.35
C VAL C 160 -20.50 4.20 44.43
N LYS C 161 -21.69 3.61 44.46
CA LYS C 161 -22.15 2.87 45.63
C LYS C 161 -22.53 1.44 45.27
N ASP C 162 -22.07 0.50 46.09
CA ASP C 162 -22.52 -0.89 46.10
C ASP C 162 -22.33 -1.56 44.74
N TYR C 163 -21.07 -1.88 44.45
CA TYR C 163 -20.72 -2.58 43.24
C TYR C 163 -19.73 -3.70 43.55
N PHE C 164 -19.71 -4.70 42.68
CA PHE C 164 -18.78 -5.81 42.73
C PHE C 164 -18.73 -6.41 41.34
N PRO C 165 -17.55 -6.76 40.82
CA PRO C 165 -16.26 -6.59 41.47
C PRO C 165 -15.62 -5.25 41.14
N GLU C 166 -14.32 -5.14 41.41
CA GLU C 166 -13.57 -3.99 40.95
C GLU C 166 -13.20 -4.16 39.47
N PRO C 167 -12.91 -3.06 38.77
CA PRO C 167 -12.93 -1.66 39.22
C PRO C 167 -13.98 -0.80 38.53
N VAL C 168 -14.12 0.44 38.98
CA VAL C 168 -14.88 1.45 38.25
C VAL C 168 -13.93 2.59 37.90
N THR C 169 -14.17 3.21 36.75
CA THR C 169 -13.43 4.38 36.32
C THR C 169 -14.34 5.59 36.40
N VAL C 170 -13.80 6.72 36.85
CA VAL C 170 -14.58 7.93 37.07
C VAL C 170 -13.88 9.09 36.36
N SER C 171 -14.59 9.72 35.43
CA SER C 171 -14.11 10.91 34.75
C SER C 171 -15.11 12.05 34.98
N TRP C 172 -14.71 13.26 34.61
CA TRP C 172 -15.54 14.45 34.80
C TRP C 172 -15.63 15.22 33.50
N ASN C 173 -16.85 15.61 33.12
CA ASN C 173 -17.11 16.36 31.89
C ASN C 173 -16.47 15.68 30.68
N SER C 174 -16.53 14.35 30.68
CA SER C 174 -16.00 13.52 29.58
C SER C 174 -14.51 13.76 29.37
N GLY C 175 -13.77 13.96 30.48
CA GLY C 175 -12.35 14.18 30.41
C GLY C 175 -11.92 15.61 30.20
N ALA C 176 -12.85 16.53 29.92
CA ALA C 176 -12.48 17.94 29.81
C ALA C 176 -12.07 18.53 31.16
N LEU C 177 -12.54 17.93 32.26
CA LEU C 177 -12.17 18.37 33.59
C LEU C 177 -11.26 17.33 34.23
N THR C 178 -10.01 17.75 34.53
CA THR C 178 -9.04 16.91 35.25
C THR C 178 -8.37 17.61 36.43
N SER C 179 -8.25 18.94 36.44
CA SER C 179 -7.58 19.68 37.51
C SER C 179 -8.40 19.61 38.79
N GLY C 180 -7.82 19.01 39.85
CA GLY C 180 -8.48 18.96 41.15
C GLY C 180 -9.33 17.74 41.42
N VAL C 181 -9.30 16.73 40.56
CA VAL C 181 -10.07 15.52 40.81
C VAL C 181 -9.34 14.65 41.82
N HIS C 182 -10.01 14.30 42.91
CA HIS C 182 -9.49 13.37 43.90
C HIS C 182 -10.46 12.19 43.99
N THR C 183 -10.04 11.05 43.44
CA THR C 183 -10.82 9.82 43.51
C THR C 183 -10.29 9.01 44.69
N PHE C 184 -11.11 8.86 45.72
CA PHE C 184 -10.71 8.12 46.91
C PHE C 184 -10.67 6.62 46.60
N PRO C 185 -9.82 5.88 47.30
CA PRO C 185 -9.80 4.42 47.11
C PRO C 185 -11.12 3.82 47.59
N ALA C 186 -11.54 2.75 46.91
CA ALA C 186 -12.75 2.05 47.30
C ALA C 186 -12.54 1.33 48.62
N VAL C 187 -13.64 1.11 49.34
CA VAL C 187 -13.62 0.37 50.60
C VAL C 187 -14.48 -0.87 50.45
N LEU C 188 -14.13 -1.91 51.20
CA LEU C 188 -14.87 -3.17 51.18
C LEU C 188 -15.88 -3.13 52.32
N GLN C 189 -17.15 -2.90 51.97
CA GLN C 189 -18.18 -2.72 52.98
C GLN C 189 -18.46 -4.03 53.71
N SER C 190 -19.32 -3.92 54.73
CA SER C 190 -19.73 -5.11 55.48
C SER C 190 -20.48 -6.09 54.58
N SER C 191 -21.32 -5.58 53.69
CA SER C 191 -22.12 -6.44 52.82
C SER C 191 -21.28 -7.21 51.80
N GLY C 192 -20.00 -6.86 51.64
CA GLY C 192 -19.16 -7.46 50.64
C GLY C 192 -19.07 -6.69 49.35
N LEU C 193 -19.78 -5.58 49.22
CA LEU C 193 -19.71 -4.72 48.04
C LEU C 193 -18.75 -3.57 48.28
N TYR C 194 -18.39 -2.89 47.20
CA TYR C 194 -17.48 -1.76 47.24
C TYR C 194 -18.22 -0.44 47.14
N SER C 195 -17.57 0.62 47.60
CA SER C 195 -18.06 1.98 47.45
C SER C 195 -16.87 2.93 47.44
N LEU C 196 -16.94 3.95 46.59
CA LEU C 196 -15.89 4.96 46.54
C LEU C 196 -16.50 6.32 46.28
N SER C 197 -15.69 7.36 46.49
CA SER C 197 -16.10 8.73 46.33
C SER C 197 -15.12 9.45 45.42
N SER C 198 -15.63 10.35 44.60
CA SER C 198 -14.83 11.12 43.66
C SER C 198 -15.22 12.59 43.76
N VAL C 199 -14.35 13.39 44.37
CA VAL C 199 -14.62 14.81 44.60
C VAL C 199 -13.67 15.64 43.73
N VAL C 200 -14.13 16.84 43.39
CA VAL C 200 -13.36 17.79 42.59
C VAL C 200 -13.67 19.20 43.08
N THR C 201 -12.62 20.01 43.21
CA THR C 201 -12.74 21.38 43.67
C THR C 201 -12.87 22.33 42.48
N VAL C 202 -13.77 23.31 42.61
CA VAL C 202 -14.12 24.20 41.51
C VAL C 202 -14.33 25.61 42.07
N PRO C 203 -14.20 26.64 41.24
CA PRO C 203 -14.53 28.00 41.69
C PRO C 203 -16.03 28.15 41.88
N SER C 204 -16.42 28.73 43.01
CA SER C 204 -17.84 28.86 43.34
C SER C 204 -18.56 29.87 42.46
N SER C 205 -17.84 30.79 41.82
CA SER C 205 -18.48 31.75 40.94
C SER C 205 -19.09 31.07 39.71
N SER C 206 -18.56 29.90 39.34
CA SER C 206 -19.00 29.20 38.15
C SER C 206 -20.13 28.21 38.39
N LEU C 207 -20.51 28.00 39.66
CA LEU C 207 -21.48 26.96 39.98
C LEU C 207 -22.81 27.15 39.25
N GLY C 208 -23.15 28.39 38.93
CA GLY C 208 -24.36 28.63 38.17
C GLY C 208 -24.17 28.46 36.67
N THR C 209 -22.95 28.64 36.19
CA THR C 209 -22.71 28.62 34.75
C THR C 209 -22.19 27.27 34.28
N GLN C 210 -21.23 26.70 35.01
CA GLN C 210 -20.62 25.44 34.60
C GLN C 210 -21.54 24.25 34.86
N THR C 211 -21.50 23.28 33.97
CA THR C 211 -22.18 22.01 34.15
C THR C 211 -21.15 20.94 34.50
N TYR C 212 -21.33 20.29 35.64
CA TYR C 212 -20.41 19.29 36.13
C TYR C 212 -21.07 17.92 36.09
N ILE C 213 -20.54 17.03 35.26
CA ILE C 213 -21.08 15.69 35.07
C ILE C 213 -19.95 14.70 35.30
N CYS C 214 -20.20 13.67 36.11
CA CYS C 214 -19.24 12.61 36.35
C CYS C 214 -19.64 11.36 35.56
N ASN C 215 -18.71 10.82 34.80
CA ASN C 215 -18.94 9.64 33.98
C ASN C 215 -18.36 8.44 34.70
N VAL C 216 -19.24 7.50 35.09
CA VAL C 216 -18.86 6.32 35.86
C VAL C 216 -19.00 5.10 34.96
N ASN C 217 -17.92 4.34 34.81
CA ASN C 217 -17.91 3.14 33.99
C ASN C 217 -17.51 1.95 34.85
N HIS C 218 -18.31 0.90 34.83
CA HIS C 218 -18.06 -0.35 35.55
C HIS C 218 -18.16 -1.47 34.54
N LYS C 219 -17.01 -1.84 33.97
CA LYS C 219 -17.00 -2.80 32.86
C LYS C 219 -17.54 -4.19 33.20
N PRO C 220 -17.35 -4.75 34.41
CA PRO C 220 -17.94 -6.09 34.65
C PRO C 220 -19.45 -6.15 34.43
N SER C 221 -20.21 -5.26 35.05
CA SER C 221 -21.65 -5.26 34.87
C SER C 221 -22.10 -4.49 33.63
N ASN C 222 -21.16 -3.94 32.86
CA ASN C 222 -21.46 -3.12 31.68
C ASN C 222 -22.42 -1.99 32.04
N THR C 223 -22.05 -1.23 33.07
CA THR C 223 -22.84 -0.10 33.55
C THR C 223 -22.14 1.19 33.16
N LYS C 224 -22.83 2.04 32.40
CA LYS C 224 -22.32 3.34 32.01
C LYS C 224 -23.33 4.40 32.43
N VAL C 225 -22.90 5.30 33.32
CA VAL C 225 -23.79 6.27 33.94
C VAL C 225 -23.11 7.64 33.92
N ASP C 226 -23.78 8.63 33.33
CA ASP C 226 -23.40 10.03 33.44
C ASP C 226 -24.35 10.71 34.41
N LYS C 227 -23.81 11.39 35.41
CA LYS C 227 -24.61 11.94 36.50
C LYS C 227 -24.32 13.42 36.65
N LYS C 228 -25.38 14.24 36.59
CA LYS C 228 -25.27 15.68 36.76
C LYS C 228 -25.21 16.02 38.25
N VAL C 229 -24.26 16.88 38.63
CA VAL C 229 -24.08 17.28 40.02
C VAL C 229 -24.38 18.78 40.08
N GLU C 230 -25.55 19.14 40.61
CA GLU C 230 -26.00 20.52 40.65
C GLU C 230 -25.99 21.07 42.06
N PRO C 231 -25.79 22.38 42.23
CA PRO C 231 -25.71 22.95 43.58
C PRO C 231 -27.01 22.79 44.34
N LYS C 232 -26.88 22.54 45.64
CA LYS C 232 -28.01 22.42 46.56
C LYS C 232 -27.91 23.51 47.62
N SER C 233 -29.06 24.03 48.04
CA SER C 233 -29.13 25.04 49.08
C SER C 233 -29.15 24.33 50.43
N CYS C 234 -28.08 24.47 51.20
CA CYS C 234 -27.96 23.78 52.49
C CYS C 234 -27.39 24.74 53.52
N ASP C 235 -28.20 25.08 54.52
CA ASP C 235 -27.84 26.00 55.59
C ASP C 235 -27.16 27.25 55.05
N LYS C 236 -27.95 28.19 54.56
CA LYS C 236 -27.49 29.40 53.89
C LYS C 236 -26.78 29.06 52.60
N ASP D 1 12.49 -20.76 45.37
CA ASP D 1 13.90 -20.73 44.99
C ASP D 1 14.66 -19.70 45.83
N ILE D 2 15.02 -18.58 45.20
CA ILE D 2 15.68 -17.48 45.89
C ILE D 2 14.60 -16.58 46.49
N VAL D 3 14.71 -16.31 47.79
CA VAL D 3 13.71 -15.55 48.53
C VAL D 3 14.29 -14.19 48.87
N MET D 4 13.56 -13.13 48.51
CA MET D 4 13.97 -11.75 48.76
C MET D 4 13.33 -11.26 50.04
N THR D 5 14.11 -10.63 50.91
CA THR D 5 13.64 -10.15 52.20
C THR D 5 14.17 -8.74 52.43
N GLN D 6 13.27 -7.78 52.64
CA GLN D 6 13.64 -6.39 52.87
C GLN D 6 13.35 -5.99 54.31
N SER D 7 14.08 -4.98 54.78
CA SER D 7 13.88 -4.37 56.08
C SER D 7 14.33 -2.92 55.97
N PRO D 8 13.59 -1.96 56.55
CA PRO D 8 12.36 -2.20 57.29
C PRO D 8 11.14 -2.37 56.38
N ASP D 9 9.97 -2.64 56.97
CA ASP D 9 8.75 -2.68 56.18
C ASP D 9 8.22 -1.27 55.89
N SER D 10 8.44 -0.33 56.80
CA SER D 10 8.01 1.05 56.62
C SER D 10 9.07 1.98 57.21
N LEU D 11 9.08 3.22 56.72
CA LEU D 11 10.16 4.15 56.99
C LEU D 11 9.65 5.57 56.72
N ALA D 12 10.03 6.50 57.60
CA ALA D 12 9.55 7.88 57.49
C ALA D 12 10.60 8.83 58.03
N VAL D 13 10.96 9.83 57.23
CA VAL D 13 11.96 10.84 57.60
C VAL D 13 11.46 12.20 57.14
N SER D 14 12.12 13.24 57.64
CA SER D 14 11.81 14.61 57.24
C SER D 14 12.29 14.85 55.80
N LEU D 15 11.94 16.02 55.27
CA LEU D 15 12.39 16.40 53.93
C LEU D 15 13.90 16.59 53.92
N GLY D 16 14.56 16.01 52.92
CA GLY D 16 16.00 16.12 52.79
C GLY D 16 16.79 15.21 53.70
N GLU D 17 16.15 14.30 54.43
CA GLU D 17 16.87 13.38 55.28
C GLU D 17 17.15 12.07 54.56
N ARG D 18 18.03 11.27 55.14
CA ARG D 18 18.51 10.05 54.50
C ARG D 18 17.51 8.92 54.68
N ALA D 19 17.19 8.23 53.59
CA ALA D 19 16.32 7.07 53.59
C ALA D 19 17.11 5.88 53.05
N THR D 20 17.21 4.81 53.84
CA THR D 20 18.04 3.66 53.50
C THR D 20 17.24 2.38 53.66
N ILE D 21 17.22 1.56 52.61
CA ILE D 21 16.44 0.33 52.56
C ILE D 21 17.38 -0.83 52.29
N ASN D 22 17.16 -1.95 52.98
CA ASN D 22 18.02 -3.12 52.88
C ASN D 22 17.28 -4.28 52.22
N CYS D 23 18.05 -5.15 51.57
CA CYS D 23 17.52 -6.32 50.88
C CYS D 23 18.49 -7.48 51.10
N LYS D 24 17.95 -8.69 51.20
CA LYS D 24 18.75 -9.87 51.53
C LYS D 24 18.22 -11.07 50.75
N SER D 25 19.15 -11.87 50.24
CA SER D 25 18.83 -13.03 49.41
C SER D 25 18.90 -14.32 50.21
N SER D 26 18.19 -15.34 49.72
CA SER D 26 18.32 -16.70 50.22
C SER D 26 19.50 -17.43 49.59
N GLN D 27 20.34 -16.71 48.86
CA GLN D 27 21.45 -17.25 48.11
C GLN D 27 22.52 -16.17 48.00
N SER D 28 23.36 -16.27 46.97
CA SER D 28 24.20 -15.18 46.50
C SER D 28 23.90 -14.97 45.03
N VAL D 29 23.60 -13.72 44.65
CA VAL D 29 23.33 -13.40 43.25
C VAL D 29 24.56 -12.89 42.53
N LEU D 30 25.74 -13.03 43.15
CA LEU D 30 26.99 -12.77 42.44
C LEU D 30 27.29 -13.93 41.51
N TYR D 31 27.29 -13.66 40.20
CA TYR D 31 27.62 -14.67 39.20
C TYR D 31 29.13 -14.60 38.96
N SER D 32 29.81 -15.72 39.19
CA SER D 32 31.27 -15.71 39.17
C SER D 32 31.83 -15.54 37.77
N SER D 33 31.07 -15.93 36.74
CA SER D 33 31.61 -15.86 35.38
C SER D 33 31.86 -14.42 34.95
N ASN D 34 31.09 -13.47 35.47
CA ASN D 34 31.22 -12.07 35.09
C ASN D 34 31.33 -11.11 36.26
N ASN D 35 31.28 -11.59 37.50
CA ASN D 35 31.46 -10.79 38.71
C ASN D 35 30.34 -9.76 38.89
N LYS D 36 29.15 -10.01 38.36
CA LYS D 36 28.05 -9.06 38.42
C LYS D 36 26.94 -9.59 39.33
N ASN D 37 26.43 -8.72 40.21
CA ASN D 37 25.24 -9.05 40.99
C ASN D 37 24.01 -8.86 40.13
N TYR D 38 23.15 -9.87 40.10
CA TYR D 38 21.95 -9.85 39.25
C TYR D 38 20.77 -9.34 40.08
N LEU D 39 20.86 -8.06 40.44
CA LEU D 39 19.98 -7.48 41.43
C LEU D 39 19.46 -6.13 40.93
N ALA D 40 18.21 -5.82 41.26
CA ALA D 40 17.56 -4.60 40.80
C ALA D 40 16.76 -3.98 41.95
N TRP D 41 16.19 -2.81 41.68
CA TRP D 41 15.29 -2.10 42.58
C TRP D 41 14.19 -1.43 41.76
N TYR D 42 12.95 -1.53 42.22
CA TYR D 42 11.82 -0.89 41.58
C TYR D 42 11.13 0.08 42.52
N GLN D 43 10.57 1.14 41.95
CA GLN D 43 9.68 2.05 42.64
C GLN D 43 8.26 1.84 42.15
N GLN D 44 7.30 2.00 43.06
CA GLN D 44 5.89 1.88 42.68
C GLN D 44 5.05 2.76 43.60
N LYS D 45 4.35 3.72 43.00
CA LYS D 45 3.33 4.58 43.57
C LYS D 45 1.96 3.97 43.35
N PRO D 46 0.98 4.30 44.19
CA PRO D 46 -0.33 3.65 44.09
C PRO D 46 -0.97 3.84 42.72
N GLY D 47 -1.53 2.74 42.20
CA GLY D 47 -2.21 2.77 40.92
C GLY D 47 -1.31 2.69 39.70
N GLN D 48 0.01 2.70 39.87
CA GLN D 48 0.96 2.69 38.77
C GLN D 48 1.68 1.35 38.68
N PRO D 49 2.18 1.01 37.50
CA PRO D 49 3.11 -0.12 37.39
C PRO D 49 4.46 0.24 38.01
N PRO D 50 5.25 -0.75 38.40
CA PRO D 50 6.57 -0.42 38.97
C PRO D 50 7.49 0.19 37.92
N LYS D 51 8.34 1.10 38.38
CA LYS D 51 9.35 1.73 37.54
C LYS D 51 10.72 1.25 37.98
N LEU D 52 11.53 0.78 37.03
CA LEU D 52 12.88 0.36 37.36
C LEU D 52 13.71 1.55 37.82
N LEU D 53 14.46 1.35 38.90
CA LEU D 53 15.37 2.35 39.45
C LEU D 53 16.83 1.99 39.25
N MET D 54 17.21 0.78 39.65
CA MET D 54 18.60 0.38 39.76
C MET D 54 18.72 -1.03 39.22
N TYR D 55 19.85 -1.33 38.59
CA TYR D 55 20.15 -2.69 38.15
C TYR D 55 21.65 -2.91 38.21
N TRP D 56 22.04 -4.18 38.12
CA TRP D 56 23.39 -4.63 38.49
C TRP D 56 23.80 -4.04 39.83
N ALA D 57 22.83 -3.89 40.73
CA ALA D 57 23.04 -3.39 42.10
C ALA D 57 23.34 -1.90 42.16
N SER D 58 24.07 -1.36 41.18
CA SER D 58 24.53 0.03 41.28
C SER D 58 24.25 0.89 40.07
N THR D 59 23.77 0.32 38.95
CA THR D 59 23.60 1.08 37.72
C THR D 59 22.25 1.79 37.73
N ARG D 60 22.28 3.12 37.69
CA ARG D 60 21.07 3.91 37.62
C ARG D 60 20.43 3.77 36.24
N GLU D 61 19.10 3.73 36.22
CA GLU D 61 18.37 3.77 34.96
C GLU D 61 18.30 5.21 34.45
N SER D 62 18.35 5.37 33.13
CA SER D 62 18.37 6.70 32.52
C SER D 62 17.19 7.53 32.99
N GLY D 63 17.48 8.64 33.67
CA GLY D 63 16.48 9.55 34.17
C GLY D 63 16.29 9.51 35.67
N VAL D 64 16.93 8.58 36.38
CA VAL D 64 16.80 8.50 37.82
C VAL D 64 17.78 9.48 38.46
N PRO D 65 17.33 10.29 39.42
CA PRO D 65 18.22 11.31 40.01
C PRO D 65 19.38 10.68 40.76
N ASP D 66 20.44 11.49 40.91
CA ASP D 66 21.58 11.11 41.74
C ASP D 66 21.19 10.87 43.19
N ARG D 67 19.98 11.28 43.57
CA ARG D 67 19.44 10.97 44.90
C ARG D 67 19.59 9.49 45.22
N PHE D 68 19.36 8.63 44.23
CA PHE D 68 19.26 7.19 44.45
C PHE D 68 20.61 6.54 44.17
N SER D 69 20.92 5.50 44.94
CA SER D 69 22.22 4.84 44.82
C SER D 69 22.13 3.47 45.49
N GLY D 70 22.10 2.42 44.68
CA GLY D 70 22.14 1.07 45.22
C GLY D 70 23.58 0.62 45.44
N SER D 71 23.79 -0.08 46.54
CA SER D 71 25.10 -0.61 46.90
C SER D 71 24.91 -2.04 47.41
N GLY D 72 26.02 -2.70 47.69
CA GLY D 72 26.00 -4.06 48.17
C GLY D 72 26.59 -5.03 47.15
N SER D 73 26.65 -6.28 47.56
CA SER D 73 27.26 -7.32 46.76
C SER D 73 26.98 -8.66 47.41
N GLY D 74 26.72 -9.67 46.59
CA GLY D 74 26.54 -11.04 47.07
C GLY D 74 25.13 -11.36 47.50
N ALA D 75 24.84 -11.12 48.78
CA ALA D 75 23.54 -11.42 49.36
C ALA D 75 23.00 -10.27 50.21
N GLU D 76 23.75 -9.18 50.37
CA GLU D 76 23.34 -8.06 51.19
C GLU D 76 23.36 -6.80 50.34
N PHE D 77 22.20 -6.20 50.14
CA PHE D 77 22.07 -5.02 49.29
C PHE D 77 21.35 -3.91 50.04
N THR D 78 21.58 -2.69 49.58
CA THR D 78 20.95 -1.52 50.18
C THR D 78 20.66 -0.51 49.09
N LEU D 79 19.56 0.23 49.26
CA LEU D 79 19.19 1.31 48.35
C LEU D 79 19.09 2.58 49.19
N THR D 80 19.87 3.59 48.82
CA THR D 80 20.02 4.80 49.62
C THR D 80 19.48 5.99 48.83
N ILE D 81 18.35 6.53 49.27
CA ILE D 81 17.89 7.84 48.83
C ILE D 81 18.62 8.88 49.68
N SER D 82 19.61 9.54 49.08
CA SER D 82 20.54 10.37 49.85
C SER D 82 19.83 11.49 50.61
N SER D 83 18.78 12.05 50.03
CA SER D 83 17.99 13.08 50.71
C SER D 83 16.57 13.00 50.16
N LEU D 84 15.65 12.54 50.99
CA LEU D 84 14.31 12.19 50.52
C LEU D 84 13.52 13.44 50.15
N GLN D 85 12.81 13.37 49.03
CA GLN D 85 11.96 14.45 48.55
C GLN D 85 10.49 14.07 48.69
N ALA D 86 9.63 15.06 48.51
CA ALA D 86 8.20 14.83 48.66
C ALA D 86 7.67 13.87 47.60
N GLU D 87 8.25 13.88 46.41
CA GLU D 87 7.80 13.03 45.32
C GLU D 87 8.44 11.65 45.33
N ASP D 88 9.09 11.26 46.43
CA ASP D 88 9.66 9.93 46.55
C ASP D 88 8.82 9.01 47.42
N VAL D 89 7.71 9.47 47.97
CA VAL D 89 6.85 8.64 48.81
C VAL D 89 6.23 7.56 47.93
N ALA D 90 6.68 6.32 48.11
CA ALA D 90 6.21 5.16 47.37
C ALA D 90 6.72 3.92 48.10
N ILE D 91 6.50 2.76 47.50
CA ILE D 91 6.96 1.49 48.05
C ILE D 91 8.04 0.95 47.13
N TYR D 92 9.17 0.54 47.70
CA TYR D 92 10.36 0.16 46.96
C TYR D 92 10.59 -1.34 47.10
N TYR D 93 10.68 -2.04 45.98
CA TYR D 93 10.89 -3.47 45.93
C TYR D 93 12.26 -3.77 45.36
N CYS D 94 12.98 -4.71 45.98
CA CYS D 94 14.17 -5.27 45.36
C CYS D 94 13.80 -6.53 44.59
N GLN D 95 14.67 -6.92 43.65
CA GLN D 95 14.36 -8.04 42.77
C GLN D 95 15.65 -8.69 42.31
N GLN D 96 15.66 -10.02 42.31
CA GLN D 96 16.75 -10.79 41.73
C GLN D 96 16.34 -11.30 40.35
N TYR D 97 17.30 -11.30 39.43
CA TYR D 97 17.13 -12.00 38.15
C TYR D 97 18.25 -13.02 37.94
N TYR D 98 18.85 -13.50 39.02
CA TYR D 98 19.89 -14.52 38.91
C TYR D 98 19.31 -15.83 38.39
N SER D 99 18.33 -16.37 39.12
CA SER D 99 17.56 -17.53 38.68
C SER D 99 16.12 -17.09 38.55
N THR D 100 15.58 -17.17 37.32
CA THR D 100 14.28 -16.58 36.98
C THR D 100 14.16 -15.16 37.50
N LEU D 101 13.16 -14.92 38.36
CA LEU D 101 12.77 -13.57 38.71
C LEU D 101 11.92 -13.62 39.98
N THR D 102 12.37 -12.98 41.07
CA THR D 102 11.57 -12.91 42.29
C THR D 102 11.72 -11.55 42.94
N PHE D 103 10.64 -11.07 43.55
CA PHE D 103 10.61 -9.75 44.16
C PHE D 103 10.60 -9.84 45.68
N GLY D 104 10.94 -8.72 46.31
CA GLY D 104 10.94 -8.63 47.76
C GLY D 104 9.58 -8.25 48.30
N GLY D 105 9.55 -8.07 49.62
CA GLY D 105 8.30 -7.74 50.29
C GLY D 105 7.84 -6.32 50.04
N GLY D 106 8.78 -5.40 49.89
CA GLY D 106 8.45 -4.00 49.69
C GLY D 106 8.71 -3.20 50.95
N THR D 107 9.05 -1.93 50.76
CA THR D 107 9.32 -1.01 51.86
C THR D 107 8.61 0.30 51.58
N LYS D 108 7.71 0.70 52.48
CA LYS D 108 6.96 1.94 52.34
C LYS D 108 7.79 3.09 52.90
N VAL D 109 8.09 4.08 52.05
CA VAL D 109 8.84 5.26 52.45
C VAL D 109 7.86 6.43 52.51
N GLU D 110 7.80 7.09 53.66
CA GLU D 110 6.87 8.18 53.91
C GLU D 110 7.62 9.44 54.31
N ILE D 111 6.93 10.57 54.21
CA ILE D 111 7.50 11.87 54.52
C ILE D 111 6.97 12.35 55.88
N LYS D 112 7.88 12.76 56.76
CA LYS D 112 7.50 13.50 57.95
C LYS D 112 7.42 14.98 57.61
N ARG D 113 6.52 15.69 58.30
CA ARG D 113 6.05 16.97 57.80
C ARG D 113 5.51 17.79 58.98
N THR D 114 5.22 19.06 58.72
CA THR D 114 4.65 19.93 59.73
C THR D 114 3.15 19.66 59.90
N VAL D 115 2.65 19.95 61.10
CA VAL D 115 1.23 19.79 61.37
C VAL D 115 0.44 20.72 60.48
N ALA D 116 -0.64 20.18 59.89
CA ALA D 116 -1.51 20.95 59.02
C ALA D 116 -2.95 20.57 59.32
N ALA D 117 -3.72 21.51 59.84
CA ALA D 117 -5.09 21.22 60.24
C ALA D 117 -5.98 21.02 59.00
N PRO D 118 -6.95 20.12 59.07
CA PRO D 118 -7.79 19.85 57.89
C PRO D 118 -8.93 20.84 57.74
N SER D 119 -9.39 20.98 56.51
CA SER D 119 -10.60 21.72 56.19
C SER D 119 -11.72 20.71 55.96
N VAL D 120 -12.78 20.81 56.75
CA VAL D 120 -13.84 19.81 56.78
C VAL D 120 -15.08 20.37 56.10
N PHE D 121 -15.68 19.55 55.23
CA PHE D 121 -16.90 19.89 54.50
C PHE D 121 -17.91 18.78 54.71
N ILE D 122 -19.17 19.08 54.42
CA ILE D 122 -20.26 18.11 54.52
C ILE D 122 -21.09 18.12 53.24
N PHE D 123 -21.61 16.95 52.88
CA PHE D 123 -22.55 16.80 51.79
C PHE D 123 -23.80 16.10 52.31
N PRO D 124 -24.99 16.67 52.10
CA PRO D 124 -26.22 15.98 52.47
C PRO D 124 -26.54 14.89 51.45
N PRO D 125 -27.42 13.95 51.78
CA PRO D 125 -27.79 12.92 50.81
C PRO D 125 -28.55 13.50 49.63
N SER D 126 -28.48 12.78 48.51
CA SER D 126 -29.17 13.20 47.31
C SER D 126 -30.65 12.83 47.37
N ASP D 127 -31.47 13.61 46.65
CA ASP D 127 -32.88 13.25 46.50
C ASP D 127 -33.02 11.90 45.82
N GLU D 128 -32.10 11.59 44.90
CA GLU D 128 -32.16 10.33 44.16
C GLU D 128 -31.95 9.13 45.08
N GLN D 129 -31.07 9.28 46.07
CA GLN D 129 -30.84 8.19 47.01
C GLN D 129 -32.04 7.99 47.93
N LEU D 130 -32.66 9.07 48.38
CA LEU D 130 -33.79 8.96 49.30
C LEU D 130 -34.95 8.20 48.68
N LYS D 131 -35.13 8.33 47.37
CA LYS D 131 -36.11 7.50 46.66
C LYS D 131 -35.89 6.02 46.96
N SER D 132 -34.63 5.57 46.89
CA SER D 132 -34.30 4.17 47.07
C SER D 132 -34.32 3.73 48.53
N GLY D 133 -34.62 4.63 49.47
CA GLY D 133 -34.82 4.26 50.85
C GLY D 133 -33.62 4.42 51.76
N THR D 134 -32.46 4.76 51.22
CA THR D 134 -31.25 4.94 52.01
C THR D 134 -30.74 6.36 51.88
N ALA D 135 -30.00 6.81 52.89
CA ALA D 135 -29.47 8.16 52.96
C ALA D 135 -28.01 8.10 53.38
N SER D 136 -27.13 8.57 52.51
CA SER D 136 -25.69 8.59 52.77
C SER D 136 -25.25 10.03 52.99
N VAL D 137 -24.65 10.30 54.16
CA VAL D 137 -24.06 11.58 54.47
C VAL D 137 -22.54 11.42 54.41
N VAL D 138 -21.85 12.45 53.91
CA VAL D 138 -20.41 12.36 53.66
C VAL D 138 -19.71 13.54 54.33
N CYS D 139 -18.64 13.24 55.05
CA CYS D 139 -17.72 14.24 55.58
C CYS D 139 -16.44 14.21 54.74
N LEU D 140 -15.73 15.33 54.72
CA LEU D 140 -14.59 15.47 53.81
C LEU D 140 -13.53 16.34 54.47
N LEU D 141 -12.43 15.73 54.88
CA LEU D 141 -11.27 16.45 55.40
C LEU D 141 -10.24 16.55 54.28
N ASN D 142 -9.66 17.74 54.11
CA ASN D 142 -8.80 18.03 52.97
C ASN D 142 -7.45 18.55 53.41
N ASN D 143 -6.40 17.88 52.94
CA ASN D 143 -5.02 18.40 52.97
C ASN D 143 -4.54 18.62 54.41
N PHE D 144 -4.35 17.51 55.11
CA PHE D 144 -3.93 17.55 56.50
C PHE D 144 -2.79 16.58 56.76
N TYR D 145 -2.09 16.83 57.87
CA TYR D 145 -0.99 16.01 58.37
C TYR D 145 -0.89 16.24 59.87
N PRO D 146 -0.65 15.19 60.68
CA PRO D 146 -0.44 13.79 60.31
C PRO D 146 -1.70 13.05 59.88
N ARG D 147 -1.56 11.75 59.61
CA ARG D 147 -2.67 10.97 59.11
C ARG D 147 -3.70 10.67 60.19
N GLU D 148 -3.26 10.56 61.44
CA GLU D 148 -4.18 10.24 62.54
C GLU D 148 -5.24 11.31 62.69
N ALA D 149 -6.48 10.97 62.39
CA ALA D 149 -7.59 11.92 62.46
C ALA D 149 -8.87 11.19 62.85
N LYS D 150 -9.53 11.68 63.89
CA LYS D 150 -10.73 11.05 64.43
C LYS D 150 -11.97 11.78 63.92
N VAL D 151 -12.91 11.02 63.36
CA VAL D 151 -14.11 11.58 62.76
C VAL D 151 -15.32 10.90 63.40
N GLN D 152 -16.03 11.64 64.25
CA GLN D 152 -17.22 11.14 64.93
C GLN D 152 -18.46 11.72 64.28
N TRP D 153 -19.34 10.86 63.78
CA TRP D 153 -20.65 11.30 63.32
C TRP D 153 -21.60 11.45 64.51
N LYS D 154 -22.42 12.49 64.47
CA LYS D 154 -23.40 12.75 65.52
C LYS D 154 -24.71 13.17 64.89
N VAL D 155 -25.81 12.56 65.34
CA VAL D 155 -27.14 12.80 64.78
C VAL D 155 -28.03 13.28 65.91
N ASP D 156 -28.43 14.56 65.85
CA ASP D 156 -29.18 15.20 66.92
C ASP D 156 -28.44 15.06 68.25
N ASN D 157 -27.12 15.22 68.20
CA ASN D 157 -26.24 15.06 69.36
C ASN D 157 -26.29 13.63 69.92
N ALA D 158 -26.39 12.65 69.04
CA ALA D 158 -26.32 11.24 69.41
C ALA D 158 -25.12 10.62 68.70
N LEU D 159 -24.10 10.26 69.48
CA LEU D 159 -22.89 9.65 68.94
C LEU D 159 -23.24 8.39 68.15
N GLN D 160 -22.94 8.41 66.86
CA GLN D 160 -23.26 7.31 65.97
C GLN D 160 -22.12 6.27 65.99
N SER D 161 -22.47 5.04 65.63
CA SER D 161 -21.46 3.99 65.60
C SER D 161 -21.97 2.82 64.76
N GLY D 162 -21.04 2.16 64.08
CA GLY D 162 -21.34 0.97 63.31
C GLY D 162 -21.81 1.20 61.89
N ASN D 163 -22.16 2.44 61.53
CA ASN D 163 -22.76 2.74 60.24
C ASN D 163 -21.91 3.67 59.38
N SER D 164 -20.64 3.88 59.73
CA SER D 164 -19.80 4.85 59.06
C SER D 164 -18.45 4.23 58.71
N GLN D 165 -17.97 4.50 57.49
CA GLN D 165 -16.70 4.00 57.01
C GLN D 165 -15.88 5.16 56.43
N GLU D 166 -14.57 4.95 56.37
CA GLU D 166 -13.63 5.99 55.96
C GLU D 166 -12.78 5.52 54.79
N SER D 167 -11.99 6.44 54.25
CA SER D 167 -11.07 6.16 53.14
C SER D 167 -10.02 7.26 53.10
N VAL D 168 -8.76 6.87 52.98
CA VAL D 168 -7.65 7.81 52.94
C VAL D 168 -7.03 7.79 51.56
N THR D 169 -6.50 8.94 51.14
CA THR D 169 -5.72 9.02 49.91
C THR D 169 -4.26 8.67 50.21
N GLU D 170 -3.48 8.54 49.14
CA GLU D 170 -2.03 8.46 49.29
C GLU D 170 -1.49 9.81 49.75
N GLN D 171 -0.30 9.79 50.34
CA GLN D 171 0.36 11.04 50.70
C GLN D 171 0.65 11.85 49.44
N ASP D 172 0.37 13.14 49.50
CA ASP D 172 0.49 13.98 48.32
C ASP D 172 1.94 14.14 47.90
N SER D 173 2.17 14.05 46.59
CA SER D 173 3.53 14.13 46.05
C SER D 173 4.13 15.53 46.14
N LYS D 174 3.36 16.53 46.57
CA LYS D 174 3.81 17.92 46.56
C LYS D 174 3.81 18.55 47.93
N ASP D 175 2.71 18.49 48.68
CA ASP D 175 2.68 19.04 50.02
C ASP D 175 2.63 17.97 51.11
N SER D 176 2.65 16.69 50.73
CA SER D 176 2.83 15.57 51.66
C SER D 176 1.73 15.48 52.70
N THR D 177 0.51 15.88 52.35
CA THR D 177 -0.63 15.80 53.24
C THR D 177 -1.56 14.68 52.82
N TYR D 178 -2.63 14.48 53.58
CA TYR D 178 -3.63 13.47 53.30
C TYR D 178 -5.01 14.12 53.16
N SER D 179 -5.92 13.36 52.58
CA SER D 179 -7.34 13.72 52.56
C SER D 179 -8.14 12.48 52.93
N LEU D 180 -9.37 12.70 53.35
CA LEU D 180 -10.16 11.63 53.94
C LEU D 180 -11.64 11.89 53.73
N SER D 181 -12.39 10.83 53.46
CA SER D 181 -13.84 10.90 53.29
C SER D 181 -14.50 9.89 54.20
N SER D 182 -15.33 10.38 55.13
CA SER D 182 -16.14 9.54 56.00
C SER D 182 -17.57 9.55 55.50
N THR D 183 -18.15 8.37 55.33
CA THR D 183 -19.47 8.22 54.71
C THR D 183 -20.41 7.54 55.70
N LEU D 184 -21.41 8.27 56.17
CA LEU D 184 -22.42 7.75 57.08
C LEU D 184 -23.66 7.37 56.28
N THR D 185 -24.08 6.11 56.40
CA THR D 185 -25.19 5.57 55.62
C THR D 185 -26.32 5.18 56.56
N LEU D 186 -27.51 5.73 56.32
CA LEU D 186 -28.72 5.43 57.07
C LEU D 186 -29.83 5.04 56.10
N SER D 187 -30.97 4.66 56.67
CA SER D 187 -32.18 4.44 55.90
C SER D 187 -33.01 5.72 55.84
N LYS D 188 -33.80 5.86 54.77
CA LYS D 188 -34.62 7.05 54.59
C LYS D 188 -35.53 7.29 55.79
N ALA D 189 -36.11 6.22 56.33
CA ALA D 189 -37.11 6.35 57.39
C ALA D 189 -36.54 7.08 58.60
N ASP D 190 -35.46 6.56 59.17
CA ASP D 190 -34.86 7.19 60.34
C ASP D 190 -33.87 8.29 59.98
N TYR D 191 -33.60 8.52 58.69
CA TYR D 191 -32.88 9.72 58.31
C TYR D 191 -33.74 10.97 58.47
N GLU D 192 -35.04 10.84 58.21
CA GLU D 192 -35.96 11.96 58.28
C GLU D 192 -36.59 12.11 59.66
N LYS D 193 -36.33 11.19 60.58
CA LYS D 193 -36.76 11.35 61.97
C LYS D 193 -35.89 12.33 62.74
N HIS D 194 -34.81 12.83 62.13
CA HIS D 194 -33.84 13.67 62.82
C HIS D 194 -33.55 14.91 61.99
N LYS D 195 -33.04 15.94 62.67
CA LYS D 195 -32.83 17.26 62.08
C LYS D 195 -31.36 17.56 61.79
N VAL D 196 -30.52 17.60 62.83
CA VAL D 196 -29.15 18.07 62.70
C VAL D 196 -28.22 16.88 62.48
N TYR D 197 -27.41 16.94 61.43
CA TYR D 197 -26.44 15.91 61.11
C TYR D 197 -25.05 16.53 61.15
N ALA D 198 -24.26 16.11 62.13
CA ALA D 198 -22.97 16.73 62.42
C ALA D 198 -21.82 15.76 62.14
N CYS D 199 -20.69 16.33 61.72
CA CYS D 199 -19.43 15.63 61.58
C CYS D 199 -18.38 16.33 62.43
N GLU D 200 -17.84 15.62 63.41
CA GLU D 200 -16.89 16.19 64.36
C GLU D 200 -15.50 15.62 64.11
N VAL D 201 -14.50 16.49 64.09
CA VAL D 201 -13.13 16.14 63.73
C VAL D 201 -12.20 16.50 64.87
N THR D 202 -11.41 15.53 65.31
CA THR D 202 -10.32 15.75 66.26
C THR D 202 -9.00 15.52 65.54
N HIS D 203 -8.11 16.51 65.61
CA HIS D 203 -6.84 16.42 64.91
C HIS D 203 -5.79 17.24 65.67
N GLN D 204 -4.53 17.02 65.32
CA GLN D 204 -3.42 17.67 66.02
C GLN D 204 -3.35 19.16 65.71
N GLY D 205 -3.84 19.59 64.55
CA GLY D 205 -3.76 20.99 64.19
C GLY D 205 -4.82 21.85 64.84
N LEU D 206 -5.96 21.26 65.21
CA LEU D 206 -7.06 22.00 65.81
C LEU D 206 -6.93 22.01 67.32
N ARG D 207 -7.04 23.21 67.91
CA ARG D 207 -6.96 23.33 69.36
C ARG D 207 -8.14 22.62 70.02
N SER D 208 -9.30 22.65 69.40
CA SER D 208 -10.50 21.97 69.85
C SER D 208 -11.10 21.21 68.67
N PRO D 209 -11.90 20.17 68.95
CA PRO D 209 -12.60 19.49 67.86
C PRO D 209 -13.49 20.45 67.08
N VAL D 210 -13.45 20.33 65.75
CA VAL D 210 -14.25 21.18 64.86
C VAL D 210 -15.44 20.36 64.35
N THR D 211 -16.59 21.00 64.30
CA THR D 211 -17.83 20.37 63.84
C THR D 211 -18.33 21.09 62.60
N LYS D 212 -18.57 20.33 61.54
CA LYS D 212 -19.45 20.76 60.47
C LYS D 212 -20.77 20.04 60.67
N SER D 213 -21.87 20.73 60.37
CA SER D 213 -23.20 20.18 60.64
C SER D 213 -24.21 20.91 59.79
N PHE D 214 -25.17 20.18 59.24
CA PHE D 214 -26.27 20.78 58.51
C PHE D 214 -27.59 20.33 59.13
N ASN D 215 -28.67 21.00 58.70
CA ASN D 215 -29.99 20.86 59.31
C ASN D 215 -31.01 20.68 58.20
N ARG D 216 -31.72 19.55 58.20
CA ARG D 216 -32.73 19.29 57.18
C ARG D 216 -33.76 20.39 57.10
N GLY D 217 -34.00 21.11 58.21
CA GLY D 217 -34.89 22.25 58.17
C GLY D 217 -34.36 23.37 57.28
N GLU D 218 -33.07 23.66 57.37
CA GLU D 218 -32.44 24.64 56.50
C GLU D 218 -31.56 23.95 55.47
N CYS D 219 -32.08 22.92 54.82
CA CYS D 219 -31.33 22.18 53.80
C CYS D 219 -32.26 21.26 53.01
N GLU E 1 28.70 -0.03 14.16
CA GLU E 1 29.43 1.07 14.78
C GLU E 1 29.25 2.38 14.03
N VAL E 2 28.95 3.45 14.76
CA VAL E 2 28.89 4.79 14.22
C VAL E 2 30.29 5.41 14.27
N GLN E 3 30.75 5.94 13.15
CA GLN E 3 32.15 6.27 12.98
C GLN E 3 32.31 7.41 11.97
N LEU E 4 33.26 8.30 12.25
CA LEU E 4 33.61 9.41 11.37
C LEU E 4 35.08 9.30 11.02
N VAL E 5 35.38 9.20 9.73
CA VAL E 5 36.72 8.89 9.25
C VAL E 5 37.14 10.02 8.30
N GLU E 6 37.92 10.96 8.80
CA GLU E 6 38.46 12.03 7.96
C GLU E 6 39.64 11.52 7.14
N SER E 7 39.93 12.22 6.05
CA SER E 7 41.04 11.84 5.19
C SER E 7 41.38 13.01 4.26
N GLY E 8 42.63 13.03 3.80
CA GLY E 8 43.07 13.97 2.80
C GLY E 8 43.76 15.20 3.34
N GLY E 9 44.88 15.02 4.04
CA GLY E 9 45.62 16.15 4.60
C GLY E 9 47.11 15.93 4.49
N GLY E 10 47.86 16.94 4.94
CA GLY E 10 49.31 16.89 4.90
C GLY E 10 49.94 18.23 4.58
N LEU E 11 50.86 18.24 3.61
CA LEU E 11 51.64 19.42 3.26
C LEU E 11 51.07 20.07 2.01
N VAL E 12 50.90 21.39 2.05
CA VAL E 12 50.37 22.14 0.93
C VAL E 12 50.98 23.54 0.96
N LYS E 13 51.31 24.07 -0.20
CA LYS E 13 51.99 25.35 -0.25
C LYS E 13 51.00 26.50 -0.10
N PRO E 14 51.42 27.61 0.49
CA PRO E 14 50.50 28.74 0.72
C PRO E 14 49.95 29.27 -0.59
N GLY E 15 48.74 29.83 -0.50
CA GLY E 15 48.00 30.18 -1.69
C GLY E 15 47.41 28.99 -2.44
N GLY E 16 47.73 27.77 -2.02
CA GLY E 16 47.24 26.58 -2.68
C GLY E 16 45.88 26.15 -2.17
N SER E 17 45.44 24.98 -2.65
CA SER E 17 44.11 24.47 -2.38
C SER E 17 44.20 23.00 -1.97
N LEU E 18 43.14 22.53 -1.35
CA LEU E 18 43.11 21.17 -0.80
C LEU E 18 41.68 20.84 -0.38
N ARG E 19 41.26 19.62 -0.68
CA ARG E 19 39.92 19.12 -0.37
C ARG E 19 40.04 18.08 0.74
N LEU E 20 39.52 18.43 1.92
CA LEU E 20 39.30 17.46 2.98
C LEU E 20 37.97 16.74 2.74
N SER E 21 37.87 15.51 3.25
CA SER E 21 36.63 14.75 3.18
C SER E 21 36.53 13.86 4.41
N CYS E 22 35.29 13.49 4.75
CA CYS E 22 35.01 12.73 5.96
C CYS E 22 33.91 11.72 5.64
N ALA E 23 34.21 10.44 5.84
CA ALA E 23 33.30 9.35 5.52
C ALA E 23 32.63 8.87 6.81
N ALA E 24 31.31 8.90 6.82
CA ALA E 24 30.53 8.56 8.01
C ALA E 24 29.82 7.23 7.81
N SER E 25 29.68 6.48 8.91
CA SER E 25 28.96 5.22 8.90
C SER E 25 28.24 5.05 10.22
N GLY E 26 27.18 4.25 10.21
CA GLY E 26 26.51 3.83 11.42
C GLY E 26 25.31 4.66 11.84
N PHE E 27 25.04 5.77 11.18
CA PHE E 27 23.85 6.57 11.48
C PHE E 27 23.24 7.06 10.18
N THR E 28 22.08 7.71 10.29
CA THR E 28 21.42 8.28 9.12
C THR E 28 22.04 9.66 8.89
N PHE E 29 23.09 9.67 8.06
CA PHE E 29 23.88 10.88 7.78
C PHE E 29 23.00 12.03 7.31
N ARG E 30 22.09 11.75 6.39
CA ARG E 30 21.32 12.77 5.67
C ARG E 30 20.43 13.62 6.57
N ASP E 31 20.38 13.30 7.86
CA ASP E 31 19.54 14.02 8.82
C ASP E 31 20.35 14.85 9.81
N VAL E 32 21.65 14.97 9.63
CA VAL E 32 22.54 15.56 10.64
C VAL E 32 23.19 16.82 10.08
N TRP E 33 23.26 17.86 10.90
CA TRP E 33 23.95 19.10 10.56
C TRP E 33 25.42 18.93 10.92
N MET E 34 26.23 18.60 9.93
CA MET E 34 27.65 18.33 10.14
C MET E 34 28.46 19.62 10.09
N SER E 35 29.46 19.72 10.96
CA SER E 35 30.37 20.85 10.99
C SER E 35 31.81 20.36 10.91
N TRP E 36 32.71 21.29 10.58
CA TRP E 36 34.14 21.08 10.72
C TRP E 36 34.67 21.98 11.81
N VAL E 37 35.50 21.42 12.69
CA VAL E 37 36.21 22.17 13.72
C VAL E 37 37.69 21.87 13.58
N ARG E 38 38.52 22.90 13.76
CA ARG E 38 39.96 22.76 13.61
C ARG E 38 40.66 23.14 14.90
N GLN E 39 41.93 22.71 15.00
CA GLN E 39 42.73 22.95 16.20
C GLN E 39 44.17 23.16 15.78
N ALA E 40 44.66 24.39 15.89
CA ALA E 40 46.07 24.66 15.66
C ALA E 40 46.90 24.00 16.76
N PRO E 41 48.10 23.49 16.44
CA PRO E 41 48.85 22.71 17.42
C PRO E 41 49.12 23.50 18.70
N GLY E 42 48.78 22.89 19.83
CA GLY E 42 48.91 23.53 21.13
C GLY E 42 47.87 24.59 21.43
N LYS E 43 46.95 24.86 20.51
CA LYS E 43 45.93 25.87 20.68
C LYS E 43 44.55 25.20 20.81
N GLY E 44 43.51 26.01 20.86
CA GLY E 44 42.18 25.55 21.19
C GLY E 44 41.33 25.18 19.99
N LEU E 45 40.06 24.90 20.27
CA LEU E 45 39.10 24.55 19.24
C LEU E 45 38.53 25.81 18.60
N GLU E 46 38.28 25.73 17.30
CA GLU E 46 37.78 26.86 16.52
C GLU E 46 36.85 26.32 15.45
N TRP E 47 35.57 26.69 15.53
CA TRP E 47 34.59 26.21 14.58
C TRP E 47 34.85 26.81 13.20
N VAL E 48 34.90 25.95 12.19
CA VAL E 48 35.18 26.35 10.83
C VAL E 48 33.92 26.55 10.01
N GLY E 49 33.03 25.56 10.01
CA GLY E 49 31.81 25.67 9.23
C GLY E 49 30.85 24.50 9.31
N ARG E 50 29.55 24.79 9.27
CA ARG E 50 28.51 23.79 9.33
C ARG E 50 27.74 23.76 8.02
N ILE E 51 27.17 22.59 7.69
CA ILE E 51 26.20 22.47 6.61
C ILE E 51 24.99 21.72 7.15
N LYS E 52 23.80 22.28 6.93
CA LYS E 52 22.58 21.66 7.41
C LYS E 52 22.16 20.52 6.48
N SER E 53 21.24 19.69 6.97
CA SER E 53 20.70 18.61 6.17
C SER E 53 19.85 19.16 5.03
N LYS E 54 19.61 18.30 4.02
CA LYS E 54 18.77 18.71 2.90
C LYS E 54 17.35 19.03 3.35
N ILE E 55 16.86 18.36 4.40
CA ILE E 55 15.50 18.60 4.87
C ILE E 55 15.36 20.00 5.45
N ASP E 56 16.43 20.56 5.99
CA ASP E 56 16.39 21.86 6.65
C ASP E 56 16.96 22.97 5.79
N GLY E 57 17.13 22.73 4.49
CA GLY E 57 17.59 23.74 3.56
C GLY E 57 18.97 23.48 2.97
N GLY E 58 19.82 22.70 3.63
CA GLY E 58 21.17 22.53 3.15
C GLY E 58 22.04 23.77 3.24
N THR E 59 21.60 24.78 3.99
CA THR E 59 22.29 26.06 4.02
C THR E 59 23.60 25.95 4.80
N THR E 60 24.65 26.56 4.25
CA THR E 60 25.98 26.52 4.85
C THR E 60 26.24 27.78 5.67
N ASP E 61 27.12 27.65 6.65
CA ASP E 61 27.60 28.79 7.42
C ASP E 61 29.10 28.60 7.66
N TYR E 62 29.86 29.67 7.47
CA TYR E 62 31.30 29.65 7.65
C TYR E 62 31.72 30.71 8.65
N ALA E 63 32.86 30.47 9.30
CA ALA E 63 33.43 31.47 10.20
C ALA E 63 34.19 32.51 9.40
N ALA E 64 34.26 33.72 9.96
CA ALA E 64 34.88 34.84 9.26
C ALA E 64 36.32 34.58 8.81
N PRO E 65 37.22 33.98 9.61
CA PRO E 65 38.58 33.75 9.10
C PRO E 65 38.64 32.93 7.83
N VAL E 66 37.67 32.05 7.59
CA VAL E 66 37.68 31.19 6.42
C VAL E 66 36.60 31.52 5.41
N LYS E 67 35.64 32.39 5.75
CA LYS E 67 34.58 32.75 4.82
C LYS E 67 35.17 33.45 3.61
N GLY E 68 34.86 32.92 2.43
CA GLY E 68 35.40 33.42 1.17
C GLY E 68 36.42 32.50 0.53
N ARG E 69 36.93 31.53 1.27
CA ARG E 69 37.90 30.56 0.76
C ARG E 69 37.45 29.12 0.90
N PHE E 70 36.66 28.79 1.91
CA PHE E 70 36.29 27.41 2.17
C PHE E 70 34.91 27.10 1.63
N THR E 71 34.68 25.82 1.30
CA THR E 71 33.42 25.39 0.72
C THR E 71 33.09 23.99 1.24
N ILE E 72 31.96 23.88 1.93
CA ILE E 72 31.51 22.63 2.53
C ILE E 72 30.41 22.04 1.64
N SER E 73 30.35 20.71 1.57
CA SER E 73 29.35 20.05 0.75
C SER E 73 29.15 18.62 1.21
N ARG E 74 28.02 18.04 0.79
CA ARG E 74 27.65 16.68 1.09
C ARG E 74 27.58 15.84 -0.18
N ASP E 75 27.73 14.53 0.00
CA ASP E 75 27.32 13.52 -0.98
C ASP E 75 26.54 12.48 -0.18
N ASP E 76 25.26 12.79 0.09
CA ASP E 76 24.43 11.91 0.89
C ASP E 76 24.30 10.52 0.28
N SER E 77 24.50 10.39 -1.02
CA SER E 77 24.50 9.07 -1.66
C SER E 77 25.71 8.24 -1.25
N LYS E 78 26.78 8.88 -0.75
CA LYS E 78 27.96 8.16 -0.28
C LYS E 78 28.30 8.49 1.16
N ASN E 79 27.44 9.25 1.85
CA ASN E 79 27.59 9.55 3.28
C ASN E 79 28.95 10.20 3.57
N THR E 80 29.31 11.16 2.73
CA THR E 80 30.60 11.84 2.84
C THR E 80 30.40 13.34 2.97
N LEU E 81 31.19 13.95 3.85
CA LEU E 81 31.21 15.40 4.05
C LEU E 81 32.54 15.94 3.52
N TYR E 82 32.47 17.01 2.74
CA TYR E 82 33.66 17.60 2.13
C TYR E 82 33.94 18.98 2.71
N LEU E 83 35.20 19.39 2.59
CA LEU E 83 35.64 20.74 2.93
C LEU E 83 36.66 21.15 1.89
N GLN E 84 36.31 22.14 1.06
CA GLN E 84 37.20 22.66 0.03
C GLN E 84 37.91 23.88 0.58
N MET E 85 39.24 23.81 0.67
CA MET E 85 40.05 24.91 1.17
C MET E 85 40.86 25.48 0.01
N ASN E 86 40.74 26.77 -0.23
CA ASN E 86 41.43 27.44 -1.32
C ASN E 86 42.19 28.66 -0.79
N SER E 87 43.20 29.08 -1.53
CA SER E 87 44.06 30.20 -1.16
C SER E 87 44.53 30.07 0.28
N LEU E 88 45.24 28.97 0.54
CA LEU E 88 45.54 28.59 1.91
C LEU E 88 46.59 29.50 2.53
N LYS E 89 46.44 29.73 3.83
CA LYS E 89 47.36 30.55 4.61
C LYS E 89 48.05 29.67 5.65
N THR E 90 49.16 30.19 6.20
CA THR E 90 49.88 29.45 7.23
C THR E 90 49.09 29.38 8.53
N GLU E 91 48.23 30.37 8.79
CA GLU E 91 47.35 30.33 9.95
C GLU E 91 46.21 29.33 9.79
N ASP E 92 46.15 28.60 8.67
CA ASP E 92 45.23 27.50 8.51
C ASP E 92 45.83 26.17 8.96
N THR E 93 47.11 26.15 9.34
CA THR E 93 47.77 24.94 9.79
C THR E 93 47.11 24.42 11.06
N ALA E 94 46.45 23.28 10.97
CA ALA E 94 45.70 22.72 12.09
C ALA E 94 45.28 21.31 11.75
N VAL E 95 44.82 20.58 12.75
CA VAL E 95 44.15 19.31 12.55
C VAL E 95 42.65 19.60 12.43
N TYR E 96 42.00 18.97 11.47
CA TYR E 96 40.62 19.28 11.13
C TYR E 96 39.71 18.11 11.47
N TYR E 97 38.64 18.40 12.22
CA TYR E 97 37.67 17.40 12.64
C TYR E 97 36.38 17.57 11.86
N CYS E 98 35.81 16.46 11.42
CA CYS E 98 34.41 16.43 11.04
C CYS E 98 33.61 15.94 12.24
N THR E 99 32.46 16.57 12.49
CA THR E 99 31.76 16.30 13.74
C THR E 99 30.26 16.50 13.55
N THR E 100 29.49 15.73 14.32
CA THR E 100 28.05 15.90 14.43
C THR E 100 27.65 16.85 15.55
N ALA E 101 28.63 17.51 16.18
CA ALA E 101 28.35 18.38 17.31
C ALA E 101 27.49 19.57 16.88
N GLY E 102 26.59 19.97 17.78
CA GLY E 102 25.71 21.09 17.52
C GLY E 102 24.44 20.75 16.75
N SER E 103 24.27 19.49 16.34
CA SER E 103 23.19 19.14 15.43
C SER E 103 21.94 18.63 16.15
N TYR E 104 22.12 17.72 17.12
CA TYR E 104 20.98 17.04 17.74
C TYR E 104 20.02 18.01 18.43
N TYR E 105 20.46 19.23 18.72
CA TYR E 105 19.58 20.23 19.29
C TYR E 105 18.63 20.84 18.26
N TYR E 106 18.77 20.48 16.98
CA TYR E 106 17.93 21.09 15.94
C TYR E 106 17.37 20.07 14.95
N ASP E 107 18.13 19.02 14.63
CA ASP E 107 17.78 18.16 13.50
C ASP E 107 16.52 17.35 13.79
N THR E 108 16.18 16.46 12.87
CA THR E 108 14.91 15.73 12.88
C THR E 108 14.99 14.36 13.54
N VAL E 109 16.19 13.85 13.83
CA VAL E 109 16.29 12.50 14.39
C VAL E 109 15.67 12.48 15.78
N GLY E 110 15.11 11.34 16.14
CA GLY E 110 14.38 11.20 17.39
C GLY E 110 15.24 10.65 18.51
N PRO E 111 14.62 9.85 19.39
CA PRO E 111 15.36 9.27 20.52
C PRO E 111 16.06 7.96 20.22
N GLY E 112 15.74 7.30 19.11
CA GLY E 112 16.35 6.03 18.79
C GLY E 112 17.77 6.17 18.27
N LEU E 113 18.69 6.55 19.16
CA LEU E 113 20.10 6.65 18.78
C LEU E 113 20.75 5.27 18.81
N PRO E 114 21.60 4.96 17.83
CA PRO E 114 22.19 3.61 17.76
C PRO E 114 23.02 3.25 18.98
N GLU E 115 23.55 4.25 19.70
CA GLU E 115 24.36 3.96 20.88
C GLU E 115 24.06 4.92 22.03
N GLY E 116 22.87 5.51 22.07
CA GLY E 116 22.54 6.47 23.11
C GLY E 116 23.27 7.79 23.02
N LYS E 117 24.12 7.98 22.01
CA LYS E 117 24.92 9.18 21.84
C LYS E 117 24.48 9.91 20.58
N PHE E 118 24.81 11.22 20.55
CA PHE E 118 24.58 12.03 19.36
C PHE E 118 25.78 12.89 18.98
N ASP E 119 26.72 13.13 19.88
CA ASP E 119 27.86 14.00 19.64
C ASP E 119 29.05 13.15 19.23
N TYR E 120 29.52 13.30 18.00
CA TYR E 120 30.57 12.46 17.46
C TYR E 120 31.62 13.29 16.76
N TRP E 121 32.88 12.83 16.87
CA TRP E 121 34.01 13.47 16.22
C TRP E 121 34.90 12.40 15.61
N GLY E 122 35.53 12.74 14.49
CA GLY E 122 36.56 11.90 13.92
C GLY E 122 37.86 12.03 14.67
N GLN E 123 38.84 11.22 14.26
CA GLN E 123 40.15 11.27 14.89
C GLN E 123 40.89 12.56 14.54
N GLY E 124 40.76 13.02 13.29
CA GLY E 124 41.34 14.28 12.89
C GLY E 124 42.42 14.18 11.84
N THR E 125 42.38 15.08 10.86
CA THR E 125 43.39 15.16 9.81
C THR E 125 44.14 16.48 9.93
N LEU E 126 45.47 16.40 9.96
CA LEU E 126 46.31 17.59 10.07
C LEU E 126 46.65 18.13 8.69
N VAL E 127 46.60 19.46 8.57
CA VAL E 127 46.97 20.15 7.33
C VAL E 127 48.08 21.13 7.67
N THR E 128 49.25 20.96 7.05
CA THR E 128 50.37 21.87 7.21
C THR E 128 50.50 22.72 5.95
N VAL E 129 50.36 24.03 6.10
CA VAL E 129 50.57 24.98 5.02
C VAL E 129 51.97 25.55 5.18
N SER E 130 52.84 25.28 4.21
CA SER E 130 54.24 25.68 4.32
C SER E 130 54.88 25.65 2.94
N SER E 131 55.71 26.66 2.67
CA SER E 131 56.56 26.67 1.48
C SER E 131 57.77 25.76 1.62
N ALA E 132 57.88 25.02 2.72
CA ALA E 132 58.98 24.10 2.94
C ALA E 132 58.72 22.77 2.23
N SER E 133 59.77 21.97 2.13
CA SER E 133 59.72 20.68 1.45
C SER E 133 59.66 19.53 2.44
N THR E 134 59.18 18.39 1.96
CA THR E 134 59.08 17.20 2.78
C THR E 134 60.46 16.58 3.01
N LYS E 135 60.64 15.98 4.18
CA LYS E 135 61.88 15.28 4.51
C LYS E 135 61.54 14.06 5.36
N GLY E 136 61.97 12.89 4.90
CA GLY E 136 61.79 11.67 5.64
C GLY E 136 62.66 11.64 6.88
N PRO E 137 62.27 10.83 7.85
CA PRO E 137 63.02 10.77 9.11
C PRO E 137 64.14 9.74 9.09
N SER E 138 65.08 9.92 10.02
CA SER E 138 66.11 8.95 10.31
C SER E 138 65.76 8.25 11.62
N VAL E 139 65.80 6.93 11.61
CA VAL E 139 65.36 6.12 12.75
C VAL E 139 66.57 5.44 13.35
N PHE E 140 66.84 5.74 14.63
CA PHE E 140 68.00 5.22 15.32
C PHE E 140 67.58 4.53 16.62
N PRO E 141 68.17 3.39 16.94
CA PRO E 141 67.76 2.66 18.15
C PRO E 141 68.38 3.25 19.41
N LEU E 142 67.66 3.07 20.51
CA LEU E 142 68.15 3.41 21.85
C LEU E 142 68.34 2.08 22.59
N ALA E 143 69.58 1.62 22.63
CA ALA E 143 69.85 0.24 23.03
C ALA E 143 69.67 0.08 24.54
N PRO E 144 68.98 -0.96 24.99
CA PRO E 144 68.93 -1.24 26.43
C PRO E 144 70.31 -1.65 26.93
N SER E 145 70.59 -1.26 28.17
CA SER E 145 71.91 -1.50 28.76
C SER E 145 71.77 -1.49 30.27
N SER E 146 72.89 -1.70 30.95
CA SER E 146 72.95 -1.47 32.39
C SER E 146 72.62 -0.03 32.74
N LYS E 147 72.79 0.89 31.79
CA LYS E 147 72.50 2.30 31.99
C LYS E 147 71.02 2.63 31.84
N SER E 148 70.20 1.69 31.38
CA SER E 148 68.78 1.89 31.21
C SER E 148 68.00 0.79 31.93
N THR E 149 68.49 0.37 33.10
CA THR E 149 67.96 -0.79 33.79
C THR E 149 67.80 -0.50 35.27
N SER E 150 66.68 -0.92 35.84
CA SER E 150 66.46 -0.84 37.27
C SER E 150 65.38 -1.83 37.68
N GLY E 151 65.71 -2.70 38.62
CA GLY E 151 64.72 -3.57 39.24
C GLY E 151 64.05 -4.56 38.32
N GLY E 152 64.80 -5.15 37.39
CA GLY E 152 64.28 -6.17 36.51
C GLY E 152 63.68 -5.66 35.21
N THR E 153 63.29 -4.39 35.15
CA THR E 153 62.77 -3.80 33.92
C THR E 153 63.89 -3.09 33.17
N ALA E 154 63.71 -2.96 31.86
CA ALA E 154 64.73 -2.38 31.00
C ALA E 154 64.07 -1.49 29.96
N ALA E 155 64.51 -0.23 29.90
CA ALA E 155 63.98 0.70 28.92
C ALA E 155 64.76 0.60 27.61
N LEU E 156 64.03 0.66 26.51
CA LEU E 156 64.64 0.72 25.17
C LEU E 156 63.71 1.57 24.32
N GLY E 157 64.19 1.96 23.14
CA GLY E 157 63.36 2.83 22.35
C GLY E 157 63.90 3.09 20.96
N CYS E 158 63.29 4.08 20.32
CA CYS E 158 63.59 4.49 18.95
C CYS E 158 63.67 6.00 18.88
N LEU E 159 64.54 6.50 18.02
CA LEU E 159 64.72 7.93 17.78
C LEU E 159 64.30 8.24 16.34
N VAL E 160 63.27 9.08 16.20
CA VAL E 160 62.77 9.49 14.89
C VAL E 160 63.20 10.94 14.69
N LYS E 161 64.19 11.15 13.80
CA LYS E 161 64.94 12.39 13.76
C LYS E 161 64.81 13.09 12.43
N ASP E 162 64.68 14.42 12.48
CA ASP E 162 64.84 15.30 11.32
C ASP E 162 63.83 14.99 10.22
N TYR E 163 62.57 15.35 10.50
CA TYR E 163 61.50 15.10 9.55
C TYR E 163 60.56 16.31 9.50
N PHE E 164 59.88 16.45 8.37
CA PHE E 164 58.87 17.47 8.16
C PHE E 164 57.90 17.00 7.09
N PRO E 165 56.59 17.16 7.28
CA PRO E 165 56.02 17.72 8.51
C PRO E 165 55.50 16.64 9.44
N GLU E 166 54.79 17.06 10.49
CA GLU E 166 54.05 16.14 11.32
C GLU E 166 52.96 15.45 10.49
N PRO E 167 52.50 14.26 10.90
CA PRO E 167 53.02 13.48 12.03
C PRO E 167 53.74 12.20 11.60
N VAL E 168 54.41 11.56 12.56
CA VAL E 168 54.87 10.20 12.38
C VAL E 168 54.05 9.33 13.34
N THR E 169 53.90 8.06 12.97
CA THR E 169 53.27 7.06 13.82
C THR E 169 54.30 5.97 14.12
N VAL E 170 54.29 5.49 15.35
CA VAL E 170 55.26 4.50 15.82
C VAL E 170 54.52 3.40 16.55
N SER E 171 54.66 2.17 16.07
CA SER E 171 54.16 1.00 16.77
C SER E 171 55.30 -0.01 16.89
N TRP E 172 55.19 -0.88 17.90
CA TRP E 172 56.25 -1.82 18.23
C TRP E 172 55.82 -3.24 17.91
N ASN E 173 56.73 -3.99 17.28
CA ASN E 173 56.50 -5.39 16.91
C ASN E 173 55.19 -5.56 16.15
N SER E 174 54.92 -4.63 15.23
CA SER E 174 53.72 -4.65 14.40
C SER E 174 52.45 -4.60 15.25
N GLY E 175 52.48 -3.81 16.32
CA GLY E 175 51.34 -3.68 17.20
C GLY E 175 51.19 -4.77 18.23
N ALA E 176 52.11 -5.74 18.28
CA ALA E 176 52.03 -6.78 19.30
C ALA E 176 52.38 -6.24 20.67
N LEU E 177 53.44 -5.42 20.76
CA LEU E 177 53.83 -4.79 22.01
C LEU E 177 53.12 -3.44 22.13
N THR E 178 52.29 -3.30 23.16
CA THR E 178 51.56 -2.07 23.39
C THR E 178 51.69 -1.61 24.84
N SER E 179 51.80 -2.58 25.75
CA SER E 179 51.85 -2.29 27.18
C SER E 179 53.20 -1.66 27.54
N GLY E 180 53.15 -0.45 28.09
CA GLY E 180 54.35 0.23 28.54
C GLY E 180 55.04 1.10 27.52
N VAL E 181 54.36 1.51 26.46
CA VAL E 181 54.95 2.35 25.43
C VAL E 181 54.67 3.81 25.76
N HIS E 182 55.74 4.61 25.83
CA HIS E 182 55.65 6.06 25.92
C HIS E 182 56.20 6.67 24.63
N THR E 183 55.40 7.50 23.98
CA THR E 183 55.83 8.26 22.82
C THR E 183 55.81 9.74 23.19
N PHE E 184 56.99 10.35 23.22
CA PHE E 184 57.13 11.72 23.69
C PHE E 184 56.67 12.70 22.60
N PRO E 185 56.10 13.84 23.01
CA PRO E 185 55.69 14.84 22.02
C PRO E 185 56.88 15.31 21.21
N ALA E 186 56.67 15.44 19.90
CA ALA E 186 57.72 15.90 19.00
C ALA E 186 58.10 17.35 19.31
N VAL E 187 59.38 17.65 19.15
CA VAL E 187 59.88 19.01 19.34
C VAL E 187 60.35 19.56 18.00
N LEU E 188 60.18 20.86 17.83
CA LEU E 188 60.49 21.55 16.58
C LEU E 188 61.89 22.13 16.72
N GLN E 189 62.87 21.43 16.13
CA GLN E 189 64.23 21.94 16.12
C GLN E 189 64.30 23.24 15.32
N SER E 190 65.36 24.00 15.56
CA SER E 190 65.46 25.32 14.92
C SER E 190 65.64 25.20 13.41
N SER E 191 66.08 24.03 12.93
CA SER E 191 66.36 23.84 11.51
C SER E 191 65.06 23.71 10.76
N GLY E 192 63.96 23.75 11.51
CA GLY E 192 62.62 23.62 10.97
C GLY E 192 62.12 22.20 10.90
N LEU E 193 62.89 21.24 11.38
CA LEU E 193 62.51 19.83 11.38
C LEU E 193 62.05 19.41 12.76
N TYR E 194 61.38 18.27 12.81
CA TYR E 194 60.86 17.69 14.05
C TYR E 194 61.70 16.49 14.47
N SER E 195 61.52 16.09 15.72
CA SER E 195 62.27 14.97 16.30
C SER E 195 61.56 14.52 17.57
N LEU E 196 61.40 13.20 17.73
CA LEU E 196 60.76 12.68 18.92
C LEU E 196 61.32 11.29 19.23
N SER E 197 61.05 10.84 20.45
CA SER E 197 61.57 9.57 20.94
C SER E 197 60.42 8.71 21.43
N SER E 198 60.49 7.42 21.11
CA SER E 198 59.52 6.42 21.56
C SER E 198 60.25 5.38 22.38
N VAL E 199 59.86 5.24 23.64
CA VAL E 199 60.53 4.31 24.55
C VAL E 199 59.50 3.32 25.09
N VAL E 200 60.00 2.19 25.58
CA VAL E 200 59.17 1.13 26.14
C VAL E 200 60.00 0.33 27.14
N THR E 201 59.43 0.07 28.31
CA THR E 201 60.09 -0.75 29.32
C THR E 201 59.71 -2.21 29.13
N VAL E 202 60.69 -3.09 29.34
CA VAL E 202 60.49 -4.54 29.17
C VAL E 202 61.22 -5.26 30.28
N PRO E 203 60.80 -6.48 30.62
CA PRO E 203 61.59 -7.30 31.55
C PRO E 203 62.95 -7.63 30.96
N SER E 204 63.99 -7.39 31.77
CA SER E 204 65.35 -7.60 31.28
C SER E 204 65.69 -9.07 31.11
N SER E 205 64.92 -9.97 31.72
CA SER E 205 65.14 -11.40 31.54
C SER E 205 65.06 -11.80 30.08
N SER E 206 64.18 -11.16 29.32
CA SER E 206 63.91 -11.54 27.94
C SER E 206 64.89 -10.95 26.94
N LEU E 207 65.73 -9.99 27.36
CA LEU E 207 66.54 -9.24 26.41
C LEU E 207 67.37 -10.13 25.49
N GLY E 208 67.79 -11.29 25.98
CA GLY E 208 68.52 -12.21 25.14
C GLY E 208 67.67 -13.05 24.21
N THR E 209 66.34 -12.98 24.35
CA THR E 209 65.42 -13.82 23.61
C THR E 209 64.44 -13.04 22.75
N GLN E 210 63.86 -11.96 23.28
CA GLN E 210 62.79 -11.26 22.59
C GLN E 210 63.35 -10.31 21.54
N THR E 211 62.63 -10.20 20.42
CA THR E 211 62.99 -9.30 19.33
C THR E 211 62.12 -8.07 19.39
N TYR E 212 62.74 -6.90 19.52
CA TYR E 212 62.04 -5.63 19.60
C TYR E 212 62.30 -4.83 18.33
N ILE E 213 61.23 -4.56 17.58
CA ILE E 213 61.29 -3.85 16.32
C ILE E 213 60.24 -2.75 16.36
N CYS E 214 60.68 -1.50 16.23
CA CYS E 214 59.78 -0.37 16.16
C CYS E 214 59.50 -0.02 14.70
N ASN E 215 58.21 0.11 14.37
CA ASN E 215 57.77 0.41 13.01
C ASN E 215 57.37 1.88 12.95
N VAL E 216 58.18 2.69 12.26
CA VAL E 216 57.92 4.11 12.11
C VAL E 216 57.38 4.35 10.71
N ASN E 217 56.25 5.03 10.63
CA ASN E 217 55.63 5.41 9.36
C ASN E 217 55.47 6.92 9.33
N HIS E 218 55.94 7.54 8.25
CA HIS E 218 55.82 8.98 8.05
C HIS E 218 55.07 9.18 6.74
N LYS E 219 53.78 9.48 6.85
CA LYS E 219 52.91 9.53 5.68
C LYS E 219 53.30 10.59 4.65
N PRO E 220 53.66 11.83 5.01
CA PRO E 220 53.91 12.84 3.97
C PRO E 220 55.14 12.56 3.10
N SER E 221 56.12 11.79 3.60
CA SER E 221 57.30 11.46 2.80
C SER E 221 57.26 10.03 2.27
N ASN E 222 56.18 9.30 2.51
CA ASN E 222 56.03 7.91 2.07
C ASN E 222 57.22 7.07 2.53
N THR E 223 57.62 7.26 3.78
CA THR E 223 58.75 6.58 4.36
C THR E 223 58.27 5.57 5.39
N LYS E 224 58.73 4.32 5.27
CA LYS E 224 58.42 3.27 6.22
C LYS E 224 59.70 2.60 6.65
N VAL E 225 59.93 2.52 7.96
CA VAL E 225 61.16 1.98 8.53
C VAL E 225 60.80 1.01 9.64
N ASP E 226 61.47 -0.15 9.66
CA ASP E 226 61.38 -1.10 10.75
C ASP E 226 62.79 -1.30 11.31
N LYS E 227 62.96 -1.01 12.59
CA LYS E 227 64.27 -0.98 13.21
C LYS E 227 64.35 -1.98 14.36
N LYS E 228 65.22 -2.97 14.22
CA LYS E 228 65.59 -3.81 15.34
C LYS E 228 66.34 -2.99 16.39
N VAL E 229 65.93 -3.15 17.64
CA VAL E 229 66.59 -2.49 18.77
C VAL E 229 67.20 -3.59 19.64
N GLU E 230 68.52 -3.71 19.62
CA GLU E 230 69.23 -4.76 20.30
C GLU E 230 69.99 -4.21 21.51
N PRO E 231 70.30 -5.06 22.49
CA PRO E 231 71.05 -4.58 23.66
C PRO E 231 72.48 -4.23 23.30
N LYS E 232 73.04 -3.31 24.09
CA LYS E 232 74.43 -2.88 23.97
C LYS E 232 75.08 -2.87 25.34
N SER E 233 76.31 -3.37 25.41
CA SER E 233 77.04 -3.42 26.67
C SER E 233 77.58 -2.03 27.00
N CYS E 234 77.15 -1.49 28.13
CA CYS E 234 77.69 -0.22 28.61
C CYS E 234 78.14 -0.34 30.06
N ASP F 1 29.93 37.35 15.51
CA ASP F 1 30.25 36.18 16.32
C ASP F 1 29.82 36.37 17.77
N ILE F 2 29.38 35.29 18.39
CA ILE F 2 29.25 35.22 19.83
C ILE F 2 30.55 34.67 20.38
N VAL F 3 31.07 35.29 21.44
CA VAL F 3 32.45 35.08 21.88
C VAL F 3 32.44 34.43 23.26
N MET F 4 33.09 33.28 23.37
CA MET F 4 33.23 32.58 24.64
C MET F 4 34.59 32.89 25.24
N THR F 5 34.60 33.18 26.54
CA THR F 5 35.83 33.47 27.26
C THR F 5 35.78 32.80 28.62
N GLN F 6 36.80 32.00 28.93
CA GLN F 6 36.83 31.24 30.15
C GLN F 6 37.90 31.78 31.11
N SER F 7 37.61 31.66 32.40
CA SER F 7 38.55 31.95 33.47
C SER F 7 38.41 30.84 34.51
N PRO F 8 39.54 30.30 35.01
CA PRO F 8 40.90 30.71 34.67
C PRO F 8 41.47 30.01 33.44
N ASP F 9 42.75 30.26 33.15
CA ASP F 9 43.43 29.55 32.07
C ASP F 9 43.95 28.20 32.55
N SER F 10 44.39 28.11 33.80
CA SER F 10 44.91 26.87 34.37
C SER F 10 44.36 26.71 35.78
N LEU F 11 44.48 25.48 36.30
CA LEU F 11 43.82 25.10 37.54
C LEU F 11 44.55 23.90 38.12
N ALA F 12 44.84 23.94 39.42
CA ALA F 12 45.60 22.87 40.07
C ALA F 12 45.10 22.68 41.49
N VAL F 13 44.59 21.48 41.79
CA VAL F 13 44.15 21.14 43.13
C VAL F 13 44.61 19.72 43.46
N SER F 14 44.57 19.39 44.74
CA SER F 14 44.93 18.06 45.19
C SER F 14 43.84 17.06 44.80
N LEU F 15 44.15 15.77 44.99
CA LEU F 15 43.19 14.73 44.65
C LEU F 15 41.96 14.83 45.55
N GLY F 16 40.79 14.85 44.92
CA GLY F 16 39.53 14.94 45.64
C GLY F 16 39.10 16.34 45.98
N GLU F 17 39.84 17.36 45.57
CA GLU F 17 39.45 18.73 45.84
C GLU F 17 38.50 19.24 44.76
N ARG F 18 37.95 20.42 44.99
CA ARG F 18 36.92 20.99 44.13
C ARG F 18 37.55 21.86 43.06
N ALA F 19 37.15 21.64 41.81
CA ALA F 19 37.61 22.41 40.68
C ALA F 19 36.41 23.05 39.99
N THR F 20 36.51 24.35 39.69
CA THR F 20 35.44 25.10 39.04
C THR F 20 35.99 25.86 37.83
N ILE F 21 35.19 25.93 36.77
CA ILE F 21 35.54 26.64 35.55
C ILE F 21 34.40 27.59 35.21
N ASN F 22 34.74 28.75 34.66
CA ASN F 22 33.77 29.78 34.35
C ASN F 22 33.76 30.05 32.84
N CYS F 23 32.60 30.47 32.34
CA CYS F 23 32.41 30.75 30.92
C CYS F 23 31.51 31.97 30.77
N LYS F 24 31.91 32.89 29.90
CA LYS F 24 31.20 34.15 29.68
C LYS F 24 30.95 34.34 28.20
N SER F 25 29.70 34.57 27.82
CA SER F 25 29.33 34.82 26.44
C SER F 25 29.11 36.31 26.19
N SER F 26 29.29 36.71 24.93
CA SER F 26 29.11 38.12 24.57
C SER F 26 27.63 38.51 24.65
N GLN F 27 26.75 37.75 24.00
CA GLN F 27 25.32 37.89 24.22
C GLN F 27 24.83 36.77 25.14
N SER F 28 23.61 36.95 25.63
CA SER F 28 22.93 35.86 26.33
C SER F 28 22.66 34.72 25.35
N VAL F 29 22.72 33.50 25.87
CA VAL F 29 22.37 32.33 25.09
C VAL F 29 21.10 31.67 25.63
N LEU F 30 20.26 32.44 26.33
CA LEU F 30 18.97 31.96 26.80
C LEU F 30 17.93 32.24 25.72
N TYR F 31 17.33 31.18 25.19
CA TYR F 31 16.32 31.30 24.15
C TYR F 31 14.96 31.43 24.83
N SER F 32 14.28 32.56 24.59
CA SER F 32 13.04 32.85 25.28
C SER F 32 11.94 31.84 24.91
N SER F 33 11.96 31.32 23.69
CA SER F 33 10.86 30.49 23.22
C SER F 33 10.72 29.19 24.00
N ASN F 34 11.80 28.74 24.67
CA ASN F 34 11.78 27.51 25.44
C ASN F 34 12.53 27.62 26.77
N ASN F 35 13.08 28.79 27.11
CA ASN F 35 13.77 29.00 28.39
C ASN F 35 14.94 28.04 28.54
N LYS F 36 15.68 27.84 27.46
CA LYS F 36 16.82 26.93 27.44
C LYS F 36 18.10 27.70 27.14
N ASN F 37 19.16 27.38 27.89
CA ASN F 37 20.50 27.90 27.59
C ASN F 37 21.17 26.96 26.61
N TYR F 38 21.59 27.52 25.47
CA TYR F 38 22.10 26.72 24.35
C TYR F 38 23.62 26.66 24.38
N LEU F 39 24.16 25.96 25.38
CA LEU F 39 25.60 25.79 25.44
C LEU F 39 25.96 24.45 26.08
N ALA F 40 27.22 24.07 25.91
CA ALA F 40 27.72 22.76 26.30
C ALA F 40 29.12 22.88 26.86
N TRP F 41 29.58 21.82 27.50
CA TRP F 41 30.97 21.68 27.95
C TRP F 41 31.59 20.44 27.32
N TYR F 42 32.84 20.57 26.88
CA TYR F 42 33.60 19.46 26.32
C TYR F 42 34.90 19.28 27.10
N GLN F 43 35.37 18.04 27.14
CA GLN F 43 36.66 17.68 27.70
C GLN F 43 37.54 17.13 26.59
N GLN F 44 38.82 17.50 26.60
CA GLN F 44 39.76 16.99 25.61
C GLN F 44 41.10 16.70 26.27
N LYS F 45 41.61 15.49 26.01
CA LYS F 45 42.93 15.07 26.44
C LYS F 45 43.87 15.06 25.23
N PRO F 46 45.19 15.16 25.47
CA PRO F 46 46.13 15.29 24.34
C PRO F 46 46.00 14.15 23.34
N GLY F 47 46.00 14.51 22.06
CA GLY F 47 45.93 13.51 21.01
C GLY F 47 44.57 12.91 20.78
N GLN F 48 43.56 13.33 21.53
CA GLN F 48 42.20 12.81 21.42
C GLN F 48 41.27 13.86 20.84
N PRO F 49 40.14 13.43 20.27
CA PRO F 49 39.06 14.37 19.97
C PRO F 49 38.30 14.71 21.23
N PRO F 50 37.62 15.86 21.27
CA PRO F 50 36.90 16.24 22.48
C PRO F 50 35.71 15.35 22.75
N LYS F 51 35.32 15.28 24.01
CA LYS F 51 34.19 14.48 24.47
C LYS F 51 33.16 15.39 25.12
N LEU F 52 31.91 15.29 24.66
CA LEU F 52 30.83 16.06 25.24
C LEU F 52 30.59 15.64 26.69
N LEU F 53 30.47 16.62 27.57
CA LEU F 53 30.21 16.41 28.99
C LEU F 53 28.83 16.88 29.41
N MET F 54 28.52 18.14 29.13
CA MET F 54 27.30 18.78 29.58
C MET F 54 26.64 19.43 28.37
N TYR F 55 25.31 19.51 28.39
CA TYR F 55 24.60 20.29 27.39
C TYR F 55 23.31 20.81 28.02
N TRP F 56 22.68 21.76 27.33
CA TRP F 56 21.62 22.56 27.92
C TRP F 56 22.05 23.11 29.28
N ALA F 57 23.33 23.49 29.38
CA ALA F 57 23.93 24.06 30.57
C ALA F 57 24.13 23.04 31.68
N SER F 58 23.16 22.15 31.91
CA SER F 58 23.25 21.24 33.06
C SER F 58 22.99 19.77 32.73
N THR F 59 22.52 19.44 31.53
CA THR F 59 22.18 18.05 31.21
C THR F 59 23.46 17.25 30.97
N ARG F 60 23.71 16.27 31.83
CA ARG F 60 24.85 15.38 31.66
C ARG F 60 24.65 14.46 30.47
N GLU F 61 25.72 14.25 29.70
CA GLU F 61 25.72 13.17 28.72
C GLU F 61 25.83 11.83 29.43
N SER F 62 25.33 10.79 28.79
CA SER F 62 25.39 9.46 29.37
C SER F 62 26.84 9.05 29.62
N GLY F 63 27.06 8.37 30.75
CA GLY F 63 28.38 7.91 31.13
C GLY F 63 29.21 8.93 31.89
N VAL F 64 28.84 10.20 31.87
CA VAL F 64 29.62 11.22 32.58
C VAL F 64 29.40 11.05 34.09
N PRO F 65 30.46 11.01 34.89
CA PRO F 65 30.30 10.81 36.33
C PRO F 65 29.53 11.97 36.97
N ASP F 66 29.11 11.72 38.22
CA ASP F 66 28.34 12.71 38.97
C ASP F 66 29.20 13.85 39.49
N ARG F 67 30.53 13.67 39.55
CA ARG F 67 31.41 14.77 39.94
C ARG F 67 31.23 15.98 39.04
N PHE F 68 30.80 15.76 37.79
CA PHE F 68 30.59 16.83 36.84
C PHE F 68 29.19 17.40 36.98
N SER F 69 29.08 18.73 37.03
CA SER F 69 27.79 19.38 37.18
C SER F 69 27.86 20.75 36.53
N GLY F 70 27.05 20.94 35.48
CA GLY F 70 26.96 22.23 34.83
C GLY F 70 25.93 23.12 35.49
N SER F 71 26.17 24.42 35.42
CA SER F 71 25.29 25.39 36.06
C SER F 71 25.47 26.74 35.38
N GLY F 72 24.68 27.72 35.82
CA GLY F 72 24.66 29.04 35.23
C GLY F 72 23.46 29.26 34.33
N SER F 73 23.34 30.49 33.85
CA SER F 73 22.21 30.85 32.98
C SER F 73 22.52 32.15 32.24
N GLY F 74 22.00 32.25 31.02
CA GLY F 74 22.08 33.48 30.24
C GLY F 74 23.41 33.73 29.58
N ALA F 75 24.34 34.34 30.30
CA ALA F 75 25.66 34.63 29.76
C ALA F 75 26.79 34.31 30.72
N GLU F 76 26.51 33.61 31.82
CA GLU F 76 27.52 33.30 32.82
C GLU F 76 27.30 31.86 33.27
N PHE F 77 28.30 31.01 33.04
CA PHE F 77 28.15 29.58 33.25
C PHE F 77 29.35 29.03 34.00
N THR F 78 29.12 27.90 34.67
CA THR F 78 30.13 27.31 35.54
C THR F 78 30.09 25.80 35.42
N LEU F 79 31.26 25.20 35.22
CA LEU F 79 31.44 23.76 35.25
C LEU F 79 32.24 23.41 36.49
N THR F 80 31.76 22.42 37.24
CA THR F 80 32.30 22.11 38.55
C THR F 80 32.53 20.61 38.67
N ILE F 81 33.77 20.21 38.88
CA ILE F 81 34.11 18.86 39.29
C ILE F 81 34.22 18.85 40.81
N SER F 82 33.32 18.12 41.46
CA SER F 82 33.15 18.24 42.91
C SER F 82 34.35 17.70 43.69
N SER F 83 34.98 16.64 43.20
CA SER F 83 36.19 16.08 43.83
C SER F 83 37.08 15.60 42.70
N LEU F 84 38.11 16.40 42.39
CA LEU F 84 38.93 16.15 41.21
C LEU F 84 39.64 14.80 41.33
N GLN F 85 39.62 14.04 40.23
CA GLN F 85 40.26 12.74 40.16
C GLN F 85 41.44 12.78 39.19
N ALA F 86 42.31 11.79 39.32
CA ALA F 86 43.54 11.77 38.53
C ALA F 86 43.28 11.64 37.04
N GLU F 87 42.12 11.12 36.63
CA GLU F 87 41.77 10.98 35.22
C GLU F 87 40.86 12.10 34.72
N ASP F 88 40.84 13.24 35.41
CA ASP F 88 40.20 14.45 34.90
C ASP F 88 41.21 15.49 34.46
N VAL F 89 42.50 15.15 34.41
CA VAL F 89 43.51 16.06 33.90
C VAL F 89 43.33 16.19 32.40
N ALA F 90 42.79 17.32 31.95
CA ALA F 90 42.51 17.58 30.55
C ALA F 90 42.24 19.07 30.41
N ILE F 91 41.89 19.49 29.21
CA ILE F 91 41.48 20.87 28.94
C ILE F 91 39.98 20.86 28.69
N TYR F 92 39.26 21.77 29.34
CA TYR F 92 37.80 21.79 29.33
C TYR F 92 37.34 23.04 28.60
N TYR F 93 36.68 22.84 27.45
CA TYR F 93 36.17 23.94 26.63
C TYR F 93 34.67 24.08 26.85
N CYS F 94 34.18 25.31 26.83
CA CYS F 94 32.74 25.59 26.78
C CYS F 94 32.37 26.05 25.38
N GLN F 95 31.25 25.53 24.87
CA GLN F 95 30.80 25.81 23.51
C GLN F 95 29.36 26.31 23.54
N GLN F 96 29.08 27.32 22.72
CA GLN F 96 27.72 27.77 22.49
C GLN F 96 27.22 27.23 21.16
N TYR F 97 25.96 26.79 21.15
CA TYR F 97 25.27 26.42 19.92
C TYR F 97 23.98 27.24 19.75
N TYR F 98 23.98 28.45 20.32
CA TYR F 98 22.84 29.35 20.16
C TYR F 98 22.82 29.96 18.76
N SER F 99 23.97 30.41 18.27
CA SER F 99 24.10 30.91 16.90
C SER F 99 25.36 30.30 16.32
N THR F 100 25.19 29.46 15.29
CA THR F 100 26.25 28.58 14.80
C THR F 100 26.94 27.88 15.98
N LEU F 101 28.27 27.81 15.95
CA LEU F 101 29.03 27.10 16.96
C LEU F 101 30.28 27.92 17.30
N THR F 102 30.53 28.12 18.59
CA THR F 102 31.72 28.83 19.02
C THR F 102 32.27 28.19 20.29
N PHE F 103 33.59 27.96 20.31
CA PHE F 103 34.27 27.37 21.45
C PHE F 103 35.01 28.44 22.23
N GLY F 104 35.18 28.19 23.53
CA GLY F 104 35.97 29.05 24.38
C GLY F 104 37.46 28.75 24.25
N GLY F 105 38.24 29.47 25.06
CA GLY F 105 39.68 29.30 25.04
C GLY F 105 40.20 28.06 25.73
N GLY F 106 39.33 27.34 26.45
CA GLY F 106 39.74 26.16 27.17
C GLY F 106 40.35 26.50 28.52
N THR F 107 40.30 25.52 29.42
CA THR F 107 40.88 25.65 30.75
C THR F 107 41.62 24.36 31.09
N LYS F 108 42.90 24.48 31.41
CA LYS F 108 43.73 23.31 31.70
C LYS F 108 43.61 22.97 33.18
N VAL F 109 43.17 21.75 33.49
CA VAL F 109 42.99 21.28 34.85
C VAL F 109 44.07 20.26 35.14
N GLU F 110 44.84 20.49 36.20
CA GLU F 110 45.99 19.67 36.55
C GLU F 110 45.90 19.22 38.00
N ILE F 111 46.53 18.09 38.30
CA ILE F 111 46.44 17.46 39.61
C ILE F 111 47.66 17.83 40.43
N LYS F 112 47.43 18.45 41.59
CA LYS F 112 48.48 18.56 42.59
C LYS F 112 48.69 17.22 43.26
N ARG F 113 49.94 16.88 43.55
CA ARG F 113 50.28 15.51 43.87
C ARG F 113 51.48 15.48 44.82
N THR F 114 51.64 14.36 45.52
CA THR F 114 52.80 14.16 46.38
C THR F 114 54.07 14.05 45.56
N VAL F 115 55.20 14.36 46.20
CA VAL F 115 56.47 14.48 45.49
C VAL F 115 56.98 13.12 45.08
N ALA F 116 57.53 13.03 43.87
CA ALA F 116 58.13 11.80 43.36
C ALA F 116 59.41 12.13 42.63
N ALA F 117 60.49 11.47 43.01
CA ALA F 117 61.77 11.64 42.36
C ALA F 117 61.86 10.77 41.11
N PRO F 118 62.56 11.24 40.08
CA PRO F 118 62.62 10.50 38.81
C PRO F 118 63.65 9.39 38.78
N SER F 119 63.36 8.40 37.94
CA SER F 119 64.33 7.37 37.57
C SER F 119 65.08 7.83 36.34
N VAL F 120 66.40 8.00 36.47
CA VAL F 120 67.23 8.55 35.41
C VAL F 120 67.87 7.41 34.64
N PHE F 121 67.70 7.41 33.32
CA PHE F 121 68.34 6.46 32.43
C PHE F 121 69.03 7.24 31.32
N ILE F 122 69.80 6.52 30.50
CA ILE F 122 70.68 7.18 29.54
C ILE F 122 71.05 6.17 28.47
N PHE F 123 71.03 6.63 27.21
CA PHE F 123 71.36 5.82 26.05
C PHE F 123 72.48 6.47 25.24
N PRO F 124 73.44 5.68 24.77
CA PRO F 124 74.52 6.23 23.93
C PRO F 124 74.09 6.25 22.47
N PRO F 125 74.85 6.91 21.59
CA PRO F 125 74.50 6.92 20.18
C PRO F 125 74.58 5.53 19.55
N SER F 126 73.87 5.40 18.43
CA SER F 126 73.92 4.18 17.63
C SER F 126 75.08 4.25 16.64
N ASP F 127 75.60 3.07 16.28
CA ASP F 127 76.63 3.03 15.24
C ASP F 127 76.06 3.49 13.90
N GLU F 128 74.75 3.36 13.70
CA GLU F 128 74.13 3.82 12.48
C GLU F 128 74.16 5.34 12.38
N GLN F 129 73.89 6.03 13.49
CA GLN F 129 73.97 7.49 13.48
C GLN F 129 75.40 7.97 13.31
N LEU F 130 76.36 7.29 13.94
CA LEU F 130 77.76 7.69 13.81
C LEU F 130 78.25 7.48 12.38
N LYS F 131 77.73 6.47 11.69
CA LYS F 131 78.03 6.27 10.28
C LYS F 131 77.72 7.50 9.45
N SER F 132 76.77 8.32 9.91
CA SER F 132 76.30 9.48 9.16
C SER F 132 76.91 10.79 9.62
N GLY F 133 77.71 10.79 10.68
CA GLY F 133 78.42 11.98 11.12
C GLY F 133 77.85 12.68 12.34
N THR F 134 76.93 12.06 13.08
CA THR F 134 76.27 12.71 14.20
C THR F 134 76.15 11.71 15.35
N ALA F 135 76.08 12.24 16.58
CA ALA F 135 75.98 11.44 17.79
C ALA F 135 74.92 12.05 18.70
N SER F 136 73.81 11.34 18.88
CA SER F 136 72.72 11.80 19.73
C SER F 136 72.72 10.97 21.01
N VAL F 137 72.82 11.64 22.15
CA VAL F 137 72.80 11.00 23.46
C VAL F 137 71.48 11.37 24.13
N VAL F 138 70.70 10.37 24.52
CA VAL F 138 69.39 10.57 25.10
C VAL F 138 69.48 10.37 26.61
N CYS F 139 68.78 11.22 27.37
CA CYS F 139 68.62 11.05 28.80
C CYS F 139 67.13 10.98 29.11
N LEU F 140 66.78 10.10 30.05
CA LEU F 140 65.38 9.79 30.32
C LEU F 140 65.10 9.90 31.81
N LEU F 141 64.04 10.62 32.16
CA LEU F 141 63.59 10.76 33.53
C LEU F 141 62.18 10.19 33.63
N ASN F 142 61.92 9.40 34.68
CA ASN F 142 60.73 8.57 34.75
C ASN F 142 59.93 8.88 36.01
N ASN F 143 58.67 9.28 35.82
CA ASN F 143 57.65 9.27 36.87
C ASN F 143 58.02 10.20 38.02
N PHE F 144 58.16 11.48 37.70
CA PHE F 144 58.51 12.49 38.70
C PHE F 144 57.39 13.52 38.84
N TYR F 145 57.38 14.21 39.98
CA TYR F 145 56.46 15.29 40.27
C TYR F 145 57.14 16.15 41.33
N PRO F 146 57.06 17.49 41.20
CA PRO F 146 56.39 18.25 40.15
C PRO F 146 57.10 18.22 38.80
N ARG F 147 56.56 18.98 37.82
CA ARG F 147 57.11 18.93 36.47
C ARG F 147 58.49 19.56 36.39
N GLU F 148 58.78 20.55 37.24
CA GLU F 148 60.03 21.30 37.16
C GLU F 148 61.23 20.39 37.37
N ALA F 149 62.02 20.18 36.32
CA ALA F 149 63.18 19.29 36.38
C ALA F 149 64.31 19.90 35.56
N LYS F 150 65.48 20.04 36.19
CA LYS F 150 66.66 20.59 35.52
C LYS F 150 67.54 19.44 35.05
N VAL F 151 67.83 19.42 33.75
CA VAL F 151 68.66 18.38 33.13
C VAL F 151 69.83 19.08 32.45
N GLN F 152 71.02 18.92 33.01
CA GLN F 152 72.24 19.49 32.43
C GLN F 152 73.11 18.36 31.89
N TRP F 153 73.55 18.52 30.65
CA TRP F 153 74.54 17.60 30.07
C TRP F 153 75.94 18.11 30.37
N LYS F 154 76.77 17.24 30.95
CA LYS F 154 78.20 17.48 31.07
C LYS F 154 78.94 16.49 30.18
N VAL F 155 79.99 16.97 29.52
CA VAL F 155 80.83 16.17 28.64
C VAL F 155 82.26 16.31 29.11
N ASP F 156 82.80 15.25 29.71
CA ASP F 156 84.08 15.30 30.41
C ASP F 156 84.09 16.45 31.42
N ASN F 157 82.94 16.63 32.07
CA ASN F 157 82.69 17.65 33.09
C ASN F 157 82.66 19.07 32.52
N ALA F 158 82.45 19.22 31.22
CA ALA F 158 82.23 20.52 30.61
C ALA F 158 80.73 20.73 30.41
N LEU F 159 80.16 21.71 31.10
CA LEU F 159 78.76 22.05 30.93
C LEU F 159 78.47 22.37 29.46
N GLN F 160 77.44 21.73 28.93
CA GLN F 160 77.02 22.00 27.56
C GLN F 160 75.96 23.09 27.54
N SER F 161 75.79 23.71 26.38
CA SER F 161 74.88 24.85 26.25
C SER F 161 74.50 25.01 24.80
N GLY F 162 73.21 24.89 24.50
CA GLY F 162 72.70 25.12 23.16
C GLY F 162 72.58 23.90 22.28
N ASN F 163 73.00 22.73 22.75
CA ASN F 163 73.01 21.51 21.96
C ASN F 163 72.15 20.40 22.58
N SER F 164 71.07 20.79 23.25
CA SER F 164 70.18 19.82 23.86
C SER F 164 68.77 20.39 23.92
N GLN F 165 67.78 19.51 23.75
CA GLN F 165 66.38 19.90 23.80
C GLN F 165 65.60 18.81 24.54
N GLU F 166 64.44 19.21 25.07
CA GLU F 166 63.66 18.37 25.98
C GLU F 166 62.26 18.15 25.44
N SER F 167 61.55 17.22 26.07
CA SER F 167 60.16 16.95 25.76
C SER F 167 59.52 16.29 26.98
N VAL F 168 58.39 16.84 27.44
CA VAL F 168 57.67 16.32 28.59
C VAL F 168 56.39 15.66 28.10
N THR F 169 55.92 14.69 28.86
CA THR F 169 54.71 13.96 28.52
C THR F 169 53.47 14.62 29.13
N GLU F 170 52.31 14.06 28.78
CA GLU F 170 51.09 14.40 29.49
C GLU F 170 51.17 13.89 30.92
N GLN F 171 50.44 14.56 31.82
CA GLN F 171 50.36 14.09 33.19
C GLN F 171 49.61 12.78 33.24
N ASP F 172 50.20 11.77 33.87
CA ASP F 172 49.65 10.42 33.85
C ASP F 172 48.28 10.39 34.51
N SER F 173 47.38 9.59 33.95
CA SER F 173 46.01 9.54 34.44
C SER F 173 45.85 8.66 35.68
N LYS F 174 46.87 7.89 36.03
CA LYS F 174 46.79 6.95 37.15
C LYS F 174 47.59 7.39 38.36
N ASP F 175 48.88 7.68 38.20
CA ASP F 175 49.70 8.12 39.32
C ASP F 175 50.16 9.57 39.17
N SER F 176 49.70 10.27 38.13
CA SER F 176 49.81 11.73 38.02
C SER F 176 51.26 12.21 37.97
N THR F 177 52.15 11.42 37.37
CA THR F 177 53.55 11.80 37.26
C THR F 177 53.88 12.23 35.84
N TYR F 178 55.09 12.76 35.67
CA TYR F 178 55.60 13.17 34.38
C TYR F 178 56.83 12.35 34.01
N SER F 179 57.08 12.25 32.71
CA SER F 179 58.32 11.71 32.20
C SER F 179 58.89 12.69 31.19
N LEU F 180 60.19 12.56 30.91
CA LEU F 180 60.88 13.57 30.14
C LEU F 180 62.09 12.94 29.47
N SER F 181 62.37 13.38 28.24
CA SER F 181 63.52 12.92 27.47
C SER F 181 64.29 14.13 26.96
N SER F 182 65.59 14.17 27.24
CA SER F 182 66.48 15.25 26.83
C SER F 182 67.52 14.70 25.88
N THR F 183 67.56 15.22 24.66
CA THR F 183 68.41 14.71 23.59
C THR F 183 69.57 15.66 23.34
N LEU F 184 70.79 15.20 23.61
CA LEU F 184 72.00 15.94 23.29
C LEU F 184 72.56 15.43 21.98
N THR F 185 72.84 16.35 21.06
CA THR F 185 73.27 16.02 19.71
C THR F 185 74.60 16.69 19.41
N LEU F 186 75.63 15.88 19.15
CA LEU F 186 76.95 16.35 18.78
C LEU F 186 77.32 15.80 17.41
N SER F 187 78.41 16.34 16.85
CA SER F 187 78.98 15.76 15.65
C SER F 187 79.71 14.47 15.99
N LYS F 188 79.81 13.58 14.99
CA LYS F 188 80.58 12.35 15.17
C LYS F 188 82.03 12.65 15.51
N ALA F 189 82.57 13.72 14.93
CA ALA F 189 83.96 14.10 15.22
C ALA F 189 84.10 14.57 16.66
N ASP F 190 83.30 15.57 17.05
CA ASP F 190 83.38 16.10 18.41
C ASP F 190 83.06 15.05 19.45
N TYR F 191 82.24 14.06 19.09
CA TYR F 191 81.82 13.05 20.06
C TYR F 191 82.98 12.13 20.44
N GLU F 192 83.84 11.79 19.49
CA GLU F 192 84.89 10.82 19.75
C GLU F 192 86.11 11.42 20.45
N LYS F 193 86.22 12.75 20.52
CA LYS F 193 87.34 13.37 21.22
C LYS F 193 87.12 13.46 22.72
N HIS F 194 86.00 12.94 23.23
CA HIS F 194 85.69 13.00 24.64
C HIS F 194 85.28 11.61 25.14
N LYS F 195 85.29 11.44 26.45
CA LYS F 195 85.13 10.14 27.08
C LYS F 195 83.82 10.01 27.86
N VAL F 196 83.66 10.78 28.93
CA VAL F 196 82.52 10.62 29.83
C VAL F 196 81.39 11.54 29.39
N TYR F 197 80.20 10.97 29.23
CA TYR F 197 78.99 11.72 28.93
C TYR F 197 78.01 11.55 30.07
N ALA F 198 77.51 12.66 30.61
CA ALA F 198 76.79 12.66 31.88
C ALA F 198 75.46 13.39 31.73
N CYS F 199 74.43 12.84 32.38
CA CYS F 199 73.14 13.52 32.55
C CYS F 199 72.98 13.81 34.04
N GLU F 200 73.00 15.09 34.40
CA GLU F 200 72.85 15.52 35.78
C GLU F 200 71.45 16.10 35.97
N VAL F 201 70.75 15.61 36.99
CA VAL F 201 69.34 15.92 37.21
C VAL F 201 69.19 16.59 38.57
N THR F 202 68.65 17.80 38.57
CA THR F 202 68.24 18.48 39.78
C THR F 202 66.73 18.39 39.90
N HIS F 203 66.25 17.88 41.04
CA HIS F 203 64.81 17.76 41.25
C HIS F 203 64.51 17.84 42.74
N GLN F 204 63.27 18.19 43.04
CA GLN F 204 62.86 18.44 44.43
C GLN F 204 62.94 17.18 45.28
N GLY F 205 62.58 16.04 44.71
CA GLY F 205 62.55 14.80 45.46
C GLY F 205 63.89 14.11 45.58
N LEU F 206 64.96 14.84 45.26
CA LEU F 206 66.32 14.32 45.30
C LEU F 206 67.15 15.14 46.29
N ARG F 207 67.77 14.45 47.25
CA ARG F 207 68.64 15.11 48.21
C ARG F 207 69.73 15.91 47.51
N SER F 208 70.57 15.23 46.73
CA SER F 208 71.60 15.84 45.92
C SER F 208 71.32 15.60 44.44
N PRO F 209 71.79 16.47 43.55
CA PRO F 209 71.62 16.24 42.11
C PRO F 209 72.22 14.91 41.69
N VAL F 210 71.39 14.08 41.04
CA VAL F 210 71.75 12.72 40.64
C VAL F 210 72.38 12.76 39.25
N THR F 211 73.35 11.87 39.02
CA THR F 211 74.04 11.78 37.74
C THR F 211 73.99 10.36 37.21
N LYS F 212 73.57 10.21 35.96
CA LYS F 212 73.77 8.99 35.19
C LYS F 212 74.76 9.31 34.07
N SER F 213 75.84 8.53 34.02
CA SER F 213 76.93 8.79 33.08
C SER F 213 77.35 7.47 32.44
N PHE F 214 78.11 7.57 31.36
CA PHE F 214 78.71 6.40 30.75
C PHE F 214 80.03 6.80 30.09
N ASN F 215 80.96 5.86 30.06
CA ASN F 215 82.25 6.05 29.42
C ASN F 215 82.20 5.47 28.01
N ARG F 216 82.86 6.15 27.06
CA ARG F 216 82.86 5.66 25.69
C ARG F 216 83.76 4.44 25.54
N GLY F 217 84.82 4.35 26.34
CA GLY F 217 85.61 3.13 26.39
C GLY F 217 84.91 1.96 27.05
N GLU F 218 83.72 2.19 27.61
CA GLU F 218 82.89 1.14 28.17
C GLU F 218 81.53 1.09 27.48
N CYS F 219 81.47 1.49 26.22
CA CYS F 219 80.27 1.31 25.40
C CYS F 219 80.66 1.05 23.95
N GLU G 1 45.72 -14.22 -56.83
CA GLU G 1 45.42 -13.17 -57.80
C GLU G 1 43.96 -13.24 -58.26
N VAL G 2 43.23 -14.20 -57.70
CA VAL G 2 41.78 -14.28 -57.88
C VAL G 2 41.12 -13.40 -56.82
N GLN G 3 40.27 -12.47 -57.25
CA GLN G 3 39.85 -11.41 -56.34
C GLN G 3 38.59 -10.72 -56.84
N LEU G 4 37.95 -9.98 -55.94
CA LEU G 4 36.88 -9.04 -56.23
C LEU G 4 37.30 -7.68 -55.67
N VAL G 5 37.24 -6.64 -56.51
CA VAL G 5 37.59 -5.29 -56.11
C VAL G 5 36.36 -4.41 -56.30
N GLN G 6 35.97 -3.71 -55.24
CA GLN G 6 34.76 -2.90 -55.23
C GLN G 6 35.10 -1.43 -55.50
N SER G 7 34.06 -0.61 -55.59
CA SER G 7 34.25 0.81 -55.83
C SER G 7 34.62 1.52 -54.52
N GLY G 8 35.02 2.79 -54.65
CA GLY G 8 35.51 3.54 -53.54
C GLY G 8 34.40 3.97 -52.59
N PRO G 9 34.78 4.64 -51.51
CA PRO G 9 33.79 5.09 -50.52
C PRO G 9 32.86 6.15 -51.09
N GLU G 10 31.63 6.16 -50.58
CA GLU G 10 30.61 7.09 -51.01
C GLU G 10 29.99 7.79 -49.80
N VAL G 11 29.58 9.04 -50.01
CA VAL G 11 28.76 9.79 -49.06
C VAL G 11 27.59 10.37 -49.83
N LYS G 12 26.38 10.11 -49.37
CA LYS G 12 25.16 10.47 -50.09
C LYS G 12 24.19 11.20 -49.18
N LYS G 13 23.52 12.20 -49.73
CA LYS G 13 22.41 12.84 -49.02
C LYS G 13 21.20 11.90 -48.99
N PRO G 14 20.33 12.04 -48.01
CA PRO G 14 19.14 11.17 -47.95
C PRO G 14 18.21 11.41 -49.12
N GLY G 15 17.40 10.38 -49.40
CA GLY G 15 16.55 10.35 -50.58
C GLY G 15 17.28 10.00 -51.87
N THR G 16 18.60 9.93 -51.84
CA THR G 16 19.43 9.67 -53.01
C THR G 16 19.54 8.16 -53.21
N SER G 17 20.22 7.75 -54.28
CA SER G 17 20.55 6.35 -54.51
C SER G 17 22.06 6.20 -54.60
N VAL G 18 22.53 4.96 -54.60
CA VAL G 18 23.96 4.66 -54.65
C VAL G 18 24.16 3.37 -55.42
N LYS G 19 25.21 3.33 -56.24
CA LYS G 19 25.55 2.16 -57.05
C LYS G 19 26.95 1.70 -56.70
N VAL G 20 27.05 0.49 -56.15
CA VAL G 20 28.33 -0.09 -55.77
C VAL G 20 28.68 -1.16 -56.79
N SER G 21 29.90 -1.10 -57.32
CA SER G 21 30.39 -2.06 -58.29
C SER G 21 31.28 -3.10 -57.63
N CYS G 22 31.47 -4.22 -58.32
CA CYS G 22 32.23 -5.36 -57.78
C CYS G 22 32.81 -6.13 -58.97
N LYS G 23 34.04 -5.78 -59.35
CA LYS G 23 34.69 -6.37 -60.52
C LYS G 23 35.52 -7.58 -60.11
N ALA G 24 35.33 -8.67 -60.83
CA ALA G 24 36.08 -9.90 -60.58
C ALA G 24 37.30 -9.97 -61.49
N SER G 25 38.21 -10.89 -61.14
CA SER G 25 39.42 -11.13 -61.91
C SER G 25 40.04 -12.42 -61.43
N GLY G 26 40.51 -13.24 -62.38
CA GLY G 26 41.26 -14.43 -62.04
C GLY G 26 40.48 -15.73 -62.00
N PHE G 27 39.17 -15.70 -62.25
CA PHE G 27 38.40 -16.93 -62.32
C PHE G 27 37.36 -16.80 -63.43
N THR G 28 36.48 -17.80 -63.53
CA THR G 28 35.47 -17.86 -64.58
C THR G 28 34.21 -17.18 -64.08
N PHE G 29 34.07 -15.90 -64.41
CA PHE G 29 32.97 -15.11 -63.86
C PHE G 29 31.63 -15.48 -64.47
N MET G 30 31.60 -15.89 -65.74
CA MET G 30 30.33 -16.16 -66.41
C MET G 30 29.61 -17.37 -65.83
N SER G 31 30.32 -18.24 -65.11
CA SER G 31 29.71 -19.40 -64.48
C SER G 31 29.35 -19.17 -63.01
N SER G 32 29.79 -18.06 -62.43
CA SER G 32 29.66 -17.83 -60.99
C SER G 32 28.41 -17.01 -60.68
N ALA G 33 28.33 -16.50 -59.44
CA ALA G 33 27.20 -15.73 -58.97
C ALA G 33 27.68 -14.81 -57.85
N VAL G 34 27.12 -13.61 -57.79
CA VAL G 34 27.53 -12.61 -56.81
C VAL G 34 26.38 -12.38 -55.83
N GLN G 35 26.72 -12.33 -54.54
CA GLN G 35 25.77 -11.94 -53.50
C GLN G 35 26.28 -10.69 -52.81
N TRP G 36 25.34 -9.88 -52.31
CA TRP G 36 25.63 -8.58 -51.73
C TRP G 36 25.20 -8.57 -50.27
N VAL G 37 26.08 -8.10 -49.40
CA VAL G 37 25.83 -8.06 -47.96
C VAL G 37 26.34 -6.73 -47.41
N ARG G 38 25.59 -6.13 -46.49
CA ARG G 38 25.99 -4.92 -45.81
C ARG G 38 26.08 -5.17 -44.30
N GLN G 39 26.95 -4.41 -43.63
CA GLN G 39 27.17 -4.57 -42.20
C GLN G 39 27.43 -3.20 -41.58
N ALA G 40 26.55 -2.79 -40.67
CA ALA G 40 26.75 -1.56 -39.94
C ALA G 40 27.79 -1.76 -38.84
N ARG G 41 28.31 -0.64 -38.33
CA ARG G 41 29.44 -0.68 -37.40
C ARG G 41 29.08 -1.47 -36.15
N GLY G 42 29.83 -2.55 -35.92
CA GLY G 42 29.59 -3.41 -34.77
C GLY G 42 28.20 -3.99 -34.75
N GLN G 43 27.72 -4.46 -35.91
CA GLN G 43 26.39 -5.02 -36.02
C GLN G 43 26.46 -6.28 -36.88
N ARG G 44 25.30 -6.91 -37.05
CA ARG G 44 25.21 -8.18 -37.75
C ARG G 44 25.33 -8.00 -39.26
N LEU G 45 25.63 -9.11 -39.94
CA LEU G 45 25.64 -9.11 -41.40
C LEU G 45 24.22 -9.11 -41.93
N GLU G 46 23.97 -8.28 -42.94
CA GLU G 46 22.63 -8.11 -43.50
C GLU G 46 22.67 -8.48 -44.99
N TRP G 47 21.96 -9.56 -45.34
CA TRP G 47 21.89 -9.99 -46.72
C TRP G 47 21.02 -9.04 -47.53
N ILE G 48 21.40 -8.85 -48.80
CA ILE G 48 20.70 -7.95 -49.70
C ILE G 48 20.06 -8.71 -50.86
N GLY G 49 20.74 -9.72 -51.39
CA GLY G 49 20.26 -10.40 -52.57
C GLY G 49 21.44 -11.01 -53.31
N TRP G 50 21.14 -11.57 -54.47
CA TRP G 50 22.20 -12.15 -55.29
C TRP G 50 21.76 -12.21 -56.74
N ILE G 51 22.72 -12.48 -57.62
CA ILE G 51 22.51 -12.55 -59.05
C ILE G 51 23.32 -13.71 -59.60
N VAL G 52 22.85 -14.29 -60.70
CA VAL G 52 23.55 -15.36 -61.40
C VAL G 52 24.13 -14.74 -62.66
N ILE G 53 25.47 -14.68 -62.73
CA ILE G 53 26.14 -13.89 -63.76
C ILE G 53 25.75 -14.36 -65.15
N GLY G 54 25.64 -15.68 -65.33
CA GLY G 54 25.29 -16.20 -66.65
C GLY G 54 23.89 -15.80 -67.09
N SER G 55 22.91 -15.99 -66.20
CA SER G 55 21.52 -15.73 -66.52
C SER G 55 21.11 -14.28 -66.24
N GLY G 56 21.64 -13.70 -65.16
CA GLY G 56 21.23 -12.37 -64.73
C GLY G 56 20.02 -12.35 -63.82
N ASN G 57 19.38 -13.50 -63.61
CA ASN G 57 18.21 -13.56 -62.73
C ASN G 57 18.59 -13.14 -61.31
N THR G 58 17.70 -12.39 -60.67
CA THR G 58 17.98 -11.79 -59.38
C THR G 58 16.97 -12.24 -58.34
N ASN G 59 17.39 -12.18 -57.07
CA ASN G 59 16.53 -12.51 -55.95
C ASN G 59 17.00 -11.67 -54.76
N TYR G 60 16.20 -10.68 -54.39
CA TYR G 60 16.50 -9.82 -53.26
C TYR G 60 15.78 -10.31 -52.02
N ALA G 61 16.23 -9.81 -50.87
CA ALA G 61 15.54 -10.10 -49.62
C ALA G 61 14.27 -9.27 -49.53
N GLN G 62 13.33 -9.75 -48.70
CA GLN G 62 12.04 -9.06 -48.56
C GLN G 62 12.23 -7.65 -48.02
N LYS G 63 13.26 -7.42 -47.22
CA LYS G 63 13.48 -6.10 -46.65
C LYS G 63 13.86 -5.08 -47.72
N PHE G 64 14.47 -5.53 -48.82
CA PHE G 64 14.98 -4.65 -49.86
C PHE G 64 14.29 -4.90 -51.20
N GLN G 65 13.07 -5.44 -51.18
CA GLN G 65 12.42 -5.83 -52.42
C GLN G 65 12.20 -4.65 -53.36
N GLU G 66 11.77 -3.51 -52.82
CA GLU G 66 11.50 -2.34 -53.66
C GLU G 66 12.76 -1.53 -53.95
N ARG G 67 13.71 -1.50 -53.01
CA ARG G 67 14.75 -0.49 -52.99
C ARG G 67 16.05 -0.90 -53.69
N VAL G 68 16.18 -2.17 -54.08
CA VAL G 68 17.47 -2.71 -54.51
C VAL G 68 17.37 -3.25 -55.94
N THR G 69 18.39 -2.94 -56.74
CA THR G 69 18.56 -3.51 -58.06
C THR G 69 19.97 -4.07 -58.16
N ILE G 70 20.09 -5.30 -58.64
CA ILE G 70 21.38 -5.96 -58.84
C ILE G 70 21.50 -6.34 -60.31
N THR G 71 22.57 -5.89 -60.95
CA THR G 71 22.83 -6.15 -62.36
C THR G 71 24.27 -6.59 -62.54
N ARG G 72 24.57 -7.10 -63.74
CA ARG G 72 25.93 -7.53 -64.07
C ARG G 72 26.28 -7.09 -65.48
N ASP G 73 27.58 -6.98 -65.73
CA ASP G 73 28.12 -6.59 -67.03
C ASP G 73 29.13 -7.66 -67.42
N MET G 74 28.74 -8.59 -68.29
CA MET G 74 29.57 -9.75 -68.59
C MET G 74 30.85 -9.36 -69.32
N SER G 75 30.85 -8.24 -70.04
CA SER G 75 32.05 -7.81 -70.76
C SER G 75 33.18 -7.49 -69.80
N THR G 76 32.92 -6.59 -68.86
CA THR G 76 33.91 -6.20 -67.86
C THR G 76 33.91 -7.12 -66.64
N SER G 77 33.03 -8.12 -66.60
CA SER G 77 32.94 -9.06 -65.48
C SER G 77 32.71 -8.34 -64.16
N THR G 78 31.74 -7.42 -64.16
CA THR G 78 31.44 -6.59 -63.00
C THR G 78 30.02 -6.82 -62.53
N ALA G 79 29.82 -6.81 -61.22
CA ALA G 79 28.51 -6.86 -60.60
C ALA G 79 28.20 -5.50 -59.98
N TYR G 80 26.94 -5.09 -60.06
CA TYR G 80 26.51 -3.80 -59.55
C TYR G 80 25.35 -3.97 -58.58
N MET G 81 25.33 -3.15 -57.54
CA MET G 81 24.24 -3.13 -56.55
C MET G 81 23.82 -1.69 -56.35
N GLU G 82 22.55 -1.39 -56.66
CA GLU G 82 21.99 -0.06 -56.48
C GLU G 82 20.95 -0.08 -55.37
N LEU G 83 21.01 0.93 -54.50
CA LEU G 83 20.13 1.03 -53.35
C LEU G 83 19.46 2.40 -53.37
N SER G 84 18.13 2.40 -53.49
CA SER G 84 17.35 3.62 -53.71
C SER G 84 16.83 4.19 -52.40
N SER G 85 16.44 5.47 -52.46
CA SER G 85 15.81 6.18 -51.34
C SER G 85 16.63 6.02 -50.06
N LEU G 86 17.89 6.44 -50.14
CA LEU G 86 18.84 6.22 -49.07
C LEU G 86 18.40 6.94 -47.80
N ARG G 87 18.38 6.21 -46.69
CA ARG G 87 18.03 6.74 -45.38
C ARG G 87 19.23 6.63 -44.44
N SER G 88 19.12 7.32 -43.30
CA SER G 88 20.20 7.29 -42.32
C SER G 88 20.48 5.89 -41.82
N GLU G 89 19.45 5.03 -41.78
CA GLU G 89 19.62 3.65 -41.35
C GLU G 89 20.44 2.82 -42.34
N ASP G 90 20.78 3.38 -43.50
CA ASP G 90 21.51 2.64 -44.52
C ASP G 90 23.02 2.80 -44.42
N THR G 91 23.50 3.70 -43.56
CA THR G 91 24.94 3.87 -43.36
C THR G 91 25.56 2.54 -42.93
N ALA G 92 26.36 1.93 -43.80
CA ALA G 92 26.90 0.60 -43.55
C ALA G 92 28.09 0.37 -44.46
N VAL G 93 28.63 -0.84 -44.39
CA VAL G 93 29.76 -1.27 -45.22
C VAL G 93 29.28 -2.44 -46.06
N TYR G 94 29.32 -2.28 -47.38
CA TYR G 94 28.68 -3.20 -48.31
C TYR G 94 29.73 -4.09 -48.96
N TYR G 95 29.59 -5.40 -48.79
CA TYR G 95 30.48 -6.39 -49.36
C TYR G 95 29.80 -7.11 -50.51
N CYS G 96 30.60 -7.61 -51.44
CA CYS G 96 30.17 -8.59 -52.42
C CYS G 96 30.93 -9.88 -52.20
N ALA G 97 30.36 -10.98 -52.67
CA ALA G 97 30.96 -12.29 -52.49
C ALA G 97 30.63 -13.16 -53.69
N ALA G 98 31.51 -14.13 -53.96
CA ALA G 98 31.34 -14.97 -55.14
C ALA G 98 32.07 -16.29 -54.91
N PRO G 99 31.53 -17.40 -55.42
CA PRO G 99 32.29 -18.66 -55.41
C PRO G 99 33.28 -18.72 -56.56
N TYR G 100 34.46 -19.27 -56.28
CA TYR G 100 35.42 -19.53 -57.33
C TYR G 100 34.85 -20.51 -58.35
N CYS G 101 35.23 -20.31 -59.61
CA CYS G 101 34.85 -21.20 -60.69
C CYS G 101 36.00 -21.32 -61.67
N SER G 102 36.32 -22.54 -62.05
CA SER G 102 37.29 -22.80 -63.10
C SER G 102 36.55 -23.04 -64.41
N SER G 103 37.26 -23.53 -65.41
CA SER G 103 36.59 -23.90 -66.65
C SER G 103 35.84 -25.21 -66.54
N ILE G 104 35.76 -25.76 -65.33
CA ILE G 104 35.20 -27.10 -65.12
C ILE G 104 33.99 -27.01 -64.19
N SER G 105 34.19 -26.48 -62.98
CA SER G 105 33.15 -26.50 -61.96
C SER G 105 33.24 -25.24 -61.12
N CYS G 106 32.33 -25.13 -60.15
CA CYS G 106 32.28 -24.02 -59.22
C CYS G 106 32.35 -24.54 -57.79
N ASN G 107 32.83 -23.67 -56.89
CA ASN G 107 32.88 -24.02 -55.48
C ASN G 107 31.50 -23.84 -54.85
N ASP G 108 31.31 -24.54 -53.73
CA ASP G 108 29.99 -24.66 -53.10
C ASP G 108 29.87 -23.77 -51.85
N GLY G 109 30.60 -22.66 -51.83
CA GLY G 109 30.46 -21.65 -50.81
C GLY G 109 30.89 -20.32 -51.37
N PHE G 110 30.66 -19.27 -50.60
CA PHE G 110 31.04 -17.91 -51.00
C PHE G 110 32.42 -17.64 -50.42
N ASP G 111 33.45 -18.06 -51.14
CA ASP G 111 34.83 -18.00 -50.65
C ASP G 111 35.54 -16.71 -51.00
N ILE G 112 35.25 -16.13 -52.17
CA ILE G 112 35.86 -14.87 -52.59
C ILE G 112 35.04 -13.72 -52.01
N TRP G 113 35.72 -12.68 -51.54
CA TRP G 113 35.05 -11.58 -50.85
C TRP G 113 35.75 -10.28 -51.19
N GLY G 114 34.99 -9.30 -51.69
CA GLY G 114 35.53 -7.98 -51.95
C GLY G 114 35.88 -7.25 -50.67
N GLN G 115 36.56 -6.11 -50.86
CA GLN G 115 37.08 -5.37 -49.71
C GLN G 115 36.00 -4.68 -48.91
N GLY G 116 34.83 -4.45 -49.47
CA GLY G 116 33.80 -3.69 -48.79
C GLY G 116 33.86 -2.22 -49.13
N THR G 117 32.69 -1.59 -49.15
CA THR G 117 32.54 -0.19 -49.53
C THR G 117 31.82 0.56 -48.42
N MET G 118 32.46 1.59 -47.89
CA MET G 118 31.87 2.43 -46.85
C MET G 118 30.87 3.39 -47.49
N VAL G 119 29.62 3.31 -47.06
CA VAL G 119 28.54 4.15 -47.57
C VAL G 119 27.97 4.93 -46.41
N THR G 120 28.21 6.24 -46.39
CA THR G 120 27.73 7.12 -45.33
C THR G 120 26.57 7.95 -45.87
N VAL G 121 25.43 7.86 -45.21
CA VAL G 121 24.22 8.57 -45.63
C VAL G 121 23.93 9.61 -44.54
N SER G 122 24.29 10.86 -44.80
CA SER G 122 24.05 11.96 -43.87
C SER G 122 23.83 13.24 -44.65
N SER G 123 23.10 14.16 -44.04
CA SER G 123 22.82 15.47 -44.62
C SER G 123 23.90 16.50 -44.32
N ALA G 124 25.00 16.09 -43.72
CA ALA G 124 26.08 16.99 -43.40
C ALA G 124 26.92 17.30 -44.64
N SER G 125 27.79 18.29 -44.52
CA SER G 125 28.77 18.63 -45.54
C SER G 125 30.17 18.40 -45.00
N THR G 126 31.14 18.35 -45.91
CA THR G 126 32.51 18.03 -45.53
C THR G 126 33.10 19.15 -44.68
N LYS G 127 33.62 18.78 -43.51
CA LYS G 127 34.21 19.75 -42.59
C LYS G 127 35.33 19.09 -41.80
N GLY G 128 36.49 19.74 -41.79
CA GLY G 128 37.65 19.22 -41.11
C GLY G 128 37.51 19.27 -39.60
N PRO G 129 38.30 18.46 -38.91
CA PRO G 129 38.10 18.30 -37.46
C PRO G 129 38.83 19.36 -36.67
N SER G 130 38.22 19.76 -35.55
CA SER G 130 38.89 20.54 -34.53
C SER G 130 39.52 19.59 -33.52
N VAL G 131 40.81 19.77 -33.26
CA VAL G 131 41.55 18.91 -32.36
C VAL G 131 41.90 19.72 -31.11
N PHE G 132 41.53 19.19 -29.95
CA PHE G 132 41.79 19.84 -28.67
C PHE G 132 42.67 18.95 -27.80
N PRO G 133 43.60 19.54 -27.06
CA PRO G 133 44.48 18.73 -26.21
C PRO G 133 43.77 18.21 -24.97
N LEU G 134 44.27 17.08 -24.48
CA LEU G 134 43.86 16.51 -23.20
C LEU G 134 45.03 16.67 -22.23
N ALA G 135 44.83 17.46 -21.18
CA ALA G 135 45.94 17.91 -20.36
C ALA G 135 46.49 16.77 -19.51
N PRO G 136 47.82 16.58 -19.48
CA PRO G 136 48.38 15.53 -18.63
C PRO G 136 48.09 15.73 -17.16
N SER G 137 48.33 16.93 -16.63
CA SER G 137 48.07 17.27 -15.23
C SER G 137 48.79 16.32 -14.27
N GLY G 143 57.08 2.77 -11.41
CA GLY G 143 57.37 4.12 -10.94
C GLY G 143 56.12 4.96 -10.81
N GLY G 144 55.63 5.47 -11.93
CA GLY G 144 54.44 6.30 -11.95
C GLY G 144 54.05 6.71 -13.35
N THR G 145 52.88 6.30 -13.80
CA THR G 145 52.45 6.50 -15.17
C THR G 145 51.17 7.33 -15.19
N ALA G 146 51.20 8.45 -15.90
CA ALA G 146 50.03 9.27 -16.19
C ALA G 146 49.73 9.21 -17.69
N ALA G 147 48.63 9.83 -18.08
CA ALA G 147 48.14 9.72 -19.46
C ALA G 147 47.78 11.09 -20.01
N LEU G 148 47.83 11.18 -21.35
CA LEU G 148 47.46 12.39 -22.07
C LEU G 148 46.86 11.97 -23.41
N GLY G 149 46.33 12.95 -24.13
CA GLY G 149 45.74 12.67 -25.43
C GLY G 149 45.30 13.94 -26.13
N CYS G 150 44.53 13.74 -27.20
CA CYS G 150 43.95 14.85 -27.94
C CYS G 150 42.59 14.41 -28.47
N LEU G 151 41.61 15.31 -28.37
CA LEU G 151 40.23 15.04 -28.75
C LEU G 151 39.96 15.61 -30.14
N VAL G 152 39.55 14.75 -31.07
CA VAL G 152 39.30 15.14 -32.45
C VAL G 152 37.79 15.24 -32.62
N LYS G 153 37.26 16.44 -32.45
CA LYS G 153 35.82 16.66 -32.39
C LYS G 153 35.31 17.36 -33.65
N ASP G 154 34.06 17.06 -33.99
CA ASP G 154 33.33 17.72 -35.08
C ASP G 154 34.03 17.55 -36.42
N TYR G 155 33.76 16.44 -37.12
CA TYR G 155 34.31 16.22 -38.45
C TYR G 155 33.39 15.31 -39.23
N PHE G 156 33.52 15.37 -40.56
CA PHE G 156 32.66 14.63 -41.49
C PHE G 156 33.26 14.63 -42.88
N PRO G 157 33.28 13.48 -43.57
CA PRO G 157 32.85 12.19 -43.02
C PRO G 157 33.99 11.43 -42.37
N GLU G 158 33.72 10.26 -41.82
CA GLU G 158 34.79 9.38 -41.40
C GLU G 158 35.56 8.90 -42.64
N PRO G 159 36.83 8.50 -42.48
CA PRO G 159 37.62 8.33 -41.26
C PRO G 159 38.59 9.46 -40.93
N VAL G 160 39.13 9.41 -39.72
CA VAL G 160 40.23 10.27 -39.28
C VAL G 160 41.40 9.38 -38.88
N THR G 161 42.60 9.85 -39.17
CA THR G 161 43.83 9.09 -38.93
C THR G 161 44.64 9.77 -37.84
N VAL G 162 45.08 8.99 -36.86
CA VAL G 162 45.80 9.51 -35.70
C VAL G 162 47.16 8.84 -35.62
N SER G 163 48.21 9.65 -35.46
CA SER G 163 49.57 9.15 -35.24
C SER G 163 50.21 10.01 -34.16
N TRP G 164 50.81 9.36 -33.16
CA TRP G 164 51.55 10.05 -32.12
C TRP G 164 53.03 10.13 -32.51
N ASN G 165 53.51 11.35 -32.72
CA ASN G 165 54.92 11.61 -33.06
C ASN G 165 55.33 10.93 -34.37
N SER G 166 54.40 10.91 -35.33
CA SER G 166 54.67 10.48 -36.70
C SER G 166 55.23 9.05 -36.75
N GLY G 167 54.68 8.17 -35.91
CA GLY G 167 55.06 6.79 -35.86
C GLY G 167 56.05 6.43 -34.77
N ALA G 168 56.69 7.43 -34.16
CA ALA G 168 57.67 7.14 -33.12
C ALA G 168 57.02 6.56 -31.87
N LEU G 169 55.81 6.99 -31.55
CA LEU G 169 55.10 6.54 -30.35
C LEU G 169 54.00 5.57 -30.77
N THR G 170 54.12 4.32 -30.30
CA THR G 170 53.14 3.29 -30.64
C THR G 170 52.67 2.55 -29.40
N SER G 171 53.62 2.17 -28.54
CA SER G 171 53.27 1.43 -27.33
C SER G 171 52.42 2.27 -26.40
N GLY G 172 51.39 1.65 -25.83
CA GLY G 172 50.52 2.34 -24.90
C GLY G 172 49.56 3.32 -25.51
N VAL G 173 49.43 3.33 -26.84
CA VAL G 173 48.54 4.27 -27.52
C VAL G 173 47.19 3.60 -27.76
N HIS G 174 46.12 4.27 -27.34
CA HIS G 174 44.76 3.82 -27.59
C HIS G 174 44.01 4.94 -28.31
N THR G 175 43.53 4.65 -29.52
CA THR G 175 42.70 5.57 -30.29
C THR G 175 41.33 4.93 -30.45
N PHE G 176 40.33 5.54 -29.82
CA PHE G 176 39.02 4.94 -29.67
C PHE G 176 38.20 5.08 -30.94
N PRO G 177 37.14 4.29 -31.10
CA PRO G 177 36.25 4.48 -32.25
C PRO G 177 35.55 5.83 -32.17
N ALA G 178 35.27 6.39 -33.35
CA ALA G 178 34.54 7.64 -33.41
C ALA G 178 33.11 7.43 -32.93
N VAL G 179 32.40 8.54 -32.72
CA VAL G 179 31.00 8.49 -32.31
C VAL G 179 30.31 9.72 -32.88
N LEU G 180 29.10 9.49 -33.40
CA LEU G 180 28.35 10.52 -34.11
C LEU G 180 27.52 11.34 -33.12
N GLN G 181 27.71 12.66 -33.14
CA GLN G 181 26.99 13.55 -32.25
C GLN G 181 25.61 13.88 -32.81
N SER G 182 24.75 14.37 -31.92
CA SER G 182 23.38 14.72 -32.32
C SER G 182 23.35 15.78 -33.41
N SER G 183 24.46 16.52 -33.60
CA SER G 183 24.55 17.53 -34.63
C SER G 183 25.16 17.01 -35.92
N GLY G 184 25.18 15.68 -36.11
CA GLY G 184 25.55 15.08 -37.38
C GLY G 184 27.03 14.85 -37.60
N LEU G 185 27.90 15.37 -36.73
CA LEU G 185 29.33 15.23 -36.91
C LEU G 185 29.89 14.20 -35.93
N TYR G 186 31.09 13.70 -36.26
CA TYR G 186 31.76 12.71 -35.43
C TYR G 186 32.72 13.37 -34.44
N SER G 187 33.23 12.56 -33.52
CA SER G 187 34.22 12.98 -32.54
C SER G 187 34.84 11.77 -31.85
N LEU G 188 36.16 11.65 -31.90
CA LEU G 188 36.83 10.55 -31.22
C LEU G 188 37.95 11.08 -30.34
N SER G 189 38.37 10.24 -29.39
CA SER G 189 39.49 10.55 -28.51
C SER G 189 40.65 9.63 -28.84
N SER G 190 41.86 10.12 -28.59
CA SER G 190 43.08 9.36 -28.83
C SER G 190 44.04 9.63 -27.68
N VAL G 191 44.17 8.66 -26.77
CA VAL G 191 44.94 8.83 -25.56
C VAL G 191 46.22 8.00 -25.64
N VAL G 192 47.08 8.17 -24.64
CA VAL G 192 48.35 7.44 -24.56
C VAL G 192 48.85 7.55 -23.13
N THR G 193 49.48 6.48 -22.65
CA THR G 193 50.04 6.42 -21.30
C THR G 193 51.55 6.61 -21.40
N VAL G 194 52.06 7.68 -20.79
CA VAL G 194 53.48 8.00 -20.85
C VAL G 194 54.05 8.01 -19.44
N PRO G 195 55.34 7.74 -19.26
CA PRO G 195 55.92 7.80 -17.90
C PRO G 195 55.96 9.23 -17.38
N SER G 196 55.79 9.35 -16.07
CA SER G 196 55.65 10.66 -15.44
C SER G 196 56.91 11.50 -15.62
N SER G 197 58.08 10.87 -15.60
CA SER G 197 59.33 11.61 -15.67
C SER G 197 59.58 12.19 -17.06
N SER G 198 58.97 11.61 -18.11
CA SER G 198 59.24 12.03 -19.48
C SER G 198 58.46 13.27 -19.89
N LEU G 199 57.65 13.84 -19.00
CA LEU G 199 56.78 14.96 -19.38
C LEU G 199 57.60 16.17 -19.81
N GLY G 200 58.62 16.52 -19.04
CA GLY G 200 59.43 17.68 -19.36
C GLY G 200 60.50 17.40 -20.39
N THR G 201 61.07 16.20 -20.37
CA THR G 201 62.21 15.90 -21.22
C THR G 201 61.79 15.68 -22.67
N GLN G 202 60.63 15.09 -22.89
CA GLN G 202 60.21 14.67 -24.23
C GLN G 202 58.94 15.42 -24.65
N THR G 203 58.90 15.80 -25.92
CA THR G 203 57.73 16.46 -26.49
C THR G 203 56.80 15.42 -27.12
N TYR G 204 55.50 15.66 -26.97
CA TYR G 204 54.47 14.73 -27.42
C TYR G 204 53.51 15.47 -28.34
N ILE G 205 53.58 15.17 -29.64
CA ILE G 205 52.76 15.83 -30.64
C ILE G 205 51.89 14.78 -31.32
N CYS G 206 50.58 15.02 -31.32
CA CYS G 206 49.63 14.08 -31.92
C CYS G 206 49.27 14.56 -33.32
N ASN G 207 49.49 13.71 -34.31
CA ASN G 207 49.17 14.02 -35.69
C ASN G 207 47.76 13.56 -36.01
N VAL G 208 46.99 14.43 -36.68
CA VAL G 208 45.60 14.15 -37.03
C VAL G 208 45.43 14.46 -38.51
N ASN G 209 45.07 13.45 -39.29
CA ASN G 209 44.82 13.59 -40.71
C ASN G 209 43.36 13.31 -41.01
N HIS G 210 42.89 13.85 -42.13
CA HIS G 210 41.48 13.73 -42.53
C HIS G 210 41.43 14.07 -44.02
N LYS G 211 41.60 13.03 -44.84
CA LYS G 211 41.75 13.24 -46.28
C LYS G 211 40.52 13.83 -46.98
N PRO G 212 39.28 13.47 -46.64
CA PRO G 212 38.13 14.08 -47.35
C PRO G 212 38.17 15.59 -47.44
N SER G 213 38.54 16.28 -46.35
CA SER G 213 38.76 17.71 -46.39
C SER G 213 40.23 18.08 -46.56
N ASN G 214 41.12 17.08 -46.55
CA ASN G 214 42.57 17.29 -46.65
C ASN G 214 43.06 18.26 -45.58
N THR G 215 42.49 18.15 -44.38
CA THR G 215 42.87 19.00 -43.25
C THR G 215 43.78 18.20 -42.34
N LYS G 216 45.09 18.29 -42.59
CA LYS G 216 46.08 17.63 -41.76
C LYS G 216 46.56 18.60 -40.68
N VAL G 217 46.70 18.09 -39.46
CA VAL G 217 47.01 18.93 -38.31
C VAL G 217 47.92 18.17 -37.36
N ASP G 218 48.91 18.87 -36.80
CA ASP G 218 49.72 18.37 -35.70
C ASP G 218 49.41 19.18 -34.45
N LYS G 219 49.40 18.51 -33.30
CA LYS G 219 49.11 19.16 -32.03
C LYS G 219 50.03 18.60 -30.95
N LYS G 220 50.92 19.45 -30.44
CA LYS G 220 51.75 19.09 -29.30
C LYS G 220 50.95 19.31 -28.02
N VAL G 221 51.38 18.64 -26.96
CA VAL G 221 50.68 18.73 -25.68
C VAL G 221 51.69 18.65 -24.55
N GLU G 222 51.59 19.59 -23.62
CA GLU G 222 52.39 19.66 -22.41
C GLU G 222 51.48 20.32 -21.38
N PRO G 223 51.54 19.90 -20.11
CA PRO G 223 50.59 20.35 -19.07
C PRO G 223 50.52 21.86 -18.92
N VAL H 2 -34.86 -49.31 -31.80
CA VAL H 2 -35.69 -48.15 -31.55
C VAL H 2 -36.88 -48.14 -32.51
N GLN H 3 -38.03 -47.66 -32.04
CA GLN H 3 -39.24 -47.69 -32.86
C GLN H 3 -40.34 -46.87 -32.19
N LEU H 4 -41.38 -46.59 -32.99
CA LEU H 4 -42.63 -46.02 -32.53
C LEU H 4 -43.76 -46.92 -33.00
N VAL H 5 -44.57 -47.42 -32.06
CA VAL H 5 -45.67 -48.32 -32.35
C VAL H 5 -46.97 -47.60 -32.06
N GLN H 6 -47.82 -47.47 -33.08
CA GLN H 6 -49.08 -46.76 -32.97
C GLN H 6 -50.22 -47.75 -32.75
N SER H 7 -51.36 -47.19 -32.34
CA SER H 7 -52.56 -48.00 -32.10
C SER H 7 -53.11 -48.55 -33.41
N GLY H 8 -54.17 -49.34 -33.30
CA GLY H 8 -54.76 -49.99 -34.45
C GLY H 8 -55.72 -49.10 -35.21
N PRO H 9 -56.34 -49.65 -36.25
CA PRO H 9 -57.26 -48.87 -37.07
C PRO H 9 -58.55 -48.56 -36.34
N GLU H 10 -59.20 -47.48 -36.78
CA GLU H 10 -60.42 -47.00 -36.16
C GLU H 10 -61.47 -46.67 -37.23
N VAL H 11 -62.73 -46.87 -36.86
CA VAL H 11 -63.87 -46.41 -37.64
C VAL H 11 -64.73 -45.56 -36.71
N LYS H 12 -64.96 -44.31 -37.10
CA LYS H 12 -65.63 -43.34 -36.24
C LYS H 12 -66.79 -42.69 -36.97
N LYS H 13 -67.92 -42.58 -36.27
CA LYS H 13 -69.07 -41.87 -36.80
C LYS H 13 -68.83 -40.37 -36.75
N PRO H 14 -69.41 -39.61 -37.67
CA PRO H 14 -69.13 -38.17 -37.73
C PRO H 14 -69.52 -37.45 -36.44
N GLY H 15 -68.76 -36.43 -36.09
CA GLY H 15 -68.97 -35.66 -34.88
C GLY H 15 -68.32 -36.21 -33.64
N THR H 16 -67.70 -37.39 -33.72
CA THR H 16 -67.11 -38.01 -32.54
C THR H 16 -65.68 -37.55 -32.32
N SER H 17 -64.82 -38.42 -31.80
CA SER H 17 -63.42 -38.11 -31.56
C SER H 17 -62.59 -39.35 -31.81
N VAL H 18 -61.29 -39.15 -31.93
CA VAL H 18 -60.34 -40.26 -32.12
C VAL H 18 -59.05 -39.89 -31.41
N LYS H 19 -58.43 -40.91 -30.79
CA LYS H 19 -57.20 -40.73 -30.02
C LYS H 19 -56.20 -41.80 -30.45
N VAL H 20 -55.14 -41.39 -31.13
CA VAL H 20 -54.08 -42.28 -31.60
C VAL H 20 -52.90 -42.17 -30.65
N SER H 21 -52.30 -43.30 -30.32
CA SER H 21 -51.17 -43.38 -29.42
C SER H 21 -49.88 -43.62 -30.19
N CYS H 22 -48.76 -43.25 -29.55
CA CYS H 22 -47.42 -43.38 -30.13
C CYS H 22 -46.48 -43.77 -28.99
N LYS H 23 -46.33 -45.08 -28.76
CA LYS H 23 -45.52 -45.60 -27.66
C LYS H 23 -44.12 -45.91 -28.16
N ALA H 24 -43.13 -45.21 -27.60
CA ALA H 24 -41.74 -45.34 -28.02
C ALA H 24 -41.04 -46.46 -27.28
N SER H 25 -39.92 -46.90 -27.86
CA SER H 25 -39.03 -47.86 -27.22
C SER H 25 -37.69 -47.82 -27.94
N GLY H 26 -36.61 -47.94 -27.18
CA GLY H 26 -35.28 -48.03 -27.74
C GLY H 26 -34.39 -46.82 -27.53
N PHE H 27 -34.97 -45.64 -27.31
CA PHE H 27 -34.17 -44.41 -27.20
C PHE H 27 -34.64 -43.59 -26.01
N THR H 28 -33.86 -42.56 -25.68
CA THR H 28 -34.17 -41.66 -24.58
C THR H 28 -35.37 -40.79 -24.95
N PHE H 29 -36.57 -41.26 -24.57
CA PHE H 29 -37.79 -40.57 -24.97
C PHE H 29 -37.95 -39.24 -24.24
N MET H 30 -37.42 -39.12 -23.02
CA MET H 30 -37.56 -37.89 -22.25
C MET H 30 -36.99 -36.69 -22.99
N SER H 31 -35.89 -36.89 -23.72
CA SER H 31 -35.21 -35.83 -24.44
C SER H 31 -35.79 -35.58 -25.83
N SER H 32 -36.82 -36.30 -26.23
CA SER H 32 -37.30 -36.30 -27.60
C SER H 32 -38.49 -35.36 -27.77
N ALA H 33 -39.04 -35.35 -28.98
CA ALA H 33 -40.23 -34.60 -29.32
C ALA H 33 -41.00 -35.38 -30.38
N VAL H 34 -42.33 -35.25 -30.36
CA VAL H 34 -43.19 -36.06 -31.20
C VAL H 34 -44.09 -35.14 -32.01
N GLN H 35 -44.02 -35.24 -33.34
CA GLN H 35 -44.92 -34.53 -34.23
C GLN H 35 -45.94 -35.50 -34.82
N TRP H 36 -47.05 -34.95 -35.29
CA TRP H 36 -48.16 -35.72 -35.83
C TRP H 36 -48.47 -35.24 -37.24
N VAL H 37 -48.62 -36.19 -38.17
CA VAL H 37 -48.84 -35.91 -39.58
C VAL H 37 -49.88 -36.89 -40.10
N ARG H 38 -50.79 -36.40 -40.95
CA ARG H 38 -51.78 -37.24 -41.60
C ARG H 38 -51.62 -37.15 -43.12
N GLN H 39 -52.16 -38.14 -43.80
CA GLN H 39 -52.08 -38.22 -45.27
C GLN H 39 -53.22 -39.08 -45.76
N ALA H 40 -54.07 -38.50 -46.61
CA ALA H 40 -55.19 -39.24 -47.19
C ALA H 40 -54.68 -40.14 -48.31
N ARG H 41 -55.60 -40.90 -48.90
CA ARG H 41 -55.23 -41.88 -49.92
C ARG H 41 -54.75 -41.16 -51.17
N GLY H 42 -53.43 -41.21 -51.41
CA GLY H 42 -52.82 -40.60 -52.56
C GLY H 42 -52.41 -39.16 -52.38
N GLN H 43 -53.01 -38.44 -51.43
CA GLN H 43 -52.77 -37.00 -51.29
C GLN H 43 -51.47 -36.74 -50.54
N ARG H 44 -51.26 -35.47 -50.19
CA ARG H 44 -50.02 -34.98 -49.60
C ARG H 44 -49.97 -35.25 -48.10
N LEU H 45 -48.81 -34.97 -47.50
CA LEU H 45 -48.64 -35.06 -46.06
C LEU H 45 -49.15 -33.76 -45.41
N GLU H 46 -49.92 -33.92 -44.33
CA GLU H 46 -50.51 -32.78 -43.63
C GLU H 46 -49.99 -32.75 -42.19
N TRP H 47 -49.30 -31.66 -41.83
CA TRP H 47 -48.80 -31.50 -40.47
C TRP H 47 -49.93 -31.15 -39.52
N ILE H 48 -49.95 -31.80 -38.36
CA ILE H 48 -51.05 -31.67 -37.41
C ILE H 48 -50.58 -30.86 -36.21
N GLY H 49 -49.33 -31.04 -35.86
CA GLY H 49 -48.76 -30.35 -34.71
C GLY H 49 -47.66 -31.20 -34.11
N TRP H 50 -47.14 -30.71 -32.98
CA TRP H 50 -46.09 -31.42 -32.30
C TRP H 50 -46.13 -31.11 -30.81
N ILE H 51 -45.30 -31.83 -30.06
CA ILE H 51 -45.23 -31.74 -28.60
C ILE H 51 -43.77 -31.89 -28.19
N VAL H 52 -43.44 -31.33 -27.02
CA VAL H 52 -42.13 -31.45 -26.40
C VAL H 52 -42.26 -32.38 -25.20
N ILE H 53 -41.58 -33.52 -25.26
CA ILE H 53 -41.76 -34.55 -24.25
C ILE H 53 -41.31 -34.04 -22.89
N GLY H 54 -40.27 -33.21 -22.86
CA GLY H 54 -39.79 -32.69 -21.59
C GLY H 54 -40.80 -31.79 -20.91
N SER H 55 -41.33 -30.82 -21.65
CA SER H 55 -42.20 -29.81 -21.07
C SER H 55 -43.69 -30.11 -21.25
N GLY H 56 -44.05 -31.00 -22.17
CA GLY H 56 -45.44 -31.20 -22.52
C GLY H 56 -46.04 -30.08 -23.35
N ASN H 57 -45.31 -28.98 -23.51
CA ASN H 57 -45.78 -27.86 -24.31
C ASN H 57 -46.08 -28.31 -25.74
N THR H 58 -47.11 -27.71 -26.34
CA THR H 58 -47.56 -28.09 -27.65
C THR H 58 -47.65 -26.87 -28.56
N ASN H 59 -47.64 -27.14 -29.86
CA ASN H 59 -47.95 -26.15 -30.89
C ASN H 59 -48.70 -26.86 -32.00
N TYR H 60 -49.86 -26.33 -32.37
CA TYR H 60 -50.72 -26.95 -33.37
C TYR H 60 -50.74 -26.12 -34.64
N ALA H 61 -51.20 -26.75 -35.73
CA ALA H 61 -51.35 -26.04 -36.98
C ALA H 61 -52.58 -25.14 -36.93
N GLN H 62 -52.54 -24.06 -37.71
CA GLN H 62 -53.69 -23.16 -37.81
C GLN H 62 -54.96 -23.91 -38.19
N LYS H 63 -54.86 -24.83 -39.14
CA LYS H 63 -56.03 -25.54 -39.64
C LYS H 63 -56.62 -26.50 -38.61
N PHE H 64 -55.88 -26.85 -37.56
CA PHE H 64 -56.34 -27.82 -36.59
C PHE H 64 -56.47 -27.25 -35.18
N GLN H 65 -56.20 -25.97 -34.97
CA GLN H 65 -55.96 -25.45 -33.63
C GLN H 65 -57.16 -25.60 -32.69
N GLU H 66 -58.36 -25.80 -33.21
CA GLU H 66 -59.52 -25.86 -32.32
C GLU H 66 -59.80 -27.27 -31.81
N ARG H 67 -59.57 -28.29 -32.63
CA ARG H 67 -60.11 -29.62 -32.40
C ARG H 67 -59.04 -30.71 -32.31
N VAL H 68 -57.82 -30.34 -31.94
CA VAL H 68 -56.75 -31.31 -31.74
C VAL H 68 -56.11 -31.05 -30.39
N THR H 69 -55.67 -32.12 -29.75
CA THR H 69 -54.97 -32.02 -28.46
C THR H 69 -53.92 -33.12 -28.40
N ILE H 70 -52.66 -32.73 -28.42
CA ILE H 70 -51.54 -33.66 -28.30
C ILE H 70 -51.06 -33.65 -26.86
N THR H 71 -50.97 -34.83 -26.26
CA THR H 71 -50.49 -35.00 -24.89
C THR H 71 -49.40 -36.07 -24.87
N ARG H 72 -48.74 -36.21 -23.73
CA ARG H 72 -47.80 -37.31 -23.54
C ARG H 72 -47.95 -37.87 -22.14
N ASP H 73 -47.62 -39.15 -22.02
CA ASP H 73 -47.55 -39.84 -20.73
C ASP H 73 -46.11 -40.28 -20.54
N MET H 74 -45.39 -39.58 -19.64
CA MET H 74 -43.96 -39.82 -19.51
C MET H 74 -43.66 -41.20 -18.93
N SER H 75 -44.59 -41.76 -18.13
CA SER H 75 -44.36 -43.07 -17.54
C SER H 75 -44.32 -44.15 -18.60
N THR H 76 -45.31 -44.17 -19.49
CA THR H 76 -45.45 -45.22 -20.49
C THR H 76 -44.76 -44.89 -21.81
N SER H 77 -44.01 -43.79 -21.87
CA SER H 77 -43.26 -43.40 -23.06
C SER H 77 -44.17 -43.29 -24.28
N THR H 78 -45.30 -42.61 -24.11
CA THR H 78 -46.34 -42.55 -25.11
C THR H 78 -46.79 -41.11 -25.34
N ALA H 79 -46.98 -40.77 -26.61
CA ALA H 79 -47.66 -39.54 -27.02
C ALA H 79 -49.03 -39.91 -27.58
N TYR H 80 -50.02 -39.10 -27.26
CA TYR H 80 -51.39 -39.31 -27.74
C TYR H 80 -51.83 -38.08 -28.52
N MET H 81 -52.62 -38.32 -29.58
CA MET H 81 -53.20 -37.24 -30.37
C MET H 81 -54.70 -37.47 -30.45
N GLU H 82 -55.47 -36.47 -30.02
CA GLU H 82 -56.92 -36.51 -30.09
C GLU H 82 -57.42 -35.54 -31.15
N LEU H 83 -58.40 -35.96 -31.93
CA LEU H 83 -59.01 -35.13 -32.96
C LEU H 83 -60.52 -35.19 -32.79
N SER H 84 -61.14 -34.05 -32.49
CA SER H 84 -62.56 -33.98 -32.20
C SER H 84 -63.34 -33.43 -33.39
N SER H 85 -64.65 -33.70 -33.39
CA SER H 85 -65.57 -33.22 -34.42
C SER H 85 -65.14 -33.71 -35.82
N LEU H 86 -65.16 -35.03 -35.97
CA LEU H 86 -64.65 -35.67 -37.18
C LEU H 86 -65.63 -35.51 -38.34
N ARG H 87 -65.11 -35.15 -39.50
CA ARG H 87 -65.88 -34.98 -40.73
C ARG H 87 -65.41 -35.99 -41.77
N SER H 88 -66.09 -36.00 -42.91
CA SER H 88 -65.72 -36.89 -44.02
C SER H 88 -64.26 -36.68 -44.41
N GLU H 89 -63.85 -35.42 -44.54
CA GLU H 89 -62.51 -35.05 -44.98
C GLU H 89 -61.42 -35.46 -44.01
N ASP H 90 -61.77 -35.94 -42.82
CA ASP H 90 -60.76 -36.35 -41.85
C ASP H 90 -60.27 -37.78 -42.08
N THR H 91 -60.97 -38.57 -42.90
CA THR H 91 -60.54 -39.93 -43.19
C THR H 91 -59.16 -39.92 -43.84
N ALA H 92 -58.19 -40.53 -43.17
CA ALA H 92 -56.80 -40.51 -43.63
C ALA H 92 -56.00 -41.53 -42.81
N VAL H 93 -54.70 -41.61 -43.09
CA VAL H 93 -53.75 -42.39 -42.31
C VAL H 93 -52.90 -41.40 -41.52
N TYR H 94 -52.75 -41.65 -40.22
CA TYR H 94 -52.10 -40.73 -39.32
C TYR H 94 -50.76 -41.28 -38.87
N TYR H 95 -49.76 -40.40 -38.80
CA TYR H 95 -48.39 -40.78 -38.49
C TYR H 95 -47.87 -39.95 -37.32
N CYS H 96 -47.05 -40.57 -36.49
CA CYS H 96 -46.26 -39.88 -35.48
C CYS H 96 -44.78 -40.08 -35.78
N ALA H 97 -43.97 -39.09 -35.40
CA ALA H 97 -42.55 -39.13 -35.72
C ALA H 97 -41.77 -38.44 -34.60
N ALA H 98 -40.52 -38.85 -34.45
CA ALA H 98 -39.66 -38.33 -33.39
C ALA H 98 -38.21 -38.43 -33.83
N PRO H 99 -37.33 -37.58 -33.32
CA PRO H 99 -35.90 -37.78 -33.54
C PRO H 99 -35.33 -38.78 -32.56
N TYR H 100 -34.33 -39.53 -33.02
CA TYR H 100 -33.60 -40.39 -32.09
C TYR H 100 -32.89 -39.53 -31.06
N CYS H 101 -32.87 -40.01 -29.82
CA CYS H 101 -32.17 -39.33 -28.75
C CYS H 101 -31.43 -40.36 -27.90
N SER H 102 -30.24 -39.98 -27.45
CA SER H 102 -29.45 -40.77 -26.52
C SER H 102 -29.47 -40.08 -25.15
N SER H 103 -28.69 -40.64 -24.22
CA SER H 103 -28.51 -39.98 -22.94
C SER H 103 -27.66 -38.72 -23.05
N ILE H 104 -27.06 -38.47 -24.22
CA ILE H 104 -26.22 -37.31 -24.44
C ILE H 104 -26.96 -36.24 -25.23
N SER H 105 -27.37 -36.59 -26.45
CA SER H 105 -27.86 -35.60 -27.41
C SER H 105 -29.02 -36.18 -28.20
N CYS H 106 -29.53 -35.38 -29.14
CA CYS H 106 -30.61 -35.78 -30.03
C CYS H 106 -30.22 -35.46 -31.47
N ASN H 107 -30.68 -36.30 -32.39
CA ASN H 107 -30.50 -36.01 -33.80
C ASN H 107 -31.36 -34.82 -34.19
N ASP H 108 -30.98 -34.18 -35.30
CA ASP H 108 -31.58 -32.91 -35.73
C ASP H 108 -32.59 -33.12 -36.84
N GLY H 109 -33.42 -34.14 -36.72
CA GLY H 109 -34.42 -34.42 -37.73
C GLY H 109 -35.26 -35.61 -37.30
N PHE H 110 -36.42 -35.74 -37.95
CA PHE H 110 -37.40 -36.77 -37.59
C PHE H 110 -37.07 -38.04 -38.36
N ASP H 111 -36.25 -38.90 -37.76
CA ASP H 111 -35.84 -40.16 -38.37
C ASP H 111 -36.69 -41.35 -37.91
N ILE H 112 -37.26 -41.30 -36.71
CA ILE H 112 -38.07 -42.39 -36.19
C ILE H 112 -39.53 -42.11 -36.54
N TRP H 113 -40.18 -43.07 -37.20
CA TRP H 113 -41.55 -42.93 -37.63
C TRP H 113 -42.37 -44.14 -37.18
N GLY H 114 -43.68 -43.94 -37.07
CA GLY H 114 -44.58 -45.00 -36.68
C GLY H 114 -45.18 -45.72 -37.87
N GLN H 115 -45.85 -46.84 -37.58
CA GLN H 115 -46.44 -47.67 -38.63
C GLN H 115 -47.67 -47.04 -39.26
N GLY H 116 -48.24 -46.01 -38.64
CA GLY H 116 -49.44 -45.40 -39.19
C GLY H 116 -50.71 -45.97 -38.58
N THR H 117 -51.75 -45.14 -38.58
CA THR H 117 -53.05 -45.52 -38.04
C THR H 117 -54.13 -45.08 -39.01
N MET H 118 -54.89 -46.04 -39.52
CA MET H 118 -55.98 -45.76 -40.45
C MET H 118 -57.22 -45.36 -39.65
N VAL H 119 -57.65 -44.11 -39.81
CA VAL H 119 -58.86 -43.61 -39.19
C VAL H 119 -59.88 -43.37 -40.31
N THR H 120 -60.97 -44.13 -40.28
CA THR H 120 -62.04 -44.03 -41.26
C THR H 120 -63.23 -43.34 -40.60
N VAL H 121 -63.62 -42.18 -41.13
CA VAL H 121 -64.78 -41.46 -40.62
C VAL H 121 -65.91 -41.65 -41.62
N SER H 122 -66.99 -42.30 -41.16
CA SER H 122 -68.12 -42.59 -42.03
C SER H 122 -69.32 -42.96 -41.16
N SER H 123 -70.50 -42.82 -41.75
CA SER H 123 -71.74 -43.22 -41.10
C SER H 123 -72.14 -44.65 -41.42
N ALA H 124 -71.42 -45.32 -42.30
CA ALA H 124 -71.76 -46.68 -42.71
C ALA H 124 -71.55 -47.66 -41.56
N SER H 125 -72.07 -48.87 -41.73
CA SER H 125 -71.91 -49.96 -40.79
C SER H 125 -71.18 -51.11 -41.46
N THR H 126 -70.56 -51.94 -40.63
CA THR H 126 -69.71 -53.02 -41.13
C THR H 126 -70.49 -53.94 -42.06
N LYS H 127 -69.99 -54.10 -43.28
CA LYS H 127 -70.68 -54.85 -44.32
C LYS H 127 -69.68 -55.66 -45.13
N GLY H 128 -70.00 -56.94 -45.33
CA GLY H 128 -69.17 -57.81 -46.12
C GLY H 128 -69.42 -57.67 -47.61
N PRO H 129 -68.49 -58.13 -48.42
CA PRO H 129 -68.57 -57.89 -49.87
C PRO H 129 -69.41 -58.92 -50.60
N SER H 130 -69.99 -58.47 -51.71
CA SER H 130 -70.62 -59.34 -52.69
C SER H 130 -69.73 -59.34 -53.93
N VAL H 131 -69.16 -60.50 -54.26
CA VAL H 131 -68.24 -60.62 -55.37
C VAL H 131 -68.99 -61.15 -56.59
N PHE H 132 -68.63 -60.64 -57.75
CA PHE H 132 -69.26 -60.96 -59.03
C PHE H 132 -68.16 -61.24 -60.05
N PRO H 133 -68.46 -62.00 -61.11
CA PRO H 133 -67.43 -62.32 -62.10
C PRO H 133 -67.36 -61.32 -63.24
N LEU H 134 -66.14 -61.14 -63.74
CA LEU H 134 -65.86 -60.38 -64.96
C LEU H 134 -65.44 -61.42 -66.01
N ALA H 135 -66.42 -61.89 -66.77
CA ALA H 135 -66.21 -63.07 -67.61
C ALA H 135 -65.38 -62.72 -68.84
N PRO H 136 -64.56 -63.66 -69.31
CA PRO H 136 -63.84 -63.44 -70.57
C PRO H 136 -64.79 -63.48 -71.75
N SER H 137 -64.40 -62.79 -72.82
CA SER H 137 -65.19 -62.71 -74.04
C SER H 137 -64.57 -63.56 -75.12
N SER H 138 -65.41 -64.21 -75.93
CA SER H 138 -64.95 -65.04 -77.03
C SER H 138 -65.41 -64.47 -78.37
N GLY H 143 -52.48 -69.37 -77.66
CA GLY H 143 -53.46 -68.34 -77.96
C GLY H 143 -53.04 -66.97 -77.48
N GLY H 144 -53.82 -65.95 -77.86
CA GLY H 144 -53.51 -64.57 -77.52
C GLY H 144 -53.82 -64.22 -76.08
N THR H 145 -53.93 -62.93 -75.77
CA THR H 145 -54.16 -62.48 -74.40
C THR H 145 -55.65 -62.25 -74.19
N ALA H 146 -56.22 -62.95 -73.21
CA ALA H 146 -57.61 -62.79 -72.81
C ALA H 146 -57.66 -62.27 -71.38
N ALA H 147 -58.70 -61.48 -71.09
CA ALA H 147 -58.84 -60.82 -69.80
C ALA H 147 -60.04 -61.34 -69.05
N LEU H 148 -59.89 -61.51 -67.75
CA LEU H 148 -60.98 -61.87 -66.85
C LEU H 148 -60.73 -61.20 -65.50
N GLY H 149 -61.60 -61.49 -64.55
CA GLY H 149 -61.46 -60.95 -63.22
C GLY H 149 -62.73 -61.14 -62.42
N CYS H 150 -62.69 -60.64 -61.19
CA CYS H 150 -63.86 -60.62 -60.31
C CYS H 150 -63.98 -59.26 -59.64
N LEU H 151 -65.21 -58.75 -59.59
CA LEU H 151 -65.51 -57.45 -59.00
C LEU H 151 -65.98 -57.65 -57.56
N VAL H 152 -65.38 -56.91 -56.65
CA VAL H 152 -65.73 -56.94 -55.23
C VAL H 152 -66.50 -55.66 -54.93
N LYS H 153 -67.79 -55.78 -54.65
CA LYS H 153 -68.68 -54.62 -54.58
C LYS H 153 -69.30 -54.50 -53.19
N ASP H 154 -69.44 -53.24 -52.74
CA ASP H 154 -70.24 -52.90 -51.56
C ASP H 154 -69.73 -53.53 -50.28
N TYR H 155 -68.55 -53.12 -49.80
CA TYR H 155 -68.04 -53.56 -48.51
C TYR H 155 -67.61 -52.36 -47.68
N PHE H 156 -67.45 -52.59 -46.38
CA PHE H 156 -67.04 -51.59 -45.41
C PHE H 156 -66.71 -52.26 -44.09
N PRO H 157 -65.61 -51.86 -43.42
CA PRO H 157 -64.68 -50.84 -43.89
C PRO H 157 -63.56 -51.41 -44.74
N GLU H 158 -62.67 -50.54 -45.22
CA GLU H 158 -61.45 -51.00 -45.85
C GLU H 158 -60.61 -51.79 -44.83
N PRO H 159 -59.79 -52.75 -45.28
CA PRO H 159 -59.55 -53.18 -46.66
C PRO H 159 -60.06 -54.59 -46.97
N VAL H 160 -59.76 -55.07 -48.17
CA VAL H 160 -59.97 -56.46 -48.56
C VAL H 160 -58.73 -56.91 -49.31
N THR H 161 -58.50 -58.23 -49.29
CA THR H 161 -57.37 -58.84 -49.99
C THR H 161 -57.89 -59.83 -51.02
N VAL H 162 -57.24 -59.87 -52.17
CA VAL H 162 -57.64 -60.74 -53.28
C VAL H 162 -56.41 -61.49 -53.76
N SER H 163 -56.56 -62.81 -53.92
CA SER H 163 -55.58 -63.66 -54.58
C SER H 163 -56.26 -64.38 -55.74
N TRP H 164 -55.48 -65.16 -56.48
CA TRP H 164 -56.00 -65.97 -57.57
C TRP H 164 -55.44 -67.38 -57.47
N ASN H 165 -56.33 -68.37 -57.45
CA ASN H 165 -55.98 -69.77 -57.26
C ASN H 165 -55.23 -69.96 -55.94
N SER H 166 -55.71 -69.29 -54.89
CA SER H 166 -55.20 -69.45 -53.52
C SER H 166 -53.71 -69.11 -53.41
N GLY H 167 -53.22 -68.22 -54.27
CA GLY H 167 -51.83 -67.82 -54.27
C GLY H 167 -51.01 -68.39 -55.40
N ALA H 168 -51.52 -69.37 -56.14
CA ALA H 168 -50.74 -69.96 -57.22
C ALA H 168 -50.65 -69.03 -58.42
N LEU H 169 -51.74 -68.37 -58.78
CA LEU H 169 -51.78 -67.47 -59.92
C LEU H 169 -51.40 -66.07 -59.47
N THR H 170 -50.26 -65.58 -59.96
CA THR H 170 -49.75 -64.26 -59.58
C THR H 170 -49.32 -63.38 -60.74
N SER H 171 -48.95 -63.95 -61.88
CA SER H 171 -48.43 -63.15 -62.99
C SER H 171 -49.58 -62.55 -63.80
N GLY H 172 -49.50 -61.25 -64.06
CA GLY H 172 -50.54 -60.57 -64.79
C GLY H 172 -51.74 -60.14 -63.96
N VAL H 173 -51.69 -60.33 -62.65
CA VAL H 173 -52.80 -59.99 -61.78
C VAL H 173 -52.72 -58.52 -61.41
N HIS H 174 -53.84 -57.81 -61.56
CA HIS H 174 -53.97 -56.40 -61.17
C HIS H 174 -55.14 -56.27 -60.22
N THR H 175 -54.84 -56.15 -58.92
CA THR H 175 -55.85 -55.87 -57.90
C THR H 175 -55.85 -54.36 -57.67
N PHE H 176 -56.95 -53.71 -58.04
CA PHE H 176 -57.02 -52.26 -58.07
C PHE H 176 -57.33 -51.70 -56.69
N PRO H 177 -56.95 -50.44 -56.44
CA PRO H 177 -57.42 -49.76 -55.23
C PRO H 177 -58.93 -49.67 -55.20
N ALA H 178 -59.48 -49.55 -54.00
CA ALA H 178 -60.93 -49.48 -53.84
C ALA H 178 -61.44 -48.07 -54.07
N VAL H 179 -62.68 -47.97 -54.51
CA VAL H 179 -63.34 -46.69 -54.75
C VAL H 179 -64.49 -46.54 -53.77
N LEU H 180 -64.63 -45.35 -53.20
CA LEU H 180 -65.73 -45.04 -52.30
C LEU H 180 -66.93 -44.60 -53.11
N GLN H 181 -68.03 -45.35 -53.00
CA GLN H 181 -69.23 -45.08 -53.76
C GLN H 181 -70.12 -44.07 -53.04
N SER H 182 -71.25 -43.72 -53.68
CA SER H 182 -72.19 -42.79 -53.07
C SER H 182 -72.78 -43.38 -51.79
N SER H 183 -73.10 -44.67 -51.80
CA SER H 183 -73.64 -45.34 -50.63
C SER H 183 -72.66 -45.45 -49.44
N GLY H 184 -71.46 -44.88 -49.52
CA GLY H 184 -70.52 -45.02 -48.43
C GLY H 184 -69.76 -46.33 -48.39
N LEU H 185 -70.02 -47.23 -49.31
CA LEU H 185 -69.35 -48.52 -49.37
C LEU H 185 -68.28 -48.51 -50.46
N TYR H 186 -67.29 -49.37 -50.28
CA TYR H 186 -66.18 -49.48 -51.20
C TYR H 186 -66.41 -50.61 -52.20
N SER H 187 -65.80 -50.46 -53.37
CA SER H 187 -65.81 -51.48 -54.40
C SER H 187 -64.45 -51.49 -55.09
N LEU H 188 -64.08 -52.64 -55.64
CA LEU H 188 -62.83 -52.73 -56.38
C LEU H 188 -62.88 -53.93 -57.30
N SER H 189 -62.21 -53.79 -58.44
CA SER H 189 -62.03 -54.87 -59.40
C SER H 189 -60.64 -55.48 -59.25
N SER H 190 -60.52 -56.73 -59.69
CA SER H 190 -59.25 -57.43 -59.68
C SER H 190 -59.20 -58.32 -60.91
N VAL H 191 -58.24 -58.06 -61.80
CA VAL H 191 -58.19 -58.71 -63.10
C VAL H 191 -56.87 -59.44 -63.25
N VAL H 192 -56.81 -60.31 -64.27
CA VAL H 192 -55.60 -61.06 -64.59
C VAL H 192 -55.66 -61.46 -66.05
N THR H 193 -54.54 -61.28 -66.76
CA THR H 193 -54.43 -61.71 -68.14
C THR H 193 -54.11 -63.19 -68.19
N VAL H 194 -54.73 -63.90 -69.13
CA VAL H 194 -54.57 -65.35 -69.25
C VAL H 194 -54.47 -65.73 -70.71
N PRO H 195 -53.74 -66.80 -70.99
CA PRO H 195 -53.65 -67.28 -72.38
C PRO H 195 -55.01 -67.70 -72.91
N SER H 196 -55.28 -67.33 -74.17
CA SER H 196 -56.57 -67.63 -74.78
C SER H 196 -56.80 -69.13 -74.85
N SER H 197 -55.74 -69.91 -75.07
CA SER H 197 -55.87 -71.36 -75.11
C SER H 197 -56.23 -71.95 -73.75
N SER H 198 -56.04 -71.20 -72.67
CA SER H 198 -56.27 -71.71 -71.32
C SER H 198 -57.69 -71.49 -70.82
N LEU H 199 -58.53 -70.80 -71.59
CA LEU H 199 -59.88 -70.48 -71.11
C LEU H 199 -60.73 -71.74 -70.95
N GLY H 200 -60.59 -72.69 -71.86
CA GLY H 200 -61.44 -73.87 -71.83
C GLY H 200 -60.90 -75.02 -71.01
N THR H 201 -59.60 -74.99 -70.69
CA THR H 201 -58.95 -76.11 -70.02
C THR H 201 -58.61 -75.84 -68.56
N GLN H 202 -58.44 -74.58 -68.17
CA GLN H 202 -58.00 -74.23 -66.82
C GLN H 202 -59.12 -73.52 -66.07
N THR H 203 -59.30 -73.90 -64.80
CA THR H 203 -60.24 -73.24 -63.92
C THR H 203 -59.57 -72.05 -63.25
N TYR H 204 -60.26 -70.91 -63.23
CA TYR H 204 -59.77 -69.70 -62.59
C TYR H 204 -60.76 -69.32 -61.49
N ILE H 205 -60.29 -69.31 -60.25
CA ILE H 205 -61.10 -68.95 -59.09
C ILE H 205 -60.39 -67.86 -58.31
N CYS H 206 -61.09 -66.76 -58.04
CA CYS H 206 -60.53 -65.65 -57.28
C CYS H 206 -60.96 -65.75 -55.82
N ASN H 207 -60.03 -65.46 -54.92
CA ASN H 207 -60.23 -65.63 -53.49
C ASN H 207 -60.30 -64.26 -52.82
N VAL H 208 -61.38 -64.01 -52.10
CA VAL H 208 -61.64 -62.72 -51.47
C VAL H 208 -61.70 -62.92 -49.97
N ASN H 209 -61.10 -61.99 -49.22
CA ASN H 209 -61.01 -62.09 -47.77
C ASN H 209 -61.19 -60.69 -47.18
N HIS H 210 -62.38 -60.43 -46.64
CA HIS H 210 -62.66 -59.19 -45.91
C HIS H 210 -62.64 -59.51 -44.42
N LYS H 211 -61.53 -59.17 -43.77
CA LYS H 211 -61.37 -59.50 -42.36
C LYS H 211 -62.34 -58.82 -41.41
N PRO H 212 -62.65 -57.51 -41.55
CA PRO H 212 -63.48 -56.86 -40.52
C PRO H 212 -64.84 -57.53 -40.30
N SER H 213 -65.39 -58.20 -41.30
CA SER H 213 -66.66 -58.90 -41.12
C SER H 213 -66.50 -60.42 -41.16
N ASN H 214 -65.27 -60.92 -41.12
CA ASN H 214 -64.99 -62.35 -41.14
C ASN H 214 -65.64 -63.02 -42.34
N THR H 215 -65.64 -62.34 -43.48
CA THR H 215 -66.24 -62.83 -44.71
C THR H 215 -65.16 -63.39 -45.62
N LYS H 216 -65.39 -64.60 -46.12
CA LYS H 216 -64.47 -65.26 -47.04
C LYS H 216 -65.28 -65.91 -48.14
N VAL H 217 -65.09 -65.47 -49.38
CA VAL H 217 -65.86 -65.95 -50.52
C VAL H 217 -64.91 -66.27 -51.67
N ASP H 218 -65.09 -67.45 -52.25
CA ASP H 218 -64.43 -67.83 -53.49
C ASP H 218 -65.43 -67.80 -54.63
N LYS H 219 -64.94 -67.47 -55.83
CA LYS H 219 -65.82 -67.30 -56.98
C LYS H 219 -65.12 -67.78 -58.23
N LYS H 220 -65.69 -68.81 -58.88
CA LYS H 220 -65.18 -69.25 -60.17
C LYS H 220 -65.60 -68.26 -61.26
N VAL H 221 -64.80 -68.19 -62.31
CA VAL H 221 -65.05 -67.32 -63.46
C VAL H 221 -65.03 -68.18 -64.71
N GLU H 222 -66.19 -68.36 -65.34
CA GLU H 222 -66.33 -69.10 -66.57
C GLU H 222 -66.78 -68.17 -67.70
N PRO H 223 -66.53 -68.56 -68.96
CA PRO H 223 -67.12 -67.84 -70.10
C PRO H 223 -68.58 -68.22 -70.31
N GLU I 1 -48.24 -20.80 -42.73
CA GLU I 1 -48.39 -19.62 -43.59
C GLU I 1 -47.13 -19.43 -44.44
N ILE I 2 -46.10 -20.21 -44.14
CA ILE I 2 -44.91 -20.32 -44.97
C ILE I 2 -45.10 -21.53 -45.87
N VAL I 3 -45.36 -21.28 -47.15
CA VAL I 3 -45.75 -22.33 -48.09
C VAL I 3 -44.52 -22.79 -48.87
N LEU I 4 -44.38 -24.11 -49.01
CA LEU I 4 -43.33 -24.73 -49.80
C LEU I 4 -43.95 -25.30 -51.07
N THR I 5 -43.34 -25.03 -52.21
CA THR I 5 -43.83 -25.49 -53.50
C THR I 5 -42.75 -26.34 -54.17
N GLN I 6 -43.06 -27.62 -54.38
CA GLN I 6 -42.14 -28.54 -55.03
C GLN I 6 -42.42 -28.61 -56.53
N SER I 7 -41.35 -28.68 -57.32
CA SER I 7 -41.45 -28.78 -58.76
C SER I 7 -40.40 -29.75 -59.27
N PRO I 8 -40.76 -30.61 -60.22
CA PRO I 8 -42.11 -30.68 -60.79
C PRO I 8 -43.03 -31.58 -59.96
N GLY I 9 -44.17 -31.95 -60.52
CA GLY I 9 -45.05 -32.90 -59.86
C GLY I 9 -44.75 -34.32 -60.24
N THR I 10 -44.05 -34.51 -61.36
CA THR I 10 -43.75 -35.84 -61.87
C THR I 10 -42.45 -35.78 -62.67
N LEU I 11 -41.39 -36.38 -62.11
CA LEU I 11 -40.19 -36.71 -62.87
C LEU I 11 -40.36 -38.10 -63.49
N SER I 12 -39.86 -38.25 -64.70
CA SER I 12 -39.95 -39.51 -65.45
C SER I 12 -38.56 -39.79 -66.03
N LEU I 13 -37.78 -40.61 -65.33
CA LEU I 13 -36.38 -40.84 -65.68
C LEU I 13 -36.08 -42.32 -65.67
N SER I 14 -35.11 -42.71 -66.49
CA SER I 14 -34.55 -44.05 -66.51
C SER I 14 -33.45 -44.18 -65.46
N PRO I 15 -33.21 -45.38 -64.94
CA PRO I 15 -32.17 -45.55 -63.93
C PRO I 15 -30.81 -45.06 -64.42
N GLY I 16 -30.14 -44.27 -63.58
CA GLY I 16 -28.88 -43.64 -63.95
C GLY I 16 -29.02 -42.15 -64.14
N GLU I 17 -29.99 -41.75 -64.96
CA GLU I 17 -30.24 -40.34 -65.24
C GLU I 17 -30.37 -39.54 -63.95
N ARG I 18 -29.59 -38.47 -63.85
CA ARG I 18 -29.56 -37.66 -62.63
C ARG I 18 -30.87 -36.92 -62.45
N ALA I 19 -31.50 -37.09 -61.29
CA ALA I 19 -32.79 -36.48 -60.99
C ALA I 19 -32.58 -35.26 -60.09
N THR I 20 -33.26 -34.17 -60.42
CA THR I 20 -33.14 -32.92 -59.67
C THR I 20 -34.53 -32.48 -59.23
N LEU I 21 -34.73 -32.38 -57.92
CA LEU I 21 -35.99 -31.98 -57.33
C LEU I 21 -35.77 -30.71 -56.52
N SER I 22 -36.69 -29.76 -56.64
CA SER I 22 -36.55 -28.45 -56.02
C SER I 22 -37.73 -28.14 -55.11
N CYS I 23 -37.43 -27.54 -53.96
CA CYS I 23 -38.42 -27.05 -53.01
C CYS I 23 -38.25 -25.55 -52.89
N ARG I 24 -39.36 -24.81 -53.00
CA ARG I 24 -39.34 -23.35 -53.00
C ARG I 24 -40.27 -22.82 -51.94
N ALA I 25 -39.72 -22.06 -51.00
CA ALA I 25 -40.49 -21.48 -49.91
C ALA I 25 -41.00 -20.09 -50.28
N SER I 26 -42.16 -19.73 -49.74
CA SER I 26 -42.77 -18.42 -49.96
C SER I 26 -42.18 -17.34 -49.07
N GLN I 27 -41.16 -17.66 -48.28
CA GLN I 27 -40.45 -16.72 -47.42
C GLN I 27 -39.07 -17.29 -47.14
N SER I 28 -38.13 -16.40 -46.84
CA SER I 28 -36.79 -16.84 -46.47
C SER I 28 -36.84 -17.62 -45.16
N VAL I 29 -36.32 -18.84 -45.18
CA VAL I 29 -36.31 -19.71 -44.01
C VAL I 29 -34.89 -20.20 -43.78
N SER I 30 -34.65 -20.70 -42.58
CA SER I 30 -33.33 -21.18 -42.19
C SER I 30 -33.03 -22.52 -42.82
N SER I 31 -31.80 -22.67 -43.33
CA SER I 31 -31.34 -23.95 -43.85
C SER I 31 -31.24 -25.02 -42.79
N SER I 32 -31.13 -24.63 -41.51
CA SER I 32 -31.00 -25.59 -40.42
C SER I 32 -32.29 -26.34 -40.12
N TYR I 33 -33.43 -25.89 -40.65
CA TYR I 33 -34.72 -26.50 -40.35
C TYR I 33 -35.52 -26.71 -41.64
N LEU I 34 -34.90 -27.45 -42.57
CA LEU I 34 -35.56 -27.93 -43.78
C LEU I 34 -35.06 -29.33 -44.06
N ALA I 35 -35.99 -30.26 -44.30
CA ALA I 35 -35.66 -31.67 -44.43
C ALA I 35 -36.26 -32.23 -45.72
N TRP I 36 -35.76 -33.40 -46.10
CA TRP I 36 -36.23 -34.13 -47.27
C TRP I 36 -36.62 -35.54 -46.84
N TYR I 37 -37.84 -35.94 -47.20
CA TYR I 37 -38.36 -37.26 -46.87
C TYR I 37 -38.67 -38.05 -48.12
N GLN I 38 -38.50 -39.36 -48.04
CA GLN I 38 -38.88 -40.30 -49.09
C GLN I 38 -40.05 -41.14 -48.59
N GLN I 39 -41.00 -41.43 -49.49
CA GLN I 39 -42.16 -42.23 -49.14
C GLN I 39 -42.49 -43.19 -50.26
N LYS I 40 -42.71 -44.45 -49.92
CA LYS I 40 -43.06 -45.51 -50.84
C LYS I 40 -44.54 -45.81 -50.76
N PRO I 41 -45.08 -46.56 -51.73
CA PRO I 41 -46.49 -46.98 -51.64
C PRO I 41 -46.73 -47.84 -50.42
N GLY I 42 -47.64 -47.39 -49.56
CA GLY I 42 -47.99 -48.14 -48.37
C GLY I 42 -46.86 -48.24 -47.37
N GLN I 43 -46.06 -47.19 -47.24
CA GLN I 43 -44.93 -47.18 -46.32
C GLN I 43 -44.87 -45.85 -45.59
N ALA I 44 -44.12 -45.83 -44.49
CA ALA I 44 -43.94 -44.62 -43.70
C ALA I 44 -42.85 -43.75 -44.33
N PRO I 45 -42.91 -42.43 -44.14
CA PRO I 45 -41.88 -41.55 -44.71
C PRO I 45 -40.54 -41.76 -44.04
N ARG I 46 -39.50 -41.91 -44.84
CA ARG I 46 -38.13 -42.10 -44.36
C ARG I 46 -37.34 -40.82 -44.55
N LEU I 47 -36.58 -40.44 -43.53
CA LEU I 47 -35.83 -39.19 -43.54
C LEU I 47 -34.54 -39.37 -44.34
N LEU I 48 -34.44 -38.64 -45.46
CA LEU I 48 -33.24 -38.65 -46.28
C LEU I 48 -32.23 -37.59 -45.84
N ILE I 49 -32.68 -36.34 -45.78
CA ILE I 49 -31.80 -35.19 -45.62
C ILE I 49 -32.38 -34.29 -44.54
N TYR I 50 -31.55 -33.89 -43.58
CA TYR I 50 -31.92 -32.92 -42.57
C TYR I 50 -30.95 -31.74 -42.63
N GLY I 51 -31.43 -30.59 -42.18
CA GLY I 51 -30.60 -29.39 -42.25
C GLY I 51 -30.16 -29.06 -43.65
N ALA I 52 -31.02 -29.30 -44.64
CA ALA I 52 -30.80 -28.98 -46.05
C ALA I 52 -29.70 -29.81 -46.68
N SER I 53 -28.57 -30.04 -45.99
CA SER I 53 -27.40 -30.63 -46.62
C SER I 53 -26.70 -31.65 -45.74
N SER I 54 -27.45 -32.43 -44.96
CA SER I 54 -26.87 -33.48 -44.13
C SER I 54 -27.63 -34.77 -44.39
N ARG I 55 -26.91 -35.82 -44.77
CA ARG I 55 -27.53 -37.13 -44.93
C ARG I 55 -27.85 -37.72 -43.57
N ALA I 56 -29.06 -38.26 -43.43
CA ALA I 56 -29.40 -38.97 -42.21
C ALA I 56 -28.65 -40.28 -42.14
N THR I 57 -28.66 -40.89 -40.94
CA THR I 57 -27.90 -42.10 -40.66
C THR I 57 -28.18 -43.20 -41.67
N GLY I 58 -27.14 -43.59 -42.43
CA GLY I 58 -27.25 -44.70 -43.36
C GLY I 58 -27.95 -44.39 -44.66
N ILE I 59 -28.01 -43.12 -45.06
CA ILE I 59 -28.63 -42.74 -46.33
C ILE I 59 -27.57 -42.80 -47.42
N PRO I 60 -27.88 -43.38 -48.58
CA PRO I 60 -26.83 -43.63 -49.59
C PRO I 60 -26.13 -42.37 -50.06
N ASP I 61 -24.93 -42.57 -50.60
CA ASP I 61 -24.07 -41.45 -51.01
C ASP I 61 -24.70 -40.65 -52.15
N ARG I 62 -25.50 -41.29 -53.00
CA ARG I 62 -26.07 -40.66 -54.16
C ARG I 62 -27.14 -39.63 -53.83
N PHE I 63 -27.44 -39.41 -52.55
CA PHE I 63 -28.41 -38.41 -52.12
C PHE I 63 -27.70 -37.22 -51.52
N SER I 64 -28.07 -36.02 -51.96
CA SER I 64 -27.53 -34.80 -51.38
C SER I 64 -28.48 -33.65 -51.67
N GLY I 65 -28.75 -32.85 -50.63
CA GLY I 65 -29.56 -31.66 -50.75
C GLY I 65 -28.72 -30.42 -50.56
N SER I 66 -29.09 -29.35 -51.25
CA SER I 66 -28.44 -28.05 -51.12
C SER I 66 -29.50 -26.97 -51.05
N GLY I 67 -29.06 -25.72 -50.87
CA GLY I 67 -29.98 -24.60 -50.93
C GLY I 67 -29.93 -23.70 -49.71
N SER I 68 -30.50 -22.50 -49.86
CA SER I 68 -30.61 -21.53 -48.78
C SER I 68 -31.66 -20.50 -49.20
N GLY I 69 -32.03 -19.65 -48.26
CA GLY I 69 -33.00 -18.61 -48.54
C GLY I 69 -34.39 -19.14 -48.81
N THR I 70 -34.70 -19.38 -50.09
CA THR I 70 -36.01 -19.88 -50.48
C THR I 70 -35.97 -21.03 -51.47
N ASP I 71 -34.82 -21.33 -52.08
CA ASP I 71 -34.71 -22.41 -53.06
C ASP I 71 -33.77 -23.47 -52.53
N PHE I 72 -34.30 -24.67 -52.28
CA PHE I 72 -33.52 -25.82 -51.85
C PHE I 72 -33.69 -26.93 -52.88
N THR I 73 -32.65 -27.74 -53.03
CA THR I 73 -32.58 -28.70 -54.13
C THR I 73 -32.19 -30.07 -53.59
N LEU I 74 -33.06 -31.06 -53.81
CA LEU I 74 -32.69 -32.46 -53.60
C LEU I 74 -32.25 -33.06 -54.92
N THR I 75 -31.06 -33.66 -54.93
CA THR I 75 -30.43 -34.14 -56.15
C THR I 75 -29.99 -35.58 -55.98
N ILE I 76 -30.67 -36.50 -56.67
CA ILE I 76 -30.24 -37.88 -56.78
C ILE I 76 -29.35 -38.02 -58.01
N SER I 77 -28.14 -38.53 -57.82
CA SER I 77 -27.12 -38.53 -58.87
C SER I 77 -27.30 -39.70 -59.84
N ARG I 78 -27.19 -40.93 -59.34
CA ARG I 78 -27.44 -42.13 -60.13
C ARG I 78 -28.71 -42.79 -59.61
N LEU I 79 -29.73 -42.85 -60.45
CA LEU I 79 -31.05 -43.33 -60.03
C LEU I 79 -31.02 -44.86 -59.97
N GLU I 80 -30.98 -45.40 -58.76
CA GLU I 80 -31.10 -46.84 -58.59
C GLU I 80 -32.56 -47.24 -58.51
N PRO I 81 -32.90 -48.48 -58.83
CA PRO I 81 -34.32 -48.89 -58.85
C PRO I 81 -35.04 -48.69 -57.52
N GLU I 82 -34.33 -48.65 -56.39
CA GLU I 82 -34.97 -48.41 -55.11
C GLU I 82 -35.43 -46.97 -54.94
N ASP I 83 -34.94 -46.06 -55.78
CA ASP I 83 -35.13 -44.63 -55.56
C ASP I 83 -36.44 -44.09 -56.14
N PHE I 84 -37.20 -44.90 -56.86
CA PHE I 84 -38.42 -44.41 -57.50
C PHE I 84 -39.55 -44.39 -56.47
N ALA I 85 -39.95 -43.19 -56.06
CA ALA I 85 -40.97 -43.03 -55.03
C ALA I 85 -41.52 -41.60 -55.12
N VAL I 86 -41.93 -41.04 -53.99
CA VAL I 86 -42.31 -39.64 -53.89
C VAL I 86 -41.48 -39.00 -52.78
N TYR I 87 -41.18 -37.71 -52.94
CA TYR I 87 -40.24 -37.02 -52.07
C TYR I 87 -40.87 -35.74 -51.54
N TYR I 88 -40.76 -35.53 -50.23
CA TYR I 88 -41.39 -34.40 -49.55
C TYR I 88 -40.33 -33.55 -48.87
N CYS I 89 -40.44 -32.23 -49.02
CA CYS I 89 -39.70 -31.30 -48.20
C CYS I 89 -40.61 -30.79 -47.09
N GLN I 90 -40.01 -30.51 -45.92
CA GLN I 90 -40.76 -29.99 -44.78
C GLN I 90 -39.93 -28.92 -44.08
N HIS I 91 -40.56 -27.79 -43.81
CA HIS I 91 -39.93 -26.73 -43.03
C HIS I 91 -40.43 -26.83 -41.59
N TYR I 92 -39.49 -27.05 -40.66
CA TYR I 92 -39.86 -27.12 -39.25
C TYR I 92 -39.10 -26.08 -38.45
N GLY I 93 -39.05 -24.84 -38.95
CA GLY I 93 -38.45 -23.75 -38.22
C GLY I 93 -39.38 -23.17 -37.16
N SER I 94 -38.79 -22.37 -36.28
CA SER I 94 -39.50 -21.78 -35.15
C SER I 94 -40.18 -22.85 -34.32
N SER I 95 -41.18 -22.48 -33.52
CA SER I 95 -41.92 -23.45 -32.72
C SER I 95 -43.28 -23.80 -33.32
N ARG I 96 -43.71 -23.10 -34.37
CA ARG I 96 -45.01 -23.34 -34.97
C ARG I 96 -44.94 -23.03 -36.45
N GLY I 97 -46.05 -23.32 -37.15
CA GLY I 97 -46.15 -23.04 -38.56
C GLY I 97 -45.42 -24.01 -39.47
N TRP I 98 -45.22 -25.25 -39.02
CA TRP I 98 -44.51 -26.22 -39.84
C TRP I 98 -45.41 -26.65 -41.00
N THR I 99 -44.84 -26.70 -42.19
CA THR I 99 -45.59 -27.01 -43.40
C THR I 99 -44.79 -27.98 -44.27
N PHE I 100 -45.48 -28.62 -45.19
CA PHE I 100 -44.91 -29.53 -46.15
C PHE I 100 -45.07 -29.00 -47.56
N GLY I 101 -44.38 -29.64 -48.50
CA GLY I 101 -44.70 -29.51 -49.90
C GLY I 101 -45.81 -30.48 -50.27
N GLN I 102 -46.04 -30.61 -51.57
CA GLN I 102 -47.02 -31.59 -52.05
C GLN I 102 -46.36 -32.86 -52.54
N GLY I 103 -45.05 -32.87 -52.75
CA GLY I 103 -44.35 -34.07 -53.15
C GLY I 103 -44.05 -34.12 -54.64
N THR I 104 -42.91 -34.69 -54.98
CA THR I 104 -42.53 -34.96 -56.36
C THR I 104 -42.42 -36.46 -56.55
N LYS I 105 -43.14 -36.98 -57.54
CA LYS I 105 -43.05 -38.40 -57.88
C LYS I 105 -41.95 -38.63 -58.91
N VAL I 106 -41.20 -39.69 -58.72
CA VAL I 106 -40.14 -40.10 -59.65
C VAL I 106 -40.55 -41.44 -60.24
N GLU I 107 -40.98 -41.41 -61.50
CA GLU I 107 -41.43 -42.61 -62.20
C GLU I 107 -40.39 -43.05 -63.22
N ILE I 108 -40.51 -44.31 -63.65
CA ILE I 108 -39.57 -44.89 -64.58
C ILE I 108 -39.96 -44.49 -66.01
N LYS I 109 -39.09 -43.74 -66.68
CA LYS I 109 -39.31 -43.41 -68.08
C LYS I 109 -39.19 -44.69 -68.91
N ARG I 110 -40.06 -44.81 -69.91
CA ARG I 110 -40.18 -46.06 -70.64
C ARG I 110 -40.67 -45.80 -72.05
N THR I 111 -40.31 -46.70 -72.96
CA THR I 111 -40.82 -46.63 -74.32
C THR I 111 -42.34 -46.68 -74.31
N VAL I 112 -42.96 -45.93 -75.23
CA VAL I 112 -44.41 -45.75 -75.21
C VAL I 112 -45.11 -47.08 -75.42
N ALA I 113 -46.10 -47.36 -74.58
CA ALA I 113 -46.90 -48.57 -74.68
C ALA I 113 -48.37 -48.19 -74.67
N ALA I 114 -49.14 -48.74 -75.61
CA ALA I 114 -50.56 -48.52 -75.67
C ALA I 114 -51.30 -49.60 -74.89
N PRO I 115 -52.47 -49.29 -74.32
CA PRO I 115 -53.18 -50.27 -73.51
C PRO I 115 -53.94 -51.29 -74.36
N SER I 116 -54.13 -52.46 -73.78
CA SER I 116 -55.17 -53.36 -74.23
C SER I 116 -56.47 -52.93 -73.56
N VAL I 117 -57.57 -53.01 -74.29
CA VAL I 117 -58.87 -52.54 -73.82
C VAL I 117 -59.84 -53.70 -73.79
N PHE I 118 -60.44 -53.94 -72.62
CA PHE I 118 -61.45 -54.97 -72.45
C PHE I 118 -62.66 -54.38 -71.76
N ILE I 119 -63.84 -54.83 -72.17
CA ILE I 119 -65.10 -54.41 -71.57
C ILE I 119 -65.77 -55.66 -70.98
N PHE I 120 -66.39 -55.48 -69.82
CA PHE I 120 -67.04 -56.59 -69.12
C PHE I 120 -68.51 -56.26 -68.92
N PRO I 121 -69.42 -57.13 -69.35
CA PRO I 121 -70.84 -56.92 -69.05
C PRO I 121 -71.11 -57.22 -67.59
N PRO I 122 -72.22 -56.70 -67.05
CA PRO I 122 -72.59 -57.07 -65.67
C PRO I 122 -72.91 -58.56 -65.59
N SER I 123 -72.74 -59.11 -64.39
CA SER I 123 -73.08 -60.49 -64.16
C SER I 123 -74.59 -60.65 -64.04
N ASP I 124 -75.10 -61.80 -64.50
CA ASP I 124 -76.50 -62.12 -64.29
C ASP I 124 -76.84 -62.12 -62.81
N GLU I 125 -75.88 -62.52 -61.97
CA GLU I 125 -76.12 -62.59 -60.53
C GLU I 125 -76.29 -61.22 -59.91
N GLN I 126 -75.53 -60.23 -60.38
CA GLN I 126 -75.63 -58.89 -59.79
C GLN I 126 -76.96 -58.23 -60.12
N LEU I 127 -77.57 -58.59 -61.25
CA LEU I 127 -78.85 -57.99 -61.62
C LEU I 127 -79.95 -58.39 -60.65
N LYS I 128 -79.81 -59.53 -59.98
CA LYS I 128 -80.78 -59.92 -58.96
C LYS I 128 -80.71 -59.03 -57.73
N SER I 129 -79.69 -58.18 -57.60
CA SER I 129 -79.64 -57.17 -56.55
C SER I 129 -80.39 -55.89 -56.92
N GLY I 130 -80.43 -55.54 -58.20
CA GLY I 130 -81.12 -54.36 -58.66
C GLY I 130 -80.24 -53.35 -59.38
N THR I 131 -78.92 -53.45 -59.21
CA THR I 131 -77.99 -52.51 -59.84
C THR I 131 -76.99 -53.28 -60.70
N ALA I 132 -76.63 -52.70 -61.83
CA ALA I 132 -75.69 -53.29 -62.76
C ALA I 132 -74.36 -52.52 -62.73
N SER I 133 -73.29 -53.20 -63.12
CA SER I 133 -71.96 -52.61 -63.15
C SER I 133 -71.25 -53.08 -64.41
N VAL I 134 -70.81 -52.14 -65.23
CA VAL I 134 -70.05 -52.42 -66.44
C VAL I 134 -68.62 -51.96 -66.22
N VAL I 135 -67.67 -52.84 -66.51
CA VAL I 135 -66.26 -52.62 -66.20
C VAL I 135 -65.48 -52.50 -67.50
N CYS I 136 -64.61 -51.50 -67.58
CA CYS I 136 -63.71 -51.32 -68.71
C CYS I 136 -62.27 -51.40 -68.20
N LEU I 137 -61.43 -52.12 -68.92
CA LEU I 137 -60.06 -52.41 -68.50
C LEU I 137 -59.07 -51.80 -69.48
N LEU I 138 -58.09 -51.07 -68.95
CA LEU I 138 -56.90 -50.67 -69.69
C LEU I 138 -55.71 -51.28 -68.95
N ASN I 139 -54.93 -52.09 -69.66
CA ASN I 139 -53.93 -52.98 -69.06
C ASN I 139 -52.58 -52.74 -69.71
N ASN I 140 -51.60 -52.36 -68.88
CA ASN I 140 -50.20 -52.17 -69.29
C ASN I 140 -50.07 -51.07 -70.34
N PHE I 141 -50.01 -49.82 -69.89
CA PHE I 141 -49.90 -48.67 -70.78
C PHE I 141 -49.09 -47.57 -70.12
N TYR I 142 -47.98 -47.20 -70.75
CA TYR I 142 -47.18 -46.03 -70.40
C TYR I 142 -47.21 -45.05 -71.56
N PRO I 143 -47.40 -43.74 -71.29
CA PRO I 143 -47.50 -43.11 -69.98
C PRO I 143 -48.83 -43.31 -69.25
N ARG I 144 -48.94 -42.70 -68.07
CA ARG I 144 -50.08 -42.94 -67.19
C ARG I 144 -51.34 -42.22 -67.65
N GLU I 145 -51.20 -41.16 -68.45
CA GLU I 145 -52.34 -40.36 -68.84
C GLU I 145 -53.26 -41.15 -69.78
N ALA I 146 -54.54 -41.19 -69.44
CA ALA I 146 -55.55 -41.85 -70.26
C ALA I 146 -56.93 -41.33 -69.88
N LYS I 147 -57.85 -41.41 -70.84
CA LYS I 147 -59.22 -40.97 -70.63
C LYS I 147 -60.16 -41.94 -71.31
N VAL I 148 -61.20 -42.37 -70.59
CA VAL I 148 -62.18 -43.33 -71.08
C VAL I 148 -63.56 -42.68 -71.04
N GLN I 149 -64.26 -42.71 -72.16
CA GLN I 149 -65.62 -42.21 -72.28
C GLN I 149 -66.60 -43.37 -72.35
N TRP I 150 -67.72 -43.23 -71.65
CA TRP I 150 -68.78 -44.23 -71.67
C TRP I 150 -69.93 -43.75 -72.55
N LYS I 151 -70.32 -44.59 -73.51
CA LYS I 151 -71.45 -44.33 -74.39
C LYS I 151 -72.48 -45.43 -74.22
N VAL I 152 -73.67 -45.06 -73.78
CA VAL I 152 -74.79 -45.98 -73.69
C VAL I 152 -75.60 -45.84 -74.98
N ASP I 153 -75.67 -46.92 -75.75
CA ASP I 153 -76.09 -46.89 -77.15
C ASP I 153 -75.24 -45.86 -77.89
N ASN I 154 -75.66 -44.60 -77.89
CA ASN I 154 -74.83 -43.51 -78.39
C ASN I 154 -75.10 -42.24 -77.61
N ALA I 155 -75.28 -42.38 -76.30
CA ALA I 155 -75.44 -41.24 -75.39
C ALA I 155 -74.26 -41.23 -74.44
N LEU I 156 -73.48 -40.15 -74.47
CA LEU I 156 -72.35 -40.00 -73.57
C LEU I 156 -72.81 -39.98 -72.12
N GLN I 157 -72.23 -40.85 -71.32
CA GLN I 157 -72.60 -40.93 -69.90
C GLN I 157 -71.90 -39.85 -69.10
N SER I 158 -72.63 -39.26 -68.16
CA SER I 158 -72.11 -38.19 -67.33
C SER I 158 -71.61 -38.73 -66.00
N GLY I 159 -71.79 -37.93 -64.95
CA GLY I 159 -71.25 -38.25 -63.64
C GLY I 159 -71.88 -39.46 -62.98
N ASN I 160 -71.61 -40.65 -63.52
CA ASN I 160 -72.04 -41.89 -62.89
C ASN I 160 -70.95 -42.96 -62.97
N SER I 161 -69.70 -42.57 -63.23
CA SER I 161 -68.60 -43.48 -63.40
C SER I 161 -67.50 -43.18 -62.39
N GLN I 162 -66.59 -44.15 -62.22
CA GLN I 162 -65.50 -44.05 -61.26
C GLN I 162 -64.25 -44.67 -61.87
N GLU I 163 -63.11 -44.40 -61.25
CA GLU I 163 -61.81 -44.80 -61.79
C GLU I 163 -60.85 -45.18 -60.67
N SER I 164 -59.87 -46.01 -61.03
CA SER I 164 -58.81 -46.42 -60.12
C SER I 164 -57.63 -46.90 -60.95
N VAL I 165 -56.45 -46.37 -60.64
CA VAL I 165 -55.22 -46.66 -61.38
C VAL I 165 -54.20 -47.23 -60.39
N THR I 166 -53.44 -48.22 -60.85
CA THR I 166 -52.49 -48.92 -59.99
C THR I 166 -51.19 -48.14 -59.86
N GLU I 167 -50.33 -48.62 -58.97
CA GLU I 167 -48.94 -48.21 -58.96
C GLU I 167 -48.24 -48.75 -60.21
N GLN I 168 -47.16 -48.07 -60.61
CA GLN I 168 -46.39 -48.53 -61.76
C GLN I 168 -45.79 -49.90 -61.46
N ASP I 169 -45.94 -50.82 -62.42
CA ASP I 169 -45.49 -52.19 -62.22
C ASP I 169 -43.98 -52.23 -62.01
N SER I 170 -43.53 -53.26 -61.30
CA SER I 170 -42.10 -53.48 -61.05
C SER I 170 -41.47 -54.42 -62.06
N LYS I 171 -42.21 -54.81 -63.10
CA LYS I 171 -41.65 -55.64 -64.15
C LYS I 171 -41.65 -54.86 -65.47
N ASP I 172 -42.78 -54.84 -66.19
CA ASP I 172 -42.88 -54.06 -67.41
C ASP I 172 -42.97 -52.55 -67.16
N SER I 173 -42.98 -52.11 -65.91
CA SER I 173 -42.95 -50.70 -65.55
C SER I 173 -44.04 -49.91 -66.27
N THR I 174 -45.24 -50.47 -66.31
CA THR I 174 -46.39 -49.85 -66.96
C THR I 174 -47.46 -49.53 -65.92
N TYR I 175 -48.59 -49.04 -66.40
CA TYR I 175 -49.74 -48.71 -65.57
C TYR I 175 -50.96 -49.49 -66.05
N SER I 176 -51.96 -49.57 -65.18
CA SER I 176 -53.23 -50.19 -65.53
C SER I 176 -54.36 -49.40 -64.88
N LEU I 177 -55.54 -49.46 -65.50
CA LEU I 177 -56.66 -48.63 -65.09
C LEU I 177 -57.97 -49.40 -65.27
N SER I 178 -58.84 -49.28 -64.27
CA SER I 178 -60.18 -49.86 -64.32
C SER I 178 -61.22 -48.77 -64.12
N SER I 179 -62.29 -48.81 -64.91
CA SER I 179 -63.37 -47.84 -64.82
C SER I 179 -64.69 -48.59 -64.69
N THR I 180 -65.46 -48.28 -63.63
CA THR I 180 -66.69 -48.97 -63.33
C THR I 180 -67.87 -48.02 -63.52
N LEU I 181 -68.75 -48.35 -64.47
CA LEU I 181 -69.99 -47.61 -64.68
C LEU I 181 -71.12 -48.31 -63.95
N THR I 182 -71.94 -47.53 -63.25
CA THR I 182 -73.03 -48.06 -62.44
C THR I 182 -74.37 -47.59 -62.98
N LEU I 183 -75.28 -48.53 -63.19
CA LEU I 183 -76.65 -48.24 -63.61
C LEU I 183 -77.58 -49.21 -62.90
N SER I 184 -78.82 -48.77 -62.69
CA SER I 184 -79.81 -49.64 -62.08
C SER I 184 -80.32 -50.66 -63.10
N LYS I 185 -81.03 -51.68 -62.59
CA LYS I 185 -81.50 -52.74 -63.47
C LYS I 185 -82.53 -52.24 -64.47
N ALA I 186 -83.36 -51.27 -64.08
CA ALA I 186 -84.34 -50.72 -65.00
C ALA I 186 -83.66 -49.96 -66.13
N ASP I 187 -82.66 -49.15 -65.80
CA ASP I 187 -81.99 -48.34 -66.81
C ASP I 187 -81.09 -49.19 -67.71
N TYR I 188 -80.55 -50.29 -67.19
CA TYR I 188 -79.64 -51.10 -67.98
C TYR I 188 -80.38 -51.90 -69.05
N GLU I 189 -81.61 -52.32 -68.77
CA GLU I 189 -82.36 -53.18 -69.68
C GLU I 189 -82.99 -52.42 -70.84
N LYS I 190 -83.06 -51.09 -70.76
CA LYS I 190 -83.71 -50.33 -71.83
C LYS I 190 -82.81 -50.10 -73.03
N HIS I 191 -81.50 -49.96 -72.80
CA HIS I 191 -80.57 -49.65 -73.87
C HIS I 191 -79.88 -50.91 -74.38
N LYS I 192 -79.21 -50.77 -75.53
CA LYS I 192 -78.81 -51.91 -76.34
C LYS I 192 -77.29 -52.12 -76.31
N VAL I 193 -76.51 -51.25 -76.95
CA VAL I 193 -75.08 -51.45 -77.10
C VAL I 193 -74.36 -50.53 -76.13
N TYR I 194 -73.49 -51.10 -75.30
CA TYR I 194 -72.76 -50.35 -74.28
C TYR I 194 -71.30 -50.22 -74.72
N ALA I 195 -70.84 -48.98 -74.87
CA ALA I 195 -69.57 -48.69 -75.50
C ALA I 195 -68.60 -48.06 -74.50
N CYS I 196 -67.36 -48.53 -74.51
CA CYS I 196 -66.26 -47.92 -73.77
C CYS I 196 -65.23 -47.44 -74.79
N GLU I 197 -64.97 -46.14 -74.80
CA GLU I 197 -64.12 -45.50 -75.82
C GLU I 197 -62.87 -44.96 -75.15
N VAL I 198 -61.71 -45.47 -75.57
CA VAL I 198 -60.45 -45.20 -74.90
C VAL I 198 -59.57 -44.36 -75.82
N THR I 199 -58.95 -43.32 -75.25
CA THR I 199 -57.96 -42.52 -75.94
C THR I 199 -56.69 -42.45 -75.10
N HIS I 200 -55.58 -42.91 -75.67
CA HIS I 200 -54.28 -42.84 -75.04
C HIS I 200 -53.31 -42.14 -75.98
N GLN I 201 -52.19 -41.66 -75.43
CA GLN I 201 -51.23 -40.98 -76.28
C GLN I 201 -50.49 -41.96 -77.19
N GLY I 202 -50.31 -43.20 -76.74
CA GLY I 202 -49.72 -44.24 -77.55
C GLY I 202 -50.66 -44.90 -78.53
N LEU I 203 -51.94 -44.52 -78.51
CA LEU I 203 -52.92 -45.00 -79.46
C LEU I 203 -53.13 -43.94 -80.54
N SER I 204 -52.76 -44.27 -81.78
CA SER I 204 -53.01 -43.35 -82.88
C SER I 204 -54.50 -43.18 -83.12
N SER I 205 -55.20 -44.29 -83.33
CA SER I 205 -56.66 -44.26 -83.45
C SER I 205 -57.28 -44.59 -82.09
N PRO I 206 -58.19 -43.76 -81.59
CA PRO I 206 -58.84 -44.07 -80.31
C PRO I 206 -59.62 -45.37 -80.39
N VAL I 207 -59.49 -46.18 -79.34
CA VAL I 207 -60.04 -47.54 -79.31
C VAL I 207 -61.40 -47.52 -78.64
N THR I 208 -62.34 -48.26 -79.22
CA THR I 208 -63.67 -48.45 -78.65
C THR I 208 -63.99 -49.94 -78.61
N LYS I 209 -64.34 -50.44 -77.42
CA LYS I 209 -64.83 -51.79 -77.25
C LYS I 209 -66.28 -51.73 -76.78
N SER I 210 -67.10 -52.63 -77.30
CA SER I 210 -68.53 -52.58 -77.02
C SER I 210 -69.11 -53.99 -77.00
N PHE I 211 -70.32 -54.09 -76.44
CA PHE I 211 -71.07 -55.33 -76.45
C PHE I 211 -72.56 -55.02 -76.61
N ASN I 212 -73.30 -56.05 -77.01
CA ASN I 212 -74.76 -55.98 -77.10
C ASN I 212 -75.35 -57.07 -76.23
N ARG I 213 -76.45 -56.76 -75.56
CA ARG I 213 -77.07 -57.66 -74.60
C ARG I 213 -77.44 -59.01 -75.23
N GLU J 1 10.11 -16.90 -43.49
CA GLU J 1 11.51 -16.54 -43.69
C GLU J 1 12.38 -17.19 -42.61
N ILE J 2 13.26 -18.10 -43.03
CA ILE J 2 14.09 -18.84 -42.08
C ILE J 2 14.95 -17.88 -41.29
N VAL J 3 14.89 -18.01 -39.96
CA VAL J 3 15.64 -17.14 -39.05
C VAL J 3 16.64 -18.01 -38.30
N LEU J 4 17.91 -17.60 -38.34
CA LEU J 4 18.98 -18.32 -37.67
C LEU J 4 19.33 -17.62 -36.37
N THR J 5 19.68 -18.41 -35.36
CA THR J 5 19.98 -17.88 -34.03
C THR J 5 21.22 -18.57 -33.50
N GLN J 6 22.28 -17.79 -33.30
CA GLN J 6 23.52 -18.31 -32.73
C GLN J 6 23.51 -18.14 -31.21
N SER J 7 24.26 -19.02 -30.54
CA SER J 7 24.45 -18.97 -29.10
C SER J 7 25.78 -19.66 -28.82
N PRO J 8 26.57 -19.16 -27.84
CA PRO J 8 26.26 -18.01 -26.99
C PRO J 8 26.48 -16.67 -27.68
N GLY J 9 26.06 -15.58 -27.03
CA GLY J 9 26.30 -14.27 -27.59
C GLY J 9 27.76 -13.85 -27.52
N THR J 10 28.49 -14.33 -26.52
CA THR J 10 29.90 -14.01 -26.35
C THR J 10 30.60 -15.17 -25.66
N LEU J 11 31.73 -15.59 -26.23
CA LEU J 11 32.57 -16.63 -25.65
C LEU J 11 33.79 -16.00 -24.99
N SER J 12 34.16 -16.55 -23.82
CA SER J 12 35.35 -16.12 -23.09
C SER J 12 36.17 -17.37 -22.79
N LEU J 13 37.25 -17.57 -23.55
CA LEU J 13 38.06 -18.77 -23.46
C LEU J 13 39.53 -18.42 -23.67
N SER J 14 40.40 -19.23 -23.10
CA SER J 14 41.84 -19.08 -23.18
C SER J 14 42.40 -19.96 -24.29
N PRO J 15 43.55 -19.59 -24.85
CA PRO J 15 44.16 -20.41 -25.92
C PRO J 15 44.30 -21.87 -25.51
N GLY J 16 44.08 -22.76 -26.49
CA GLY J 16 44.13 -24.18 -26.26
C GLY J 16 42.80 -24.81 -25.87
N GLU J 17 41.87 -24.04 -25.32
CA GLU J 17 40.61 -24.58 -24.89
C GLU J 17 39.71 -24.91 -26.09
N ARG J 18 38.63 -25.64 -25.80
CA ARG J 18 37.66 -26.02 -26.81
C ARG J 18 36.56 -24.95 -26.88
N ALA J 19 36.21 -24.55 -28.10
CA ALA J 19 35.20 -23.53 -28.34
C ALA J 19 34.07 -24.14 -29.16
N THR J 20 32.85 -24.06 -28.65
CA THR J 20 31.68 -24.65 -29.30
C THR J 20 30.66 -23.54 -29.58
N LEU J 21 30.39 -23.30 -30.85
CA LEU J 21 29.45 -22.29 -31.28
C LEU J 21 28.28 -22.96 -31.99
N SER J 22 27.07 -22.47 -31.71
CA SER J 22 25.85 -23.09 -32.21
C SER J 22 25.12 -22.17 -33.18
N CYS J 23 24.28 -22.79 -34.02
CA CYS J 23 23.43 -22.09 -34.97
C CYS J 23 22.12 -22.85 -35.05
N ARG J 24 21.00 -22.18 -34.79
CA ARG J 24 19.70 -22.84 -34.67
C ARG J 24 18.70 -22.20 -35.63
N ALA J 25 18.21 -22.98 -36.59
CA ALA J 25 17.31 -22.46 -37.60
C ALA J 25 15.87 -22.49 -37.10
N SER J 26 15.06 -21.53 -37.59
CA SER J 26 13.66 -21.45 -37.20
C SER J 26 12.85 -22.62 -37.73
N GLN J 27 13.25 -23.16 -38.88
CA GLN J 27 12.63 -24.37 -39.42
C GLN J 27 13.71 -25.22 -40.06
N SER J 28 13.36 -26.47 -40.35
CA SER J 28 14.32 -27.40 -40.92
C SER J 28 14.81 -26.93 -42.29
N VAL J 29 16.13 -26.98 -42.49
CA VAL J 29 16.76 -26.62 -43.75
C VAL J 29 17.75 -27.70 -44.15
N SER J 30 18.15 -27.66 -45.42
CA SER J 30 19.09 -28.64 -45.93
C SER J 30 20.50 -28.37 -45.41
N SER J 31 21.24 -29.43 -45.12
CA SER J 31 22.60 -29.31 -44.61
C SER J 31 23.59 -28.88 -45.69
N SER J 32 23.19 -28.86 -46.95
CA SER J 32 24.09 -28.56 -48.05
C SER J 32 24.29 -27.07 -48.31
N TYR J 33 23.44 -26.21 -47.74
CA TYR J 33 23.53 -24.78 -47.97
C TYR J 33 23.57 -24.02 -46.65
N LEU J 34 24.31 -24.55 -45.68
CA LEU J 34 24.64 -23.84 -44.45
C LEU J 34 26.15 -23.66 -44.39
N ALA J 35 26.58 -22.45 -44.08
CA ALA J 35 28.00 -22.10 -44.10
C ALA J 35 28.39 -21.37 -42.82
N TRP J 36 29.69 -21.28 -42.59
CA TRP J 36 30.27 -20.59 -41.45
C TRP J 36 31.32 -19.60 -41.94
N TYR J 37 31.27 -18.39 -41.40
CA TYR J 37 32.23 -17.34 -41.75
C TYR J 37 32.90 -16.79 -40.51
N GLN J 38 34.15 -16.38 -40.67
CA GLN J 38 34.92 -15.73 -39.62
C GLN J 38 35.32 -14.36 -40.11
N GLN J 39 35.06 -13.34 -39.31
CA GLN J 39 35.37 -11.96 -39.69
C GLN J 39 36.15 -11.28 -38.57
N LYS J 40 37.31 -10.73 -38.92
CA LYS J 40 38.05 -9.85 -38.03
C LYS J 40 37.47 -8.43 -38.11
N PRO J 41 37.72 -7.60 -37.09
CA PRO J 41 37.02 -6.30 -37.03
C PRO J 41 37.16 -5.42 -38.26
N GLY J 42 38.30 -5.44 -38.94
CA GLY J 42 38.53 -4.52 -40.04
C GLY J 42 38.49 -5.14 -41.42
N GLN J 43 38.38 -6.46 -41.50
CA GLN J 43 38.45 -7.18 -42.76
C GLN J 43 37.06 -7.68 -43.17
N ALA J 44 37.02 -8.36 -44.31
CA ALA J 44 35.82 -8.97 -44.85
C ALA J 44 35.64 -10.37 -44.28
N PRO J 45 34.41 -10.90 -44.32
CA PRO J 45 34.20 -12.28 -43.88
C PRO J 45 35.04 -13.27 -44.68
N ARG J 46 35.41 -14.36 -44.02
CA ARG J 46 36.24 -15.41 -44.61
C ARG J 46 35.57 -16.75 -44.35
N LEU J 47 35.38 -17.53 -45.41
CA LEU J 47 34.61 -18.76 -45.32
C LEU J 47 35.43 -19.87 -44.67
N LEU J 48 34.83 -20.54 -43.70
CA LEU J 48 35.43 -21.70 -43.04
C LEU J 48 34.80 -23.01 -43.45
N ILE J 49 33.47 -23.06 -43.51
CA ILE J 49 32.73 -24.31 -43.64
C ILE J 49 31.63 -24.11 -44.68
N TYR J 50 31.57 -25.01 -45.65
CA TYR J 50 30.43 -25.10 -46.57
C TYR J 50 29.87 -26.50 -46.50
N GLY J 51 28.58 -26.63 -46.83
CA GLY J 51 27.90 -27.89 -46.63
C GLY J 51 27.80 -28.31 -45.19
N ALA J 52 27.88 -27.37 -44.26
CA ALA J 52 27.72 -27.58 -42.83
C ALA J 52 28.87 -28.37 -42.19
N SER J 53 29.61 -29.15 -42.98
CA SER J 53 30.67 -29.98 -42.43
C SER J 53 31.99 -29.93 -43.19
N SER J 54 32.00 -29.55 -44.46
CA SER J 54 33.22 -29.50 -45.24
C SER J 54 33.93 -28.16 -45.04
N ARG J 55 35.25 -28.17 -45.21
CA ARG J 55 36.08 -26.99 -45.00
C ARG J 55 36.42 -26.32 -46.32
N ALA J 56 36.48 -24.99 -46.30
CA ALA J 56 36.98 -24.24 -47.44
C ALA J 56 38.49 -24.46 -47.55
N THR J 57 38.98 -24.47 -48.79
CA THR J 57 40.36 -24.83 -49.10
C THR J 57 41.36 -24.11 -48.19
N GLY J 58 42.12 -24.90 -47.43
CA GLY J 58 43.19 -24.38 -46.61
C GLY J 58 42.84 -24.12 -45.16
N ILE J 59 41.57 -24.22 -44.78
CA ILE J 59 41.19 -23.96 -43.38
C ILE J 59 41.82 -25.05 -42.50
N PRO J 60 42.50 -24.69 -41.41
CA PRO J 60 43.22 -25.68 -40.62
C PRO J 60 42.31 -26.77 -40.06
N ASP J 61 42.94 -27.86 -39.61
CA ASP J 61 42.19 -29.00 -39.09
C ASP J 61 41.37 -28.65 -37.86
N ARG J 62 41.84 -27.71 -37.06
CA ARG J 62 41.17 -27.38 -35.80
C ARG J 62 39.76 -26.84 -36.00
N PHE J 63 39.34 -26.56 -37.23
CA PHE J 63 37.99 -26.10 -37.51
C PHE J 63 37.15 -27.26 -38.02
N SER J 64 35.97 -27.43 -37.43
CA SER J 64 35.09 -28.53 -37.79
C SER J 64 33.64 -28.07 -37.66
N GLY J 65 32.78 -28.66 -38.47
CA GLY J 65 31.37 -28.32 -38.46
C GLY J 65 30.51 -29.56 -38.58
N SER J 66 29.34 -29.50 -37.94
CA SER J 66 28.37 -30.58 -37.98
C SER J 66 26.97 -29.99 -37.93
N GLY J 67 25.98 -30.84 -38.08
CA GLY J 67 24.59 -30.47 -37.88
C GLY J 67 23.69 -31.05 -38.94
N SER J 68 22.38 -30.99 -38.67
CA SER J 68 21.33 -31.46 -39.56
C SER J 68 20.00 -30.99 -38.98
N GLY J 69 19.05 -30.74 -39.88
CA GLY J 69 17.74 -30.27 -39.46
C GLY J 69 17.71 -28.80 -39.11
N THR J 70 17.73 -28.50 -37.81
CA THR J 70 17.73 -27.12 -37.34
C THR J 70 18.92 -26.77 -36.46
N ASP J 71 19.71 -27.74 -36.02
CA ASP J 71 20.80 -27.52 -35.08
C ASP J 71 22.13 -27.76 -35.78
N PHE J 72 23.01 -26.76 -35.75
CA PHE J 72 24.30 -26.83 -36.37
C PHE J 72 25.37 -26.35 -35.39
N THR J 73 26.57 -26.92 -35.52
CA THR J 73 27.64 -26.69 -34.55
C THR J 73 28.95 -26.47 -35.28
N LEU J 74 29.56 -25.31 -35.06
CA LEU J 74 30.94 -25.05 -35.44
C LEU J 74 31.81 -25.21 -34.20
N THR J 75 32.83 -26.06 -34.30
CA THR J 75 33.63 -26.44 -33.13
C THR J 75 35.11 -26.26 -33.44
N ILE J 76 35.77 -25.42 -32.64
CA ILE J 76 37.22 -25.25 -32.72
C ILE J 76 37.84 -26.08 -31.60
N SER J 77 38.74 -27.00 -31.96
CA SER J 77 39.28 -27.93 -30.98
C SER J 77 40.26 -27.24 -30.03
N ARG J 78 41.33 -26.67 -30.59
CA ARG J 78 42.35 -25.99 -29.80
C ARG J 78 42.51 -24.57 -30.33
N LEU J 79 42.02 -23.60 -29.56
CA LEU J 79 42.03 -22.21 -30.02
C LEU J 79 43.45 -21.67 -30.11
N GLU J 80 43.79 -21.10 -31.25
CA GLU J 80 45.02 -20.37 -31.46
C GLU J 80 44.78 -18.89 -31.25
N PRO J 81 45.84 -18.10 -31.05
CA PRO J 81 45.64 -16.64 -30.83
C PRO J 81 44.89 -15.96 -31.96
N GLU J 82 45.10 -16.40 -33.20
CA GLU J 82 44.48 -15.76 -34.36
C GLU J 82 43.02 -16.14 -34.54
N ASP J 83 42.51 -17.11 -33.78
CA ASP J 83 41.17 -17.65 -33.98
C ASP J 83 40.10 -16.92 -33.18
N PHE J 84 40.45 -15.82 -32.53
CA PHE J 84 39.49 -15.04 -31.75
C PHE J 84 38.89 -13.95 -32.64
N ALA J 85 37.60 -14.07 -32.93
CA ALA J 85 36.94 -13.14 -33.83
C ALA J 85 35.43 -13.26 -33.62
N VAL J 86 34.66 -12.75 -34.58
CA VAL J 86 33.21 -12.94 -34.62
C VAL J 86 32.89 -13.96 -35.71
N TYR J 87 31.95 -14.85 -35.43
CA TYR J 87 31.62 -15.94 -36.34
C TYR J 87 30.13 -15.88 -36.71
N TYR J 88 29.85 -16.07 -38.00
CA TYR J 88 28.49 -16.01 -38.53
C TYR J 88 28.17 -17.27 -39.29
N CYS J 89 26.94 -17.76 -39.14
CA CYS J 89 26.40 -18.81 -39.99
C CYS J 89 25.43 -18.20 -40.99
N GLN J 90 25.36 -18.80 -42.18
CA GLN J 90 24.48 -18.33 -43.24
C GLN J 90 23.72 -19.50 -43.85
N HIS J 91 22.42 -19.34 -43.98
CA HIS J 91 21.57 -20.25 -44.73
C HIS J 91 21.35 -19.68 -46.13
N TYR J 92 21.67 -20.46 -47.15
CA TYR J 92 21.50 -20.02 -48.53
C TYR J 92 20.88 -21.12 -49.38
N GLY J 93 19.83 -21.74 -48.86
CA GLY J 93 19.02 -22.65 -49.65
C GLY J 93 18.00 -21.89 -50.48
N SER J 94 17.33 -22.64 -51.37
CA SER J 94 16.36 -22.08 -52.30
C SER J 94 17.00 -21.01 -53.18
N SER J 95 16.19 -20.28 -53.95
CA SER J 95 16.69 -19.15 -54.70
C SER J 95 16.50 -17.83 -53.95
N ARG J 96 15.76 -17.84 -52.84
CA ARG J 96 15.45 -16.64 -52.08
C ARG J 96 15.45 -16.95 -50.60
N GLY J 97 15.43 -15.90 -49.79
CA GLY J 97 15.29 -16.03 -48.36
C GLY J 97 16.56 -16.28 -47.58
N TRP J 98 17.72 -15.97 -48.15
CA TRP J 98 18.98 -16.22 -47.45
C TRP J 98 19.13 -15.27 -46.26
N THR J 99 19.66 -15.79 -45.15
CA THR J 99 19.79 -15.01 -43.93
C THR J 99 21.10 -15.35 -43.25
N PHE J 100 21.43 -14.55 -42.23
CA PHE J 100 22.62 -14.73 -41.40
C PHE J 100 22.21 -14.89 -39.94
N GLY J 101 23.17 -15.28 -39.12
CA GLY J 101 23.01 -15.20 -37.68
C GLY J 101 23.44 -13.85 -37.16
N GLN J 102 23.22 -13.63 -35.87
CA GLN J 102 23.65 -12.38 -35.25
C GLN J 102 25.14 -12.37 -34.93
N GLY J 103 25.77 -13.53 -34.85
CA GLY J 103 27.20 -13.59 -34.61
C GLY J 103 27.59 -13.93 -33.19
N THR J 104 28.63 -14.74 -33.03
CA THR J 104 29.20 -15.09 -31.73
C THR J 104 30.60 -14.51 -31.67
N LYS J 105 30.78 -13.52 -30.79
CA LYS J 105 32.11 -12.97 -30.55
C LYS J 105 32.90 -13.91 -29.67
N VAL J 106 34.18 -14.07 -29.97
CA VAL J 106 35.08 -14.94 -29.23
C VAL J 106 36.23 -14.08 -28.74
N GLU J 107 36.20 -13.70 -27.47
CA GLU J 107 37.26 -12.95 -26.83
C GLU J 107 38.12 -13.86 -25.96
N ILE J 108 39.27 -13.36 -25.57
CA ILE J 108 40.23 -14.13 -24.77
C ILE J 108 39.92 -13.96 -23.30
N LYS J 109 39.95 -15.07 -22.55
CA LYS J 109 39.80 -15.03 -21.11
C LYS J 109 41.10 -14.63 -20.46
N ARG J 110 40.99 -13.92 -19.33
CA ARG J 110 42.17 -13.31 -18.72
C ARG J 110 41.88 -13.05 -17.25
N THR J 111 42.96 -12.87 -16.48
CA THR J 111 42.82 -12.43 -15.10
C THR J 111 42.14 -11.06 -15.06
N VAL J 112 41.36 -10.84 -14.00
CA VAL J 112 40.62 -9.60 -13.86
C VAL J 112 41.60 -8.44 -13.65
N ALA J 113 41.45 -7.39 -14.44
CA ALA J 113 42.27 -6.19 -14.34
C ALA J 113 41.38 -4.99 -14.09
N ALA J 114 41.70 -4.21 -13.06
CA ALA J 114 40.92 -3.03 -12.76
C ALA J 114 41.40 -1.83 -13.57
N PRO J 115 40.50 -0.92 -13.92
CA PRO J 115 40.90 0.22 -14.76
C PRO J 115 41.52 1.35 -13.96
N SER J 116 42.55 1.96 -14.54
CA SER J 116 42.98 3.27 -14.10
C SER J 116 42.01 4.31 -14.66
N VAL J 117 41.65 5.28 -13.84
CA VAL J 117 40.59 6.23 -14.18
C VAL J 117 41.19 7.63 -14.25
N PHE J 118 41.04 8.27 -15.40
CA PHE J 118 41.56 9.61 -15.63
C PHE J 118 40.42 10.53 -16.04
N ILE J 119 40.64 11.83 -15.87
CA ILE J 119 39.69 12.84 -16.29
C ILE J 119 40.44 14.04 -16.84
N PHE J 120 39.87 14.67 -17.86
CA PHE J 120 40.49 15.80 -18.54
C PHE J 120 39.47 16.92 -18.68
N PRO J 121 39.73 18.10 -18.12
CA PRO J 121 38.78 19.21 -18.27
C PRO J 121 38.80 19.77 -19.67
N PRO J 122 37.80 20.55 -20.05
CA PRO J 122 37.81 21.14 -21.40
C PRO J 122 38.98 22.10 -21.57
N SER J 123 39.65 21.98 -22.72
CA SER J 123 40.83 22.77 -22.99
C SER J 123 40.48 24.25 -23.15
N ASP J 124 41.52 25.09 -23.17
CA ASP J 124 41.31 26.53 -23.32
C ASP J 124 40.73 26.86 -24.69
N GLU J 125 41.35 26.33 -25.74
CA GLU J 125 40.92 26.63 -27.11
C GLU J 125 39.47 26.22 -27.36
N GLN J 126 39.03 25.13 -26.71
CA GLN J 126 37.68 24.63 -26.96
C GLN J 126 36.62 25.57 -26.38
N LEU J 127 36.94 26.28 -25.29
CA LEU J 127 35.96 27.14 -24.64
C LEU J 127 35.78 28.47 -25.36
N LYS J 128 36.67 28.84 -26.28
CA LYS J 128 36.42 29.99 -27.14
C LYS J 128 35.31 29.73 -28.14
N SER J 129 35.01 28.46 -28.41
CA SER J 129 33.99 28.09 -29.39
C SER J 129 32.60 27.97 -28.76
N GLY J 130 32.49 28.02 -27.45
CA GLY J 130 31.22 27.88 -26.76
C GLY J 130 30.86 26.45 -26.38
N THR J 131 31.57 25.47 -26.91
CA THR J 131 31.33 24.07 -26.57
C THR J 131 32.37 23.59 -25.58
N ALA J 132 31.94 22.79 -24.61
CA ALA J 132 32.81 22.22 -23.60
C ALA J 132 32.58 20.72 -23.52
N SER J 133 33.67 19.96 -23.40
CA SER J 133 33.60 18.50 -23.41
C SER J 133 34.51 17.96 -22.33
N VAL J 134 33.93 17.27 -21.34
CA VAL J 134 34.68 16.64 -20.27
C VAL J 134 34.93 15.18 -20.65
N VAL J 135 36.20 14.75 -20.59
CA VAL J 135 36.61 13.43 -21.05
C VAL J 135 37.05 12.60 -19.85
N CYS J 136 36.51 11.38 -19.76
CA CYS J 136 36.93 10.40 -18.76
C CYS J 136 37.45 9.17 -19.47
N LEU J 137 38.47 8.53 -18.89
CA LEU J 137 39.17 7.45 -19.58
C LEU J 137 39.43 6.30 -18.63
N LEU J 138 39.05 5.10 -19.04
CA LEU J 138 39.33 3.86 -18.32
C LEU J 138 40.30 3.04 -19.17
N ASN J 139 41.47 2.75 -18.62
CA ASN J 139 42.55 2.14 -19.38
C ASN J 139 42.89 0.76 -18.87
N ASN J 140 43.08 -0.16 -19.81
CA ASN J 140 43.63 -1.51 -19.56
C ASN J 140 42.86 -2.23 -18.45
N PHE J 141 41.65 -2.63 -18.79
CA PHE J 141 40.80 -3.33 -17.84
C PHE J 141 40.08 -4.49 -18.51
N TYR J 142 39.69 -5.46 -17.68
CA TYR J 142 39.01 -6.68 -18.05
C TYR J 142 38.11 -7.03 -16.87
N PRO J 143 36.85 -7.47 -17.12
CA PRO J 143 36.24 -7.67 -18.43
C PRO J 143 35.69 -6.40 -19.04
N ARG J 144 34.93 -6.53 -20.14
CA ARG J 144 34.43 -5.37 -20.87
C ARG J 144 33.32 -4.64 -20.13
N GLU J 145 32.60 -5.33 -19.24
CA GLU J 145 31.48 -4.70 -18.54
C GLU J 145 31.98 -3.56 -17.65
N ALA J 146 31.29 -2.41 -17.75
CA ALA J 146 31.62 -1.23 -16.99
C ALA J 146 30.44 -0.27 -17.05
N LYS J 147 30.46 0.73 -16.17
CA LYS J 147 29.42 1.76 -16.12
C LYS J 147 30.02 3.02 -15.52
N VAL J 148 30.06 4.09 -16.30
CA VAL J 148 30.68 5.35 -15.89
C VAL J 148 29.58 6.38 -15.71
N GLN J 149 29.32 6.74 -14.45
CA GLN J 149 28.39 7.81 -14.13
C GLN J 149 29.11 9.16 -14.15
N TRP J 150 28.38 10.20 -14.51
CA TRP J 150 28.89 11.56 -14.54
C TRP J 150 28.25 12.34 -13.39
N LYS J 151 29.08 13.10 -12.67
CA LYS J 151 28.64 13.85 -11.50
C LYS J 151 29.06 15.30 -11.65
N VAL J 152 28.08 16.20 -11.74
CA VAL J 152 28.31 17.64 -11.83
C VAL J 152 27.80 18.26 -10.54
N ASP J 153 28.72 18.65 -9.66
CA ASP J 153 28.39 19.23 -8.36
C ASP J 153 27.33 18.41 -7.64
N ASN J 154 27.56 17.09 -7.60
CA ASN J 154 26.70 16.13 -6.91
C ASN J 154 25.36 15.95 -7.61
N ALA J 155 25.33 16.09 -8.93
CA ALA J 155 24.14 15.83 -9.73
C ALA J 155 24.51 14.90 -10.87
N LEU J 156 23.75 13.82 -11.03
CA LEU J 156 24.05 12.80 -12.02
C LEU J 156 23.44 13.18 -13.37
N GLN J 157 24.29 13.43 -14.35
CA GLN J 157 23.82 13.82 -15.68
C GLN J 157 23.30 12.62 -16.45
N SER J 158 22.33 12.87 -17.34
CA SER J 158 21.73 11.85 -18.17
C SER J 158 21.45 12.42 -19.54
N GLY J 159 21.87 11.70 -20.58
CA GLY J 159 21.60 12.11 -21.94
C GLY J 159 22.61 13.06 -22.55
N ASN J 160 23.73 13.32 -21.87
CA ASN J 160 24.79 14.15 -22.42
C ASN J 160 26.13 13.43 -22.38
N SER J 161 26.11 12.11 -22.25
CA SER J 161 27.30 11.28 -22.26
C SER J 161 27.30 10.37 -23.48
N GLN J 162 28.48 10.10 -24.02
CA GLN J 162 28.63 9.20 -25.14
C GLN J 162 29.87 8.35 -24.92
N GLU J 163 29.72 7.03 -25.05
CA GLU J 163 30.77 6.08 -24.75
C GLU J 163 31.24 5.36 -26.02
N SER J 164 32.51 4.97 -26.01
CA SER J 164 33.08 4.14 -27.07
C SER J 164 34.17 3.27 -26.46
N VAL J 165 34.30 2.05 -26.97
CA VAL J 165 35.20 1.05 -26.41
C VAL J 165 36.07 0.50 -27.53
N THR J 166 37.32 0.19 -27.20
CA THR J 166 38.24 -0.40 -28.15
C THR J 166 38.10 -1.92 -28.19
N GLU J 167 38.67 -2.52 -29.23
CA GLU J 167 38.90 -3.96 -29.23
C GLU J 167 39.93 -4.31 -28.17
N GLN J 168 39.85 -5.52 -27.64
CA GLN J 168 40.75 -5.89 -26.56
C GLN J 168 42.17 -6.07 -27.09
N ASP J 169 43.13 -5.61 -26.30
CA ASP J 169 44.50 -5.44 -26.76
C ASP J 169 45.12 -6.77 -27.16
N SER J 170 46.16 -6.69 -27.98
CA SER J 170 46.93 -7.85 -28.39
C SER J 170 48.18 -8.06 -27.55
N LYS J 171 48.29 -7.36 -26.42
CA LYS J 171 49.36 -7.59 -25.45
C LYS J 171 48.79 -8.08 -24.13
N ASP J 172 48.10 -7.22 -23.39
CA ASP J 172 47.50 -7.60 -22.11
C ASP J 172 46.09 -8.12 -22.25
N SER J 173 45.54 -8.17 -23.48
CA SER J 173 44.19 -8.68 -23.74
C SER J 173 43.15 -7.92 -22.91
N THR J 174 43.23 -6.59 -22.96
CA THR J 174 42.38 -5.74 -22.14
C THR J 174 41.67 -4.71 -23.01
N TYR J 175 40.49 -4.29 -22.54
CA TYR J 175 39.71 -3.24 -23.17
C TYR J 175 39.97 -1.89 -22.51
N SER J 176 39.65 -0.83 -23.24
CA SER J 176 39.65 0.53 -22.71
C SER J 176 38.47 1.26 -23.32
N LEU J 177 37.95 2.24 -22.58
CA LEU J 177 36.79 2.98 -23.04
C LEU J 177 36.95 4.45 -22.71
N SER J 178 36.31 5.29 -23.51
CA SER J 178 36.26 6.73 -23.30
C SER J 178 34.82 7.18 -23.23
N SER J 179 34.57 8.18 -22.40
CA SER J 179 33.22 8.74 -22.23
C SER J 179 33.35 10.26 -22.09
N THR J 180 32.65 10.99 -22.94
CA THR J 180 32.75 12.45 -22.99
C THR J 180 31.40 13.07 -22.63
N LEU J 181 31.35 13.76 -21.49
CA LEU J 181 30.22 14.60 -21.14
C LEU J 181 30.32 15.92 -21.92
N THR J 182 29.18 16.43 -22.38
CA THR J 182 29.16 17.60 -23.23
C THR J 182 28.12 18.59 -22.75
N LEU J 183 28.56 19.81 -22.43
CA LEU J 183 27.68 20.88 -22.01
C LEU J 183 28.11 22.17 -22.70
N SER J 184 27.19 23.12 -22.79
CA SER J 184 27.51 24.41 -23.37
C SER J 184 28.39 25.21 -22.41
N LYS J 185 29.02 26.26 -22.96
CA LYS J 185 29.95 27.06 -22.16
C LYS J 185 29.26 27.71 -20.98
N ALA J 186 27.98 28.09 -21.13
CA ALA J 186 27.26 28.70 -20.03
C ALA J 186 27.02 27.69 -18.90
N ASP J 187 26.54 26.49 -19.25
CA ASP J 187 26.28 25.46 -18.24
C ASP J 187 27.57 25.01 -17.55
N TYR J 188 28.72 25.23 -18.17
CA TYR J 188 29.99 24.79 -17.59
C TYR J 188 30.39 25.66 -16.41
N GLU J 189 30.32 26.98 -16.57
CA GLU J 189 30.75 27.91 -15.53
C GLU J 189 29.69 28.13 -14.46
N LYS J 190 28.56 27.43 -14.51
CA LYS J 190 27.59 27.45 -13.43
C LYS J 190 27.91 26.43 -12.34
N HIS J 191 28.88 25.55 -12.56
CA HIS J 191 29.23 24.49 -11.63
C HIS J 191 30.73 24.47 -11.42
N LYS J 192 31.15 23.84 -10.32
CA LYS J 192 32.55 23.91 -9.90
C LYS J 192 33.26 22.56 -9.92
N VAL J 193 32.66 21.52 -9.34
CA VAL J 193 33.31 20.23 -9.17
C VAL J 193 32.70 19.26 -10.17
N TYR J 194 33.54 18.67 -11.02
CA TYR J 194 33.14 17.70 -12.01
C TYR J 194 33.79 16.37 -11.69
N ALA J 195 32.99 15.30 -11.64
CA ALA J 195 33.44 14.01 -11.16
C ALA J 195 33.00 12.90 -12.09
N CYS J 196 33.90 11.95 -12.35
CA CYS J 196 33.64 10.78 -13.16
C CYS J 196 33.67 9.55 -12.25
N GLU J 197 32.51 8.93 -12.05
CA GLU J 197 32.39 7.76 -11.17
C GLU J 197 32.33 6.50 -12.01
N VAL J 198 33.21 5.55 -11.70
CA VAL J 198 33.25 4.25 -12.36
C VAL J 198 32.83 3.18 -11.37
N THR J 199 32.17 2.15 -11.88
CA THR J 199 31.84 0.95 -11.11
C THR J 199 32.21 -0.26 -11.93
N HIS J 200 33.02 -1.14 -11.37
CA HIS J 200 33.57 -2.29 -12.09
C HIS J 200 33.61 -3.49 -11.16
N GLN J 201 33.48 -4.68 -11.75
CA GLN J 201 33.56 -5.92 -10.98
C GLN J 201 34.94 -6.08 -10.36
N GLY J 202 36.00 -5.71 -11.10
CA GLY J 202 37.35 -5.79 -10.62
C GLY J 202 37.80 -4.65 -9.74
N LEU J 203 36.91 -3.72 -9.42
CA LEU J 203 37.21 -2.61 -8.51
C LEU J 203 36.47 -2.83 -7.20
N SER J 204 37.15 -2.55 -6.08
CA SER J 204 36.57 -2.81 -4.77
C SER J 204 35.29 -2.00 -4.56
N SER J 205 35.37 -0.68 -4.74
CA SER J 205 34.24 0.21 -4.55
C SER J 205 34.09 1.11 -5.78
N PRO J 206 32.95 1.78 -5.91
CA PRO J 206 32.78 2.75 -7.00
C PRO J 206 33.81 3.87 -6.88
N VAL J 207 34.63 4.00 -7.91
CA VAL J 207 35.77 4.92 -7.89
C VAL J 207 35.40 6.18 -8.64
N THR J 208 35.72 7.33 -8.05
CA THR J 208 35.38 8.63 -8.61
C THR J 208 36.64 9.47 -8.72
N LYS J 209 36.86 10.06 -9.90
CA LYS J 209 37.92 11.03 -10.13
C LYS J 209 37.29 12.38 -10.42
N SER J 210 37.62 13.38 -9.61
CA SER J 210 37.02 14.70 -9.70
C SER J 210 38.07 15.75 -10.07
N PHE J 211 37.57 16.95 -10.35
CA PHE J 211 38.44 18.11 -10.55
C PHE J 211 37.60 19.37 -10.34
N ASN J 212 38.29 20.48 -10.06
CA ASN J 212 37.67 21.76 -9.84
C ASN J 212 38.11 22.73 -10.93
N ARG J 213 37.22 23.66 -11.28
CA ARG J 213 37.47 24.56 -12.41
C ARG J 213 38.71 25.41 -12.23
N GLY J 214 39.15 25.63 -10.99
CA GLY J 214 40.35 26.38 -10.72
C GLY J 214 41.47 25.53 -10.17
N GLU K 1 -14.00 -1.36 -84.21
CA GLU K 1 -13.76 -1.26 -82.77
C GLU K 1 -13.88 -2.62 -82.11
N VAL K 2 -13.06 -2.85 -81.09
CA VAL K 2 -13.01 -4.14 -80.41
C VAL K 2 -14.16 -4.23 -79.43
N GLN K 3 -14.99 -5.26 -79.58
CA GLN K 3 -16.20 -5.39 -78.79
C GLN K 3 -16.49 -6.85 -78.49
N LEU K 4 -16.92 -7.11 -77.25
CA LEU K 4 -17.42 -8.41 -76.82
C LEU K 4 -18.83 -8.22 -76.30
N VAL K 5 -19.80 -8.90 -76.94
CA VAL K 5 -21.20 -8.79 -76.57
C VAL K 5 -21.73 -10.20 -76.28
N GLU K 6 -22.32 -10.37 -75.11
CA GLU K 6 -22.85 -11.66 -74.68
C GLU K 6 -24.36 -11.70 -74.90
N SER K 7 -24.84 -12.79 -75.50
CA SER K 7 -26.25 -13.02 -75.73
C SER K 7 -26.75 -14.15 -74.83
N GLY K 8 -28.07 -14.27 -74.74
CA GLY K 8 -28.68 -15.28 -73.92
C GLY K 8 -29.05 -14.79 -72.54
N GLY K 9 -28.93 -15.65 -71.54
CA GLY K 9 -29.19 -15.27 -70.17
C GLY K 9 -30.65 -15.08 -69.84
N GLY K 10 -31.05 -15.44 -68.62
CA GLY K 10 -32.41 -15.28 -68.19
C GLY K 10 -32.75 -16.30 -67.11
N LEU K 11 -34.05 -16.58 -66.99
CA LEU K 11 -34.56 -17.47 -65.96
C LEU K 11 -34.65 -18.89 -66.51
N VAL K 12 -34.13 -19.85 -65.75
CA VAL K 12 -34.14 -21.26 -66.12
C VAL K 12 -34.35 -22.09 -64.86
N LYS K 13 -35.14 -23.15 -64.97
CA LYS K 13 -35.44 -23.98 -63.82
C LYS K 13 -34.25 -24.86 -63.46
N PRO K 14 -34.11 -25.22 -62.19
CA PRO K 14 -33.00 -26.11 -61.79
C PRO K 14 -33.06 -27.44 -62.52
N GLY K 15 -31.87 -28.01 -62.75
CA GLY K 15 -31.78 -29.20 -63.57
C GLY K 15 -32.04 -28.94 -65.03
N GLY K 16 -32.06 -27.67 -65.44
CA GLY K 16 -32.37 -27.29 -66.79
C GLY K 16 -31.13 -26.97 -67.61
N SER K 17 -31.36 -26.50 -68.83
CA SER K 17 -30.29 -26.22 -69.77
C SER K 17 -30.38 -24.78 -70.28
N LEU K 18 -29.28 -24.31 -70.83
CA LEU K 18 -29.18 -22.96 -71.40
C LEU K 18 -27.91 -22.85 -72.22
N ARG K 19 -27.96 -21.98 -73.24
CA ARG K 19 -26.83 -21.77 -74.15
C ARG K 19 -26.48 -20.28 -74.19
N LEU K 20 -25.39 -19.92 -73.51
CA LEU K 20 -24.86 -18.58 -73.62
C LEU K 20 -23.98 -18.47 -74.86
N SER K 21 -24.09 -17.34 -75.55
CA SER K 21 -23.26 -17.05 -76.71
C SER K 21 -22.70 -15.65 -76.58
N CYS K 22 -21.55 -15.43 -77.23
CA CYS K 22 -20.83 -14.17 -77.14
C CYS K 22 -20.25 -13.85 -78.51
N ALA K 23 -20.75 -12.78 -79.13
CA ALA K 23 -20.28 -12.33 -80.43
C ALA K 23 -19.13 -11.36 -80.28
N ALA K 24 -18.09 -11.54 -81.08
CA ALA K 24 -16.86 -10.77 -80.99
C ALA K 24 -16.57 -10.05 -82.29
N SER K 25 -16.15 -8.80 -82.20
CA SER K 25 -15.79 -8.00 -83.37
C SER K 25 -14.68 -7.04 -83.01
N GLY K 26 -13.81 -6.76 -83.97
CA GLY K 26 -12.74 -5.79 -83.82
C GLY K 26 -11.35 -6.36 -83.80
N PHE K 27 -11.18 -7.66 -83.61
CA PHE K 27 -9.85 -8.26 -83.53
C PHE K 27 -9.88 -9.62 -84.22
N THR K 28 -8.69 -10.17 -84.44
CA THR K 28 -8.55 -11.49 -85.05
C THR K 28 -8.96 -12.53 -84.02
N PHE K 29 -10.22 -12.96 -84.10
CA PHE K 29 -10.81 -13.81 -83.07
C PHE K 29 -10.13 -15.18 -82.99
N ARG K 30 -9.84 -15.78 -84.15
CA ARG K 30 -9.34 -17.16 -84.20
C ARG K 30 -7.93 -17.32 -83.64
N ASP K 31 -7.28 -16.25 -83.20
CA ASP K 31 -5.97 -16.35 -82.56
C ASP K 31 -6.04 -16.25 -81.03
N VAL K 32 -7.20 -15.93 -80.48
CA VAL K 32 -7.33 -15.60 -79.06
C VAL K 32 -7.89 -16.79 -78.30
N TRP K 33 -7.43 -16.95 -77.06
CA TRP K 33 -7.94 -17.97 -76.15
C TRP K 33 -9.07 -17.35 -75.33
N MET K 34 -10.30 -17.65 -75.71
CA MET K 34 -11.45 -17.09 -75.02
C MET K 34 -11.67 -17.78 -73.68
N SER K 35 -12.30 -17.04 -72.75
CA SER K 35 -12.61 -17.54 -71.43
C SER K 35 -13.95 -16.99 -70.98
N TRP K 36 -14.70 -17.79 -70.22
CA TRP K 36 -15.89 -17.35 -69.50
C TRP K 36 -15.55 -17.19 -68.03
N VAL K 37 -15.82 -16.01 -67.48
CA VAL K 37 -15.71 -15.74 -66.06
C VAL K 37 -17.07 -15.27 -65.56
N ARG K 38 -17.48 -15.76 -64.40
CA ARG K 38 -18.79 -15.45 -63.85
C ARG K 38 -18.64 -14.74 -62.50
N GLN K 39 -19.75 -14.16 -62.06
CA GLN K 39 -19.76 -13.39 -60.81
C GLN K 39 -21.13 -13.56 -60.18
N ALA K 40 -21.20 -14.32 -59.09
CA ALA K 40 -22.42 -14.37 -58.30
C ALA K 40 -22.71 -12.99 -57.74
N PRO K 41 -23.98 -12.61 -57.59
CA PRO K 41 -24.32 -11.26 -57.16
C PRO K 41 -23.77 -10.97 -55.76
N GLY K 42 -23.05 -9.86 -55.64
CA GLY K 42 -22.37 -9.51 -54.41
C GLY K 42 -21.12 -10.29 -54.13
N LYS K 43 -20.89 -11.41 -54.82
CA LYS K 43 -19.71 -12.23 -54.63
C LYS K 43 -18.61 -11.77 -55.59
N GLY K 44 -17.52 -12.54 -55.67
CA GLY K 44 -16.37 -12.18 -56.46
C GLY K 44 -16.36 -12.83 -57.83
N LEU K 45 -15.20 -12.80 -58.45
CA LEU K 45 -15.00 -13.35 -59.79
C LEU K 45 -14.58 -14.80 -59.71
N GLU K 46 -15.06 -15.61 -60.66
CA GLU K 46 -14.78 -17.04 -60.68
C GLU K 46 -14.63 -17.49 -62.12
N TRP K 47 -13.45 -17.98 -62.48
CA TRP K 47 -13.21 -18.48 -63.82
C TRP K 47 -14.00 -19.76 -64.06
N VAL K 48 -14.65 -19.85 -65.21
CA VAL K 48 -15.51 -20.98 -65.53
C VAL K 48 -14.78 -21.94 -66.47
N GLY K 49 -14.35 -21.43 -67.63
CA GLY K 49 -13.66 -22.27 -68.58
C GLY K 49 -12.98 -21.44 -69.64
N ARG K 50 -12.26 -22.13 -70.53
CA ARG K 50 -11.58 -21.48 -71.62
C ARG K 50 -11.42 -22.46 -72.77
N ILE K 51 -11.42 -21.92 -73.99
CA ILE K 51 -11.16 -22.68 -75.20
C ILE K 51 -9.97 -22.06 -75.91
N LYS K 52 -8.96 -22.88 -76.21
CA LYS K 52 -7.79 -22.38 -76.90
C LYS K 52 -8.10 -22.09 -78.36
N SER K 53 -7.18 -21.38 -79.02
CA SER K 53 -7.31 -21.12 -80.44
C SER K 53 -7.17 -22.42 -81.22
N LYS K 54 -7.57 -22.36 -82.49
CA LYS K 54 -7.48 -23.55 -83.35
C LYS K 54 -6.03 -23.96 -83.58
N ILE K 55 -5.12 -22.98 -83.69
CA ILE K 55 -3.72 -23.29 -83.98
C ILE K 55 -3.07 -23.96 -82.79
N ASP K 56 -3.46 -23.61 -81.56
CA ASP K 56 -2.86 -24.17 -80.36
C ASP K 56 -3.62 -25.39 -79.85
N GLY K 57 -4.36 -26.07 -80.72
CA GLY K 57 -5.00 -27.33 -80.36
C GLY K 57 -6.51 -27.31 -80.32
N GLY K 58 -7.07 -26.22 -79.82
CA GLY K 58 -8.50 -26.17 -79.55
C GLY K 58 -8.91 -26.80 -78.25
N THR K 59 -7.95 -27.10 -77.36
CA THR K 59 -8.25 -27.75 -76.10
C THR K 59 -9.07 -26.85 -75.19
N THR K 60 -9.86 -27.47 -74.32
CA THR K 60 -10.76 -26.76 -73.42
C THR K 60 -10.53 -27.23 -71.99
N ASP K 61 -10.41 -26.28 -71.07
CA ASP K 61 -10.29 -26.56 -69.65
C ASP K 61 -11.48 -25.98 -68.92
N TYR K 62 -11.97 -26.69 -67.91
CA TYR K 62 -13.15 -26.30 -67.17
C TYR K 62 -12.83 -26.23 -65.68
N ALA K 63 -13.62 -25.43 -64.96
CA ALA K 63 -13.48 -25.28 -63.53
C ALA K 63 -14.19 -26.41 -62.80
N ALA K 64 -13.67 -26.76 -61.63
CA ALA K 64 -14.19 -27.91 -60.86
C ALA K 64 -15.68 -27.85 -60.59
N PRO K 65 -16.27 -26.74 -60.13
CA PRO K 65 -17.72 -26.77 -59.84
C PRO K 65 -18.57 -27.02 -61.06
N VAL K 66 -18.14 -26.52 -62.24
CA VAL K 66 -18.94 -26.62 -63.45
C VAL K 66 -18.54 -27.78 -64.34
N LYS K 67 -17.44 -28.48 -64.04
CA LYS K 67 -16.94 -29.50 -64.95
C LYS K 67 -17.95 -30.64 -65.10
N GLY K 68 -18.16 -31.06 -66.34
CA GLY K 68 -19.09 -32.13 -66.64
C GLY K 68 -20.43 -31.64 -67.13
N ARG K 69 -20.88 -30.51 -66.59
CA ARG K 69 -22.19 -29.97 -66.92
C ARG K 69 -22.14 -28.82 -67.90
N PHE K 70 -20.98 -28.21 -68.11
CA PHE K 70 -20.84 -27.08 -69.02
C PHE K 70 -20.02 -27.52 -70.24
N THR K 71 -20.23 -26.80 -71.35
CA THR K 71 -19.55 -27.09 -72.60
C THR K 71 -19.23 -25.79 -73.32
N ILE K 72 -17.97 -25.61 -73.70
CA ILE K 72 -17.52 -24.43 -74.42
C ILE K 72 -17.22 -24.83 -75.87
N SER K 73 -17.80 -24.10 -76.81
CA SER K 73 -17.53 -24.30 -78.23
C SER K 73 -17.26 -22.94 -78.87
N ARG K 74 -16.69 -22.97 -80.06
CA ARG K 74 -16.37 -21.76 -80.79
C ARG K 74 -16.69 -21.96 -82.27
N ASP K 75 -17.14 -20.89 -82.91
CA ASP K 75 -17.44 -20.87 -84.35
C ASP K 75 -16.62 -19.73 -84.94
N ASP K 76 -15.40 -20.04 -85.38
CA ASP K 76 -14.49 -19.03 -85.90
C ASP K 76 -14.96 -18.41 -87.21
N SER K 77 -15.91 -19.04 -87.90
CA SER K 77 -16.48 -18.43 -89.10
C SER K 77 -17.49 -17.33 -88.78
N LYS K 78 -18.05 -17.32 -87.57
CA LYS K 78 -18.97 -16.28 -87.14
C LYS K 78 -18.42 -15.46 -85.98
N ASN K 79 -17.16 -15.70 -85.58
CA ASN K 79 -16.51 -14.95 -84.50
C ASN K 79 -17.30 -15.02 -83.20
N THR K 80 -17.94 -16.16 -82.95
CA THR K 80 -18.85 -16.32 -81.82
C THR K 80 -18.33 -17.39 -80.87
N LEU K 81 -18.44 -17.12 -79.58
CA LEU K 81 -18.07 -18.05 -78.52
C LEU K 81 -19.33 -18.51 -77.80
N TYR K 82 -19.46 -19.82 -77.61
CA TYR K 82 -20.65 -20.40 -76.99
C TYR K 82 -20.32 -20.99 -75.63
N LEU K 83 -21.37 -21.25 -74.85
CA LEU K 83 -21.23 -21.90 -73.54
C LEU K 83 -22.55 -22.61 -73.26
N GLN K 84 -22.57 -23.93 -73.46
CA GLN K 84 -23.75 -24.73 -73.18
C GLN K 84 -23.74 -25.16 -71.73
N MET K 85 -24.85 -24.91 -71.03
CA MET K 85 -24.98 -25.24 -69.61
C MET K 85 -26.12 -26.23 -69.45
N ASN K 86 -25.81 -27.42 -68.91
CA ASN K 86 -26.80 -28.40 -68.53
C ASN K 86 -26.69 -28.67 -67.04
N SER K 87 -27.71 -29.34 -66.50
CA SER K 87 -27.77 -29.70 -65.08
C SER K 87 -27.56 -28.46 -64.20
N LEU K 88 -28.27 -27.40 -64.53
CA LEU K 88 -28.05 -26.11 -63.89
C LEU K 88 -28.53 -26.14 -62.44
N LYS K 89 -27.65 -25.73 -61.52
CA LYS K 89 -27.99 -25.61 -60.11
C LYS K 89 -28.34 -24.17 -59.77
N THR K 90 -28.99 -23.99 -58.61
CA THR K 90 -29.27 -22.65 -58.12
C THR K 90 -28.00 -21.90 -57.74
N GLU K 91 -26.92 -22.62 -57.46
CA GLU K 91 -25.63 -22.03 -57.11
C GLU K 91 -24.83 -21.60 -58.33
N ASP K 92 -25.37 -21.79 -59.54
CA ASP K 92 -24.77 -21.28 -60.76
C ASP K 92 -25.26 -19.88 -61.12
N THR K 93 -26.25 -19.37 -60.39
CA THR K 93 -26.81 -18.05 -60.69
C THR K 93 -25.73 -16.98 -60.56
N ALA K 94 -25.47 -16.27 -61.66
CA ALA K 94 -24.40 -15.30 -61.72
C ALA K 94 -24.52 -14.52 -63.02
N VAL K 95 -23.75 -13.45 -63.12
CA VAL K 95 -23.55 -12.75 -64.38
C VAL K 95 -22.33 -13.36 -65.06
N TYR K 96 -22.44 -13.63 -66.35
CA TYR K 96 -21.45 -14.41 -67.07
C TYR K 96 -20.77 -13.53 -68.11
N TYR K 97 -19.46 -13.34 -67.98
CA TYR K 97 -18.67 -12.57 -68.91
C TYR K 97 -17.91 -13.49 -69.86
N CYS K 98 -17.87 -13.11 -71.13
CA CYS K 98 -16.86 -13.63 -72.04
C CYS K 98 -15.71 -12.64 -72.10
N THR K 99 -14.50 -13.15 -72.24
CA THR K 99 -13.34 -12.28 -72.14
C THR K 99 -12.16 -12.90 -72.87
N THR K 100 -11.19 -12.04 -73.18
CA THR K 100 -9.89 -12.45 -73.69
C THR K 100 -8.83 -12.47 -72.59
N ALA K 101 -9.24 -12.32 -71.34
CA ALA K 101 -8.29 -12.26 -70.23
C ALA K 101 -7.51 -13.55 -70.11
N GLY K 102 -6.19 -13.43 -69.96
CA GLY K 102 -5.32 -14.58 -69.83
C GLY K 102 -4.80 -15.15 -71.13
N SER K 103 -5.17 -14.59 -72.27
CA SER K 103 -4.80 -15.16 -73.56
C SER K 103 -3.53 -14.56 -74.15
N TYR K 104 -3.32 -13.26 -73.99
CA TYR K 104 -2.22 -12.59 -74.66
C TYR K 104 -0.85 -13.02 -74.13
N TYR K 105 -0.80 -13.62 -72.94
CA TYR K 105 0.47 -14.14 -72.44
C TYR K 105 0.86 -15.48 -73.07
N TYR K 106 0.04 -16.03 -73.97
CA TYR K 106 0.25 -17.37 -74.47
C TYR K 106 0.07 -17.49 -75.98
N ASP K 107 -0.83 -16.68 -76.55
CA ASP K 107 -1.30 -16.92 -77.91
C ASP K 107 -0.26 -16.46 -78.94
N THR K 108 -0.67 -16.45 -80.22
CA THR K 108 0.20 -16.15 -81.34
C THR K 108 0.01 -14.74 -81.89
N VAL K 109 -0.48 -13.83 -81.06
CA VAL K 109 -0.73 -12.46 -81.49
C VAL K 109 0.55 -11.64 -81.33
N GLY K 110 0.86 -10.82 -82.34
CA GLY K 110 2.02 -9.97 -82.29
C GLY K 110 1.79 -8.70 -81.51
N PRO K 111 2.56 -7.65 -81.82
CA PRO K 111 2.44 -6.39 -81.08
C PRO K 111 1.46 -5.40 -81.66
N GLY K 112 0.95 -5.62 -82.88
CA GLY K 112 0.06 -4.67 -83.51
C GLY K 112 -1.35 -4.70 -82.96
N LEU K 113 -1.50 -4.39 -81.68
CA LEU K 113 -2.82 -4.39 -81.06
C LEU K 113 -3.67 -3.27 -81.67
N PRO K 114 -4.90 -3.55 -82.09
CA PRO K 114 -5.67 -2.53 -82.82
C PRO K 114 -6.02 -1.31 -81.98
N GLU K 115 -6.19 -1.47 -80.66
CA GLU K 115 -6.43 -0.35 -79.77
C GLU K 115 -5.38 -0.27 -78.66
N GLY K 116 -4.24 -0.94 -78.85
CA GLY K 116 -3.14 -0.83 -77.90
C GLY K 116 -3.30 -1.60 -76.62
N LYS K 117 -4.24 -2.54 -76.55
CA LYS K 117 -4.44 -3.33 -75.34
C LYS K 117 -4.95 -4.71 -75.73
N PHE K 118 -4.97 -5.62 -74.75
CA PHE K 118 -5.27 -7.01 -75.00
C PHE K 118 -6.32 -7.61 -74.06
N ASP K 119 -6.58 -7.01 -72.91
CA ASP K 119 -7.50 -7.57 -71.92
C ASP K 119 -8.87 -6.95 -72.11
N TYR K 120 -9.77 -7.70 -72.75
CA TYR K 120 -11.11 -7.22 -73.05
C TYR K 120 -12.17 -8.06 -72.36
N TRP K 121 -13.28 -7.41 -71.99
CA TRP K 121 -14.41 -8.08 -71.37
C TRP K 121 -15.70 -7.57 -72.00
N GLY K 122 -16.76 -8.35 -71.82
CA GLY K 122 -18.09 -7.93 -72.17
C GLY K 122 -18.82 -7.34 -70.98
N GLN K 123 -20.07 -6.91 -71.22
CA GLN K 123 -20.86 -6.35 -70.13
C GLN K 123 -21.45 -7.42 -69.24
N GLY K 124 -21.65 -8.62 -69.78
CA GLY K 124 -22.16 -9.74 -69.00
C GLY K 124 -23.64 -9.98 -69.23
N THR K 125 -24.08 -11.18 -68.86
CA THR K 125 -25.48 -11.56 -68.93
C THR K 125 -25.86 -12.32 -67.67
N LEU K 126 -27.02 -12.00 -67.11
CA LEU K 126 -27.47 -12.61 -65.88
C LEU K 126 -28.19 -13.93 -66.18
N VAL K 127 -27.81 -14.98 -65.47
CA VAL K 127 -28.48 -16.27 -65.51
C VAL K 127 -29.02 -16.57 -64.13
N THR K 128 -30.34 -16.70 -64.01
CA THR K 128 -31.00 -16.99 -62.74
C THR K 128 -31.60 -18.38 -62.80
N VAL K 129 -31.26 -19.21 -61.81
CA VAL K 129 -31.75 -20.57 -61.73
C VAL K 129 -32.72 -20.64 -60.54
N SER K 130 -34.00 -20.79 -60.84
CA SER K 130 -35.02 -20.76 -59.79
C SER K 130 -36.27 -21.48 -60.29
N SER K 131 -36.92 -22.21 -59.38
CA SER K 131 -38.20 -22.84 -59.67
C SER K 131 -39.35 -21.85 -59.66
N ALA K 132 -39.08 -20.56 -59.43
CA ALA K 132 -40.11 -19.55 -59.35
C ALA K 132 -40.43 -18.97 -60.72
N SER K 133 -41.57 -18.30 -60.81
CA SER K 133 -42.09 -17.78 -62.07
C SER K 133 -41.73 -16.31 -62.25
N THR K 134 -41.73 -15.88 -63.51
CA THR K 134 -41.43 -14.50 -63.84
C THR K 134 -42.60 -13.59 -63.49
N LYS K 135 -42.29 -12.37 -63.05
CA LYS K 135 -43.30 -11.38 -62.74
C LYS K 135 -42.83 -10.00 -63.19
N GLY K 136 -43.63 -9.33 -64.01
CA GLY K 136 -43.36 -7.99 -64.44
C GLY K 136 -43.54 -7.00 -63.32
N PRO K 137 -42.84 -5.87 -63.40
CA PRO K 137 -42.86 -4.90 -62.31
C PRO K 137 -44.00 -3.90 -62.43
N SER K 138 -44.29 -3.26 -61.29
CA SER K 138 -45.22 -2.14 -61.23
C SER K 138 -44.42 -0.85 -61.10
N VAL K 139 -44.84 0.18 -61.83
CA VAL K 139 -44.10 1.44 -61.93
C VAL K 139 -44.98 2.56 -61.40
N PHE K 140 -44.53 3.22 -60.32
CA PHE K 140 -45.27 4.30 -59.73
C PHE K 140 -44.41 5.57 -59.66
N PRO K 141 -45.00 6.73 -59.96
CA PRO K 141 -44.20 7.96 -59.98
C PRO K 141 -43.84 8.44 -58.59
N LEU K 142 -42.59 8.88 -58.43
CA LEU K 142 -42.17 9.66 -57.27
C LEU K 142 -42.28 11.13 -57.67
N ALA K 143 -43.34 11.76 -57.22
CA ALA K 143 -43.71 13.08 -57.74
C ALA K 143 -42.88 14.18 -57.08
N PRO K 144 -42.41 15.14 -57.85
CA PRO K 144 -41.74 16.30 -57.24
C PRO K 144 -42.75 17.17 -56.52
N SER K 145 -42.33 17.72 -55.38
CA SER K 145 -43.21 18.54 -54.55
C SER K 145 -42.34 19.51 -53.76
N SER K 146 -43.00 20.38 -52.99
CA SER K 146 -42.28 21.23 -52.06
C SER K 146 -41.56 20.44 -50.99
N LYS K 147 -41.89 19.17 -50.82
CA LYS K 147 -41.22 18.28 -49.88
C LYS K 147 -40.03 17.56 -50.48
N SER K 148 -39.78 17.73 -51.78
CA SER K 148 -38.67 17.07 -52.45
C SER K 148 -37.74 18.08 -53.14
N THR K 149 -37.78 19.34 -52.74
CA THR K 149 -37.00 20.38 -53.39
C THR K 149 -36.36 21.29 -52.34
N SER K 150 -35.16 21.77 -52.67
CA SER K 150 -34.47 22.75 -51.85
C SER K 150 -33.30 23.31 -52.65
N GLY K 151 -33.20 24.64 -52.70
CA GLY K 151 -32.09 25.30 -53.36
C GLY K 151 -32.21 25.44 -54.85
N GLY K 152 -33.42 25.35 -55.40
CA GLY K 152 -33.63 25.50 -56.83
C GLY K 152 -33.67 24.19 -57.60
N THR K 153 -33.26 23.09 -57.01
CA THR K 153 -33.31 21.78 -57.64
C THR K 153 -34.46 20.97 -57.06
N ALA K 154 -35.03 20.09 -57.89
CA ALA K 154 -36.18 19.29 -57.51
C ALA K 154 -35.88 17.82 -57.76
N ALA K 155 -36.24 16.98 -56.79
CA ALA K 155 -36.03 15.54 -56.89
C ALA K 155 -37.34 14.87 -57.27
N LEU K 156 -37.33 14.17 -58.40
CA LEU K 156 -38.44 13.33 -58.83
C LEU K 156 -37.86 11.95 -59.17
N GLY K 157 -38.73 11.00 -59.48
CA GLY K 157 -38.23 9.70 -59.86
C GLY K 157 -39.33 8.70 -60.08
N CYS K 158 -38.91 7.44 -60.19
CA CYS K 158 -39.79 6.32 -60.43
C CYS K 158 -39.55 5.25 -59.37
N LEU K 159 -40.57 4.44 -59.12
CA LEU K 159 -40.49 3.34 -58.16
C LEU K 159 -40.97 2.07 -58.85
N VAL K 160 -40.04 1.14 -59.08
CA VAL K 160 -40.30 -0.09 -59.81
C VAL K 160 -40.46 -1.22 -58.80
N LYS K 161 -41.66 -1.79 -58.74
CA LYS K 161 -42.10 -2.61 -57.62
C LYS K 161 -42.40 -4.04 -58.04
N ASP K 162 -41.87 -4.99 -57.27
CA ASP K 162 -42.29 -6.40 -57.29
C ASP K 162 -42.07 -7.03 -58.67
N TYR K 163 -40.79 -7.19 -59.01
CA TYR K 163 -40.42 -7.88 -60.23
C TYR K 163 -39.46 -9.03 -59.90
N PHE K 164 -39.43 -10.00 -60.81
CA PHE K 164 -38.52 -11.14 -60.72
C PHE K 164 -38.42 -11.77 -62.09
N PRO K 165 -37.22 -12.16 -62.54
CA PRO K 165 -35.97 -11.97 -61.81
C PRO K 165 -35.32 -10.62 -62.11
N GLU K 166 -34.10 -10.45 -61.62
CA GLU K 166 -33.26 -9.36 -62.11
C GLU K 166 -32.98 -9.58 -63.59
N PRO K 167 -32.69 -8.51 -64.35
CA PRO K 167 -32.71 -7.10 -63.92
C PRO K 167 -33.76 -6.26 -64.63
N VAL K 168 -33.90 -5.01 -64.19
CA VAL K 168 -34.66 -4.01 -64.92
C VAL K 168 -33.69 -2.91 -65.35
N THR K 169 -34.06 -2.21 -66.42
CA THR K 169 -33.26 -1.11 -66.94
C THR K 169 -34.13 0.15 -66.99
N VAL K 170 -33.59 1.26 -66.51
CA VAL K 170 -34.32 2.52 -66.42
C VAL K 170 -33.55 3.59 -67.19
N SER K 171 -34.26 4.28 -68.09
CA SER K 171 -33.77 5.48 -68.75
C SER K 171 -34.83 6.56 -68.62
N TRP K 172 -34.43 7.79 -68.88
CA TRP K 172 -35.32 8.94 -68.71
C TRP K 172 -35.45 9.71 -70.02
N ASN K 173 -36.70 10.08 -70.34
CA ASN K 173 -37.02 10.85 -71.54
C ASN K 173 -36.54 10.14 -72.82
N SER K 174 -36.60 8.82 -72.82
CA SER K 174 -36.07 8.00 -73.92
C SER K 174 -34.60 8.33 -74.18
N GLY K 175 -33.82 8.32 -73.11
CA GLY K 175 -32.40 8.60 -73.18
C GLY K 175 -32.03 10.07 -73.23
N ALA K 176 -32.99 10.97 -73.33
CA ALA K 176 -32.72 12.40 -73.45
C ALA K 176 -32.40 13.06 -72.11
N LEU K 177 -32.15 12.29 -71.05
CA LEU K 177 -31.85 12.87 -69.75
C LEU K 177 -30.95 11.88 -68.99
N THR K 178 -29.69 12.26 -68.79
CA THR K 178 -28.71 11.42 -68.11
C THR K 178 -28.11 12.08 -66.88
N SER K 179 -27.89 13.39 -66.92
CA SER K 179 -27.24 14.08 -65.81
C SER K 179 -28.19 14.18 -64.62
N GLY K 180 -27.71 13.74 -63.46
CA GLY K 180 -28.50 13.74 -62.25
C GLY K 180 -29.25 12.46 -61.96
N VAL K 181 -29.12 11.45 -62.81
CA VAL K 181 -29.84 10.19 -62.61
C VAL K 181 -29.09 9.33 -61.61
N HIS K 182 -29.82 8.76 -60.65
CA HIS K 182 -29.27 7.80 -59.70
C HIS K 182 -30.23 6.62 -59.61
N THR K 183 -29.74 5.43 -59.94
CA THR K 183 -30.52 4.20 -59.85
C THR K 183 -30.02 3.41 -58.65
N PHE K 184 -30.86 3.29 -57.63
CA PHE K 184 -30.44 2.63 -56.41
C PHE K 184 -30.42 1.11 -56.61
N PRO K 185 -29.55 0.40 -55.89
CA PRO K 185 -29.53 -1.06 -56.01
C PRO K 185 -30.84 -1.67 -55.56
N ALA K 186 -31.28 -2.70 -56.28
CA ALA K 186 -32.52 -3.37 -55.95
C ALA K 186 -32.41 -4.09 -54.63
N VAL K 187 -33.53 -4.16 -53.91
CA VAL K 187 -33.61 -4.85 -52.62
C VAL K 187 -34.45 -6.10 -52.80
N LEU K 188 -34.01 -7.19 -52.19
CA LEU K 188 -34.70 -8.48 -52.25
C LEU K 188 -35.68 -8.54 -51.10
N GLN K 189 -36.95 -8.27 -51.38
CA GLN K 189 -37.98 -8.25 -50.34
C GLN K 189 -38.08 -9.63 -49.69
N SER K 190 -38.65 -9.64 -48.47
CA SER K 190 -38.84 -10.88 -47.74
C SER K 190 -39.77 -11.85 -48.47
N SER K 191 -40.49 -11.41 -49.49
CA SER K 191 -41.40 -12.25 -50.25
C SER K 191 -40.78 -12.78 -51.54
N GLY K 192 -39.47 -12.59 -51.72
CA GLY K 192 -38.80 -13.10 -52.90
C GLY K 192 -38.96 -12.28 -54.15
N LEU K 193 -39.33 -11.00 -54.02
CA LEU K 193 -39.49 -10.12 -55.16
C LEU K 193 -38.54 -8.94 -55.04
N TYR K 194 -38.14 -8.40 -56.19
CA TYR K 194 -37.19 -7.30 -56.25
C TYR K 194 -37.92 -5.98 -56.42
N SER K 195 -37.26 -4.91 -55.97
CA SER K 195 -37.84 -3.57 -56.00
C SER K 195 -36.71 -2.56 -55.92
N LEU K 196 -36.76 -1.55 -56.79
CA LEU K 196 -35.74 -0.52 -56.80
C LEU K 196 -36.37 0.83 -57.10
N SER K 197 -35.59 1.89 -56.92
CA SER K 197 -36.01 3.26 -57.17
C SER K 197 -34.98 3.94 -58.06
N SER K 198 -35.43 5.00 -58.74
CA SER K 198 -34.58 5.77 -59.64
C SER K 198 -35.02 7.22 -59.55
N VAL K 199 -34.15 8.09 -59.04
CA VAL K 199 -34.45 9.49 -58.85
C VAL K 199 -33.48 10.33 -59.67
N VAL K 200 -33.94 11.52 -60.06
CA VAL K 200 -33.17 12.43 -60.92
C VAL K 200 -33.41 13.85 -60.45
N THR K 201 -32.33 14.62 -60.28
CA THR K 201 -32.40 15.99 -59.81
C THR K 201 -32.50 16.94 -61.01
N VAL K 202 -33.48 17.83 -60.98
CA VAL K 202 -33.75 18.75 -62.09
C VAL K 202 -34.06 20.13 -61.53
N PRO K 203 -33.95 21.18 -62.35
CA PRO K 203 -34.33 22.52 -61.88
C PRO K 203 -35.83 22.61 -61.65
N SER K 204 -36.21 23.20 -60.51
CA SER K 204 -37.60 23.36 -60.13
C SER K 204 -38.32 24.46 -60.91
N SER K 205 -37.57 25.32 -61.62
CA SER K 205 -38.21 26.35 -62.44
C SER K 205 -39.01 25.72 -63.57
N SER K 206 -38.46 24.69 -64.21
CA SER K 206 -39.04 24.07 -65.39
C SER K 206 -39.97 22.91 -65.06
N LEU K 207 -40.35 22.74 -63.80
CA LEU K 207 -41.24 21.64 -63.43
C LEU K 207 -42.56 21.70 -64.17
N GLY K 208 -43.01 22.90 -64.53
CA GLY K 208 -44.24 23.06 -65.27
C GLY K 208 -44.09 23.07 -66.77
N THR K 209 -42.86 23.20 -67.27
CA THR K 209 -42.60 23.28 -68.70
C THR K 209 -41.97 22.03 -69.30
N GLN K 210 -41.23 21.26 -68.50
CA GLN K 210 -40.55 20.07 -68.99
C GLN K 210 -41.32 18.82 -68.60
N THR K 211 -41.35 17.85 -69.52
CA THR K 211 -41.98 16.55 -69.28
C THR K 211 -40.90 15.53 -68.93
N TYR K 212 -41.16 14.74 -67.88
CA TYR K 212 -40.21 13.73 -67.41
C TYR K 212 -40.89 12.36 -67.48
N ILE K 213 -40.37 11.50 -68.34
CA ILE K 213 -40.89 10.15 -68.51
C ILE K 213 -39.74 9.18 -68.27
N CYS K 214 -39.93 8.26 -67.32
CA CYS K 214 -38.99 7.18 -67.08
C CYS K 214 -39.43 5.95 -67.86
N ASN K 215 -38.50 5.34 -68.58
CA ASN K 215 -38.79 4.19 -69.45
C ASN K 215 -38.17 2.96 -68.79
N VAL K 216 -39.00 2.16 -68.13
CA VAL K 216 -38.57 0.95 -67.45
C VAL K 216 -38.73 -0.23 -68.41
N ASN K 217 -37.70 -1.06 -68.49
CA ASN K 217 -37.70 -2.23 -69.37
C ASN K 217 -37.31 -3.47 -68.56
N HIS K 218 -38.09 -4.53 -68.70
CA HIS K 218 -37.83 -5.79 -68.01
C HIS K 218 -37.94 -6.91 -69.02
N LYS K 219 -36.79 -7.41 -69.47
CA LYS K 219 -36.70 -8.43 -70.52
C LYS K 219 -37.31 -9.77 -70.14
N PRO K 220 -37.10 -10.29 -68.91
CA PRO K 220 -37.67 -11.62 -68.60
C PRO K 220 -39.18 -11.70 -68.78
N SER K 221 -39.93 -10.75 -68.24
CA SER K 221 -41.38 -10.73 -68.39
C SER K 221 -41.83 -10.00 -69.65
N ASN K 222 -40.91 -9.38 -70.39
CA ASN K 222 -41.22 -8.64 -71.60
C ASN K 222 -42.22 -7.52 -71.33
N THR K 223 -41.88 -6.66 -70.37
CA THR K 223 -42.69 -5.51 -70.02
C THR K 223 -41.92 -4.23 -70.35
N LYS K 224 -42.55 -3.35 -71.12
CA LYS K 224 -41.98 -2.05 -71.46
C LYS K 224 -42.97 -0.99 -71.02
N VAL K 225 -42.59 -0.18 -70.03
CA VAL K 225 -43.48 0.81 -69.43
C VAL K 225 -42.83 2.18 -69.53
N ASP K 226 -43.59 3.15 -70.04
CA ASP K 226 -43.23 4.55 -70.00
C ASP K 226 -44.22 5.26 -69.08
N LYS K 227 -43.71 5.86 -68.01
CA LYS K 227 -44.55 6.41 -66.95
C LYS K 227 -44.27 7.91 -66.80
N LYS K 228 -45.29 8.72 -67.01
CA LYS K 228 -45.17 10.15 -66.81
C LYS K 228 -45.06 10.47 -65.32
N VAL K 229 -44.22 11.44 -64.99
CA VAL K 229 -43.96 11.84 -63.60
C VAL K 229 -44.32 13.31 -63.49
N GLU K 230 -45.51 13.60 -62.97
CA GLU K 230 -46.01 14.95 -62.82
C GLU K 230 -45.82 15.45 -61.40
N PRO K 231 -45.72 16.77 -61.22
CA PRO K 231 -45.64 17.32 -59.86
C PRO K 231 -46.94 17.12 -59.10
N LYS K 232 -46.81 17.14 -57.78
CA LYS K 232 -47.95 17.05 -56.87
C LYS K 232 -47.82 18.14 -55.81
N SER K 233 -48.95 18.74 -55.45
CA SER K 233 -48.97 19.80 -54.45
C SER K 233 -48.91 19.17 -53.07
N CYS K 234 -47.75 19.25 -52.42
CA CYS K 234 -47.57 18.75 -51.07
C CYS K 234 -47.06 19.89 -50.20
N ASP K 235 -47.61 20.00 -48.99
CA ASP K 235 -47.43 21.17 -48.13
C ASP K 235 -48.03 22.40 -48.78
N ASP L 1 -6.01 -27.24 -58.02
CA ASP L 1 -5.83 -25.94 -58.66
C ASP L 1 -5.11 -24.95 -57.74
N ILE L 2 -4.68 -23.84 -58.31
CA ILE L 2 -3.98 -22.79 -57.56
C ILE L 2 -5.03 -21.86 -56.97
N VAL L 3 -4.95 -21.63 -55.66
CA VAL L 3 -5.95 -20.86 -54.93
C VAL L 3 -5.36 -19.51 -54.55
N MET L 4 -6.06 -18.44 -54.91
CA MET L 4 -5.70 -17.09 -54.52
C MET L 4 -6.50 -16.66 -53.29
N THR L 5 -5.82 -16.04 -52.34
CA THR L 5 -6.46 -15.43 -51.18
C THR L 5 -5.79 -14.11 -50.88
N GLN L 6 -6.60 -13.09 -50.63
CA GLN L 6 -6.11 -11.74 -50.39
C GLN L 6 -6.34 -11.33 -48.93
N SER L 7 -5.48 -10.43 -48.45
CA SER L 7 -5.61 -9.85 -47.13
C SER L 7 -5.26 -8.38 -47.29
N PRO L 8 -6.09 -7.46 -46.80
CA PRO L 8 -7.35 -7.72 -46.08
C PRO L 8 -8.57 -7.78 -46.99
N ASP L 9 -9.75 -7.82 -46.39
CA ASP L 9 -11.00 -7.83 -47.15
C ASP L 9 -11.45 -6.41 -47.49
N SER L 10 -11.42 -5.50 -46.51
CA SER L 10 -11.82 -4.12 -46.69
C SER L 10 -10.67 -3.20 -46.32
N LEU L 11 -10.80 -1.93 -46.71
CA LEU L 11 -9.70 -0.98 -46.58
C LEU L 11 -10.29 0.43 -46.55
N ALA L 12 -9.83 1.24 -45.61
CA ALA L 12 -10.33 2.61 -45.46
C ALA L 12 -9.17 3.54 -45.14
N VAL L 13 -8.95 4.53 -46.01
CA VAL L 13 -7.95 5.56 -45.80
C VAL L 13 -8.51 6.88 -46.30
N SER L 14 -7.90 7.98 -45.86
CA SER L 14 -8.30 9.29 -46.31
C SER L 14 -7.62 9.62 -47.65
N LEU L 15 -8.03 10.74 -48.24
CA LEU L 15 -7.51 11.15 -49.54
C LEU L 15 -6.00 11.32 -49.49
N GLY L 16 -5.31 10.73 -50.47
CA GLY L 16 -3.87 10.84 -50.54
C GLY L 16 -3.10 9.94 -49.60
N GLU L 17 -3.79 9.06 -48.87
CA GLU L 17 -3.09 8.10 -48.04
C GLU L 17 -2.66 6.89 -48.86
N ARG L 18 -1.83 6.04 -48.26
CA ARG L 18 -1.29 4.86 -48.92
C ARG L 18 -2.13 3.64 -48.57
N ALA L 19 -2.54 2.91 -49.60
CA ALA L 19 -3.33 1.69 -49.43
C ALA L 19 -2.63 0.55 -50.17
N THR L 20 -2.37 -0.55 -49.47
CA THR L 20 -1.70 -1.71 -50.03
C THR L 20 -2.57 -2.95 -49.88
N ILE L 21 -2.57 -3.79 -50.91
CA ILE L 21 -3.30 -5.05 -50.92
C ILE L 21 -2.29 -6.17 -51.14
N ASN L 22 -2.53 -7.32 -50.51
CA ASN L 22 -1.62 -8.45 -50.59
C ASN L 22 -2.34 -9.66 -51.19
N CYS L 23 -1.65 -10.37 -52.08
CA CYS L 23 -2.14 -11.60 -52.69
C CYS L 23 -1.17 -12.73 -52.41
N LYS L 24 -1.70 -13.90 -52.06
CA LYS L 24 -0.89 -15.07 -51.75
C LYS L 24 -1.41 -16.26 -52.54
N SER L 25 -0.50 -16.95 -53.24
CA SER L 25 -0.87 -18.07 -54.09
C SER L 25 -0.60 -19.39 -53.37
N SER L 26 -1.43 -20.40 -53.70
CA SER L 26 -1.28 -21.70 -53.06
C SER L 26 0.01 -22.38 -53.47
N GLN L 27 0.53 -22.04 -54.65
CA GLN L 27 1.85 -22.48 -55.08
C GLN L 27 2.49 -21.36 -55.89
N SER L 28 3.81 -21.44 -56.01
CA SER L 28 4.56 -20.40 -56.70
C SER L 28 4.10 -20.27 -58.15
N VAL L 29 3.97 -19.03 -58.61
CA VAL L 29 3.64 -18.75 -60.00
C VAL L 29 4.81 -18.12 -60.74
N LEU L 30 5.98 -18.06 -60.10
CA LEU L 30 7.20 -17.66 -60.81
C LEU L 30 7.64 -18.80 -61.71
N TYR L 31 7.69 -18.54 -63.02
CA TYR L 31 8.03 -19.57 -63.98
C TYR L 31 9.56 -19.69 -64.10
N SER L 32 10.06 -20.92 -64.09
CA SER L 32 11.50 -21.14 -64.17
C SER L 32 12.03 -20.84 -65.56
N SER L 33 11.23 -21.13 -66.60
CA SER L 33 11.72 -21.04 -67.96
C SER L 33 11.95 -19.60 -68.42
N ASN L 34 11.24 -18.63 -67.82
CA ASN L 34 11.40 -17.25 -68.24
C ASN L 34 11.38 -16.24 -67.09
N ASN L 35 11.44 -16.70 -65.84
CA ASN L 35 11.66 -15.88 -64.64
C ASN L 35 10.49 -14.95 -64.32
N LYS L 36 9.43 -14.91 -65.12
CA LYS L 36 8.33 -14.00 -64.88
C LYS L 36 7.25 -14.65 -64.02
N ASN L 37 6.60 -13.82 -63.20
CA ASN L 37 5.49 -14.26 -62.36
C ASN L 37 4.19 -14.08 -63.12
N TYR L 38 3.45 -15.17 -63.32
CA TYR L 38 2.24 -15.17 -64.14
C TYR L 38 1.05 -14.71 -63.31
N LEU L 39 1.11 -13.44 -62.90
CA LEU L 39 0.11 -12.86 -62.02
C LEU L 39 -0.36 -11.53 -62.57
N ALA L 40 -1.65 -11.23 -62.34
CA ALA L 40 -2.26 -9.99 -62.80
C ALA L 40 -3.05 -9.35 -61.66
N TRP L 41 -3.49 -8.11 -61.90
CA TRP L 41 -4.34 -7.37 -60.96
C TRP L 41 -5.46 -6.69 -61.74
N TYR L 42 -6.67 -6.72 -61.17
CA TYR L 42 -7.85 -6.17 -61.81
C TYR L 42 -8.55 -5.19 -60.88
N GLN L 43 -9.42 -4.38 -61.46
CA GLN L 43 -10.27 -3.43 -60.76
C GLN L 43 -11.70 -3.60 -61.23
N GLN L 44 -12.64 -3.60 -60.30
CA GLN L 44 -14.06 -3.70 -60.62
C GLN L 44 -14.84 -2.68 -59.82
N LYS L 45 -15.42 -1.71 -60.49
CA LYS L 45 -16.42 -0.85 -59.89
C LYS L 45 -17.81 -1.44 -60.12
N PRO L 46 -18.76 -1.17 -59.22
CA PRO L 46 -20.02 -1.95 -59.21
C PRO L 46 -20.78 -1.89 -60.52
N GLY L 47 -21.24 -3.05 -60.97
CA GLY L 47 -22.01 -3.18 -62.19
C GLY L 47 -21.20 -2.91 -63.44
N GLN L 48 -19.97 -3.43 -63.50
CA GLN L 48 -19.06 -3.13 -64.59
C GLN L 48 -18.15 -4.33 -64.82
N PRO L 49 -17.57 -4.47 -66.00
CA PRO L 49 -16.57 -5.51 -66.21
C PRO L 49 -15.28 -5.12 -65.52
N PRO L 50 -14.49 -6.11 -65.07
CA PRO L 50 -13.20 -5.79 -64.45
C PRO L 50 -12.26 -5.11 -65.45
N LYS L 51 -11.31 -4.36 -64.90
CA LYS L 51 -10.38 -3.57 -65.68
C LYS L 51 -8.96 -3.92 -65.25
N LEU L 52 -8.13 -4.35 -66.20
CA LEU L 52 -6.81 -4.85 -65.89
C LEU L 52 -5.86 -3.69 -65.60
N LEU L 53 -5.31 -3.66 -64.39
CA LEU L 53 -4.31 -2.66 -64.00
C LEU L 53 -2.90 -3.18 -64.18
N MET L 54 -2.60 -4.34 -63.60
CA MET L 54 -1.25 -4.85 -63.50
C MET L 54 -1.20 -6.27 -64.03
N TYR L 55 -0.13 -6.59 -64.77
CA TYR L 55 0.12 -7.95 -65.22
C TYR L 55 1.62 -8.17 -65.24
N TRP L 56 2.02 -9.45 -65.33
CA TRP L 56 3.38 -9.87 -65.04
C TRP L 56 3.83 -9.35 -63.68
N ALA L 57 2.92 -9.43 -62.70
CA ALA L 57 3.17 -9.02 -61.32
C ALA L 57 3.40 -7.52 -61.15
N SER L 58 4.09 -6.88 -62.10
CA SER L 58 4.50 -5.49 -61.93
C SER L 58 4.30 -4.60 -63.15
N THR L 59 4.02 -5.15 -64.32
CA THR L 59 3.90 -4.33 -65.53
C THR L 59 2.54 -3.65 -65.58
N ARG L 60 2.56 -2.33 -65.79
CA ARG L 60 1.34 -1.54 -65.83
C ARG L 60 0.66 -1.67 -67.19
N GLU L 61 -0.67 -1.73 -67.17
CA GLU L 61 -1.44 -1.64 -68.40
C GLU L 61 -1.49 -0.20 -68.87
N SER L 62 -1.45 0.00 -70.19
CA SER L 62 -1.40 1.34 -70.76
C SER L 62 -2.61 2.15 -70.32
N GLY L 63 -2.35 3.31 -69.72
CA GLY L 63 -3.40 4.18 -69.22
C GLY L 63 -3.66 4.10 -67.73
N VAL L 64 -2.88 3.34 -66.99
CA VAL L 64 -3.01 3.22 -65.54
C VAL L 64 -2.06 4.21 -64.88
N PRO L 65 -2.51 5.00 -63.91
CA PRO L 65 -1.64 6.03 -63.32
C PRO L 65 -0.46 5.43 -62.58
N ASP L 66 0.59 6.25 -62.44
CA ASP L 66 1.75 5.88 -61.64
C ASP L 66 1.39 5.68 -60.18
N ARG L 67 0.18 6.09 -59.77
CA ARG L 67 -0.35 5.79 -58.45
C ARG L 67 -0.16 4.33 -58.09
N PHE L 68 -0.55 3.43 -59.00
CA PHE L 68 -0.49 2.00 -58.75
C PHE L 68 0.88 1.45 -59.09
N SER L 69 1.25 0.37 -58.40
CA SER L 69 2.51 -0.32 -58.65
C SER L 69 2.40 -1.74 -58.12
N GLY L 70 2.82 -2.71 -58.93
CA GLY L 70 2.78 -4.11 -58.54
C GLY L 70 4.11 -4.57 -57.98
N SER L 71 4.05 -5.41 -56.95
CA SER L 71 5.24 -5.91 -56.28
C SER L 71 5.03 -7.38 -55.92
N GLY L 72 6.12 -8.03 -55.56
CA GLY L 72 6.07 -9.41 -55.11
C GLY L 72 6.61 -10.37 -56.17
N SER L 73 6.96 -11.57 -55.69
CA SER L 73 7.48 -12.61 -56.57
C SER L 73 7.18 -13.97 -55.96
N GLY L 74 6.98 -14.95 -56.83
CA GLY L 74 6.75 -16.31 -56.39
C GLY L 74 5.33 -16.58 -55.93
N ALA L 75 5.10 -16.53 -54.62
CA ALA L 75 3.80 -16.84 -54.05
C ALA L 75 3.26 -15.73 -53.15
N GLU L 76 3.89 -14.55 -53.14
CA GLU L 76 3.42 -13.43 -52.34
C GLU L 76 3.59 -12.16 -53.15
N PHE L 77 2.49 -11.44 -53.36
CA PHE L 77 2.48 -10.23 -54.17
C PHE L 77 1.75 -9.12 -53.44
N THR L 78 1.92 -7.90 -53.93
CA THR L 78 1.34 -6.73 -53.28
C THR L 78 1.02 -5.67 -54.32
N LEU L 79 -0.25 -5.25 -54.37
CA LEU L 79 -0.65 -4.08 -55.14
C LEU L 79 -0.70 -2.88 -54.21
N THR L 80 -0.16 -1.75 -54.67
CA THR L 80 -0.02 -0.56 -53.84
C THR L 80 -0.57 0.65 -54.58
N ILE L 81 -1.51 1.35 -53.95
CA ILE L 81 -1.96 2.66 -54.40
C ILE L 81 -1.36 3.68 -53.44
N SER L 82 -0.37 4.43 -53.91
CA SER L 82 0.45 5.26 -53.04
C SER L 82 -0.26 6.54 -52.57
N SER L 83 -1.25 7.02 -53.32
CA SER L 83 -1.97 8.24 -52.95
C SER L 83 -3.42 8.04 -53.38
N LEU L 84 -4.18 7.34 -52.53
CA LEU L 84 -5.53 6.90 -52.91
C LEU L 84 -6.41 8.09 -53.24
N GLN L 85 -7.04 8.04 -54.41
CA GLN L 85 -7.90 9.12 -54.89
C GLN L 85 -9.37 8.74 -54.69
N ALA L 86 -10.24 9.73 -54.93
CA ALA L 86 -11.67 9.51 -54.77
C ALA L 86 -12.21 8.56 -55.82
N GLU L 87 -11.60 8.52 -57.00
CA GLU L 87 -12.05 7.66 -58.08
C GLU L 87 -11.39 6.28 -58.05
N ASP L 88 -10.77 5.90 -56.93
CA ASP L 88 -10.19 4.57 -56.77
C ASP L 88 -11.02 3.65 -55.91
N VAL L 89 -12.08 4.16 -55.27
CA VAL L 89 -12.94 3.31 -54.46
C VAL L 89 -13.56 2.25 -55.35
N ALA L 90 -13.23 0.99 -55.06
CA ALA L 90 -13.65 -0.17 -55.84
C ALA L 90 -13.22 -1.41 -55.06
N ILE L 91 -13.29 -2.55 -55.71
CA ILE L 91 -12.80 -3.82 -55.18
C ILE L 91 -11.77 -4.38 -56.15
N TYR L 92 -10.62 -4.79 -55.62
CA TYR L 92 -9.45 -5.13 -56.43
C TYR L 92 -9.17 -6.62 -56.29
N TYR L 93 -9.09 -7.32 -57.43
CA TYR L 93 -8.81 -8.75 -57.45
C TYR L 93 -7.45 -9.01 -58.08
N CYS L 94 -6.70 -9.92 -57.47
CA CYS L 94 -5.53 -10.47 -58.13
C CYS L 94 -5.93 -11.68 -58.96
N GLN L 95 -5.11 -12.01 -59.96
CA GLN L 95 -5.39 -13.13 -60.85
C GLN L 95 -4.10 -13.85 -61.20
N GLN L 96 -4.13 -15.17 -61.13
CA GLN L 96 -3.04 -16.00 -61.62
C GLN L 96 -3.43 -16.61 -62.96
N TYR L 97 -2.48 -16.60 -63.90
CA TYR L 97 -2.67 -17.27 -65.18
C TYR L 97 -1.54 -18.27 -65.45
N TYR L 98 -0.81 -18.64 -64.39
CA TYR L 98 0.18 -19.70 -64.50
C TYR L 98 -0.44 -20.99 -65.01
N SER L 99 -1.51 -21.44 -64.36
CA SER L 99 -2.29 -22.60 -64.79
C SER L 99 -3.74 -22.18 -64.86
N THR L 100 -4.28 -22.12 -66.07
CA THR L 100 -5.61 -21.56 -66.33
C THR L 100 -5.76 -20.20 -65.68
N LEU L 101 -6.93 -19.90 -65.14
CA LEU L 101 -7.23 -18.62 -64.53
C LEU L 101 -7.88 -18.83 -63.18
N THR L 102 -7.40 -18.12 -62.16
CA THR L 102 -8.03 -18.10 -60.85
C THR L 102 -7.90 -16.71 -60.26
N PHE L 103 -8.97 -16.25 -59.62
CA PHE L 103 -9.03 -14.91 -59.04
C PHE L 103 -8.94 -14.99 -57.52
N GLY L 104 -8.83 -13.81 -56.91
CA GLY L 104 -8.82 -13.70 -55.47
C GLY L 104 -10.20 -13.37 -54.92
N GLY L 105 -10.30 -13.38 -53.59
CA GLY L 105 -11.56 -13.11 -52.94
C GLY L 105 -12.06 -11.70 -53.15
N GLY L 106 -11.15 -10.75 -53.34
CA GLY L 106 -11.52 -9.36 -53.54
C GLY L 106 -11.15 -8.50 -52.34
N THR L 107 -11.00 -7.21 -52.60
CA THR L 107 -10.61 -6.26 -51.55
C THR L 107 -11.27 -4.92 -51.87
N LYS L 108 -12.35 -4.60 -51.15
CA LYS L 108 -13.03 -3.33 -51.33
C LYS L 108 -12.22 -2.21 -50.69
N VAL L 109 -11.96 -1.16 -51.46
CA VAL L 109 -11.18 -0.01 -51.01
C VAL L 109 -12.12 1.17 -50.87
N GLU L 110 -12.01 1.89 -49.75
CA GLU L 110 -12.95 2.96 -49.42
C GLU L 110 -12.19 4.22 -49.01
N ILE L 111 -12.88 5.35 -49.08
CA ILE L 111 -12.31 6.66 -48.79
C ILE L 111 -12.87 7.14 -47.45
N LYS L 112 -11.97 7.49 -46.53
CA LYS L 112 -12.35 8.20 -45.32
C LYS L 112 -12.44 9.70 -45.64
N ARG L 113 -13.45 10.36 -45.10
CA ARG L 113 -13.82 11.67 -45.59
C ARG L 113 -14.43 12.51 -44.47
N THR L 114 -14.46 13.82 -44.69
CA THR L 114 -15.11 14.74 -43.77
C THR L 114 -16.58 14.40 -43.62
N VAL L 115 -17.09 14.56 -42.39
CA VAL L 115 -18.50 14.33 -42.13
C VAL L 115 -19.34 15.32 -42.91
N ALA L 116 -20.39 14.82 -43.57
CA ALA L 116 -21.33 15.66 -44.30
C ALA L 116 -22.74 15.21 -43.98
N ALA L 117 -23.59 16.17 -43.60
CA ALA L 117 -24.97 15.87 -43.24
C ALA L 117 -25.83 15.65 -44.48
N PRO L 118 -26.81 14.76 -44.40
CA PRO L 118 -27.63 14.45 -45.58
C PRO L 118 -28.77 15.43 -45.77
N SER L 119 -29.13 15.63 -47.04
CA SER L 119 -30.41 16.24 -47.37
C SER L 119 -31.50 15.18 -47.29
N VAL L 120 -32.69 15.59 -46.87
CA VAL L 120 -33.78 14.66 -46.62
C VAL L 120 -35.00 15.12 -47.41
N PHE L 121 -35.43 14.32 -48.36
CA PHE L 121 -36.64 14.54 -49.13
C PHE L 121 -37.60 13.38 -48.88
N ILE L 122 -38.85 13.56 -49.30
CA ILE L 122 -39.88 12.56 -49.05
C ILE L 122 -40.92 12.63 -50.17
N PHE L 123 -41.47 11.47 -50.52
CA PHE L 123 -42.48 11.38 -51.56
C PHE L 123 -43.72 10.67 -51.03
N PRO L 124 -44.90 11.14 -51.39
CA PRO L 124 -46.13 10.46 -50.99
C PRO L 124 -46.44 9.33 -51.95
N PRO L 125 -47.38 8.46 -51.61
CA PRO L 125 -47.79 7.41 -52.57
C PRO L 125 -48.43 8.02 -53.80
N SER L 126 -48.30 7.30 -54.91
CA SER L 126 -48.96 7.70 -56.15
C SER L 126 -50.43 7.28 -56.11
N ASP L 127 -51.28 8.08 -56.78
CA ASP L 127 -52.69 7.71 -56.89
C ASP L 127 -52.84 6.38 -57.61
N GLU L 128 -51.98 6.12 -58.60
CA GLU L 128 -51.99 4.84 -59.30
C GLU L 128 -51.82 3.68 -58.33
N GLN L 129 -50.91 3.83 -57.36
CA GLN L 129 -50.65 2.74 -56.42
C GLN L 129 -51.78 2.59 -55.42
N LEU L 130 -52.42 3.69 -55.02
CA LEU L 130 -53.48 3.62 -54.02
C LEU L 130 -54.68 2.84 -54.55
N LYS L 131 -55.03 3.02 -55.82
CA LYS L 131 -56.10 2.25 -56.41
C LYS L 131 -55.82 0.74 -56.37
N SER L 132 -54.54 0.36 -56.35
CA SER L 132 -54.13 -1.04 -56.33
C SER L 132 -54.03 -1.61 -54.93
N GLY L 133 -54.48 -0.87 -53.91
CA GLY L 133 -54.51 -1.37 -52.55
C GLY L 133 -53.25 -1.14 -51.73
N THR L 134 -52.15 -0.73 -52.36
CA THR L 134 -50.89 -0.52 -51.67
C THR L 134 -50.58 0.97 -51.59
N ALA L 135 -49.74 1.33 -50.61
CA ALA L 135 -49.31 2.71 -50.42
C ALA L 135 -47.83 2.70 -50.03
N SER L 136 -46.99 3.22 -50.91
CA SER L 136 -45.55 3.26 -50.68
C SER L 136 -45.10 4.70 -50.47
N VAL L 137 -44.54 4.96 -49.29
CA VAL L 137 -43.95 6.25 -48.96
C VAL L 137 -42.44 6.08 -48.98
N VAL L 138 -41.75 7.04 -49.60
CA VAL L 138 -40.32 6.94 -49.87
C VAL L 138 -39.60 8.08 -49.17
N CYS L 139 -38.55 7.75 -48.42
CA CYS L 139 -37.61 8.72 -47.88
C CYS L 139 -36.30 8.63 -48.63
N LEU L 140 -35.53 9.71 -48.59
CA LEU L 140 -34.38 9.83 -49.47
C LEU L 140 -33.34 10.72 -48.80
N LEU L 141 -32.13 10.19 -48.61
CA LEU L 141 -31.02 10.91 -48.00
C LEU L 141 -29.96 11.15 -49.07
N ASN L 142 -29.64 12.43 -49.30
CA ASN L 142 -28.80 12.84 -50.43
C ASN L 142 -27.42 13.27 -49.93
N ASN L 143 -26.38 12.54 -50.34
CA ASN L 143 -25.00 12.98 -50.24
C ASN L 143 -24.53 13.17 -48.80
N PHE L 144 -24.25 12.08 -48.10
CA PHE L 144 -23.80 12.15 -46.72
C PHE L 144 -22.57 11.27 -46.52
N TYR L 145 -21.87 11.53 -45.41
CA TYR L 145 -20.76 10.72 -44.93
C TYR L 145 -20.68 10.93 -43.42
N PRO L 146 -20.43 9.87 -42.64
CA PRO L 146 -20.21 8.47 -43.08
C PRO L 146 -21.49 7.75 -43.48
N ARG L 147 -21.35 6.46 -43.82
CA ARG L 147 -22.47 5.68 -44.34
C ARG L 147 -23.49 5.34 -43.26
N GLU L 148 -23.06 5.24 -42.01
CA GLU L 148 -23.96 4.88 -40.91
C GLU L 148 -25.05 5.94 -40.76
N ALA L 149 -26.30 5.53 -40.91
CA ALA L 149 -27.42 6.47 -40.87
C ALA L 149 -28.69 5.75 -40.44
N LYS L 150 -29.31 6.23 -39.36
CA LYS L 150 -30.55 5.65 -38.87
C LYS L 150 -31.75 6.39 -39.45
N VAL L 151 -32.68 5.65 -40.04
CA VAL L 151 -33.86 6.22 -40.68
C VAL L 151 -35.08 5.49 -40.14
N GLN L 152 -35.87 6.17 -39.30
CA GLN L 152 -37.09 5.62 -38.74
C GLN L 152 -38.30 6.32 -39.35
N TRP L 153 -39.34 5.55 -39.63
CA TRP L 153 -40.63 6.08 -40.04
C TRP L 153 -41.55 6.18 -38.84
N LYS L 154 -42.32 7.26 -38.78
CA LYS L 154 -43.36 7.44 -37.78
C LYS L 154 -44.67 7.77 -38.47
N VAL L 155 -45.74 7.09 -38.07
CA VAL L 155 -47.06 7.25 -38.66
C VAL L 155 -47.99 7.67 -37.54
N ASP L 156 -48.46 8.92 -37.58
CA ASP L 156 -49.18 9.52 -36.45
C ASP L 156 -48.34 9.44 -35.18
N ASN L 157 -47.05 9.69 -35.34
CA ASN L 157 -46.05 9.64 -34.27
C ASN L 157 -45.91 8.25 -33.67
N ALA L 158 -46.25 7.21 -34.43
CA ALA L 158 -46.09 5.82 -33.99
C ALA L 158 -44.93 5.18 -34.74
N LEU L 159 -44.03 4.54 -33.99
CA LEU L 159 -42.89 3.87 -34.62
C LEU L 159 -43.37 2.73 -35.49
N GLN L 160 -42.75 2.60 -36.67
CA GLN L 160 -43.03 1.52 -37.59
C GLN L 160 -41.91 0.49 -37.52
N SER L 161 -42.28 -0.79 -37.42
CA SER L 161 -41.32 -1.88 -37.35
C SER L 161 -41.66 -2.94 -38.39
N GLY L 162 -40.67 -3.34 -39.17
CA GLY L 162 -40.78 -4.46 -40.07
C GLY L 162 -41.59 -4.24 -41.33
N ASN L 163 -41.88 -2.98 -41.69
CA ASN L 163 -42.62 -2.67 -42.90
C ASN L 163 -41.86 -1.68 -43.78
N SER L 164 -40.53 -1.64 -43.65
CA SER L 164 -39.72 -0.73 -44.44
C SER L 164 -38.34 -1.34 -44.66
N GLN L 165 -37.80 -1.10 -45.85
CA GLN L 165 -36.44 -1.49 -46.19
C GLN L 165 -35.78 -0.34 -46.94
N GLU L 166 -34.47 -0.43 -47.10
CA GLU L 166 -33.68 0.67 -47.65
C GLU L 166 -32.60 0.14 -48.56
N SER L 167 -31.98 1.07 -49.29
CA SER L 167 -30.94 0.74 -50.26
C SER L 167 -29.99 1.92 -50.36
N VAL L 168 -28.70 1.63 -50.49
CA VAL L 168 -27.63 2.64 -50.47
C VAL L 168 -26.85 2.55 -51.77
N THR L 169 -26.48 3.71 -52.30
CA THR L 169 -25.56 3.76 -53.44
C THR L 169 -24.14 3.47 -52.98
N GLU L 170 -23.26 3.24 -53.95
CA GLU L 170 -21.84 3.12 -53.66
C GLU L 170 -21.22 4.51 -53.67
N GLN L 171 -20.09 4.64 -52.96
CA GLN L 171 -19.40 5.92 -52.80
C GLN L 171 -19.26 6.64 -54.13
N ASP L 172 -19.60 7.92 -54.15
CA ASP L 172 -19.47 8.71 -55.36
C ASP L 172 -18.00 8.87 -55.71
N SER L 173 -17.69 8.71 -57.00
CA SER L 173 -16.31 8.79 -57.44
C SER L 173 -15.73 10.18 -57.30
N LYS L 174 -16.57 11.21 -57.18
CA LYS L 174 -16.13 12.60 -57.10
C LYS L 174 -15.99 13.09 -55.67
N ASP L 175 -17.07 13.07 -54.90
CA ASP L 175 -17.06 13.63 -53.55
C ASP L 175 -17.16 12.59 -52.45
N SER L 176 -17.22 11.30 -52.80
CA SER L 176 -17.07 10.20 -51.85
C SER L 176 -18.17 10.21 -50.78
N THR L 177 -19.40 10.52 -51.18
CA THR L 177 -20.54 10.49 -50.28
C THR L 177 -21.39 9.24 -50.56
N TYR L 178 -22.44 9.08 -49.76
CA TYR L 178 -23.41 8.01 -49.95
C TYR L 178 -24.81 8.62 -50.06
N SER L 179 -25.69 7.88 -50.71
CA SER L 179 -27.11 8.21 -50.76
C SER L 179 -27.92 6.97 -50.38
N LEU L 180 -29.14 7.20 -49.90
CA LEU L 180 -29.93 6.12 -49.34
C LEU L 180 -31.41 6.42 -49.57
N SER L 181 -32.19 5.36 -49.78
CA SER L 181 -33.63 5.48 -50.03
C SER L 181 -34.35 4.44 -49.19
N SER L 182 -35.21 4.90 -48.28
CA SER L 182 -36.03 4.04 -47.44
C SER L 182 -37.47 4.09 -47.93
N THR L 183 -38.07 2.91 -48.11
CA THR L 183 -39.41 2.78 -48.67
C THR L 183 -40.33 2.15 -47.64
N LEU L 184 -41.34 2.92 -47.20
CA LEU L 184 -42.39 2.41 -46.35
C LEU L 184 -43.53 1.88 -47.21
N THR L 185 -44.12 0.77 -46.79
CA THR L 185 -45.15 0.09 -47.59
C THR L 185 -46.29 -0.32 -46.68
N LEU L 186 -47.44 0.33 -46.84
CA LEU L 186 -48.65 0.00 -46.09
C LEU L 186 -49.79 -0.29 -47.06
N SER L 187 -50.88 -0.84 -46.52
CA SER L 187 -52.07 -1.09 -47.30
C SER L 187 -52.87 0.20 -47.51
N LYS L 188 -53.71 0.20 -48.54
CA LYS L 188 -54.51 1.38 -48.85
C LYS L 188 -55.42 1.75 -47.70
N ALA L 189 -56.02 0.75 -47.04
CA ALA L 189 -56.88 1.02 -45.90
C ALA L 189 -56.08 1.59 -44.73
N ASP L 190 -54.89 1.02 -44.46
CA ASP L 190 -54.08 1.49 -43.35
C ASP L 190 -53.51 2.87 -43.60
N TYR L 191 -53.18 3.18 -44.86
CA TYR L 191 -52.58 4.49 -45.15
C TYR L 191 -53.59 5.61 -44.99
N GLU L 192 -54.88 5.35 -45.23
CA GLU L 192 -55.89 6.39 -45.21
C GLU L 192 -56.52 6.57 -43.83
N LYS L 193 -56.26 5.68 -42.89
CA LYS L 193 -56.72 5.86 -41.51
C LYS L 193 -55.74 6.66 -40.66
N HIS L 194 -54.86 7.44 -41.30
CA HIS L 194 -53.88 8.26 -40.58
C HIS L 194 -53.60 9.51 -41.40
N LYS L 195 -52.92 10.47 -40.76
CA LYS L 195 -52.69 11.77 -41.37
C LYS L 195 -51.21 12.07 -41.59
N VAL L 196 -50.39 12.09 -40.54
CA VAL L 196 -49.00 12.53 -40.64
C VAL L 196 -48.10 11.34 -40.93
N TYR L 197 -47.25 11.49 -41.94
CA TYR L 197 -46.24 10.49 -42.28
C TYR L 197 -44.88 11.16 -42.27
N ALA L 198 -44.01 10.71 -41.38
CA ALA L 198 -42.75 11.39 -41.09
C ALA L 198 -41.58 10.45 -41.31
N CYS L 199 -40.44 11.03 -41.68
CA CYS L 199 -39.17 10.32 -41.83
C CYS L 199 -38.16 10.97 -40.91
N GLU L 200 -37.71 10.22 -39.91
CA GLU L 200 -36.80 10.74 -38.89
C GLU L 200 -35.39 10.20 -39.16
N VAL L 201 -34.42 11.11 -39.28
CA VAL L 201 -33.06 10.77 -39.68
C VAL L 201 -32.11 11.13 -38.56
N THR L 202 -31.28 10.17 -38.15
CA THR L 202 -30.20 10.39 -37.20
C THR L 202 -28.87 10.17 -37.90
N HIS L 203 -27.99 11.15 -37.84
CA HIS L 203 -26.69 11.03 -38.50
C HIS L 203 -25.64 11.79 -37.71
N GLN L 204 -24.39 11.37 -37.88
CA GLN L 204 -23.26 11.96 -37.15
C GLN L 204 -23.04 13.43 -37.52
N GLY L 205 -23.60 13.88 -38.63
CA GLY L 205 -23.49 15.25 -39.07
C GLY L 205 -24.61 16.17 -38.67
N LEU L 206 -25.67 15.64 -38.05
CA LEU L 206 -26.77 16.45 -37.56
C LEU L 206 -26.68 16.56 -36.05
N ARG L 207 -26.73 17.79 -35.55
CA ARG L 207 -26.78 17.99 -34.10
C ARG L 207 -28.02 17.33 -33.52
N SER L 208 -29.20 17.66 -34.07
CA SER L 208 -30.49 17.10 -33.73
C SER L 208 -31.02 16.27 -34.90
N PRO L 209 -31.80 15.22 -34.63
CA PRO L 209 -32.37 14.42 -35.72
C PRO L 209 -33.36 15.24 -36.55
N VAL L 210 -33.16 15.24 -37.85
CA VAL L 210 -34.07 15.94 -38.76
C VAL L 210 -35.30 15.09 -39.02
N THR L 211 -36.40 15.75 -39.34
CA THR L 211 -37.66 15.08 -39.65
C THR L 211 -38.29 15.75 -40.85
N LYS L 212 -38.47 14.98 -41.93
CA LYS L 212 -39.28 15.41 -43.06
C LYS L 212 -40.60 14.67 -43.02
N SER L 213 -41.70 15.42 -42.98
CA SER L 213 -43.02 14.85 -42.83
C SER L 213 -43.98 15.53 -43.79
N PHE L 214 -45.14 14.90 -43.98
CA PHE L 214 -46.20 15.51 -44.76
C PHE L 214 -47.54 15.03 -44.20
N ASN L 215 -48.56 15.86 -44.40
CA ASN L 215 -49.92 15.55 -43.98
C ASN L 215 -50.71 15.06 -45.18
N ARG L 216 -51.32 13.88 -45.06
CA ARG L 216 -52.20 13.39 -46.12
C ARG L 216 -53.34 14.37 -46.38
N GLY L 217 -53.74 15.13 -45.35
CA GLY L 217 -54.73 16.17 -45.56
C GLY L 217 -54.23 17.30 -46.46
N GLU L 218 -52.94 17.61 -46.40
CA GLU L 218 -52.34 18.64 -47.24
C GLU L 218 -51.46 18.04 -48.34
N CYS L 219 -51.89 16.93 -48.92
CA CYS L 219 -51.11 16.29 -49.98
C CYS L 219 -51.94 15.25 -50.72
N GLU M 1 -69.81 -5.50 -0.21
CA GLU M 1 -69.50 -4.99 -1.53
C GLU M 1 -68.04 -4.55 -1.63
N VAL M 2 -67.38 -4.93 -2.71
CA VAL M 2 -66.09 -4.34 -3.08
C VAL M 2 -66.35 -3.31 -4.17
N GLN M 3 -65.66 -2.17 -4.07
CA GLN M 3 -66.12 -1.00 -4.80
C GLN M 3 -64.95 -0.13 -5.21
N LEU M 4 -65.04 0.44 -6.42
CA LEU M 4 -64.14 1.47 -6.90
C LEU M 4 -64.97 2.70 -7.25
N VAL M 5 -64.72 3.80 -6.56
CA VAL M 5 -65.53 5.02 -6.67
C VAL M 5 -64.59 6.15 -7.06
N GLU M 6 -64.51 6.42 -8.36
CA GLU M 6 -63.73 7.56 -8.82
C GLU M 6 -64.40 8.86 -8.39
N SER M 7 -63.58 9.82 -7.97
CA SER M 7 -64.06 11.12 -7.50
C SER M 7 -63.05 12.19 -7.96
N GLY M 8 -63.08 12.49 -9.25
CA GLY M 8 -62.16 13.45 -9.82
C GLY M 8 -62.79 14.82 -10.04
N GLY M 9 -62.73 15.31 -11.28
CA GLY M 9 -63.29 16.61 -11.61
C GLY M 9 -64.08 16.62 -12.90
N GLY M 10 -64.42 17.81 -13.38
CA GLY M 10 -65.20 17.94 -14.59
C GLY M 10 -64.54 18.81 -15.65
N LEU M 11 -64.82 20.10 -15.61
CA LEU M 11 -64.35 21.04 -16.62
C LEU M 11 -63.10 21.75 -16.13
N VAL M 12 -62.13 21.93 -17.03
CA VAL M 12 -60.85 22.54 -16.70
C VAL M 12 -60.28 23.17 -17.96
N LYS M 13 -59.78 24.40 -17.85
CA LYS M 13 -59.24 25.11 -19.00
C LYS M 13 -57.96 24.45 -19.49
N PRO M 14 -57.66 24.57 -20.79
CA PRO M 14 -56.42 23.98 -21.33
C PRO M 14 -55.19 24.56 -20.66
N GLY M 15 -54.15 23.73 -20.54
CA GLY M 15 -52.95 24.09 -19.81
C GLY M 15 -53.06 23.97 -18.31
N GLY M 16 -54.26 23.84 -17.76
CA GLY M 16 -54.47 23.73 -16.33
C GLY M 16 -54.07 22.37 -15.78
N SER M 17 -54.53 22.10 -14.56
CA SER M 17 -54.20 20.85 -13.88
C SER M 17 -55.38 20.41 -13.02
N LEU M 18 -55.44 19.11 -12.74
CA LEU M 18 -56.54 18.55 -11.99
C LEU M 18 -56.09 17.26 -11.32
N ARG M 19 -56.64 17.01 -10.13
CA ARG M 19 -56.36 15.81 -9.36
C ARG M 19 -57.56 14.87 -9.41
N LEU M 20 -57.32 13.63 -9.81
CA LEU M 20 -58.35 12.59 -9.83
C LEU M 20 -58.06 11.60 -8.71
N SER M 21 -59.12 11.12 -8.07
CA SER M 21 -58.97 10.19 -6.96
C SER M 21 -59.99 9.06 -7.07
N CYS M 22 -59.62 7.91 -6.52
CA CYS M 22 -60.43 6.69 -6.59
C CYS M 22 -60.48 6.08 -5.19
N ALA M 23 -61.70 5.91 -4.66
CA ALA M 23 -61.90 5.37 -3.32
C ALA M 23 -62.22 3.89 -3.43
N ALA M 24 -61.31 3.04 -2.96
CA ALA M 24 -61.47 1.60 -2.99
C ALA M 24 -61.94 1.08 -1.64
N SER M 25 -62.63 -0.05 -1.66
CA SER M 25 -63.17 -0.68 -0.46
C SER M 25 -63.56 -2.12 -0.81
N GLY M 26 -63.46 -3.00 0.19
CA GLY M 26 -63.89 -4.37 0.05
C GLY M 26 -62.78 -5.38 -0.20
N PHE M 27 -61.59 -4.92 -0.60
CA PHE M 27 -60.47 -5.81 -0.85
C PHE M 27 -59.22 -5.21 -0.22
N THR M 28 -58.18 -6.03 -0.12
CA THR M 28 -56.89 -5.57 0.39
C THR M 28 -56.23 -4.72 -0.69
N PHE M 29 -56.37 -3.40 -0.54
CA PHE M 29 -55.95 -2.47 -1.59
C PHE M 29 -54.45 -2.53 -1.83
N ARG M 30 -53.65 -2.49 -0.76
CA ARG M 30 -52.20 -2.39 -0.86
C ARG M 30 -51.56 -3.53 -1.65
N ASP M 31 -52.29 -4.60 -1.96
CA ASP M 31 -51.73 -5.73 -2.68
C ASP M 31 -51.95 -5.67 -4.18
N VAL M 32 -52.75 -4.72 -4.67
CA VAL M 32 -53.24 -4.70 -6.04
C VAL M 32 -52.52 -3.61 -6.83
N TRP M 33 -52.11 -3.94 -8.05
CA TRP M 33 -51.55 -2.96 -8.98
C TRP M 33 -52.71 -2.21 -9.64
N MET M 34 -52.85 -0.92 -9.33
CA MET M 34 -53.93 -0.12 -9.87
C MET M 34 -53.49 0.57 -11.16
N SER M 35 -54.46 0.83 -12.03
CA SER M 35 -54.22 1.49 -13.31
C SER M 35 -55.34 2.49 -13.58
N TRP M 36 -55.04 3.46 -14.43
CA TRP M 36 -56.04 4.37 -14.98
C TRP M 36 -56.19 4.11 -16.46
N VAL M 37 -57.44 3.94 -16.90
CA VAL M 37 -57.77 3.76 -18.30
C VAL M 37 -58.79 4.82 -18.68
N ARG M 38 -58.59 5.49 -19.81
CA ARG M 38 -59.48 6.56 -20.23
C ARG M 38 -60.16 6.21 -21.54
N GLN M 39 -61.26 6.93 -21.81
CA GLN M 39 -62.11 6.68 -22.98
C GLN M 39 -62.61 8.02 -23.48
N ALA M 40 -62.07 8.47 -24.61
CA ALA M 40 -62.56 9.71 -25.21
C ALA M 40 -63.96 9.49 -25.79
N PRO M 41 -64.82 10.50 -25.74
CA PRO M 41 -66.21 10.32 -26.20
C PRO M 41 -66.28 9.78 -27.62
N GLY M 42 -66.98 8.67 -27.78
CA GLY M 42 -67.00 7.97 -29.07
C GLY M 42 -65.81 7.07 -29.29
N LYS M 43 -64.61 7.57 -29.03
CA LYS M 43 -63.40 6.78 -29.18
C LYS M 43 -63.34 5.70 -28.10
N GLY M 44 -62.41 4.76 -28.27
CA GLY M 44 -62.35 3.56 -27.46
C GLY M 44 -61.50 3.69 -26.21
N LEU M 45 -61.18 2.53 -25.64
CA LEU M 45 -60.39 2.46 -24.43
C LEU M 45 -58.91 2.65 -24.73
N GLU M 46 -58.20 3.30 -23.80
CA GLU M 46 -56.77 3.54 -23.95
C GLU M 46 -56.14 3.59 -22.57
N TRP M 47 -55.14 2.76 -22.35
CA TRP M 47 -54.45 2.71 -21.07
C TRP M 47 -53.63 3.98 -20.86
N VAL M 48 -53.66 4.50 -19.64
CA VAL M 48 -52.97 5.74 -19.29
C VAL M 48 -51.71 5.47 -18.46
N GLY M 49 -51.84 4.67 -17.41
CA GLY M 49 -50.72 4.41 -16.53
C GLY M 49 -51.10 3.43 -15.45
N ARG M 50 -50.09 2.99 -14.70
CA ARG M 50 -50.27 2.01 -13.64
C ARG M 50 -49.26 2.28 -12.53
N ILE M 51 -49.69 2.07 -11.29
CA ILE M 51 -48.77 2.02 -10.16
C ILE M 51 -48.83 0.62 -9.56
N LYS M 52 -47.67 0.11 -9.18
CA LYS M 52 -47.57 -1.22 -8.59
C LYS M 52 -47.77 -1.14 -7.08
N SER M 53 -48.00 -2.30 -6.48
CA SER M 53 -48.08 -2.38 -5.02
C SER M 53 -46.73 -2.01 -4.40
N LYS M 54 -46.78 -1.56 -3.15
CA LYS M 54 -45.56 -1.19 -2.45
C LYS M 54 -44.63 -2.38 -2.29
N ILE M 55 -45.20 -3.57 -2.08
CA ILE M 55 -44.37 -4.76 -1.87
C ILE M 55 -43.62 -5.14 -3.13
N ASP M 56 -44.17 -4.84 -4.30
CA ASP M 56 -43.51 -5.13 -5.57
C ASP M 56 -42.77 -3.92 -6.12
N GLY M 57 -42.32 -3.02 -5.25
CA GLY M 57 -41.53 -1.89 -5.68
C GLY M 57 -42.28 -0.57 -5.68
N GLY M 58 -43.54 -0.59 -6.10
CA GLY M 58 -44.30 0.64 -6.21
C GLY M 58 -44.00 1.45 -7.45
N THR M 59 -43.41 0.84 -8.47
CA THR M 59 -43.03 1.55 -9.67
C THR M 59 -44.26 2.06 -10.43
N THR M 60 -44.05 3.08 -11.24
CA THR M 60 -45.08 3.64 -12.09
C THR M 60 -44.63 3.57 -13.55
N ASP M 61 -45.55 3.15 -14.42
CA ASP M 61 -45.30 3.13 -15.86
C ASP M 61 -46.44 3.87 -16.55
N TYR M 62 -46.08 4.73 -17.49
CA TYR M 62 -47.04 5.61 -18.14
C TYR M 62 -47.11 5.29 -19.63
N ALA M 63 -48.17 5.79 -20.26
CA ALA M 63 -48.32 5.73 -21.70
C ALA M 63 -47.81 7.02 -22.33
N ALA M 64 -47.32 6.92 -23.56
CA ALA M 64 -46.57 8.01 -24.19
C ALA M 64 -47.31 9.34 -24.23
N PRO M 65 -48.59 9.43 -24.65
CA PRO M 65 -49.22 10.75 -24.73
C PRO M 65 -49.29 11.50 -23.41
N VAL M 66 -49.28 10.79 -22.27
CA VAL M 66 -49.36 11.45 -20.97
C VAL M 66 -48.02 11.45 -20.24
N LYS M 67 -46.98 10.82 -20.79
CA LYS M 67 -45.70 10.76 -20.12
C LYS M 67 -45.11 12.16 -19.97
N GLY M 68 -44.76 12.51 -18.74
CA GLY M 68 -44.19 13.81 -18.42
C GLY M 68 -45.19 14.82 -17.89
N ARG M 69 -46.48 14.52 -17.96
CA ARG M 69 -47.52 15.44 -17.49
C ARG M 69 -48.46 14.82 -16.47
N PHE M 70 -48.61 13.50 -16.43
CA PHE M 70 -49.43 12.81 -15.45
C PHE M 70 -48.54 12.10 -14.44
N THR M 71 -48.95 12.10 -13.19
CA THR M 71 -48.26 11.36 -12.12
C THR M 71 -49.29 10.58 -11.32
N ILE M 72 -48.96 9.33 -11.01
CA ILE M 72 -49.85 8.42 -10.30
C ILE M 72 -49.37 8.30 -8.86
N SER M 73 -50.14 8.85 -7.93
CA SER M 73 -49.86 8.75 -6.50
C SER M 73 -50.71 7.66 -5.87
N ARG M 74 -50.33 7.26 -4.67
CA ARG M 74 -50.99 6.16 -3.98
C ARG M 74 -50.91 6.37 -2.48
N ASP M 75 -52.04 6.21 -1.80
CA ASP M 75 -52.14 6.35 -0.35
C ASP M 75 -52.81 5.09 0.19
N ASP M 76 -52.01 4.19 0.77
CA ASP M 76 -52.56 2.93 1.27
C ASP M 76 -53.31 3.10 2.57
N SER M 77 -53.05 4.17 3.33
CA SER M 77 -53.77 4.39 4.58
C SER M 77 -55.17 4.92 4.35
N LYS M 78 -55.43 5.57 3.21
CA LYS M 78 -56.76 6.00 2.83
C LYS M 78 -57.40 5.09 1.80
N ASN M 79 -56.67 4.06 1.34
CA ASN M 79 -57.18 3.11 0.35
C ASN M 79 -57.60 3.85 -0.93
N THR M 80 -56.72 4.71 -1.43
CA THR M 80 -57.08 5.64 -2.48
C THR M 80 -56.00 5.69 -3.55
N LEU M 81 -56.44 5.71 -4.81
CA LEU M 81 -55.58 5.93 -5.96
C LEU M 81 -55.69 7.39 -6.39
N TYR M 82 -54.57 7.95 -6.86
CA TYR M 82 -54.53 9.35 -7.27
C TYR M 82 -53.94 9.47 -8.67
N LEU M 83 -54.45 10.45 -9.42
CA LEU M 83 -53.93 10.78 -10.75
C LEU M 83 -53.74 12.29 -10.82
N GLN M 84 -52.50 12.72 -11.03
CA GLN M 84 -52.16 14.13 -11.08
C GLN M 84 -51.94 14.53 -12.53
N MET M 85 -52.91 15.24 -13.11
CA MET M 85 -52.88 15.65 -14.49
C MET M 85 -52.46 17.11 -14.57
N ASN M 86 -51.40 17.40 -15.33
CA ASN M 86 -50.90 18.75 -15.50
C ASN M 86 -50.81 19.11 -16.98
N SER M 87 -50.98 20.39 -17.28
CA SER M 87 -50.90 20.93 -18.64
C SER M 87 -51.80 20.14 -19.60
N LEU M 88 -53.10 20.16 -19.28
CA LEU M 88 -54.06 19.34 -20.00
C LEU M 88 -54.31 19.86 -21.41
N LYS M 89 -54.38 18.93 -22.36
CA LYS M 89 -54.76 19.22 -23.73
C LYS M 89 -56.25 18.96 -23.92
N THR M 90 -56.76 19.36 -25.10
CA THR M 90 -58.13 19.02 -25.44
C THR M 90 -58.29 17.55 -25.79
N GLU M 91 -57.21 16.89 -26.23
CA GLU M 91 -57.24 15.46 -26.50
C GLU M 91 -57.21 14.62 -25.23
N ASP M 92 -57.19 15.24 -24.05
CA ASP M 92 -57.36 14.54 -22.79
C ASP M 92 -58.80 14.47 -22.33
N THR M 93 -59.71 15.12 -23.05
CA THR M 93 -61.14 15.02 -22.77
C THR M 93 -61.58 13.57 -22.90
N ALA M 94 -61.99 12.99 -21.78
CA ALA M 94 -62.35 11.58 -21.74
C ALA M 94 -62.94 11.28 -20.38
N VAL M 95 -63.72 10.21 -20.31
CA VAL M 95 -64.14 9.64 -19.03
C VAL M 95 -63.01 8.75 -18.53
N TYR M 96 -62.64 8.93 -17.28
CA TYR M 96 -61.45 8.30 -16.71
C TYR M 96 -61.85 7.18 -15.77
N TYR M 97 -61.28 6.00 -16.00
CA TYR M 97 -61.65 4.78 -15.29
C TYR M 97 -60.52 4.34 -14.36
N CYS M 98 -60.85 4.11 -13.11
CA CYS M 98 -59.95 3.52 -12.13
C CYS M 98 -60.19 2.02 -12.06
N THR M 99 -59.13 1.22 -12.20
CA THR M 99 -59.30 -0.20 -12.42
C THR M 99 -58.19 -1.01 -11.78
N THR M 100 -58.54 -2.24 -11.40
CA THR M 100 -57.59 -3.27 -10.99
C THR M 100 -57.28 -4.22 -12.14
N ALA M 101 -57.38 -3.74 -13.38
CA ALA M 101 -57.56 -4.61 -14.55
C ALA M 101 -56.41 -5.62 -14.68
N GLY M 102 -55.17 -5.14 -14.70
CA GLY M 102 -54.05 -5.99 -15.04
C GLY M 102 -53.25 -6.52 -13.86
N SER M 103 -53.83 -6.48 -12.66
CA SER M 103 -53.06 -6.76 -11.46
C SER M 103 -52.97 -8.25 -11.16
N TYR M 104 -54.11 -8.96 -11.22
CA TYR M 104 -54.19 -10.29 -10.62
C TYR M 104 -53.25 -11.30 -11.26
N TYR M 105 -52.80 -11.07 -12.50
CA TYR M 105 -51.87 -11.99 -13.13
C TYR M 105 -50.43 -11.84 -12.62
N TYR M 106 -50.14 -10.77 -11.87
CA TYR M 106 -48.80 -10.54 -11.35
C TYR M 106 -48.74 -10.33 -9.84
N ASP M 107 -49.84 -9.97 -9.20
CA ASP M 107 -49.79 -9.50 -7.81
C ASP M 107 -49.61 -10.66 -6.84
N THR M 108 -49.69 -10.33 -5.55
CA THR M 108 -49.47 -11.30 -4.47
C THR M 108 -50.77 -11.91 -3.94
N VAL M 109 -51.93 -11.43 -4.40
CA VAL M 109 -53.19 -11.92 -3.87
C VAL M 109 -53.38 -13.39 -4.25
N GLY M 110 -53.80 -14.19 -3.28
CA GLY M 110 -54.01 -15.60 -3.49
C GLY M 110 -55.37 -15.89 -4.10
N PRO M 111 -55.94 -17.06 -3.78
CA PRO M 111 -57.20 -17.47 -4.39
C PRO M 111 -58.43 -17.08 -3.60
N GLY M 112 -58.29 -16.52 -2.40
CA GLY M 112 -59.44 -16.16 -1.60
C GLY M 112 -60.06 -14.85 -2.03
N LEU M 113 -60.57 -14.81 -3.26
CA LEU M 113 -61.16 -13.59 -3.77
C LEU M 113 -62.51 -13.35 -3.09
N PRO M 114 -62.76 -12.13 -2.58
CA PRO M 114 -64.02 -11.89 -1.86
C PRO M 114 -65.28 -12.23 -2.63
N GLU M 115 -65.25 -12.21 -3.97
CA GLU M 115 -66.44 -12.46 -4.76
C GLU M 115 -66.16 -13.30 -6.01
N GLY M 116 -65.01 -13.98 -6.06
CA GLY M 116 -64.68 -14.74 -7.26
C GLY M 116 -64.30 -13.89 -8.45
N LYS M 117 -63.99 -12.62 -8.23
CA LYS M 117 -63.56 -11.73 -9.30
C LYS M 117 -62.23 -11.09 -8.92
N PHE M 118 -61.53 -10.59 -9.94
CA PHE M 118 -60.34 -9.77 -9.74
C PHE M 118 -60.28 -8.55 -10.64
N ASP M 119 -61.10 -8.50 -11.70
CA ASP M 119 -61.11 -7.39 -12.64
C ASP M 119 -62.25 -6.45 -12.25
N TYR M 120 -61.90 -5.27 -11.76
CA TYR M 120 -62.90 -4.35 -11.23
C TYR M 120 -62.70 -2.96 -11.82
N TRP M 121 -63.81 -2.26 -12.04
CA TRP M 121 -63.81 -0.94 -12.65
C TRP M 121 -64.76 -0.03 -11.90
N GLY M 122 -64.44 1.27 -11.89
CA GLY M 122 -65.36 2.27 -11.41
C GLY M 122 -66.29 2.75 -12.51
N GLN M 123 -67.28 3.57 -12.13
CA GLN M 123 -68.20 4.10 -13.11
C GLN M 123 -67.54 5.17 -13.98
N GLY M 124 -66.57 5.90 -13.43
CA GLY M 124 -65.80 6.84 -14.22
C GLY M 124 -66.27 8.28 -14.13
N THR M 125 -65.32 9.21 -14.03
CA THR M 125 -65.61 10.63 -14.07
C THR M 125 -65.11 11.22 -15.38
N LEU M 126 -65.94 12.05 -16.00
CA LEU M 126 -65.60 12.69 -17.26
C LEU M 126 -64.82 13.97 -16.98
N VAL M 127 -63.63 14.09 -17.58
CA VAL M 127 -62.85 15.32 -17.59
C VAL M 127 -62.94 15.91 -18.99
N THR M 128 -63.36 17.17 -19.07
CA THR M 128 -63.48 17.88 -20.33
C THR M 128 -62.61 19.14 -20.28
N VAL M 129 -61.66 19.23 -21.19
CA VAL M 129 -60.69 20.32 -21.22
C VAL M 129 -61.10 21.25 -22.35
N SER M 130 -61.55 22.45 -21.99
CA SER M 130 -62.03 23.41 -22.99
C SER M 130 -61.96 24.81 -22.38
N SER M 131 -61.91 25.80 -23.27
CA SER M 131 -61.82 27.19 -22.85
C SER M 131 -63.19 27.87 -22.70
N ALA M 132 -64.25 27.22 -23.14
CA ALA M 132 -65.59 27.78 -23.02
C ALA M 132 -66.07 27.71 -21.56
N SER M 133 -67.17 28.42 -21.30
CA SER M 133 -67.67 28.56 -19.94
C SER M 133 -68.83 27.60 -19.68
N THR M 134 -69.03 27.29 -18.40
CA THR M 134 -70.13 26.45 -17.98
C THR M 134 -71.46 27.17 -18.19
N LYS M 135 -72.47 26.41 -18.62
CA LYS M 135 -73.81 26.95 -18.77
C LYS M 135 -74.82 25.94 -18.26
N GLY M 136 -75.69 26.39 -17.35
CA GLY M 136 -76.76 25.57 -16.85
C GLY M 136 -77.81 25.33 -17.90
N PRO M 137 -78.49 24.19 -17.82
CA PRO M 137 -79.51 23.85 -18.81
C PRO M 137 -80.87 24.46 -18.51
N SER M 138 -81.73 24.43 -19.53
CA SER M 138 -83.13 24.78 -19.42
C SER M 138 -83.95 23.51 -19.51
N VAL M 139 -84.87 23.33 -18.56
CA VAL M 139 -85.65 22.10 -18.45
C VAL M 139 -87.08 22.41 -18.87
N PHE M 140 -87.53 21.79 -19.96
CA PHE M 140 -88.86 22.03 -20.47
C PHE M 140 -89.66 20.73 -20.52
N PRO M 141 -90.96 20.79 -20.22
CA PRO M 141 -91.78 19.57 -20.23
C PRO M 141 -92.12 19.10 -21.63
N LEU M 142 -92.09 17.78 -21.81
CA LEU M 142 -92.60 17.14 -23.02
C LEU M 142 -93.95 16.54 -22.64
N ALA M 143 -95.00 17.33 -22.79
CA ALA M 143 -96.29 17.06 -22.20
C ALA M 143 -97.03 15.97 -22.99
N PRO M 144 -97.77 15.10 -22.30
CA PRO M 144 -98.53 14.07 -23.01
C PRO M 144 -99.87 14.61 -23.50
N SER M 145 -100.32 14.06 -24.63
CA SER M 145 -101.52 14.52 -25.29
C SER M 145 -102.18 13.35 -26.01
N SER M 146 -103.22 13.65 -26.77
CA SER M 146 -103.80 12.66 -27.68
C SER M 146 -102.83 12.28 -28.80
N LYS M 147 -101.71 12.99 -28.91
CA LYS M 147 -100.72 12.73 -29.93
C LYS M 147 -99.48 12.03 -29.38
N SER M 148 -99.52 11.59 -28.12
CA SER M 148 -98.44 10.80 -27.54
C SER M 148 -99.01 9.56 -26.85
N THR M 149 -100.18 9.10 -27.29
CA THR M 149 -100.84 7.95 -26.71
C THR M 149 -101.17 6.93 -27.79
N SER M 150 -101.20 5.66 -27.38
CA SER M 150 -101.59 4.58 -28.28
C SER M 150 -101.87 3.34 -27.44
N GLY M 151 -103.11 2.87 -27.44
CA GLY M 151 -103.48 1.65 -26.76
C GLY M 151 -103.23 1.64 -25.26
N GLY M 152 -103.74 2.65 -24.55
CA GLY M 152 -103.59 2.72 -23.11
C GLY M 152 -102.29 3.28 -22.62
N THR M 153 -101.24 3.28 -23.44
CA THR M 153 -99.95 3.83 -23.04
C THR M 153 -99.86 5.29 -23.45
N ALA M 154 -99.10 6.06 -22.68
CA ALA M 154 -98.90 7.48 -22.93
C ALA M 154 -97.45 7.84 -22.71
N ALA M 155 -96.90 8.67 -23.59
CA ALA M 155 -95.51 9.09 -23.53
C ALA M 155 -95.43 10.53 -23.06
N LEU M 156 -94.56 10.79 -22.08
CA LEU M 156 -94.26 12.13 -21.62
C LEU M 156 -92.76 12.17 -21.31
N GLY M 157 -92.26 13.35 -20.98
CA GLY M 157 -90.85 13.43 -20.63
C GLY M 157 -90.37 14.87 -20.45
N CYS M 158 -89.06 15.00 -20.41
CA CYS M 158 -88.38 16.27 -20.17
C CYS M 158 -87.37 16.53 -21.29
N LEU M 159 -87.13 17.81 -21.55
CA LEU M 159 -86.18 18.26 -22.57
C LEU M 159 -85.16 19.16 -21.89
N VAL M 160 -83.92 18.71 -21.83
CA VAL M 160 -82.83 19.42 -21.17
C VAL M 160 -82.04 20.14 -22.26
N LYS M 161 -82.08 21.47 -22.24
CA LYS M 161 -81.70 22.28 -23.39
C LYS M 161 -80.53 23.20 -23.07
N ASP M 162 -79.55 23.24 -23.97
CA ASP M 162 -78.47 24.21 -23.96
C ASP M 162 -77.65 24.17 -22.67
N TYR M 163 -76.74 23.20 -22.56
CA TYR M 163 -75.86 23.09 -21.41
C TYR M 163 -74.47 22.70 -21.85
N PHE M 164 -73.48 23.03 -21.02
CA PHE M 164 -72.10 22.66 -21.25
C PHE M 164 -71.39 22.74 -19.91
N PRO M 165 -70.52 21.78 -19.58
CA PRO M 165 -70.20 20.63 -20.41
C PRO M 165 -71.05 19.40 -20.06
N GLU M 166 -70.57 18.24 -20.46
CA GLU M 166 -71.16 16.98 -20.02
C GLU M 166 -70.82 16.75 -18.54
N PRO M 167 -71.62 15.94 -17.84
CA PRO M 167 -72.90 15.37 -18.26
C PRO M 167 -74.07 15.88 -17.40
N VAL M 168 -75.27 15.39 -17.69
CA VAL M 168 -76.43 15.63 -16.83
C VAL M 168 -77.00 14.27 -16.45
N THR M 169 -77.80 14.29 -15.37
CA THR M 169 -78.51 13.11 -14.90
C THR M 169 -79.99 13.45 -14.80
N VAL M 170 -80.83 12.52 -15.22
CA VAL M 170 -82.28 12.70 -15.21
C VAL M 170 -82.91 11.57 -14.41
N SER M 171 -83.67 11.93 -13.38
CA SER M 171 -84.46 10.99 -12.60
C SER M 171 -85.93 11.39 -12.71
N TRP M 172 -86.80 10.52 -12.18
CA TRP M 172 -88.23 10.76 -12.24
C TRP M 172 -88.88 10.43 -10.91
N ASN M 173 -89.76 11.33 -10.45
CA ASN M 173 -90.48 11.18 -9.19
C ASN M 173 -89.50 10.85 -8.04
N SER M 174 -88.34 11.49 -8.09
CA SER M 174 -87.24 11.24 -7.13
C SER M 174 -86.87 9.77 -7.10
N GLY M 175 -86.72 9.19 -8.30
CA GLY M 175 -86.33 7.80 -8.43
C GLY M 175 -87.39 6.78 -8.11
N ALA M 176 -88.64 7.20 -7.86
CA ALA M 176 -89.71 6.24 -7.65
C ALA M 176 -90.21 5.66 -8.96
N LEU M 177 -90.10 6.41 -10.05
CA LEU M 177 -90.47 5.95 -11.38
C LEU M 177 -89.19 5.54 -12.12
N THR M 178 -89.03 4.25 -12.36
CA THR M 178 -87.89 3.74 -13.10
C THR M 178 -88.26 2.91 -14.31
N SER M 179 -89.44 2.28 -14.31
CA SER M 179 -89.83 1.39 -15.39
C SER M 179 -90.34 2.20 -16.58
N GLY M 180 -89.70 2.02 -17.73
CA GLY M 180 -90.11 2.67 -18.96
C GLY M 180 -89.35 3.93 -19.31
N VAL M 181 -88.28 4.26 -18.59
CA VAL M 181 -87.57 5.52 -18.81
C VAL M 181 -86.59 5.36 -19.96
N HIS M 182 -86.66 6.28 -20.92
CA HIS M 182 -85.72 6.35 -22.04
C HIS M 182 -84.98 7.68 -21.96
N THR M 183 -83.65 7.62 -22.05
CA THR M 183 -82.81 8.81 -22.06
C THR M 183 -81.97 8.79 -23.34
N PHE M 184 -82.28 9.69 -24.26
CA PHE M 184 -81.59 9.71 -25.54
C PHE M 184 -80.21 10.35 -25.37
N PRO M 185 -79.19 9.83 -26.06
CA PRO M 185 -77.85 10.40 -25.94
C PRO M 185 -77.83 11.85 -26.38
N ALA M 186 -76.95 12.63 -25.74
CA ALA M 186 -76.89 14.05 -25.99
C ALA M 186 -76.40 14.35 -27.41
N VAL M 187 -77.09 15.27 -28.08
CA VAL M 187 -76.62 15.79 -29.36
C VAL M 187 -75.82 17.06 -29.08
N LEU M 188 -74.67 17.18 -29.75
CA LEU M 188 -73.84 18.37 -29.62
C LEU M 188 -74.30 19.36 -30.69
N GLN M 189 -74.92 20.45 -30.26
CA GLN M 189 -75.57 21.38 -31.17
C GLN M 189 -74.52 22.20 -31.92
N SER M 190 -75.00 23.05 -32.83
CA SER M 190 -74.11 23.83 -33.69
C SER M 190 -73.30 24.84 -32.90
N SER M 191 -73.88 25.39 -31.82
CA SER M 191 -73.19 26.43 -31.07
C SER M 191 -72.06 25.88 -30.21
N GLY M 192 -72.28 24.72 -29.59
CA GLY M 192 -71.29 24.15 -28.69
C GLY M 192 -71.92 23.72 -27.38
N LEU M 193 -73.25 23.70 -27.35
CA LEU M 193 -74.02 23.27 -26.19
C LEU M 193 -74.71 21.95 -26.51
N TYR M 194 -74.90 21.13 -25.48
CA TYR M 194 -75.60 19.86 -25.64
C TYR M 194 -77.09 20.04 -25.38
N SER M 195 -77.85 18.99 -25.70
CA SER M 195 -79.30 19.01 -25.56
C SER M 195 -79.78 17.58 -25.66
N LEU M 196 -80.35 17.05 -24.58
CA LEU M 196 -80.88 15.70 -24.58
C LEU M 196 -82.35 15.72 -24.17
N SER M 197 -82.99 14.56 -24.33
CA SER M 197 -84.39 14.37 -24.03
C SER M 197 -84.57 13.09 -23.23
N SER M 198 -85.47 13.13 -22.26
CA SER M 198 -85.86 11.97 -21.48
C SER M 198 -87.36 11.77 -21.64
N VAL M 199 -87.76 10.54 -21.96
CA VAL M 199 -89.17 10.19 -22.13
C VAL M 199 -89.47 8.94 -21.32
N VAL M 200 -90.74 8.80 -20.93
CA VAL M 200 -91.20 7.63 -20.17
C VAL M 200 -92.65 7.35 -20.56
N THR M 201 -92.97 6.08 -20.70
CA THR M 201 -94.31 5.64 -21.04
C THR M 201 -95.04 5.17 -19.79
N VAL M 202 -96.25 5.66 -19.60
CA VAL M 202 -97.07 5.34 -18.43
C VAL M 202 -98.49 5.05 -18.88
N PRO M 203 -99.28 4.42 -18.03
CA PRO M 203 -100.71 4.24 -18.36
C PRO M 203 -101.42 5.59 -18.47
N SER M 204 -102.14 5.77 -19.57
CA SER M 204 -102.91 6.99 -19.77
C SER M 204 -104.13 7.07 -18.86
N SER M 205 -104.48 5.98 -18.17
CA SER M 205 -105.55 6.04 -17.19
C SER M 205 -105.13 6.82 -15.95
N SER M 206 -103.84 6.79 -15.61
CA SER M 206 -103.33 7.44 -14.42
C SER M 206 -102.99 8.91 -14.63
N LEU M 207 -103.13 9.43 -15.85
CA LEU M 207 -102.73 10.80 -16.14
C LEU M 207 -103.47 11.82 -15.28
N GLY M 208 -104.65 11.48 -14.77
CA GLY M 208 -105.39 12.41 -13.93
C GLY M 208 -105.06 12.26 -12.45
N THR M 209 -104.47 11.12 -12.08
CA THR M 209 -104.17 10.84 -10.69
C THR M 209 -102.70 11.01 -10.35
N GLN M 210 -101.81 10.54 -11.22
CA GLN M 210 -100.39 10.52 -10.90
C GLN M 210 -99.72 11.85 -11.23
N THR M 211 -98.68 12.16 -10.47
CA THR M 211 -97.87 13.36 -10.68
C THR M 211 -96.48 12.92 -11.13
N TYR M 212 -96.06 13.38 -12.29
CA TYR M 212 -94.77 13.02 -12.88
C TYR M 212 -93.83 14.22 -12.85
N ILE M 213 -92.75 14.10 -12.10
CA ILE M 213 -91.72 15.13 -12.01
C ILE M 213 -90.40 14.53 -12.45
N CYS M 214 -89.64 15.27 -13.25
CA CYS M 214 -88.30 14.89 -13.65
C CYS M 214 -87.27 15.74 -12.91
N ASN M 215 -86.23 15.09 -12.40
CA ASN M 215 -85.23 15.70 -11.54
C ASN M 215 -83.91 15.75 -12.29
N VAL M 216 -83.68 16.85 -13.00
CA VAL M 216 -82.46 17.05 -13.78
C VAL M 216 -81.41 17.68 -12.89
N ASN M 217 -80.20 17.15 -12.94
CA ASN M 217 -79.05 17.70 -12.21
C ASN M 217 -77.91 17.92 -13.19
N HIS M 218 -77.13 18.97 -12.93
CA HIS M 218 -75.99 19.29 -13.77
C HIS M 218 -74.91 19.86 -12.84
N LYS M 219 -74.12 18.95 -12.26
CA LYS M 219 -73.10 19.33 -11.29
C LYS M 219 -72.12 20.40 -11.76
N PRO M 220 -71.66 20.42 -13.03
CA PRO M 220 -70.71 21.49 -13.43
C PRO M 220 -71.24 22.90 -13.22
N SER M 221 -72.52 23.15 -13.46
CA SER M 221 -73.11 24.46 -13.22
C SER M 221 -73.85 24.54 -11.90
N ASN M 222 -73.83 23.48 -11.10
CA ASN M 222 -74.54 23.41 -9.83
C ASN M 222 -76.02 23.76 -10.01
N THR M 223 -76.62 23.18 -11.05
CA THR M 223 -78.03 23.36 -11.34
C THR M 223 -78.80 22.10 -10.94
N LYS M 224 -79.83 22.28 -10.12
CA LYS M 224 -80.73 21.21 -9.72
C LYS M 224 -82.16 21.70 -9.93
N VAL M 225 -82.84 21.14 -10.93
CA VAL M 225 -84.17 21.59 -11.34
C VAL M 225 -85.12 20.40 -11.29
N ASP M 226 -86.27 20.61 -10.67
CA ASP M 226 -87.37 19.65 -10.68
C ASP M 226 -88.51 20.22 -11.53
N LYS M 227 -89.04 19.41 -12.44
CA LYS M 227 -89.97 19.90 -13.44
C LYS M 227 -91.28 19.12 -13.38
N LYS M 228 -92.36 19.81 -13.05
CA LYS M 228 -93.69 19.21 -13.08
C LYS M 228 -94.17 19.07 -14.51
N VAL M 229 -94.37 17.84 -14.97
CA VAL M 229 -94.84 17.55 -16.31
C VAL M 229 -96.31 17.13 -16.22
N GLU M 230 -97.18 17.82 -16.95
CA GLU M 230 -98.61 17.58 -16.89
C GLU M 230 -99.21 17.64 -18.29
N PRO M 231 -100.32 16.96 -18.52
CA PRO M 231 -100.84 16.83 -19.89
C PRO M 231 -101.48 18.12 -20.39
N LYS M 232 -101.43 18.29 -21.71
CA LYS M 232 -102.07 19.40 -22.40
C LYS M 232 -103.05 18.86 -23.43
N SER M 233 -104.22 19.48 -23.52
CA SER M 233 -105.18 19.13 -24.54
C SER M 233 -104.63 19.50 -25.92
N CYS M 234 -104.38 18.48 -26.76
CA CYS M 234 -103.78 18.71 -28.05
C CYS M 234 -104.38 17.80 -29.12
N ASP N 1 -45.88 0.86 -27.63
CA ASP N 1 -45.27 -0.36 -27.13
C ASP N 1 -45.72 -1.58 -27.93
N ILE N 2 -46.76 -2.25 -27.43
CA ILE N 2 -47.39 -3.37 -28.12
C ILE N 2 -48.74 -2.88 -28.62
N VAL N 3 -48.95 -2.95 -29.93
CA VAL N 3 -50.10 -2.33 -30.59
C VAL N 3 -51.12 -3.42 -30.92
N MET N 4 -52.37 -3.18 -30.50
CA MET N 4 -53.48 -4.09 -30.78
C MET N 4 -54.35 -3.50 -31.89
N THR N 5 -54.67 -4.33 -32.89
CA THR N 5 -55.59 -3.96 -33.95
C THR N 5 -56.53 -5.13 -34.20
N GLN N 6 -57.83 -4.84 -34.28
CA GLN N 6 -58.85 -5.87 -34.44
C GLN N 6 -59.56 -5.71 -35.78
N SER N 7 -60.03 -6.83 -36.32
CA SER N 7 -60.86 -6.89 -37.51
C SER N 7 -61.95 -7.92 -37.28
N PRO N 8 -63.18 -7.67 -37.77
CA PRO N 8 -63.60 -6.46 -38.49
C PRO N 8 -63.79 -5.27 -37.54
N ASP N 9 -64.21 -4.13 -38.10
CA ASP N 9 -64.57 -2.99 -37.26
C ASP N 9 -66.00 -3.08 -36.78
N SER N 10 -66.86 -3.85 -37.44
CA SER N 10 -68.24 -3.98 -37.04
C SER N 10 -68.81 -5.29 -37.58
N LEU N 11 -69.62 -5.96 -36.76
CA LEU N 11 -70.26 -7.20 -37.13
C LEU N 11 -71.78 -7.03 -37.15
N ALA N 12 -72.46 -7.96 -37.82
CA ALA N 12 -73.91 -7.97 -37.88
C ALA N 12 -74.37 -9.34 -38.35
N VAL N 13 -74.91 -10.14 -37.42
CA VAL N 13 -75.46 -11.44 -37.75
C VAL N 13 -76.88 -11.53 -37.18
N SER N 14 -77.63 -12.50 -37.68
CA SER N 14 -78.97 -12.74 -37.17
C SER N 14 -78.89 -13.40 -35.79
N LEU N 15 -80.01 -13.40 -35.08
CA LEU N 15 -80.08 -14.02 -33.76
C LEU N 15 -79.69 -15.48 -33.83
N GLY N 16 -78.68 -15.87 -33.05
CA GLY N 16 -78.25 -17.25 -33.01
C GLY N 16 -77.24 -17.63 -34.07
N GLU N 17 -76.82 -16.71 -34.93
CA GLU N 17 -75.74 -16.99 -35.85
C GLU N 17 -74.40 -16.84 -35.14
N ARG N 18 -73.33 -17.29 -35.80
CA ARG N 18 -72.01 -17.26 -35.21
C ARG N 18 -71.36 -15.90 -35.43
N ALA N 19 -70.65 -15.42 -34.41
CA ALA N 19 -69.95 -14.15 -34.47
C ALA N 19 -68.48 -14.36 -34.16
N THR N 20 -67.60 -13.75 -34.95
CA THR N 20 -66.16 -13.94 -34.84
C THR N 20 -65.45 -12.59 -34.84
N ILE N 21 -64.53 -12.41 -33.90
CA ILE N 21 -63.74 -11.19 -33.77
C ILE N 21 -62.28 -11.59 -33.66
N ASN N 22 -61.43 -11.01 -34.52
CA ASN N 22 -60.01 -11.32 -34.55
C ASN N 22 -59.21 -10.17 -33.96
N CYS N 23 -58.04 -10.51 -33.40
CA CYS N 23 -57.16 -9.53 -32.76
C CYS N 23 -55.73 -9.95 -33.02
N LYS N 24 -54.89 -9.02 -33.47
CA LYS N 24 -53.50 -9.29 -33.78
C LYS N 24 -52.59 -8.40 -32.94
N SER N 25 -51.47 -8.95 -32.49
CA SER N 25 -50.52 -8.24 -31.65
C SER N 25 -49.30 -7.82 -32.47
N SER N 26 -48.68 -6.71 -32.03
CA SER N 26 -47.47 -6.23 -32.70
C SER N 26 -46.26 -7.12 -32.43
N GLN N 27 -46.38 -8.06 -31.50
CA GLN N 27 -45.37 -9.07 -31.25
C GLN N 27 -46.04 -10.22 -30.50
N SER N 28 -45.29 -11.29 -30.31
CA SER N 28 -45.83 -12.44 -29.60
C SER N 28 -46.04 -12.10 -28.12
N VAL N 29 -47.27 -12.27 -27.64
CA VAL N 29 -47.56 -12.13 -26.22
C VAL N 29 -47.57 -13.48 -25.51
N LEU N 30 -46.91 -14.48 -26.10
CA LEU N 30 -46.69 -15.77 -25.46
C LEU N 30 -45.41 -15.67 -24.64
N TYR N 31 -45.52 -15.91 -23.32
CA TYR N 31 -44.37 -15.86 -22.44
C TYR N 31 -43.75 -17.25 -22.38
N SER N 32 -42.46 -17.33 -22.73
CA SER N 32 -41.79 -18.62 -22.88
C SER N 32 -41.64 -19.37 -21.56
N SER N 33 -41.66 -18.67 -20.43
CA SER N 33 -41.44 -19.34 -19.15
C SER N 33 -42.63 -20.22 -18.78
N ASN N 34 -43.84 -19.77 -19.07
CA ASN N 34 -45.05 -20.46 -18.64
C ASN N 34 -45.93 -20.94 -19.78
N ASN N 35 -45.52 -20.72 -21.04
CA ASN N 35 -46.30 -21.14 -22.20
C ASN N 35 -47.70 -20.50 -22.19
N LYS N 36 -47.76 -19.25 -21.76
CA LYS N 36 -49.04 -18.58 -21.53
C LYS N 36 -49.14 -17.34 -22.41
N ASN N 37 -50.26 -17.22 -23.12
CA ASN N 37 -50.57 -16.00 -23.87
C ASN N 37 -51.21 -15.00 -22.91
N TYR N 38 -50.61 -13.82 -22.79
CA TYR N 38 -51.04 -12.81 -21.82
C TYR N 38 -52.11 -11.91 -22.44
N LEU N 39 -53.22 -12.51 -22.87
CA LEU N 39 -54.27 -11.78 -23.57
C LEU N 39 -55.57 -11.80 -22.79
N ALA N 40 -56.41 -10.79 -23.04
CA ALA N 40 -57.72 -10.71 -22.42
C ALA N 40 -58.73 -10.19 -23.44
N TRP N 41 -60.01 -10.37 -23.13
CA TRP N 41 -61.12 -9.82 -23.89
C TRP N 41 -62.10 -9.14 -22.94
N TYR N 42 -62.66 -8.02 -23.37
CA TYR N 42 -63.62 -7.27 -22.57
C TYR N 42 -64.88 -6.99 -23.37
N GLN N 43 -65.88 -6.45 -22.68
CA GLN N 43 -67.17 -6.11 -23.26
C GLN N 43 -67.65 -4.79 -22.67
N GLN N 44 -68.19 -3.93 -23.52
CA GLN N 44 -68.71 -2.65 -23.06
C GLN N 44 -70.00 -2.29 -23.76
N LYS N 45 -71.04 -2.02 -22.99
CA LYS N 45 -72.30 -1.45 -23.42
C LYS N 45 -72.34 0.03 -23.07
N PRO N 46 -73.16 0.83 -23.75
CA PRO N 46 -73.07 2.29 -23.59
C PRO N 46 -73.31 2.74 -22.17
N GLY N 47 -72.43 3.62 -21.68
CA GLY N 47 -72.57 4.19 -20.35
C GLY N 47 -72.13 3.28 -19.22
N GLN N 48 -71.51 2.15 -19.51
CA GLN N 48 -71.04 1.22 -18.50
C GLN N 48 -69.55 1.00 -18.61
N PRO N 49 -68.88 0.64 -17.51
CA PRO N 49 -67.48 0.25 -17.59
C PRO N 49 -67.34 -1.13 -18.22
N PRO N 50 -66.16 -1.49 -18.70
CA PRO N 50 -66.00 -2.79 -19.36
C PRO N 50 -66.00 -3.94 -18.38
N LYS N 51 -66.38 -5.11 -18.87
CA LYS N 51 -66.43 -6.33 -18.08
C LYS N 51 -65.58 -7.38 -18.74
N LEU N 52 -64.68 -7.99 -17.97
CA LEU N 52 -63.78 -9.00 -18.53
C LEU N 52 -64.54 -10.27 -18.89
N LEU N 53 -64.22 -10.82 -20.06
CA LEU N 53 -64.78 -12.08 -20.51
C LEU N 53 -63.74 -13.19 -20.56
N MET N 54 -62.55 -12.91 -21.10
CA MET N 54 -61.51 -13.90 -21.27
C MET N 54 -60.19 -13.37 -20.72
N TYR N 55 -59.39 -14.30 -20.19
CA TYR N 55 -58.01 -14.01 -19.84
C TYR N 55 -57.21 -15.29 -20.01
N TRP N 56 -55.89 -15.14 -20.06
CA TRP N 56 -55.01 -16.21 -20.53
C TRP N 56 -55.50 -16.77 -21.86
N ALA N 57 -55.93 -15.86 -22.74
CA ALA N 57 -56.38 -16.16 -24.11
C ALA N 57 -57.69 -16.95 -24.15
N SER N 58 -57.84 -17.96 -23.29
CA SER N 58 -58.95 -18.89 -23.42
C SER N 58 -59.77 -19.12 -22.14
N THR N 59 -59.36 -18.59 -21.00
CA THR N 59 -60.03 -18.90 -19.73
C THR N 59 -61.24 -17.98 -19.54
N ARG N 60 -62.42 -18.60 -19.49
CA ARG N 60 -63.65 -17.85 -19.23
C ARG N 60 -63.63 -17.25 -17.83
N GLU N 61 -64.04 -15.99 -17.73
CA GLU N 61 -64.33 -15.42 -16.42
C GLU N 61 -65.59 -16.06 -15.86
N SER N 62 -65.65 -16.19 -14.54
CA SER N 62 -66.79 -16.83 -13.90
C SER N 62 -68.08 -16.08 -14.23
N GLY N 63 -69.12 -16.84 -14.55
CA GLY N 63 -70.39 -16.28 -14.96
C GLY N 63 -70.51 -15.95 -16.43
N VAL N 64 -69.41 -15.94 -17.17
CA VAL N 64 -69.49 -15.69 -18.61
C VAL N 64 -70.07 -16.92 -19.29
N PRO N 65 -71.09 -16.75 -20.16
CA PRO N 65 -71.78 -17.92 -20.74
C PRO N 65 -70.90 -18.80 -21.62
N ASP N 66 -71.48 -19.89 -22.10
CA ASP N 66 -70.75 -20.88 -22.88
C ASP N 66 -70.53 -20.46 -24.33
N ARG N 67 -71.35 -19.56 -24.86
CA ARG N 67 -71.17 -19.11 -26.24
C ARG N 67 -69.79 -18.51 -26.46
N PHE N 68 -69.28 -17.80 -25.46
CA PHE N 68 -67.98 -17.14 -25.57
C PHE N 68 -66.87 -18.17 -25.41
N SER N 69 -65.91 -18.13 -26.32
CA SER N 69 -64.77 -19.05 -26.29
C SER N 69 -63.55 -18.32 -26.84
N GLY N 70 -62.42 -18.48 -26.16
CA GLY N 70 -61.18 -17.83 -26.57
C GLY N 70 -60.30 -18.78 -27.36
N SER N 71 -59.69 -18.25 -28.41
CA SER N 71 -58.83 -19.03 -29.29
C SER N 71 -57.56 -18.24 -29.60
N GLY N 72 -56.66 -18.85 -30.35
CA GLY N 72 -55.44 -18.18 -30.79
C GLY N 72 -54.28 -18.38 -29.84
N SER N 73 -53.10 -17.99 -30.32
CA SER N 73 -51.87 -18.09 -29.56
C SER N 73 -50.78 -17.30 -30.28
N GLY N 74 -49.97 -16.59 -29.50
CA GLY N 74 -48.85 -15.85 -30.07
C GLY N 74 -49.17 -14.39 -30.36
N ALA N 75 -49.49 -14.10 -31.63
CA ALA N 75 -49.90 -12.75 -32.01
C ALA N 75 -51.15 -12.78 -32.88
N GLU N 76 -51.89 -13.88 -32.90
CA GLU N 76 -53.15 -13.99 -33.61
C GLU N 76 -54.16 -14.66 -32.69
N PHE N 77 -55.16 -13.91 -32.24
CA PHE N 77 -56.18 -14.43 -31.34
C PHE N 77 -57.56 -14.12 -31.90
N THR N 78 -58.56 -14.77 -31.31
CA THR N 78 -59.93 -14.67 -31.82
C THR N 78 -60.90 -14.91 -30.67
N LEU N 79 -61.80 -13.94 -30.45
CA LEU N 79 -62.98 -14.16 -29.62
C LEU N 79 -64.13 -14.55 -30.54
N THR N 80 -64.79 -15.65 -30.21
CA THR N 80 -65.84 -16.21 -31.06
C THR N 80 -67.08 -16.50 -30.22
N ILE N 81 -68.21 -15.95 -30.64
CA ILE N 81 -69.50 -16.20 -30.01
C ILE N 81 -70.21 -17.25 -30.87
N SER N 82 -70.46 -18.43 -30.29
CA SER N 82 -70.94 -19.57 -31.07
C SER N 82 -72.33 -19.31 -31.64
N SER N 83 -73.21 -18.65 -30.87
CA SER N 83 -74.53 -18.30 -31.37
C SER N 83 -74.94 -16.99 -30.70
N LEU N 84 -75.04 -15.93 -31.49
CA LEU N 84 -75.21 -14.60 -30.94
C LEU N 84 -76.61 -14.40 -30.37
N GLN N 85 -76.69 -13.67 -29.27
CA GLN N 85 -77.93 -13.46 -28.53
C GLN N 85 -78.33 -11.99 -28.57
N ALA N 86 -79.57 -11.74 -28.13
CA ALA N 86 -80.07 -10.36 -28.11
C ALA N 86 -79.25 -9.48 -27.17
N GLU N 87 -78.88 -10.00 -26.01
CA GLU N 87 -78.12 -9.24 -25.02
C GLU N 87 -76.61 -9.42 -25.17
N ASP N 88 -76.13 -9.66 -26.38
CA ASP N 88 -74.69 -9.65 -26.67
C ASP N 88 -74.27 -8.46 -27.52
N VAL N 89 -75.21 -7.63 -27.96
CA VAL N 89 -74.90 -6.42 -28.70
C VAL N 89 -74.07 -5.48 -27.82
N ALA N 90 -72.81 -5.30 -28.18
CA ALA N 90 -71.89 -4.47 -27.41
C ALA N 90 -70.64 -4.25 -28.26
N ILE N 91 -69.66 -3.58 -27.67
CA ILE N 91 -68.36 -3.34 -28.29
C ILE N 91 -67.34 -4.20 -27.56
N TYR N 92 -66.56 -4.96 -28.33
CA TYR N 92 -65.65 -5.96 -27.78
C TYR N 92 -64.21 -5.52 -28.02
N TYR N 93 -63.43 -5.45 -26.95
CA TYR N 93 -62.05 -5.00 -26.99
C TYR N 93 -61.14 -6.14 -26.58
N CYS N 94 -60.05 -6.34 -27.33
CA CYS N 94 -58.99 -7.23 -26.89
C CYS N 94 -57.90 -6.41 -26.20
N GLN N 95 -57.33 -7.00 -25.15
CA GLN N 95 -56.31 -6.33 -24.33
C GLN N 95 -55.14 -7.27 -24.14
N GLN N 96 -53.93 -6.69 -24.15
CA GLN N 96 -52.72 -7.43 -23.83
C GLN N 96 -52.14 -6.90 -22.52
N TYR N 97 -51.63 -7.81 -21.70
CA TYR N 97 -50.92 -7.44 -20.48
C TYR N 97 -49.56 -8.11 -20.40
N TYR N 98 -48.93 -8.34 -21.55
CA TYR N 98 -47.56 -8.84 -21.57
C TYR N 98 -46.61 -7.78 -21.05
N SER N 99 -46.60 -6.61 -21.68
CA SER N 99 -45.85 -5.44 -21.23
C SER N 99 -46.84 -4.31 -21.02
N THR N 100 -47.08 -3.96 -19.75
CA THR N 100 -48.10 -2.98 -19.34
C THR N 100 -49.44 -3.40 -19.94
N LEU N 101 -50.29 -2.43 -20.29
CA LEU N 101 -51.63 -2.69 -20.76
C LEU N 101 -51.92 -1.85 -22.00
N THR N 102 -52.55 -2.45 -23.00
CA THR N 102 -53.06 -1.74 -24.16
C THR N 102 -54.25 -2.50 -24.72
N PHE N 103 -55.20 -1.75 -25.27
CA PHE N 103 -56.42 -2.32 -25.84
C PHE N 103 -56.42 -2.12 -27.35
N GLY N 104 -57.36 -2.81 -28.01
CA GLY N 104 -57.60 -2.64 -29.42
C GLY N 104 -58.64 -1.55 -29.70
N GLY N 105 -58.87 -1.33 -30.99
CA GLY N 105 -59.84 -0.33 -31.43
C GLY N 105 -61.28 -0.66 -31.09
N GLY N 106 -61.60 -1.92 -30.80
CA GLY N 106 -62.96 -2.30 -30.49
C GLY N 106 -63.79 -2.70 -31.70
N THR N 107 -64.59 -3.75 -31.54
CA THR N 107 -65.48 -4.23 -32.59
C THR N 107 -66.92 -4.07 -32.13
N LYS N 108 -67.75 -3.49 -32.99
CA LYS N 108 -69.17 -3.31 -32.70
C LYS N 108 -69.94 -4.50 -33.24
N VAL N 109 -70.51 -5.30 -32.34
CA VAL N 109 -71.35 -6.43 -32.71
C VAL N 109 -72.81 -5.99 -32.66
N GLU N 110 -73.54 -6.25 -33.73
CA GLU N 110 -74.93 -5.83 -33.86
C GLU N 110 -75.78 -6.99 -34.32
N ILE N 111 -77.09 -6.87 -34.12
CA ILE N 111 -78.05 -7.93 -34.39
C ILE N 111 -78.85 -7.58 -35.64
N LYS N 112 -78.88 -8.51 -36.59
CA LYS N 112 -79.86 -8.46 -37.67
C LYS N 112 -81.19 -8.98 -37.16
N ARG N 113 -82.27 -8.28 -37.52
CA ARG N 113 -83.58 -8.53 -36.93
C ARG N 113 -84.64 -8.30 -38.00
N THR N 114 -85.83 -8.83 -37.76
CA THR N 114 -86.93 -8.60 -38.68
C THR N 114 -87.38 -7.15 -38.63
N VAL N 115 -88.03 -6.73 -39.72
CA VAL N 115 -88.47 -5.35 -39.85
C VAL N 115 -89.57 -5.07 -38.83
N ALA N 116 -89.46 -3.94 -38.14
CA ALA N 116 -90.45 -3.50 -37.17
C ALA N 116 -90.75 -2.03 -37.41
N ALA N 117 -92.00 -1.71 -37.71
CA ALA N 117 -92.38 -0.34 -37.99
C ALA N 117 -92.45 0.48 -36.70
N PRO N 118 -92.15 1.76 -36.77
CA PRO N 118 -92.13 2.60 -35.56
C PRO N 118 -93.47 3.25 -35.25
N SER N 119 -93.66 3.52 -33.96
CA SER N 119 -94.78 4.33 -33.50
C SER N 119 -94.33 5.79 -33.44
N VAL N 120 -95.16 6.68 -33.98
CA VAL N 120 -94.80 8.09 -34.12
C VAL N 120 -95.63 8.91 -33.14
N PHE N 121 -94.95 9.55 -32.19
CA PHE N 121 -95.57 10.48 -31.25
C PHE N 121 -94.98 11.86 -31.47
N ILE N 122 -95.71 12.89 -31.05
CA ILE N 122 -95.30 14.27 -31.26
C ILE N 122 -95.57 15.08 -29.99
N PHE N 123 -94.71 16.06 -29.74
CA PHE N 123 -94.80 16.90 -28.56
C PHE N 123 -94.75 18.37 -28.96
N PRO N 124 -95.70 19.19 -28.54
CA PRO N 124 -95.66 20.61 -28.85
C PRO N 124 -94.70 21.34 -27.92
N PRO N 125 -94.37 22.60 -28.21
CA PRO N 125 -93.44 23.33 -27.34
C PRO N 125 -94.08 23.73 -26.03
N SER N 126 -93.26 23.76 -24.99
CA SER N 126 -93.74 24.15 -23.67
C SER N 126 -94.08 25.63 -23.62
N ASP N 127 -95.13 25.96 -22.87
CA ASP N 127 -95.48 27.36 -22.66
C ASP N 127 -94.34 28.11 -21.97
N GLU N 128 -93.67 27.45 -21.04
CA GLU N 128 -92.55 28.05 -20.32
C GLU N 128 -91.42 28.43 -21.27
N GLN N 129 -91.20 27.62 -22.31
CA GLN N 129 -90.16 27.94 -23.28
C GLN N 129 -90.57 29.12 -24.17
N LEU N 130 -91.86 29.21 -24.51
CA LEU N 130 -92.32 30.28 -25.39
C LEU N 130 -92.04 31.66 -24.78
N LYS N 131 -92.25 31.79 -23.47
CA LYS N 131 -91.95 33.06 -22.79
C LYS N 131 -90.49 33.43 -22.83
N SER N 132 -89.60 32.49 -23.19
CA SER N 132 -88.17 32.77 -23.32
C SER N 132 -87.74 32.95 -24.76
N GLY N 133 -88.67 32.95 -25.72
CA GLY N 133 -88.38 33.30 -27.09
C GLY N 133 -88.12 32.16 -28.06
N THR N 134 -88.25 30.91 -27.62
CA THR N 134 -87.93 29.76 -28.46
C THR N 134 -89.11 28.80 -28.48
N ALA N 135 -89.11 27.87 -29.43
CA ALA N 135 -90.18 26.89 -29.56
C ALA N 135 -89.58 25.61 -30.12
N SER N 136 -89.43 24.60 -29.28
CA SER N 136 -88.86 23.32 -29.67
C SER N 136 -89.96 22.28 -29.77
N VAL N 137 -90.13 21.70 -30.96
CA VAL N 137 -91.09 20.63 -31.22
C VAL N 137 -90.34 19.32 -31.31
N VAL N 138 -90.87 18.28 -30.67
CA VAL N 138 -90.18 17.00 -30.53
C VAL N 138 -91.01 15.91 -31.19
N CYS N 139 -90.36 15.08 -31.99
CA CYS N 139 -90.96 13.92 -32.62
C CYS N 139 -90.27 12.66 -32.11
N LEU N 140 -91.01 11.55 -32.05
CA LEU N 140 -90.56 10.35 -31.37
C LEU N 140 -90.94 9.12 -32.17
N LEU N 141 -89.94 8.36 -32.62
CA LEU N 141 -90.14 7.05 -33.20
C LEU N 141 -89.71 6.00 -32.18
N ASN N 142 -90.53 4.96 -32.03
CA ASN N 142 -90.34 4.01 -30.94
C ASN N 142 -90.29 2.59 -31.47
N ASN N 143 -89.22 1.86 -31.12
CA ASN N 143 -89.11 0.42 -31.26
C ASN N 143 -89.23 0.00 -32.73
N PHE N 144 -88.22 0.39 -33.51
CA PHE N 144 -88.21 0.10 -34.93
C PHE N 144 -86.88 -0.56 -35.33
N TYR N 145 -86.95 -1.27 -36.46
CA TYR N 145 -85.80 -1.89 -37.12
C TYR N 145 -86.18 -1.99 -38.60
N PRO N 146 -85.25 -1.69 -39.51
CA PRO N 146 -83.86 -1.29 -39.29
C PRO N 146 -83.67 0.12 -38.74
N ARG N 147 -82.41 0.46 -38.45
CA ARG N 147 -82.08 1.75 -37.87
C ARG N 147 -82.27 2.89 -38.86
N GLU N 148 -82.17 2.61 -40.16
CA GLU N 148 -82.27 3.64 -41.19
C GLU N 148 -83.69 4.17 -41.25
N ALA N 149 -83.89 5.41 -40.79
CA ALA N 149 -85.20 6.05 -40.79
C ALA N 149 -85.03 7.53 -41.10
N LYS N 150 -85.85 8.03 -42.02
CA LYS N 150 -85.81 9.43 -42.44
C LYS N 150 -86.92 10.20 -41.74
N VAL N 151 -86.58 11.35 -41.15
CA VAL N 151 -87.51 12.18 -40.40
C VAL N 151 -87.52 13.56 -41.04
N GLN N 152 -88.61 13.89 -41.72
CA GLN N 152 -88.79 15.17 -42.38
C GLN N 152 -89.78 16.01 -41.59
N TRP N 153 -89.35 17.20 -41.16
CA TRP N 153 -90.24 18.18 -40.57
C TRP N 153 -90.89 19.01 -41.66
N LYS N 154 -92.20 19.20 -41.57
CA LYS N 154 -92.95 20.01 -42.53
C LYS N 154 -93.79 21.02 -41.76
N VAL N 155 -93.45 22.30 -41.92
CA VAL N 155 -94.17 23.39 -41.25
C VAL N 155 -95.10 24.02 -42.27
N ASP N 156 -96.41 23.97 -42.00
CA ASP N 156 -97.42 24.46 -42.93
C ASP N 156 -97.25 23.85 -44.31
N ASN N 157 -96.94 22.56 -44.34
CA ASN N 157 -96.66 21.82 -45.58
C ASN N 157 -95.48 22.41 -46.34
N ALA N 158 -94.50 22.95 -45.62
CA ALA N 158 -93.26 23.45 -46.20
C ALA N 158 -92.10 22.75 -45.53
N LEU N 159 -91.32 22.01 -46.32
CA LEU N 159 -90.20 21.25 -45.77
C LEU N 159 -89.19 22.18 -45.12
N GLN N 160 -88.86 21.88 -43.87
CA GLN N 160 -87.83 22.60 -43.15
C GLN N 160 -86.48 21.98 -43.42
N SER N 161 -85.43 22.79 -43.26
CA SER N 161 -84.08 22.32 -43.53
C SER N 161 -83.10 23.15 -42.72
N GLY N 162 -82.34 22.51 -41.84
CA GLY N 162 -81.30 23.16 -41.08
C GLY N 162 -81.65 23.49 -39.65
N ASN N 163 -82.84 23.13 -39.18
CA ASN N 163 -83.30 23.48 -37.84
C ASN N 163 -83.82 22.27 -37.09
N SER N 164 -83.24 21.10 -37.33
CA SER N 164 -83.66 19.88 -36.64
C SER N 164 -82.42 19.10 -36.23
N GLN N 165 -82.63 18.14 -35.33
CA GLN N 165 -81.54 17.33 -34.81
C GLN N 165 -82.09 16.00 -34.33
N GLU N 166 -81.24 14.97 -34.39
CA GLU N 166 -81.67 13.60 -34.16
C GLU N 166 -80.72 12.88 -33.21
N SER N 167 -81.28 12.05 -32.33
CA SER N 167 -80.53 11.19 -31.43
C SER N 167 -81.13 9.80 -31.47
N VAL N 168 -80.26 8.78 -31.48
CA VAL N 168 -80.67 7.39 -31.55
C VAL N 168 -80.27 6.70 -30.26
N THR N 169 -81.13 5.81 -29.76
CA THR N 169 -80.81 5.02 -28.59
C THR N 169 -79.81 3.93 -28.95
N GLU N 170 -79.27 3.29 -27.91
CA GLU N 170 -78.55 2.04 -28.11
C GLU N 170 -79.52 0.98 -28.61
N GLN N 171 -78.99 -0.03 -29.30
CA GLN N 171 -79.83 -1.13 -29.73
C GLN N 171 -80.33 -1.89 -28.51
N ASP N 172 -81.58 -2.34 -28.58
CA ASP N 172 -82.23 -2.91 -27.41
C ASP N 172 -81.65 -4.29 -27.08
N SER N 173 -81.40 -4.51 -25.79
CA SER N 173 -80.89 -5.80 -25.33
C SER N 173 -81.97 -6.85 -25.19
N LYS N 174 -83.23 -6.52 -25.48
CA LYS N 174 -84.34 -7.45 -25.36
C LYS N 174 -84.93 -7.81 -26.72
N ASP N 175 -85.45 -6.83 -27.46
CA ASP N 175 -86.08 -7.10 -28.75
C ASP N 175 -85.27 -6.57 -29.92
N SER N 176 -84.10 -6.00 -29.68
CA SER N 176 -83.14 -5.63 -30.72
C SER N 176 -83.68 -4.56 -31.66
N THR N 177 -84.39 -3.58 -31.12
CA THR N 177 -84.93 -2.47 -31.89
C THR N 177 -84.23 -1.18 -31.51
N TYR N 178 -84.57 -0.12 -32.24
CA TYR N 178 -84.07 1.22 -31.96
C TYR N 178 -85.24 2.16 -31.71
N SER N 179 -84.92 3.29 -31.07
CA SER N 179 -85.84 4.42 -30.93
C SER N 179 -85.08 5.68 -31.30
N LEU N 180 -85.84 6.77 -31.47
CA LEU N 180 -85.24 7.97 -32.05
C LEU N 180 -86.04 9.20 -31.62
N SER N 181 -85.33 10.29 -31.36
CA SER N 181 -85.93 11.58 -31.07
C SER N 181 -85.45 12.59 -32.09
N SER N 182 -86.37 13.42 -32.58
CA SER N 182 -86.05 14.50 -33.51
C SER N 182 -86.64 15.79 -32.96
N THR N 183 -85.80 16.82 -32.82
CA THR N 183 -86.18 18.07 -32.15
C THR N 183 -86.11 19.21 -33.14
N LEU N 184 -87.25 19.86 -33.37
CA LEU N 184 -87.35 21.00 -34.27
C LEU N 184 -87.37 22.28 -33.46
N THR N 185 -86.37 23.14 -33.66
CA THR N 185 -86.22 24.38 -32.89
C THR N 185 -86.47 25.58 -33.80
N LEU N 186 -87.45 26.39 -33.42
CA LEU N 186 -87.74 27.66 -34.07
C LEU N 186 -87.64 28.78 -33.06
N SER N 187 -87.64 30.01 -33.56
CA SER N 187 -87.88 31.16 -32.69
C SER N 187 -89.38 31.31 -32.48
N LYS N 188 -89.74 31.82 -31.30
CA LYS N 188 -91.16 31.86 -30.93
C LYS N 188 -91.98 32.70 -31.91
N ALA N 189 -91.37 33.75 -32.48
CA ALA N 189 -92.09 34.58 -33.44
C ALA N 189 -92.42 33.80 -34.71
N ASP N 190 -91.45 33.07 -35.25
CA ASP N 190 -91.71 32.23 -36.42
C ASP N 190 -92.72 31.14 -36.09
N TYR N 191 -92.62 30.55 -34.90
CA TYR N 191 -93.56 29.51 -34.51
C TYR N 191 -94.99 30.01 -34.45
N GLU N 192 -95.18 31.29 -34.09
CA GLU N 192 -96.52 31.83 -33.95
C GLU N 192 -97.16 32.20 -35.29
N LYS N 193 -96.37 32.29 -36.36
CA LYS N 193 -96.90 32.66 -37.67
C LYS N 193 -97.44 31.48 -38.46
N HIS N 194 -97.50 30.28 -37.86
CA HIS N 194 -97.85 29.09 -38.61
C HIS N 194 -98.78 28.20 -37.81
N LYS N 195 -99.58 27.42 -38.51
CA LYS N 195 -100.62 26.61 -37.89
C LYS N 195 -100.20 25.16 -37.69
N VAL N 196 -99.97 24.44 -38.78
CA VAL N 196 -99.83 22.99 -38.75
C VAL N 196 -98.35 22.63 -38.72
N TYR N 197 -97.94 21.92 -37.67
CA TYR N 197 -96.60 21.36 -37.57
C TYR N 197 -96.70 19.84 -37.64
N ALA N 198 -95.95 19.25 -38.56
CA ALA N 198 -96.03 17.83 -38.87
C ALA N 198 -94.68 17.16 -38.63
N CYS N 199 -94.65 15.84 -38.82
CA CYS N 199 -93.42 15.07 -38.65
C CYS N 199 -93.58 13.81 -39.53
N GLU N 200 -92.99 13.86 -40.72
CA GLU N 200 -93.15 12.78 -41.70
C GLU N 200 -92.00 11.79 -41.57
N VAL N 201 -92.33 10.52 -41.43
CA VAL N 201 -91.37 9.45 -41.22
C VAL N 201 -91.44 8.49 -42.40
N THR N 202 -90.28 8.15 -42.96
CA THR N 202 -90.15 7.15 -44.01
C THR N 202 -89.30 6.01 -43.49
N HIS N 203 -89.84 4.79 -43.51
CA HIS N 203 -89.16 3.63 -42.98
C HIS N 203 -89.45 2.42 -43.85
N GLN N 204 -88.65 1.37 -43.64
CA GLN N 204 -88.79 0.14 -44.41
C GLN N 204 -90.06 -0.63 -44.05
N GLY N 205 -90.61 -0.41 -42.86
CA GLY N 205 -91.80 -1.09 -42.40
C GLY N 205 -93.11 -0.38 -42.68
N LEU N 206 -93.07 0.78 -43.34
CA LEU N 206 -94.28 1.55 -43.61
C LEU N 206 -94.54 1.56 -45.11
N ARG N 207 -95.75 1.14 -45.50
CA ARG N 207 -96.17 1.16 -46.90
C ARG N 207 -95.94 2.53 -47.51
N SER N 208 -96.55 3.55 -46.93
CA SER N 208 -96.37 4.94 -47.30
C SER N 208 -95.82 5.70 -46.09
N PRO N 209 -95.19 6.86 -46.33
CA PRO N 209 -94.74 7.69 -45.20
C PRO N 209 -95.89 8.05 -44.28
N VAL N 210 -95.58 8.18 -42.99
CA VAL N 210 -96.56 8.42 -41.95
C VAL N 210 -96.33 9.81 -41.37
N THR N 211 -97.40 10.60 -41.30
CA THR N 211 -97.35 11.97 -40.83
C THR N 211 -98.04 12.07 -39.47
N LYS N 212 -97.32 12.58 -38.47
CA LYS N 212 -97.89 12.96 -37.19
C LYS N 212 -97.84 14.47 -37.08
N SER N 213 -99.03 15.09 -36.98
CA SER N 213 -99.14 16.54 -37.03
C SER N 213 -100.14 17.02 -36.00
N PHE N 214 -99.87 18.19 -35.42
CA PHE N 214 -100.82 18.90 -34.60
C PHE N 214 -101.03 20.30 -35.16
N ASN N 215 -102.12 20.93 -34.77
CA ASN N 215 -102.45 22.28 -35.19
C ASN N 215 -102.38 23.20 -33.98
N ARG N 216 -101.55 24.24 -34.08
CA ARG N 216 -101.40 25.19 -32.98
C ARG N 216 -102.72 25.84 -32.62
N GLY N 217 -103.63 25.96 -33.58
CA GLY N 217 -104.98 26.43 -33.27
C GLY N 217 -105.83 25.42 -32.53
N GLU N 218 -105.41 24.15 -32.53
CA GLU N 218 -106.11 23.09 -31.81
C GLU N 218 -105.17 22.40 -30.83
N CYS N 219 -104.18 23.12 -30.32
CA CYS N 219 -103.17 22.55 -29.43
C CYS N 219 -102.45 23.64 -28.66
N GLU O 1 65.35 -9.07 44.08
CA GLU O 1 64.97 -8.57 45.40
C GLU O 1 63.50 -8.16 45.42
N VAL O 2 62.63 -9.14 45.70
CA VAL O 2 61.20 -8.89 45.66
C VAL O 2 60.84 -7.83 46.70
N GLN O 3 59.95 -6.91 46.32
CA GLN O 3 59.63 -5.79 47.17
C GLN O 3 58.34 -5.13 46.69
N LEU O 4 57.69 -4.41 47.61
CA LEU O 4 56.57 -3.53 47.31
C LEU O 4 56.95 -2.14 47.81
N VAL O 5 57.02 -1.17 46.90
CA VAL O 5 57.39 0.20 47.24
C VAL O 5 56.16 1.08 47.08
N GLN O 6 55.86 1.85 48.13
CA GLN O 6 54.66 2.66 48.19
C GLN O 6 54.99 4.12 47.94
N SER O 7 53.93 4.93 47.78
CA SER O 7 54.09 6.36 47.59
C SER O 7 54.49 7.01 48.91
N GLY O 8 54.65 8.33 48.87
CA GLY O 8 55.17 9.08 50.00
C GLY O 8 54.08 9.59 50.92
N PRO O 9 54.49 10.21 52.04
CA PRO O 9 53.51 10.71 53.02
C PRO O 9 52.59 11.76 52.42
N GLU O 10 51.34 11.75 52.86
CA GLU O 10 50.32 12.68 52.40
C GLU O 10 49.70 13.42 53.58
N VAL O 11 49.38 14.69 53.36
CA VAL O 11 48.57 15.49 54.28
C VAL O 11 47.36 15.98 53.49
N LYS O 12 46.17 15.64 53.96
CA LYS O 12 44.93 15.96 53.25
C LYS O 12 43.98 16.70 54.16
N LYS O 13 43.16 17.54 53.57
CA LYS O 13 42.12 18.22 54.32
C LYS O 13 40.83 17.40 54.25
N PRO O 14 39.94 17.57 55.24
CA PRO O 14 38.71 16.78 55.26
C PRO O 14 37.89 16.96 53.98
N GLY O 15 37.26 15.86 53.55
CA GLY O 15 36.42 15.84 52.36
C GLY O 15 37.13 15.39 51.10
N THR O 16 38.46 15.47 51.07
CA THR O 16 39.21 15.13 49.87
C THR O 16 39.43 13.61 49.79
N SER O 17 40.08 13.18 48.71
CA SER O 17 40.45 11.79 48.52
C SER O 17 41.95 11.63 48.69
N VAL O 18 42.40 10.38 48.67
CA VAL O 18 43.82 10.07 48.76
C VAL O 18 44.08 8.77 48.00
N LYS O 19 45.13 8.76 47.18
CA LYS O 19 45.47 7.63 46.34
C LYS O 19 46.90 7.20 46.65
N VAL O 20 47.05 6.05 47.30
CA VAL O 20 48.35 5.47 47.61
C VAL O 20 48.68 4.42 46.57
N SER O 21 49.95 4.36 46.18
CA SER O 21 50.41 3.42 45.17
C SER O 21 51.22 2.30 45.82
N CYS O 22 51.44 1.23 45.04
CA CYS O 22 52.15 0.04 45.52
C CYS O 22 52.77 -0.61 44.28
N LYS O 23 54.07 -0.36 44.07
CA LYS O 23 54.77 -0.85 42.89
C LYS O 23 55.59 -2.08 43.25
N ALA O 24 55.47 -3.13 42.46
CA ALA O 24 56.15 -4.39 42.73
C ALA O 24 57.36 -4.56 41.82
N SER O 25 58.22 -5.50 42.21
CA SER O 25 59.39 -5.89 41.44
C SER O 25 59.99 -7.13 42.10
N GLY O 26 60.40 -8.09 41.28
CA GLY O 26 61.07 -9.28 41.75
C GLY O 26 60.27 -10.56 41.62
N PHE O 27 58.95 -10.47 41.45
CA PHE O 27 58.10 -11.65 41.35
C PHE O 27 57.10 -11.46 40.22
N THR O 28 56.41 -12.54 39.88
CA THR O 28 55.41 -12.55 38.81
C THR O 28 54.16 -11.87 39.33
N PHE O 29 54.11 -10.55 39.15
CA PHE O 29 53.03 -9.74 39.73
C PHE O 29 51.67 -10.11 39.15
N MET O 30 51.62 -10.41 37.84
CA MET O 30 50.37 -10.73 37.17
C MET O 30 49.64 -11.90 37.80
N SER O 31 50.37 -12.81 38.47
CA SER O 31 49.78 -13.94 39.14
C SER O 31 49.41 -13.66 40.60
N SER O 32 49.86 -12.52 41.14
CA SER O 32 49.70 -12.23 42.56
C SER O 32 48.38 -11.53 42.84
N ALA O 33 48.21 -11.09 44.08
CA ALA O 33 47.09 -10.26 44.48
C ALA O 33 47.58 -9.32 45.57
N VAL O 34 46.98 -8.15 45.65
CA VAL O 34 47.38 -7.13 46.62
C VAL O 34 46.22 -6.86 47.56
N GLN O 35 46.51 -6.83 48.86
CA GLN O 35 45.54 -6.45 49.86
C GLN O 35 46.00 -5.17 50.55
N TRP O 36 45.04 -4.42 51.09
CA TRP O 36 45.32 -3.14 51.70
C TRP O 36 44.90 -3.15 53.16
N VAL O 37 45.79 -2.67 54.03
CA VAL O 37 45.61 -2.66 55.47
C VAL O 37 46.01 -1.27 55.97
N ARG O 38 45.45 -0.87 57.11
CA ARG O 38 45.82 0.38 57.73
C ARG O 38 45.92 0.20 59.24
N GLN O 39 46.62 1.13 59.88
CA GLN O 39 46.81 1.10 61.33
C GLN O 39 47.13 2.51 61.80
N ALA O 40 46.33 3.01 62.75
CA ALA O 40 46.64 4.28 63.39
C ALA O 40 47.67 4.06 64.49
N ARG O 41 48.12 5.18 65.09
CA ARG O 41 49.18 5.14 66.09
C ARG O 41 48.82 4.26 67.27
N GLY O 42 49.45 3.10 67.38
CA GLY O 42 49.27 2.23 68.52
C GLY O 42 48.00 1.42 68.52
N GLN O 43 47.28 1.36 67.42
CA GLN O 43 46.04 0.60 67.34
C GLN O 43 46.25 -0.66 66.49
N ARG O 44 45.14 -1.33 66.18
CA ARG O 44 45.18 -2.61 65.51
C ARG O 44 45.27 -2.43 63.99
N LEU O 45 45.64 -3.53 63.31
CA LEU O 45 45.56 -3.56 61.86
C LEU O 45 44.11 -3.65 61.42
N GLU O 46 43.71 -2.76 60.52
CA GLU O 46 42.38 -2.78 59.92
C GLU O 46 42.47 -3.24 58.48
N TRP O 47 41.74 -4.29 58.14
CA TRP O 47 41.63 -4.68 56.75
C TRP O 47 40.82 -3.64 55.99
N ILE O 48 41.16 -3.46 54.70
CA ILE O 48 40.52 -2.48 53.84
C ILE O 48 39.87 -3.15 52.63
N GLY O 49 40.55 -4.10 52.02
CA GLY O 49 40.08 -4.73 50.81
C GLY O 49 41.24 -5.40 50.11
N TRP O 50 40.94 -5.99 48.95
CA TRP O 50 42.00 -6.59 48.16
C TRP O 50 41.54 -6.71 46.72
N ILE O 51 42.53 -6.83 45.82
CA ILE O 51 42.27 -6.93 44.39
C ILE O 51 43.11 -8.08 43.86
N VAL O 52 42.62 -8.72 42.80
CA VAL O 52 43.30 -9.81 42.14
C VAL O 52 44.00 -9.22 40.91
N ILE O 53 45.33 -9.18 40.94
CA ILE O 53 46.10 -8.57 39.86
C ILE O 53 45.78 -9.19 38.51
N GLY O 54 45.29 -10.43 38.48
CA GLY O 54 44.95 -11.05 37.21
C GLY O 54 43.70 -10.50 36.58
N SER O 55 42.62 -10.39 37.36
CA SER O 55 41.31 -10.01 36.83
C SER O 55 40.89 -8.58 37.15
N GLY O 56 41.48 -7.96 38.17
CA GLY O 56 41.03 -6.67 38.65
C GLY O 56 39.84 -6.73 39.58
N ASN O 57 39.27 -7.92 39.80
CA ASN O 57 38.12 -8.06 40.68
C ASN O 57 38.47 -7.63 42.11
N THR O 58 37.65 -6.77 42.67
CA THR O 58 37.88 -6.23 44.00
C THR O 58 36.88 -6.78 45.01
N ASN O 59 37.28 -6.71 46.27
CA ASN O 59 36.39 -7.00 47.40
C ASN O 59 36.81 -6.08 48.54
N TYR O 60 35.85 -5.38 49.11
CA TYR O 60 36.14 -4.35 50.11
C TYR O 60 35.53 -4.75 51.45
N ALA O 61 36.08 -4.16 52.51
CA ALA O 61 35.43 -4.24 53.81
C ALA O 61 34.13 -3.47 53.78
N GLN O 62 33.09 -4.03 54.40
CA GLN O 62 31.79 -3.37 54.38
C GLN O 62 31.79 -2.06 55.15
N LYS O 63 32.81 -1.83 55.99
CA LYS O 63 32.98 -0.52 56.62
C LYS O 63 33.58 0.48 55.64
N PHE O 64 34.35 0.01 54.66
CA PHE O 64 34.89 0.84 53.59
C PHE O 64 34.20 0.63 52.26
N GLN O 65 33.07 -0.10 52.24
CA GLN O 65 32.40 -0.42 50.98
C GLN O 65 32.00 0.84 50.21
N GLU O 66 31.77 1.94 50.90
CA GLU O 66 31.27 3.15 50.26
C GLU O 66 32.38 3.92 49.54
N ARG O 67 33.51 4.12 50.22
CA ARG O 67 34.45 5.17 49.85
C ARG O 67 35.88 4.65 49.67
N VAL O 68 36.05 3.42 49.21
CA VAL O 68 37.36 2.89 48.88
C VAL O 68 37.31 2.29 47.49
N THR O 69 38.28 2.66 46.66
CA THR O 69 38.44 2.10 45.32
C THR O 69 39.84 1.52 45.21
N ILE O 70 39.93 0.24 44.83
CA ILE O 70 41.20 -0.43 44.65
C ILE O 70 41.33 -0.79 43.17
N THR O 71 42.49 -0.49 42.59
CA THR O 71 42.74 -0.70 41.17
C THR O 71 44.15 -1.27 41.00
N ARG O 72 44.46 -1.67 39.77
CA ARG O 72 45.81 -2.15 39.47
C ARG O 72 46.16 -1.82 38.03
N ASP O 73 47.42 -1.44 37.82
CA ASP O 73 47.97 -1.18 36.49
C ASP O 73 48.97 -2.27 36.18
N MET O 74 48.60 -3.17 35.26
CA MET O 74 49.46 -4.32 34.98
C MET O 74 50.76 -3.89 34.29
N SER O 75 50.68 -2.93 33.37
CA SER O 75 51.85 -2.49 32.62
C SER O 75 52.97 -2.03 33.53
N THR O 76 52.63 -1.36 34.63
CA THR O 76 53.60 -0.79 35.55
C THR O 76 53.75 -1.59 36.83
N SER O 77 53.10 -2.75 36.92
CA SER O 77 53.17 -3.62 38.09
C SER O 77 52.83 -2.84 39.37
N THR O 78 51.70 -2.15 39.34
CA THR O 78 51.35 -1.21 40.40
C THR O 78 49.87 -1.33 40.72
N ALA O 79 49.56 -1.35 42.03
CA ALA O 79 48.18 -1.30 42.51
C ALA O 79 47.95 -0.01 43.27
N TYR O 80 46.73 0.49 43.22
CA TYR O 80 46.37 1.73 43.89
C TYR O 80 45.19 1.50 44.83
N MET O 81 45.08 2.39 45.81
CA MET O 81 43.99 2.40 46.78
C MET O 81 43.57 3.84 47.02
N GLU O 82 42.28 4.12 46.87
CA GLU O 82 41.78 5.49 46.96
C GLU O 82 40.66 5.56 47.99
N LEU O 83 40.82 6.43 48.97
CA LEU O 83 39.89 6.59 50.09
C LEU O 83 39.21 7.96 49.98
N SER O 84 37.89 7.94 49.77
CA SER O 84 37.14 9.16 49.55
C SER O 84 36.65 9.74 50.87
N SER O 85 36.14 10.98 50.80
CA SER O 85 35.46 11.64 51.91
C SER O 85 36.23 11.50 53.22
N LEU O 86 37.51 11.87 53.17
CA LEU O 86 38.40 11.67 54.31
C LEU O 86 37.90 12.40 55.55
N ARG O 87 38.05 11.73 56.69
CA ARG O 87 37.83 12.32 58.01
C ARG O 87 39.10 12.18 58.83
N SER O 88 39.14 12.86 59.98
CA SER O 88 40.32 12.82 60.84
C SER O 88 40.57 11.43 61.42
N GLU O 89 39.56 10.58 61.48
CA GLU O 89 39.75 9.20 61.92
C GLU O 89 40.35 8.31 60.84
N ASP O 90 40.53 8.84 59.63
CA ASP O 90 41.28 8.14 58.58
C ASP O 90 42.78 8.36 58.69
N THR O 91 43.21 9.26 59.57
CA THR O 91 44.64 9.46 59.83
C THR O 91 45.26 8.16 60.33
N ALA O 92 46.13 7.56 59.53
CA ALA O 92 46.71 6.26 59.84
C ALA O 92 47.88 6.01 58.89
N VAL O 93 48.51 4.86 59.07
CA VAL O 93 49.54 4.37 58.16
C VAL O 93 48.95 3.25 57.33
N TYR O 94 49.16 3.29 56.03
CA TYR O 94 48.50 2.38 55.10
C TYR O 94 49.52 1.44 54.48
N TYR O 95 49.22 0.15 54.54
CA TYR O 95 50.14 -0.91 54.12
C TYR O 95 49.51 -1.71 52.99
N CYS O 96 50.31 -2.03 51.98
CA CYS O 96 49.93 -3.01 50.97
C CYS O 96 50.76 -4.27 51.14
N ALA O 97 50.21 -5.40 50.68
CA ALA O 97 50.86 -6.69 50.85
C ALA O 97 50.46 -7.61 49.71
N ALA O 98 51.35 -8.55 49.40
CA ALA O 98 51.13 -9.48 48.30
C ALA O 98 51.87 -10.77 48.59
N PRO O 99 51.38 -11.91 48.09
CA PRO O 99 52.17 -13.15 48.16
C PRO O 99 53.16 -13.21 47.03
N TYR O 100 54.31 -13.83 47.30
CA TYR O 100 55.28 -14.06 46.25
C TYR O 100 54.73 -15.05 45.24
N CYS O 101 54.87 -14.72 43.96
CA CYS O 101 54.52 -15.62 42.87
C CYS O 101 55.70 -15.75 41.93
N SER O 102 55.92 -16.98 41.46
CA SER O 102 56.90 -17.27 40.44
C SER O 102 56.17 -17.51 39.12
N SER O 103 56.91 -17.90 38.09
CA SER O 103 56.27 -18.31 36.86
C SER O 103 55.56 -19.65 37.00
N ILE O 104 55.63 -20.29 38.16
CA ILE O 104 55.09 -21.62 38.37
C ILE O 104 53.86 -21.59 39.27
N SER O 105 53.98 -20.99 40.46
CA SER O 105 52.88 -20.95 41.42
C SER O 105 53.12 -19.81 42.39
N CYS O 106 52.13 -19.57 43.25
CA CYS O 106 52.15 -18.50 44.21
C CYS O 106 52.28 -19.03 45.63
N ASN O 107 52.84 -18.21 46.51
CA ASN O 107 52.88 -18.55 47.92
C ASN O 107 51.50 -18.40 48.54
N ASP O 108 51.27 -19.13 49.63
CA ASP O 108 49.94 -19.26 50.22
C ASP O 108 49.71 -18.28 51.36
N GLY O 109 50.15 -17.04 51.21
CA GLY O 109 50.00 -16.04 52.25
C GLY O 109 50.69 -14.73 51.91
N PHE O 110 50.32 -13.65 52.60
CA PHE O 110 50.82 -12.32 52.26
C PHE O 110 52.14 -12.11 52.99
N ASP O 111 53.23 -12.44 52.31
CA ASP O 111 54.57 -12.36 52.89
C ASP O 111 55.36 -11.14 52.41
N ILE O 112 55.01 -10.55 51.27
CA ILE O 112 55.66 -9.34 50.80
C ILE O 112 54.86 -8.15 51.29
N TRP O 113 55.51 -7.25 52.03
CA TRP O 113 54.82 -6.11 52.61
C TRP O 113 55.53 -4.81 52.22
N GLY O 114 54.75 -3.85 51.76
CA GLY O 114 55.27 -2.53 51.44
C GLY O 114 55.83 -1.80 52.64
N GLN O 115 56.38 -0.61 52.43
CA GLN O 115 57.02 0.13 53.51
C GLN O 115 56.05 0.94 54.35
N GLY O 116 54.85 1.19 53.87
CA GLY O 116 53.89 1.97 54.63
C GLY O 116 53.76 3.39 54.13
N THR O 117 52.57 3.96 54.30
CA THR O 117 52.27 5.30 53.81
C THR O 117 51.48 6.06 54.88
N MET O 118 52.16 6.95 55.59
CA MET O 118 51.49 7.75 56.60
C MET O 118 50.60 8.79 55.93
N VAL O 119 49.33 8.83 56.33
CA VAL O 119 48.34 9.74 55.75
C VAL O 119 47.70 10.52 56.89
N THR O 120 48.03 11.80 57.01
CA THR O 120 47.47 12.68 58.03
C THR O 120 46.30 13.44 57.42
N VAL O 121 45.16 13.42 58.12
CA VAL O 121 43.97 14.14 57.69
C VAL O 121 43.68 15.20 58.75
N SER O 122 43.89 16.46 58.39
CA SER O 122 43.75 17.54 59.35
C SER O 122 43.54 18.85 58.60
N SER O 123 42.76 19.75 59.21
CA SER O 123 42.49 21.06 58.64
C SER O 123 43.60 22.07 58.92
N ALA O 124 44.65 21.67 59.63
CA ALA O 124 45.72 22.58 59.99
C ALA O 124 46.65 22.82 58.79
N SER O 125 47.58 23.76 58.96
CA SER O 125 48.55 24.10 57.95
C SER O 125 49.96 23.87 58.48
N THR O 126 50.92 23.83 57.55
CA THR O 126 52.30 23.53 57.91
C THR O 126 52.90 24.65 58.75
N LYS O 127 53.61 24.26 59.82
CA LYS O 127 54.18 25.22 60.75
C LYS O 127 55.36 24.58 61.45
N GLY O 128 56.54 25.19 61.33
CA GLY O 128 57.71 24.74 62.05
C GLY O 128 57.54 24.92 63.54
N PRO O 129 58.32 24.18 64.33
CA PRO O 129 58.11 24.17 65.78
C PRO O 129 58.94 25.22 66.50
N SER O 130 58.44 25.60 67.68
CA SER O 130 59.20 26.36 68.66
C SER O 130 59.69 25.40 69.73
N VAL O 131 60.98 25.49 70.06
CA VAL O 131 61.60 24.58 71.01
C VAL O 131 62.06 25.38 72.22
N PHE O 132 61.34 25.21 73.33
CA PHE O 132 61.69 25.77 74.63
C PHE O 132 62.48 24.75 75.44
N PRO O 133 63.47 25.21 76.21
CA PRO O 133 64.36 24.28 76.92
C PRO O 133 63.79 23.83 78.25
N LEU O 134 64.45 22.80 78.81
CA LEU O 134 64.09 22.22 80.10
C LEU O 134 65.30 22.35 81.02
N ALA O 135 65.26 23.31 81.94
CA ALA O 135 66.44 23.62 82.72
C ALA O 135 66.71 22.53 83.76
N PRO O 136 67.97 22.17 83.98
CA PRO O 136 68.26 21.01 84.84
C PRO O 136 68.03 21.25 86.32
N SER O 137 68.02 22.50 86.79
CA SER O 137 67.92 22.81 88.21
C SER O 137 69.05 22.16 89.01
N GLY O 144 75.02 12.18 91.76
CA GLY O 144 73.62 12.19 91.40
C GLY O 144 73.40 12.38 89.92
N THR O 145 72.20 12.02 89.46
CA THR O 145 71.82 12.14 88.06
C THR O 145 70.89 13.32 87.89
N ALA O 146 71.19 14.18 86.91
CA ALA O 146 70.39 15.36 86.63
C ALA O 146 69.79 15.24 85.24
N ALA O 147 68.55 15.69 85.09
CA ALA O 147 67.80 15.56 83.85
C ALA O 147 67.57 16.92 83.22
N LEU O 148 67.78 17.00 81.91
CA LEU O 148 67.50 18.18 81.11
C LEU O 148 66.81 17.73 79.82
N GLY O 149 66.40 18.69 79.01
CA GLY O 149 65.73 18.36 77.77
C GLY O 149 65.29 19.61 77.03
N CYS O 150 64.38 19.40 76.09
CA CYS O 150 63.76 20.50 75.35
C CYS O 150 62.39 20.07 74.89
N LEU O 151 61.47 21.04 74.79
CA LEU O 151 60.09 20.77 74.43
C LEU O 151 59.82 21.32 73.03
N VAL O 152 59.68 20.42 72.06
CA VAL O 152 59.35 20.79 70.69
C VAL O 152 57.83 20.96 70.60
N LYS O 153 57.36 22.20 70.52
CA LYS O 153 55.95 22.51 70.65
C LYS O 153 55.40 23.15 69.38
N ASP O 154 54.15 22.80 69.06
CA ASP O 154 53.33 23.49 68.06
C ASP O 154 53.96 23.39 66.67
N TYR O 155 53.91 22.18 66.12
CA TYR O 155 54.36 21.94 64.75
C TYR O 155 53.33 21.08 64.02
N PHE O 156 53.49 21.02 62.70
CA PHE O 156 52.63 20.23 61.82
C PHE O 156 53.28 20.17 60.44
N PRO O 157 53.26 19.00 59.77
CA PRO O 157 52.76 17.75 60.33
C PRO O 157 53.88 16.90 60.92
N GLU O 158 53.57 15.64 61.24
CA GLU O 158 54.60 14.70 61.64
C GLU O 158 55.58 14.50 60.48
N PRO O 159 56.84 14.11 60.78
CA PRO O 159 57.43 13.92 62.11
C PRO O 159 58.49 14.95 62.46
N VAL O 160 59.12 14.79 63.62
CA VAL O 160 60.25 15.59 64.04
C VAL O 160 61.32 14.65 64.57
N THR O 161 62.59 15.06 64.37
CA THR O 161 63.73 14.26 64.78
C THR O 161 64.58 15.06 65.76
N VAL O 162 64.97 14.43 66.86
CA VAL O 162 65.73 15.07 67.92
C VAL O 162 67.07 14.37 68.06
N SER O 163 68.14 15.16 68.05
CA SER O 163 69.48 14.70 68.37
C SER O 163 70.01 15.51 69.55
N TRP O 164 71.11 15.03 70.14
CA TRP O 164 71.80 15.75 71.20
C TRP O 164 73.28 15.77 70.87
N ASN O 165 73.87 16.98 70.91
CA ASN O 165 75.26 17.19 70.51
C ASN O 165 75.52 16.72 69.09
N SER O 166 74.50 16.81 68.24
CA SER O 166 74.55 16.34 66.85
C SER O 166 74.92 14.85 66.81
N GLY O 167 74.08 14.04 67.46
CA GLY O 167 74.24 12.61 67.47
C GLY O 167 75.27 12.07 68.44
N ALA O 168 76.08 12.93 69.05
CA ALA O 168 77.14 12.45 69.93
C ALA O 168 76.60 11.87 71.22
N LEU O 169 75.53 12.46 71.77
CA LEU O 169 74.95 12.03 73.03
C LEU O 169 73.79 11.09 72.74
N THR O 170 73.99 9.80 72.98
CA THR O 170 72.98 8.78 72.77
C THR O 170 72.47 8.15 74.06
N SER O 171 73.36 7.83 74.99
CA SER O 171 72.96 7.14 76.21
C SER O 171 72.14 8.07 77.10
N GLY O 172 71.00 7.58 77.58
CA GLY O 172 70.13 8.31 78.47
C GLY O 172 69.01 9.07 77.78
N VAL O 173 69.14 9.34 76.48
CA VAL O 173 68.14 10.13 75.77
C VAL O 173 66.82 9.39 75.70
N HIS O 174 65.72 10.12 75.82
CA HIS O 174 64.38 9.59 75.59
C HIS O 174 63.58 10.64 74.83
N THR O 175 63.23 10.32 73.58
CA THR O 175 62.37 11.17 72.76
C THR O 175 60.99 10.55 72.71
N PHE O 176 60.00 11.23 73.28
CA PHE O 176 58.69 10.66 73.50
C PHE O 176 57.84 10.70 72.22
N PRO O 177 56.81 9.87 72.15
CA PRO O 177 55.82 10.04 71.08
C PRO O 177 55.18 11.41 71.14
N ALA O 178 54.78 11.91 69.98
CA ALA O 178 54.16 13.21 69.91
C ALA O 178 52.67 13.12 70.23
N VAL O 179 52.20 14.08 71.02
CA VAL O 179 50.78 14.23 71.30
C VAL O 179 50.22 15.28 70.36
N LEU O 180 48.93 15.15 70.05
CA LEU O 180 48.23 16.10 69.20
C LEU O 180 47.30 16.94 70.07
N GLN O 181 47.57 18.24 70.14
CA GLN O 181 46.87 19.12 71.05
C GLN O 181 45.50 19.49 70.49
N SER O 182 44.67 20.08 71.35
CA SER O 182 43.33 20.50 70.96
C SER O 182 43.35 21.54 69.85
N SER O 183 44.44 22.30 69.72
CA SER O 183 44.55 23.27 68.65
C SER O 183 44.78 22.63 67.29
N GLY O 184 45.21 21.38 67.26
CA GLY O 184 45.52 20.70 66.01
C GLY O 184 47.00 20.58 65.71
N LEU O 185 47.87 21.11 66.56
CA LEU O 185 49.31 21.05 66.37
C LEU O 185 49.92 20.04 67.33
N TYR O 186 50.99 19.39 66.87
CA TYR O 186 51.68 18.41 67.69
C TYR O 186 52.61 19.10 68.69
N SER O 187 53.20 18.28 69.57
CA SER O 187 54.11 18.74 70.61
C SER O 187 54.74 17.53 71.30
N LEU O 188 56.06 17.53 71.44
CA LEU O 188 56.74 16.39 72.04
C LEU O 188 57.96 16.87 72.81
N SER O 189 58.26 16.15 73.89
CA SER O 189 59.43 16.42 74.72
C SER O 189 60.52 15.38 74.44
N SER O 190 61.76 15.78 74.72
CA SER O 190 62.91 14.89 74.54
C SER O 190 63.89 15.18 75.67
N VAL O 191 64.03 14.21 76.58
CA VAL O 191 64.82 14.39 77.79
C VAL O 191 66.06 13.51 77.72
N VAL O 192 67.04 13.86 78.56
CA VAL O 192 68.26 13.08 78.72
C VAL O 192 68.82 13.37 80.10
N THR O 193 69.34 12.33 80.75
CA THR O 193 69.94 12.46 82.08
C THR O 193 71.46 12.47 81.96
N VAL O 194 72.09 13.46 82.55
CA VAL O 194 73.53 13.65 82.45
C VAL O 194 74.10 13.60 83.86
N PRO O 195 75.41 13.37 84.00
CA PRO O 195 76.02 13.46 85.33
C PRO O 195 75.88 14.86 85.90
N SER O 196 75.50 14.93 87.18
CA SER O 196 75.26 16.21 87.82
C SER O 196 76.48 17.12 87.74
N SER O 197 77.68 16.54 87.90
CA SER O 197 78.90 17.33 87.87
C SER O 197 79.22 17.84 86.47
N SER O 198 78.62 17.27 85.43
CA SER O 198 78.93 17.63 84.06
C SER O 198 78.25 18.90 83.59
N LEU O 199 77.41 19.52 84.42
CA LEU O 199 76.64 20.68 83.97
C LEU O 199 77.53 21.88 83.67
N GLY O 200 78.66 21.99 84.35
CA GLY O 200 79.50 23.17 84.20
C GLY O 200 80.63 23.01 83.19
N THR O 201 81.08 21.78 82.98
CA THR O 201 82.21 21.52 82.10
C THR O 201 81.78 21.00 80.72
N GLN O 202 80.48 20.92 80.46
CA GLN O 202 79.98 20.31 79.24
C GLN O 202 78.81 21.13 78.71
N THR O 203 78.71 21.19 77.38
CA THR O 203 77.61 21.86 76.71
C THR O 203 76.62 20.83 76.16
N TYR O 204 75.34 21.19 76.19
CA TYR O 204 74.26 20.29 75.78
C TYR O 204 73.32 21.05 74.85
N ILE O 205 73.53 20.90 73.55
CA ILE O 205 72.64 21.46 72.53
C ILE O 205 71.74 20.36 72.02
N CYS O 206 70.46 20.69 71.81
CA CYS O 206 69.48 19.74 71.32
C CYS O 206 69.02 20.17 69.92
N ASN O 207 69.13 19.25 68.97
CA ASN O 207 68.96 19.55 67.56
C ASN O 207 67.60 19.06 67.09
N VAL O 208 66.77 19.98 66.60
CA VAL O 208 65.41 19.69 66.16
C VAL O 208 65.31 19.92 64.66
N ASN O 209 64.85 18.91 63.94
CA ASN O 209 64.67 18.99 62.50
C ASN O 209 63.21 18.71 62.15
N HIS O 210 62.60 19.62 61.40
CA HIS O 210 61.24 19.46 60.90
C HIS O 210 61.31 19.65 59.39
N LYS O 211 61.50 18.55 58.68
CA LYS O 211 61.66 18.61 57.22
C LYS O 211 60.46 19.21 56.49
N PRO O 212 59.21 18.91 56.83
CA PRO O 212 58.09 19.51 56.08
C PRO O 212 58.05 21.02 56.07
N SER O 213 58.84 21.70 56.92
CA SER O 213 58.93 23.15 56.90
C SER O 213 60.35 23.65 56.68
N ASN O 214 61.32 22.75 56.49
CA ASN O 214 62.74 23.11 56.36
C ASN O 214 63.22 23.92 57.56
N THR O 215 62.62 23.69 58.72
CA THR O 215 62.96 24.41 59.94
C THR O 215 63.89 23.54 60.77
N LYS O 216 65.17 23.91 60.81
CA LYS O 216 66.17 23.25 61.63
C LYS O 216 66.56 24.20 62.76
N VAL O 217 66.51 23.70 64.00
CA VAL O 217 66.82 24.53 65.16
C VAL O 217 67.65 23.70 66.14
N ASP O 218 68.77 24.28 66.59
CA ASP O 218 69.53 23.76 67.72
C ASP O 218 69.31 24.67 68.92
N LYS O 219 69.16 24.08 70.10
CA LYS O 219 68.88 24.83 71.32
C LYS O 219 69.83 24.39 72.42
N LYS O 220 70.63 25.32 72.92
CA LYS O 220 71.48 25.05 74.07
C LYS O 220 70.65 25.12 75.35
N VAL O 221 70.82 24.13 76.22
CA VAL O 221 70.08 24.04 77.47
C VAL O 221 71.07 24.05 78.62
N GLU O 222 70.95 25.04 79.50
CA GLU O 222 71.79 25.21 80.67
C GLU O 222 70.91 25.68 81.82
N PRO O 223 71.37 25.53 83.08
CA PRO O 223 70.53 25.90 84.23
C PRO O 223 69.96 27.31 84.19
N GLU P 1 29.70 -11.60 60.09
CA GLU P 1 30.98 -10.92 59.98
C GLU P 1 31.97 -11.53 60.97
N ILE P 2 32.82 -12.42 60.47
CA ILE P 2 33.65 -13.25 61.33
C ILE P 2 34.61 -12.39 62.13
N VAL P 3 34.51 -12.49 63.46
CA VAL P 3 35.31 -11.69 64.39
C VAL P 3 36.41 -12.56 64.96
N LEU P 4 37.59 -11.98 65.12
CA LEU P 4 38.73 -12.66 65.73
C LEU P 4 39.07 -12.00 67.05
N THR P 5 39.24 -12.81 68.09
CA THR P 5 39.58 -12.34 69.43
C THR P 5 40.90 -12.96 69.86
N GLN P 6 41.82 -12.13 70.32
CA GLN P 6 43.10 -12.60 70.84
C GLN P 6 43.15 -12.43 72.35
N SER P 7 43.81 -13.37 73.01
CA SER P 7 44.00 -13.37 74.45
C SER P 7 45.38 -13.94 74.75
N PRO P 8 46.10 -13.39 75.74
CA PRO P 8 45.66 -12.25 76.56
C PRO P 8 45.86 -10.93 75.84
N GLY P 9 45.52 -9.82 76.50
CA GLY P 9 45.81 -8.51 75.94
C GLY P 9 47.29 -8.20 75.92
N THR P 10 48.04 -8.72 76.89
CA THR P 10 49.45 -8.39 77.01
C THR P 10 50.15 -9.53 77.74
N LEU P 11 51.30 -9.95 77.22
CA LEU P 11 52.13 -10.99 77.84
C LEU P 11 53.40 -10.36 78.39
N SER P 12 53.69 -10.64 79.66
CA SER P 12 54.93 -10.24 80.30
C SER P 12 55.75 -11.48 80.60
N LEU P 13 56.90 -11.60 79.95
CA LEU P 13 57.66 -12.84 79.99
C LEU P 13 59.15 -12.55 79.97
N SER P 14 59.93 -13.49 80.53
CA SER P 14 61.38 -13.44 80.49
C SER P 14 61.89 -14.18 79.25
N PRO P 15 63.06 -13.80 78.75
CA PRO P 15 63.67 -14.58 77.66
C PRO P 15 63.87 -16.03 78.08
N GLY P 16 63.56 -16.94 77.15
CA GLY P 16 63.65 -18.35 77.38
C GLY P 16 62.32 -19.00 77.71
N GLU P 17 61.41 -18.26 78.34
CA GLU P 17 60.11 -18.80 78.70
C GLU P 17 59.28 -19.08 77.45
N ARG P 18 58.17 -19.78 77.65
CA ARG P 18 57.27 -20.16 76.58
C ARG P 18 56.13 -19.15 76.46
N ALA P 19 55.75 -18.83 75.22
CA ALA P 19 54.70 -17.86 74.94
C ALA P 19 53.56 -18.57 74.22
N THR P 20 52.37 -18.52 74.81
CA THR P 20 51.16 -19.09 74.22
C THR P 20 50.19 -17.97 73.90
N LEU P 21 49.86 -17.82 72.61
CA LEU P 21 48.97 -16.77 72.14
C LEU P 21 47.77 -17.42 71.45
N SER P 22 46.57 -17.05 71.88
CA SER P 22 45.35 -17.68 71.41
C SER P 22 44.57 -16.73 70.50
N CYS P 23 43.97 -17.29 69.45
CA CYS P 23 43.14 -16.54 68.50
C CYS P 23 41.84 -17.32 68.31
N ARG P 24 40.75 -16.77 68.84
CA ARG P 24 39.44 -17.42 68.79
C ARG P 24 38.56 -16.72 67.77
N ALA P 25 37.99 -17.49 66.86
CA ALA P 25 37.08 -16.97 65.85
C ALA P 25 35.64 -17.02 66.34
N SER P 26 34.87 -16.02 65.94
CA SER P 26 33.45 -15.97 66.29
C SER P 26 32.64 -17.05 65.59
N GLN P 27 33.22 -17.75 64.63
CA GLN P 27 32.54 -18.77 63.86
C GLN P 27 33.61 -19.62 63.18
N SER P 28 33.30 -20.90 62.98
CA SER P 28 34.29 -21.84 62.46
C SER P 28 34.80 -21.39 61.10
N VAL P 29 36.13 -21.46 60.94
CA VAL P 29 36.79 -21.11 59.70
C VAL P 29 37.78 -22.20 59.34
N SER P 30 38.09 -22.30 58.05
CA SER P 30 39.05 -23.30 57.59
C SER P 30 40.46 -22.93 58.04
N SER P 31 41.22 -23.96 58.44
CA SER P 31 42.60 -23.74 58.85
C SER P 31 43.47 -23.26 57.70
N SER P 32 43.00 -23.41 56.46
CA SER P 32 43.82 -23.07 55.30
C SER P 32 44.03 -21.57 55.14
N TYR P 33 43.20 -20.75 55.78
CA TYR P 33 43.23 -19.31 55.55
C TYR P 33 43.28 -18.53 56.85
N LEU P 34 44.11 -19.00 57.79
CA LEU P 34 44.41 -18.27 59.00
C LEU P 34 45.93 -18.11 59.11
N ALA P 35 46.38 -16.87 59.28
CA ALA P 35 47.80 -16.56 59.29
C ALA P 35 48.15 -15.80 60.56
N TRP P 36 49.45 -15.72 60.83
CA TRP P 36 49.99 -15.02 61.98
C TRP P 36 51.04 -14.02 61.51
N TYR P 37 51.03 -12.83 62.11
CA TYR P 37 51.97 -11.78 61.76
C TYR P 37 52.64 -11.23 63.01
N GLN P 38 53.89 -10.80 62.84
CA GLN P 38 54.67 -10.13 63.85
C GLN P 38 54.97 -8.71 63.40
N GLN P 39 54.97 -7.76 64.34
CA GLN P 39 55.14 -6.36 63.97
C GLN P 39 55.93 -5.66 65.08
N LYS P 40 57.22 -5.45 64.82
CA LYS P 40 58.04 -4.62 65.67
C LYS P 40 57.57 -3.17 65.57
N PRO P 41 57.91 -2.32 66.58
CA PRO P 41 57.34 -0.96 66.65
C PRO P 41 57.29 -0.17 65.35
N GLY P 42 58.43 0.06 64.72
CA GLY P 42 58.47 0.92 63.55
C GLY P 42 58.24 0.28 62.19
N GLN P 43 58.06 -1.04 62.13
CA GLN P 43 58.11 -1.76 60.86
C GLN P 43 56.71 -2.20 60.42
N ALA P 44 56.67 -2.80 59.22
CA ALA P 44 55.47 -3.41 58.68
C ALA P 44 55.32 -4.83 59.19
N PRO P 45 54.10 -5.38 59.20
CA PRO P 45 53.91 -6.75 59.67
C PRO P 45 54.71 -7.75 58.84
N ARG P 46 55.20 -8.78 59.51
CA ARG P 46 56.00 -9.82 58.87
C ARG P 46 55.31 -11.17 59.06
N LEU P 47 55.19 -11.92 57.96
CA LEU P 47 54.48 -13.19 58.00
C LEU P 47 55.26 -14.22 58.78
N LEU P 48 54.64 -14.77 59.83
CA LEU P 48 55.21 -15.86 60.62
C LEU P 48 54.62 -17.20 60.21
N ILE P 49 53.32 -17.37 60.37
CA ILE P 49 52.62 -18.63 60.17
C ILE P 49 51.50 -18.41 59.16
N TYR P 50 51.40 -19.28 58.17
CA TYR P 50 50.26 -19.33 57.27
C TYR P 50 49.68 -20.73 57.30
N GLY P 51 48.47 -20.87 56.75
CA GLY P 51 47.76 -22.13 56.82
C GLY P 51 47.61 -22.67 58.23
N ALA P 52 47.53 -21.78 59.23
CA ALA P 52 47.37 -22.13 60.64
C ALA P 52 48.58 -22.84 61.23
N SER P 53 49.32 -23.60 60.41
CA SER P 53 50.38 -24.44 60.93
C SER P 53 51.66 -24.46 60.11
N SER P 54 51.73 -23.74 58.99
CA SER P 54 52.94 -23.72 58.18
C SER P 54 53.79 -22.50 58.52
N ARG P 55 55.10 -22.70 58.60
CA ARG P 55 56.02 -21.58 58.78
C ARG P 55 56.40 -21.00 57.43
N ALA P 56 56.45 -19.66 57.36
CA ALA P 56 56.89 -19.01 56.14
C ALA P 56 58.39 -19.20 55.97
N THR P 57 58.88 -18.84 54.78
CA THR P 57 60.27 -19.05 54.44
C THR P 57 61.19 -18.27 55.38
N GLY P 58 62.13 -18.99 55.99
CA GLY P 58 63.10 -18.38 56.87
C GLY P 58 62.58 -18.02 58.25
N ILE P 59 61.52 -18.67 58.71
CA ILE P 59 60.98 -18.42 60.05
C ILE P 59 61.64 -19.42 61.00
N PRO P 60 62.12 -18.99 62.17
CA PRO P 60 62.87 -19.90 63.04
C PRO P 60 62.05 -21.10 63.49
N ASP P 61 62.77 -22.12 63.98
CA ASP P 61 62.13 -23.36 64.38
C ASP P 61 61.16 -23.15 65.55
N ARG P 62 61.43 -22.17 66.39
CA ARG P 62 60.71 -21.99 67.64
C ARG P 62 59.31 -21.41 67.49
N PHE P 63 58.90 -21.03 66.28
CA PHE P 63 57.53 -20.62 66.02
C PHE P 63 56.73 -21.78 65.46
N SER P 64 55.52 -21.95 65.96
CA SER P 64 54.65 -23.03 65.51
C SER P 64 53.20 -22.63 65.72
N GLY P 65 52.35 -22.98 64.75
CA GLY P 65 50.93 -22.70 64.83
C GLY P 65 50.12 -23.98 64.79
N SER P 66 48.97 -23.95 65.47
CA SER P 66 48.08 -25.09 65.54
C SER P 66 46.66 -24.61 65.74
N GLY P 67 45.70 -25.47 65.42
CA GLY P 67 44.32 -25.16 65.66
C GLY P 67 43.38 -25.60 64.57
N SER P 68 42.08 -25.45 64.81
CA SER P 68 41.03 -25.79 63.86
C SER P 68 39.72 -25.21 64.39
N GLY P 69 38.72 -25.19 63.52
CA GLY P 69 37.41 -24.69 63.89
C GLY P 69 37.40 -23.24 64.29
N THR P 70 37.31 -23.00 65.61
CA THR P 70 37.32 -21.64 66.15
C THR P 70 38.48 -21.36 67.09
N ASP P 71 39.39 -22.31 67.30
CA ASP P 71 40.46 -22.16 68.27
C ASP P 71 41.80 -22.33 67.57
N PHE P 72 42.63 -21.27 67.58
CA PHE P 72 43.93 -21.27 66.94
C PHE P 72 44.97 -20.72 67.91
N THR P 73 46.19 -21.26 67.82
CA THR P 73 47.23 -20.93 68.78
C THR P 73 48.56 -20.74 68.07
N LEU P 74 49.27 -19.69 68.43
CA LEU P 74 50.67 -19.49 68.06
C LEU P 74 51.53 -19.71 69.29
N THR P 75 52.56 -20.54 69.16
CA THR P 75 53.39 -20.94 70.28
C THR P 75 54.85 -20.66 69.98
N ILE P 76 55.46 -19.79 70.77
CA ILE P 76 56.91 -19.57 70.74
C ILE P 76 57.51 -20.35 71.91
N SER P 77 58.36 -21.32 71.59
CA SER P 77 58.86 -22.25 72.60
C SER P 77 59.85 -21.59 73.56
N ARG P 78 61.02 -21.21 73.06
CA ARG P 78 62.01 -20.47 73.84
C ARG P 78 62.11 -19.07 73.27
N LEU P 79 62.05 -18.07 74.13
CA LEU P 79 61.83 -16.69 73.71
C LEU P 79 63.16 -15.98 73.53
N GLU P 80 63.52 -15.69 72.28
CA GLU P 80 64.71 -14.90 71.98
C GLU P 80 64.41 -13.42 72.20
N PRO P 81 65.46 -12.61 72.39
CA PRO P 81 65.23 -11.16 72.63
C PRO P 81 64.47 -10.47 71.51
N GLU P 82 64.71 -10.82 70.25
CA GLU P 82 64.04 -10.16 69.14
C GLU P 82 62.65 -10.74 68.86
N ASP P 83 62.09 -11.51 69.79
CA ASP P 83 60.73 -12.02 69.62
C ASP P 83 59.69 -11.14 70.30
N PHE P 84 60.11 -10.19 71.12
CA PHE P 84 59.17 -9.35 71.87
C PHE P 84 58.64 -8.25 70.95
N ALA P 85 57.35 -8.33 70.63
CA ALA P 85 56.72 -7.41 69.69
C ALA P 85 55.21 -7.44 69.86
N VAL P 86 54.47 -7.38 68.75
CA VAL P 86 53.03 -7.46 68.75
C VAL P 86 52.61 -8.43 67.65
N TYR P 87 51.69 -9.34 67.96
CA TYR P 87 51.34 -10.44 67.08
C TYR P 87 49.86 -10.38 66.71
N TYR P 88 49.57 -10.63 65.43
CA TYR P 88 48.21 -10.58 64.91
C TYR P 88 47.88 -11.87 64.19
N CYS P 89 46.63 -12.30 64.30
CA CYS P 89 46.08 -13.33 63.43
C CYS P 89 45.13 -12.69 62.43
N GLN P 90 45.17 -13.18 61.19
CA GLN P 90 44.28 -12.71 60.14
C GLN P 90 43.55 -13.90 59.52
N HIS P 91 42.23 -13.81 59.45
CA HIS P 91 41.44 -14.77 58.68
C HIS P 91 41.15 -14.17 57.32
N TYR P 92 41.71 -14.81 56.28
CA TYR P 92 41.49 -14.38 54.90
C TYR P 92 40.81 -15.49 54.10
N GLY P 93 39.81 -16.13 54.70
CA GLY P 93 39.03 -17.12 54.00
C GLY P 93 38.00 -16.48 53.08
N SER P 94 37.64 -17.23 52.03
CA SER P 94 36.70 -16.77 51.01
C SER P 94 37.21 -15.52 50.30
N SER P 95 36.37 -14.93 49.45
CA SER P 95 36.73 -13.70 48.76
C SER P 95 36.35 -12.45 49.52
N ARG P 96 35.54 -12.56 50.58
CA ARG P 96 34.94 -11.41 51.23
C ARG P 96 35.13 -11.47 52.74
N GLY P 97 35.28 -10.28 53.33
CA GLY P 97 35.18 -10.12 54.77
C GLY P 97 36.34 -10.64 55.60
N TRP P 98 37.56 -10.31 55.21
CA TRP P 98 38.73 -10.68 56.00
C TRP P 98 38.87 -9.75 57.20
N THR P 99 39.46 -10.29 58.28
CA THR P 99 39.56 -9.54 59.53
C THR P 99 40.85 -9.91 60.24
N PHE P 100 41.27 -9.02 61.14
CA PHE P 100 42.42 -9.23 62.02
C PHE P 100 41.95 -9.36 63.46
N GLY P 101 42.82 -9.91 64.30
CA GLY P 101 42.66 -9.76 65.73
C GLY P 101 43.14 -8.40 66.19
N GLN P 102 42.93 -8.11 67.47
CA GLN P 102 43.37 -6.84 68.04
C GLN P 102 44.81 -6.89 68.54
N GLY P 103 45.51 -8.00 68.33
CA GLY P 103 46.92 -8.07 68.61
C GLY P 103 47.26 -8.33 70.06
N THR P 104 48.36 -9.06 70.29
CA THR P 104 48.91 -9.27 71.61
C THR P 104 50.33 -8.73 71.65
N LYS P 105 50.64 -7.93 72.66
CA LYS P 105 51.99 -7.43 72.87
C LYS P 105 52.72 -8.36 73.84
N VAL P 106 53.93 -8.75 73.46
CA VAL P 106 54.77 -9.61 74.28
C VAL P 106 55.93 -8.75 74.79
N GLU P 107 55.95 -8.48 76.09
CA GLU P 107 56.90 -7.57 76.70
C GLU P 107 57.84 -8.31 77.63
N ILE P 108 58.89 -7.60 78.05
CA ILE P 108 59.91 -8.19 78.92
C ILE P 108 59.45 -8.10 80.37
N LYS P 109 59.65 -9.19 81.11
CA LYS P 109 59.44 -9.20 82.55
C LYS P 109 60.75 -8.89 83.26
N ARG P 110 60.68 -8.02 84.26
CA ARG P 110 61.87 -7.63 85.00
C ARG P 110 61.47 -7.21 86.42
N THR P 111 62.47 -7.01 87.26
CA THR P 111 62.24 -6.56 88.62
C THR P 111 61.65 -5.15 88.62
N VAL P 112 60.66 -4.94 89.48
CA VAL P 112 59.97 -3.65 89.55
C VAL P 112 60.97 -2.54 89.82
N ALA P 113 60.79 -1.41 89.15
CA ALA P 113 61.73 -0.30 89.21
C ALA P 113 61.01 0.99 89.56
N ALA P 114 61.62 1.76 90.45
CA ALA P 114 61.04 3.03 90.87
C ALA P 114 61.45 4.14 89.90
N PRO P 115 60.53 5.04 89.56
CA PRO P 115 60.86 6.11 88.61
C PRO P 115 61.46 7.33 89.30
N SER P 116 62.47 7.90 88.64
CA SER P 116 63.02 9.18 89.08
C SER P 116 62.16 10.30 88.49
N VAL P 117 61.63 11.15 89.37
CA VAL P 117 60.65 12.16 88.99
C VAL P 117 61.34 13.51 88.96
N PHE P 118 61.44 14.10 87.77
CA PHE P 118 61.94 15.45 87.59
C PHE P 118 60.80 16.38 87.22
N ILE P 119 60.93 17.65 87.60
CA ILE P 119 59.92 18.66 87.31
C ILE P 119 60.59 19.80 86.55
N PHE P 120 59.92 20.31 85.53
CA PHE P 120 60.47 21.35 84.67
C PHE P 120 59.48 22.50 84.56
N PRO P 121 59.92 23.74 84.80
CA PRO P 121 59.03 24.88 84.67
C PRO P 121 59.00 25.37 83.23
N PRO P 122 58.05 26.22 82.88
CA PRO P 122 58.10 26.85 81.55
C PRO P 122 59.27 27.80 81.46
N SER P 123 59.93 27.81 80.30
CA SER P 123 61.00 28.77 80.08
C SER P 123 60.41 30.18 80.01
N ASP P 124 61.27 31.16 80.31
CA ASP P 124 60.87 32.56 80.12
C ASP P 124 60.48 32.82 78.67
N GLU P 125 61.14 32.14 77.73
CA GLU P 125 60.86 32.33 76.31
C GLU P 125 59.45 31.87 75.95
N GLN P 126 58.95 30.82 76.60
CA GLN P 126 57.58 30.37 76.32
C GLN P 126 56.55 31.33 76.90
N LEU P 127 56.83 31.89 78.08
CA LEU P 127 55.89 32.81 78.71
C LEU P 127 55.71 34.08 77.89
N LYS P 128 56.61 34.37 76.95
CA LYS P 128 56.42 35.50 76.06
C LYS P 128 55.38 35.22 74.99
N SER P 129 55.11 33.93 74.72
CA SER P 129 54.20 33.54 73.65
C SER P 129 52.76 33.42 74.10
N GLY P 130 52.48 33.59 75.39
CA GLY P 130 51.14 33.46 75.92
C GLY P 130 50.79 32.08 76.41
N THR P 131 51.52 31.05 75.99
CA THR P 131 51.32 29.69 76.46
C THR P 131 52.32 29.37 77.56
N ALA P 132 51.94 28.44 78.43
CA ALA P 132 52.81 28.00 79.52
C ALA P 132 52.70 26.49 79.65
N SER P 133 53.84 25.81 79.62
CA SER P 133 53.90 24.35 79.66
C SER P 133 54.85 23.93 80.77
N VAL P 134 54.32 23.25 81.78
CA VAL P 134 55.12 22.64 82.83
C VAL P 134 55.17 21.14 82.57
N VAL P 135 56.33 20.53 82.81
CA VAL P 135 56.61 19.17 82.37
C VAL P 135 57.11 18.35 83.55
N CYS P 136 56.48 17.19 83.77
CA CYS P 136 56.92 16.22 84.76
C CYS P 136 57.42 14.98 84.05
N LEU P 137 58.63 14.56 84.37
CA LEU P 137 59.27 13.43 83.70
C LEU P 137 59.39 12.24 84.64
N LEU P 138 59.06 11.06 84.12
CA LEU P 138 59.20 9.79 84.83
C LEU P 138 60.16 8.94 84.02
N ASN P 139 61.36 8.70 84.56
CA ASN P 139 62.46 8.11 83.80
C ASN P 139 62.81 6.74 84.35
N ASN P 140 62.77 5.73 83.46
CA ASN P 140 63.35 4.41 83.71
C ASN P 140 62.64 3.66 84.82
N PHE P 141 61.44 3.15 84.56
CA PHE P 141 60.67 2.43 85.56
C PHE P 141 59.95 1.25 84.93
N TYR P 142 59.58 0.29 85.78
CA TYR P 142 58.82 -0.90 85.42
C TYR P 142 57.96 -1.28 86.62
N PRO P 143 56.71 -1.74 86.41
CA PRO P 143 56.04 -1.93 85.11
C PRO P 143 55.53 -0.65 84.46
N ARG P 144 54.73 -0.80 83.42
CA ARG P 144 54.31 0.33 82.60
C ARG P 144 53.16 1.13 83.20
N GLU P 145 52.51 0.63 84.26
CA GLU P 145 51.44 1.38 84.89
C GLU P 145 51.99 2.49 85.77
N ALA P 146 51.41 3.68 85.64
CA ALA P 146 51.84 4.84 86.39
C ALA P 146 50.76 5.91 86.28
N LYS P 147 50.61 6.70 87.35
CA LYS P 147 49.64 7.78 87.39
C LYS P 147 50.29 9.03 87.95
N VAL P 148 50.19 10.14 87.22
CA VAL P 148 50.76 11.42 87.62
C VAL P 148 49.63 12.40 87.84
N GLN P 149 49.64 13.06 89.00
CA GLN P 149 48.66 14.09 89.34
C GLN P 149 49.35 15.45 89.38
N TRP P 150 48.70 16.44 88.76
CA TRP P 150 49.19 17.81 88.76
C TRP P 150 48.50 18.59 89.86
N LYS P 151 49.23 19.54 90.45
CA LYS P 151 48.71 20.37 91.54
C LYS P 151 49.24 21.78 91.42
N VAL P 152 48.38 22.70 91.00
CA VAL P 152 48.68 24.13 91.05
C VAL P 152 48.33 24.63 92.45
N ASP P 153 49.31 25.20 93.13
CA ASP P 153 49.22 25.47 94.56
C ASP P 153 48.89 24.18 95.31
N ASN P 154 47.61 23.95 95.60
CA ASN P 154 47.23 22.72 96.29
C ASN P 154 45.95 22.09 95.74
N ALA P 155 45.39 22.61 94.66
CA ALA P 155 44.23 22.02 94.01
C ALA P 155 44.68 21.25 92.78
N LEU P 156 44.23 20.00 92.65
CA LEU P 156 44.60 19.19 91.51
C LEU P 156 43.78 19.60 90.29
N GLN P 157 44.43 19.55 89.12
CA GLN P 157 43.80 19.92 87.87
C GLN P 157 43.34 18.67 87.12
N SER P 158 42.37 18.88 86.22
CA SER P 158 41.81 17.79 85.42
C SER P 158 41.31 18.39 84.11
N GLY P 159 42.05 18.14 83.03
CA GLY P 159 41.60 18.58 81.72
C GLY P 159 42.62 19.32 80.89
N ASN P 160 43.81 19.56 81.46
CA ASN P 160 44.88 20.23 80.74
C ASN P 160 46.19 19.43 80.84
N SER P 161 46.08 18.11 80.96
CA SER P 161 47.23 17.24 81.07
C SER P 161 47.21 16.23 79.93
N GLN P 162 48.32 16.10 79.23
CA GLN P 162 48.50 15.08 78.20
C GLN P 162 49.70 14.21 78.54
N GLU P 163 49.71 13.00 78.00
CA GLU P 163 50.64 11.98 78.42
C GLU P 163 51.19 11.25 77.20
N SER P 164 52.38 10.66 77.37
CA SER P 164 52.99 9.81 76.35
C SER P 164 54.09 8.99 77.01
N VAL P 165 54.17 7.71 76.64
CA VAL P 165 55.13 6.78 77.21
C VAL P 165 55.94 6.18 76.07
N THR P 166 57.22 5.92 76.33
CA THR P 166 58.09 5.33 75.33
C THR P 166 57.88 3.83 75.25
N GLU P 167 58.35 3.24 74.15
CA GLU P 167 58.54 1.80 74.12
C GLU P 167 59.61 1.41 75.13
N GLN P 168 59.54 0.17 75.59
CA GLN P 168 60.41 -0.25 76.68
C GLN P 168 61.86 -0.39 76.20
N ASP P 169 62.78 -0.01 77.08
CA ASP P 169 64.18 0.22 76.70
C ASP P 169 64.84 -1.07 76.21
N SER P 170 65.96 -0.90 75.51
CA SER P 170 66.77 -2.04 75.11
C SER P 170 67.66 -2.51 76.25
N LYS P 171 68.21 -1.59 77.03
CA LYS P 171 69.09 -1.93 78.14
C LYS P 171 68.31 -2.46 79.33
N ASP P 172 67.83 -1.56 80.19
CA ASP P 172 67.12 -1.96 81.40
C ASP P 172 65.68 -2.37 81.15
N SER P 173 65.22 -2.36 79.89
CA SER P 173 63.87 -2.81 79.53
C SER P 173 62.80 -2.11 80.38
N THR P 174 63.00 -0.81 80.60
CA THR P 174 62.10 -0.01 81.42
C THR P 174 61.32 0.96 80.57
N TYR P 175 60.37 1.64 81.19
CA TYR P 175 59.52 2.61 80.53
C TYR P 175 59.85 4.02 81.00
N SER P 176 59.37 5.00 80.24
CA SER P 176 59.58 6.41 80.57
C SER P 176 58.38 7.20 80.07
N LEU P 177 57.88 8.09 80.92
CA LEU P 177 56.61 8.76 80.69
C LEU P 177 56.79 10.26 80.81
N SER P 178 56.13 11.00 79.91
CA SER P 178 56.14 12.47 79.91
C SER P 178 54.73 12.98 80.15
N SER P 179 54.60 13.91 81.10
CA SER P 179 53.32 14.54 81.40
C SER P 179 53.49 16.04 81.38
N THR P 180 52.68 16.72 80.57
CA THR P 180 52.74 18.17 80.41
C THR P 180 51.42 18.80 80.81
N LEU P 181 51.50 20.03 81.33
CA LEU P 181 50.34 20.79 81.77
C LEU P 181 50.31 22.11 81.02
N THR P 182 49.17 22.42 80.42
CA THR P 182 49.02 23.58 79.54
C THR P 182 48.14 24.62 80.22
N LEU P 183 48.65 25.83 80.34
CA LEU P 183 47.94 26.95 80.94
C LEU P 183 48.30 28.23 80.21
N SER P 184 47.33 29.13 80.10
CA SER P 184 47.61 30.43 79.53
C SER P 184 48.55 31.22 80.45
N LYS P 185 49.22 32.22 79.87
CA LYS P 185 50.18 33.01 80.64
C LYS P 185 49.52 33.70 81.82
N ALA P 186 48.33 34.25 81.62
CA ALA P 186 47.65 34.96 82.70
C ALA P 186 47.34 34.03 83.86
N ASP P 187 46.87 32.82 83.57
CA ASP P 187 46.53 31.87 84.63
C ASP P 187 47.76 31.29 85.31
N TYR P 188 48.92 31.36 84.66
CA TYR P 188 50.12 30.78 85.26
C TYR P 188 50.65 31.63 86.41
N GLU P 189 50.48 32.95 86.35
CA GLU P 189 51.00 33.85 87.36
C GLU P 189 50.01 34.10 88.50
N LYS P 190 48.93 33.31 88.56
CA LYS P 190 47.98 33.41 89.67
C LYS P 190 48.42 32.57 90.86
N HIS P 191 49.09 31.45 90.61
CA HIS P 191 49.34 30.44 91.62
C HIS P 191 50.85 30.20 91.75
N LYS P 192 51.28 29.90 92.97
CA LYS P 192 52.70 29.92 93.32
C LYS P 192 53.36 28.55 93.27
N VAL P 193 52.79 27.54 93.91
CA VAL P 193 53.47 26.27 94.16
C VAL P 193 52.94 25.24 93.18
N TYR P 194 53.64 25.05 92.07
CA TYR P 194 53.29 24.02 91.09
C TYR P 194 53.94 22.70 91.49
N ALA P 195 53.13 21.65 91.61
CA ALA P 195 53.60 20.38 92.16
C ALA P 195 53.11 19.22 91.30
N CYS P 196 54.04 18.32 90.95
CA CYS P 196 53.72 17.08 90.28
C CYS P 196 53.73 15.93 91.28
N GLU P 197 52.67 15.13 91.27
CA GLU P 197 52.51 14.02 92.22
C GLU P 197 52.40 12.72 91.43
N VAL P 198 53.15 11.71 91.87
CA VAL P 198 53.31 10.46 91.14
C VAL P 198 52.98 9.29 92.04
N THR P 199 52.29 8.29 91.50
CA THR P 199 52.11 7.00 92.16
C THR P 199 52.64 5.91 91.24
N HIS P 200 53.27 4.90 91.84
CA HIS P 200 53.80 3.78 91.07
C HIS P 200 53.92 2.57 91.99
N GLN P 201 53.83 1.39 91.38
CA GLN P 201 53.88 0.15 92.14
C GLN P 201 55.19 0.00 92.89
N GLY P 202 56.30 0.40 92.28
CA GLY P 202 57.60 0.25 92.90
C GLY P 202 57.99 1.41 93.81
N LEU P 203 57.02 2.20 94.23
CA LEU P 203 57.24 3.35 95.10
C LEU P 203 56.58 3.11 96.45
N SER P 204 57.29 3.51 97.51
CA SER P 204 56.74 3.40 98.86
C SER P 204 55.64 4.43 99.06
N SER P 205 56.00 5.71 99.13
CA SER P 205 54.99 6.75 99.21
C SER P 205 54.92 7.52 97.91
N PRO P 206 53.73 7.93 97.47
CA PRO P 206 53.60 8.70 96.23
C PRO P 206 54.50 9.93 96.20
N VAL P 207 55.42 9.95 95.23
CA VAL P 207 56.44 11.00 95.15
C VAL P 207 55.80 12.28 94.63
N THR P 208 56.21 13.42 95.22
CA THR P 208 55.75 14.74 94.79
C THR P 208 56.95 15.67 94.67
N LYS P 209 57.16 16.20 93.47
CA LYS P 209 58.17 17.23 93.22
C LYS P 209 57.47 18.53 92.85
N SER P 210 58.01 19.65 93.31
CA SER P 210 57.32 20.92 93.17
C SER P 210 58.32 22.05 92.95
N PHE P 211 57.79 23.23 92.64
CA PHE P 211 58.59 24.44 92.48
C PHE P 211 57.67 25.65 92.63
N ASN P 212 58.31 26.79 92.92
CA ASN P 212 57.60 28.06 93.06
C ASN P 212 58.24 29.09 92.12
N ARG P 213 57.43 30.06 91.71
CA ARG P 213 57.90 31.11 90.81
C ARG P 213 58.95 31.98 91.49
N THR Q 4 -6.67 8.96 -12.93
CA THR Q 4 -6.23 10.35 -12.86
C THR Q 4 -5.33 10.59 -11.66
N ASN Q 5 -5.12 11.86 -11.31
CA ASN Q 5 -4.22 12.21 -10.22
C ASN Q 5 -4.81 11.76 -8.89
N LEU Q 6 -3.99 11.12 -8.06
CA LEU Q 6 -4.37 10.77 -6.71
C LEU Q 6 -4.05 11.94 -5.77
N CYS Q 7 -4.88 12.11 -4.76
CA CYS Q 7 -4.67 13.21 -3.81
C CYS Q 7 -3.42 12.93 -2.99
N PRO Q 8 -2.46 13.86 -2.95
CA PRO Q 8 -1.15 13.61 -2.33
C PRO Q 8 -1.19 13.63 -0.81
N PHE Q 9 -1.91 12.66 -0.23
CA PHE Q 9 -1.98 12.55 1.22
C PHE Q 9 -0.66 12.07 1.83
N GLY Q 10 0.20 11.43 1.03
CA GLY Q 10 1.51 11.07 1.52
C GLY Q 10 2.33 12.27 1.94
N GLU Q 11 2.24 13.36 1.18
CA GLU Q 11 2.99 14.56 1.51
C GLU Q 11 2.59 15.13 2.87
N VAL Q 12 1.31 15.03 3.21
CA VAL Q 12 0.82 15.56 4.48
C VAL Q 12 1.13 14.62 5.63
N PHE Q 13 0.66 13.37 5.53
CA PHE Q 13 0.78 12.44 6.64
C PHE Q 13 2.22 11.98 6.84
N ASN Q 14 2.96 11.79 5.74
CA ASN Q 14 4.31 11.23 5.80
C ASN Q 14 5.39 12.30 5.73
N ALA Q 15 5.09 13.53 6.16
CA ALA Q 15 6.08 14.59 6.17
C ALA Q 15 7.14 14.34 7.23
N THR Q 16 8.34 14.84 6.99
CA THR Q 16 9.42 14.69 7.95
C THR Q 16 9.30 15.72 9.07
N ARG Q 17 9.21 17.00 8.72
CA ARG Q 17 9.02 18.06 9.69
C ARG Q 17 7.54 18.40 9.80
N PHE Q 18 7.07 18.57 11.03
CA PHE Q 18 5.71 18.97 11.31
C PHE Q 18 5.72 20.33 11.98
N ALA Q 19 4.71 21.14 11.65
CA ALA Q 19 4.61 22.48 12.21
C ALA Q 19 4.33 22.42 13.71
N SER Q 20 4.85 23.40 14.44
CA SER Q 20 4.39 23.63 15.79
C SER Q 20 2.94 24.09 15.76
N VAL Q 21 2.20 23.79 16.84
CA VAL Q 21 0.76 23.97 16.82
C VAL Q 21 0.39 25.44 16.66
N TYR Q 22 1.14 26.34 17.31
CA TYR Q 22 0.84 27.77 17.21
C TYR Q 22 1.01 28.27 15.77
N ALA Q 23 2.01 27.73 15.06
CA ALA Q 23 2.21 28.10 13.67
C ALA Q 23 1.80 26.94 12.78
N TRP Q 24 0.55 26.48 12.94
CA TRP Q 24 0.11 25.28 12.25
C TRP Q 24 0.09 25.51 10.73
N ASN Q 25 -0.14 24.43 10.00
CA ASN Q 25 0.22 24.31 8.60
C ASN Q 25 -0.97 23.82 7.80
N ARG Q 26 -1.44 24.64 6.86
CA ARG Q 26 -2.55 24.30 5.98
C ARG Q 26 -2.03 23.94 4.60
N LYS Q 27 -2.59 22.87 4.03
CA LYS Q 27 -2.28 22.43 2.68
C LYS Q 27 -3.56 22.26 1.89
N ARG Q 28 -3.73 23.06 0.84
CA ARG Q 28 -4.89 22.93 -0.03
C ARG Q 28 -4.77 21.69 -0.90
N ILE Q 29 -5.88 20.98 -1.07
CA ILE Q 29 -5.95 19.79 -1.90
C ILE Q 29 -7.02 20.02 -2.96
N SER Q 30 -6.63 19.92 -4.23
CA SER Q 30 -7.53 20.17 -5.33
C SER Q 30 -7.08 19.40 -6.56
N ASN Q 31 -8.05 19.07 -7.41
CA ASN Q 31 -7.81 18.43 -8.71
C ASN Q 31 -7.21 17.03 -8.54
N CYS Q 32 -7.95 16.17 -7.82
CA CYS Q 32 -7.48 14.82 -7.56
C CYS Q 32 -8.65 13.97 -7.08
N VAL Q 33 -8.39 12.67 -6.93
CA VAL Q 33 -9.35 11.72 -6.40
C VAL Q 33 -8.74 11.07 -5.16
N ALA Q 34 -9.43 11.21 -4.03
CA ALA Q 34 -8.97 10.69 -2.74
C ALA Q 34 -9.72 9.42 -2.39
N ASP Q 35 -9.00 8.47 -1.81
CA ASP Q 35 -9.56 7.20 -1.36
C ASP Q 35 -9.59 7.21 0.17
N TYR Q 36 -10.62 7.84 0.72
CA TYR Q 36 -10.71 7.99 2.17
C TYR Q 36 -10.81 6.66 2.88
N SER Q 37 -11.38 5.64 2.22
CA SER Q 37 -11.42 4.31 2.80
C SER Q 37 -10.01 3.79 3.06
N VAL Q 38 -9.11 3.98 2.09
CA VAL Q 38 -7.73 3.56 2.27
C VAL Q 38 -7.06 4.37 3.37
N LEU Q 39 -7.47 5.62 3.56
CA LEU Q 39 -6.86 6.46 4.58
C LEU Q 39 -7.17 5.92 5.98
N TYR Q 40 -8.38 5.39 6.18
CA TYR Q 40 -8.75 4.81 7.47
C TYR Q 40 -7.91 3.58 7.77
N ASN Q 41 -7.62 2.77 6.75
CA ASN Q 41 -6.84 1.55 6.91
C ASN Q 41 -5.40 1.71 6.44
N SER Q 42 -4.97 2.94 6.11
CA SER Q 42 -3.59 3.16 5.70
C SER Q 42 -2.60 2.86 6.81
N ALA Q 43 -3.02 2.94 8.06
CA ALA Q 43 -2.14 2.70 9.19
C ALA Q 43 -3.01 2.48 10.42
N SER Q 44 -2.38 2.49 11.59
CA SER Q 44 -3.08 2.53 12.87
C SER Q 44 -3.01 3.96 13.38
N PHE Q 45 -4.15 4.65 13.33
CA PHE Q 45 -4.27 5.97 13.92
C PHE Q 45 -4.95 5.84 15.28
N SER Q 46 -4.34 6.43 16.31
CA SER Q 46 -4.95 6.40 17.63
C SER Q 46 -6.26 7.19 17.69
N THR Q 47 -6.54 8.01 16.68
CA THR Q 47 -7.75 8.83 16.65
C THR Q 47 -8.16 9.04 15.20
N PHE Q 48 -9.46 8.92 14.93
CA PHE Q 48 -10.00 9.16 13.60
C PHE Q 48 -11.47 9.56 13.71
N LYS Q 49 -11.76 10.59 14.50
CA LYS Q 49 -13.12 11.05 14.71
C LYS Q 49 -13.57 11.88 13.51
N CYS Q 50 -14.63 11.46 12.84
CA CYS Q 50 -15.24 12.25 11.78
C CYS Q 50 -16.43 13.03 12.32
N TYR Q 51 -16.72 14.15 11.67
CA TYR Q 51 -17.75 15.07 12.15
C TYR Q 51 -18.59 15.50 10.96
N GLY Q 52 -19.89 15.20 11.01
CA GLY Q 52 -20.77 15.59 9.93
C GLY Q 52 -20.59 14.81 8.65
N VAL Q 53 -19.96 13.63 8.73
CA VAL Q 53 -19.75 12.77 7.57
C VAL Q 53 -19.31 11.40 8.05
N SER Q 54 -19.69 10.35 7.32
CA SER Q 54 -19.23 9.00 7.60
C SER Q 54 -18.08 8.67 6.67
N PRO Q 55 -16.89 8.37 7.19
CA PRO Q 55 -15.76 8.09 6.28
C PRO Q 55 -15.99 6.87 5.40
N THR Q 56 -16.82 5.93 5.84
CA THR Q 56 -17.19 4.81 4.98
C THR Q 56 -17.93 5.29 3.73
N LYS Q 57 -18.71 6.37 3.85
CA LYS Q 57 -19.49 6.90 2.74
C LYS Q 57 -18.99 8.26 2.28
N LEU Q 58 -17.75 8.63 2.64
CA LEU Q 58 -17.17 9.88 2.17
C LEU Q 58 -16.61 9.76 0.76
N ASN Q 59 -16.33 8.54 0.30
CA ASN Q 59 -15.86 8.27 -1.05
C ASN Q 59 -16.90 8.56 -2.11
N ASP Q 60 -18.13 8.92 -1.75
CA ASP Q 60 -19.22 9.12 -2.70
C ASP Q 60 -19.59 10.58 -2.86
N LEU Q 61 -18.83 11.50 -2.27
CA LEU Q 61 -19.14 12.92 -2.31
C LEU Q 61 -18.04 13.69 -3.03
N CYS Q 62 -18.38 14.91 -3.45
CA CYS Q 62 -17.46 15.81 -4.12
C CYS Q 62 -17.46 17.15 -3.41
N PHE Q 63 -16.32 17.82 -3.43
CA PHE Q 63 -16.15 19.08 -2.72
C PHE Q 63 -15.35 20.06 -3.59
N THR Q 64 -15.59 21.34 -3.35
CA THR Q 64 -14.84 22.38 -4.07
C THR Q 64 -13.35 22.28 -3.76
N ASN Q 65 -12.99 22.25 -2.48
CA ASN Q 65 -11.60 22.14 -2.06
C ASN Q 65 -11.53 21.51 -0.68
N VAL Q 66 -10.37 20.94 -0.38
CA VAL Q 66 -10.12 20.26 0.90
C VAL Q 66 -8.85 20.84 1.50
N TYR Q 67 -8.95 21.31 2.74
CA TYR Q 67 -7.82 21.87 3.47
C TYR Q 67 -7.34 20.88 4.52
N ALA Q 68 -6.04 20.59 4.52
CA ALA Q 68 -5.44 19.65 5.45
C ALA Q 68 -4.49 20.40 6.37
N ASP Q 69 -4.88 20.53 7.64
CA ASP Q 69 -4.07 21.21 8.64
C ASP Q 69 -3.34 20.19 9.50
N SER Q 70 -2.04 20.43 9.73
CA SER Q 70 -1.20 19.48 10.44
C SER Q 70 -0.30 20.22 11.43
N PHE Q 71 -0.04 19.58 12.56
CA PHE Q 71 0.80 20.14 13.63
C PHE Q 71 1.06 19.03 14.65
N VAL Q 72 1.66 19.40 15.77
CA VAL Q 72 2.05 18.45 16.82
C VAL Q 72 1.62 19.00 18.17
N ILE Q 73 0.95 18.16 18.97
CA ILE Q 73 0.53 18.52 20.32
C ILE Q 73 0.79 17.35 21.26
N ARG Q 74 0.55 17.60 22.54
CA ARG Q 74 0.62 16.56 23.56
C ARG Q 74 -0.45 15.51 23.32
N GLY Q 75 -0.34 14.40 24.04
CA GLY Q 75 -1.35 13.35 23.94
C GLY Q 75 -2.65 13.73 24.62
N ASP Q 76 -2.57 14.32 25.81
CA ASP Q 76 -3.75 14.73 26.54
C ASP Q 76 -4.37 16.02 26.02
N GLU Q 77 -3.92 16.50 24.85
CA GLU Q 77 -4.50 17.66 24.20
C GLU Q 77 -5.20 17.33 22.89
N VAL Q 78 -5.08 16.09 22.41
CA VAL Q 78 -5.79 15.67 21.20
C VAL Q 78 -7.29 15.81 21.39
N ARG Q 79 -7.76 15.69 22.63
CA ARG Q 79 -9.17 15.88 22.93
C ARG Q 79 -9.62 17.33 22.76
N GLN Q 80 -8.68 18.27 22.65
CA GLN Q 80 -9.03 19.66 22.38
C GLN Q 80 -9.21 19.94 20.89
N ILE Q 81 -8.86 19.01 20.02
CA ILE Q 81 -9.02 19.19 18.58
C ILE Q 81 -10.39 18.66 18.19
N ALA Q 82 -11.44 19.29 18.71
CA ALA Q 82 -12.81 18.90 18.46
C ALA Q 82 -13.69 20.13 18.68
N PRO Q 83 -14.87 20.17 18.04
CA PRO Q 83 -15.73 21.35 18.19
C PRO Q 83 -16.15 21.56 19.64
N GLY Q 84 -16.25 22.84 20.02
CA GLY Q 84 -16.75 23.19 21.34
C GLY Q 84 -15.82 22.84 22.48
N GLN Q 85 -14.51 22.91 22.27
CA GLN Q 85 -13.53 22.55 23.29
C GLN Q 85 -12.98 23.79 23.97
N THR Q 86 -12.24 23.56 25.06
CA THR Q 86 -11.58 24.62 25.80
C THR Q 86 -10.21 24.12 26.24
N GLY Q 87 -9.32 25.06 26.50
CA GLY Q 87 -7.93 24.76 26.84
C GLY Q 87 -6.96 25.62 26.06
N LYS Q 88 -5.69 25.50 26.43
CA LYS Q 88 -4.65 26.31 25.82
C LYS Q 88 -4.59 26.11 24.30
N ILE Q 89 -4.71 24.85 23.85
CA ILE Q 89 -4.58 24.56 22.43
C ILE Q 89 -5.80 25.03 21.67
N ALA Q 90 -7.00 24.77 22.19
CA ALA Q 90 -8.22 25.20 21.50
C ALA Q 90 -8.37 26.70 21.52
N ASP Q 91 -8.10 27.34 22.67
CA ASP Q 91 -8.37 28.77 22.81
C ASP Q 91 -7.27 29.63 22.19
N TYR Q 92 -6.02 29.16 22.20
CA TYR Q 92 -4.89 30.00 21.86
C TYR Q 92 -4.10 29.55 20.64
N ASN Q 93 -4.37 28.36 20.10
CA ASN Q 93 -3.50 27.83 19.06
C ASN Q 93 -4.26 27.37 17.82
N TYR Q 94 -5.19 26.44 17.99
CA TYR Q 94 -5.96 25.90 16.87
C TYR Q 94 -7.38 25.66 17.34
N LYS Q 95 -8.35 26.34 16.71
CA LYS Q 95 -9.74 26.32 17.14
C LYS Q 95 -10.62 25.83 16.00
N LEU Q 96 -11.38 24.77 16.27
CA LEU Q 96 -12.34 24.33 15.27
C LEU Q 96 -13.69 25.02 15.48
N PRO Q 97 -14.44 25.26 14.42
CA PRO Q 97 -15.77 25.86 14.57
C PRO Q 97 -16.77 24.87 15.12
N ASP Q 98 -17.87 25.42 15.65
CA ASP Q 98 -18.94 24.56 16.16
C ASP Q 98 -19.59 23.76 15.04
N ASP Q 99 -19.71 24.35 13.86
CA ASP Q 99 -20.27 23.68 12.68
C ASP Q 99 -19.20 22.93 11.90
N PHE Q 100 -18.28 22.26 12.59
CA PHE Q 100 -17.19 21.58 11.91
C PHE Q 100 -17.70 20.38 11.12
N THR Q 101 -17.23 20.25 9.88
CA THR Q 101 -17.65 19.19 8.97
C THR Q 101 -16.40 18.55 8.37
N GLY Q 102 -15.73 17.73 9.16
CA GLY Q 102 -14.53 17.04 8.71
C GLY Q 102 -14.06 16.07 9.76
N CYS Q 103 -12.99 15.34 9.43
CA CYS Q 103 -12.40 14.36 10.33
C CYS Q 103 -11.06 14.85 10.84
N VAL Q 104 -10.80 14.66 12.13
CA VAL Q 104 -9.48 14.86 12.71
C VAL Q 104 -8.83 13.50 12.88
N ILE Q 105 -7.49 13.48 12.77
CA ILE Q 105 -6.72 12.25 12.76
C ILE Q 105 -5.44 12.49 13.55
N ALA Q 106 -5.04 11.51 14.35
CA ALA Q 106 -3.86 11.64 15.19
C ALA Q 106 -3.20 10.28 15.40
N TRP Q 107 -1.90 10.31 15.69
CA TRP Q 107 -1.15 9.11 16.04
C TRP Q 107 0.06 9.51 16.87
N ASN Q 108 0.54 8.56 17.66
CA ASN Q 108 1.67 8.82 18.56
C ASN Q 108 2.97 8.92 17.78
N SER Q 109 3.71 9.99 18.01
CA SER Q 109 4.96 10.25 17.31
C SER Q 109 6.12 10.43 18.28
N ASN Q 110 6.17 9.59 19.32
CA ASN Q 110 7.32 9.58 20.21
C ASN Q 110 8.59 9.16 19.48
N ASN Q 111 8.45 8.30 18.47
CA ASN Q 111 9.60 7.83 17.70
C ASN Q 111 10.20 8.91 16.83
N LEU Q 112 9.46 9.98 16.54
CA LEU Q 112 9.93 11.01 15.62
C LEU Q 112 10.19 12.36 16.28
N ASP Q 113 9.42 12.73 17.31
CA ASP Q 113 9.39 14.11 17.79
C ASP Q 113 9.80 14.24 19.25
N SER Q 114 10.48 13.25 19.79
CA SER Q 114 11.07 13.35 21.12
C SER Q 114 12.59 13.15 21.02
N LYS Q 115 13.31 13.71 21.97
CA LYS Q 115 14.77 13.71 21.93
C LYS Q 115 15.34 13.44 23.32
N VAL Q 116 16.49 12.76 23.35
CA VAL Q 116 17.22 12.56 24.60
C VAL Q 116 17.62 13.91 25.17
N GLY Q 117 17.35 14.11 26.46
CA GLY Q 117 17.58 15.38 27.10
C GLY Q 117 16.50 16.42 26.85
N GLY Q 118 15.56 16.16 25.96
CA GLY Q 118 14.47 17.09 25.70
C GLY Q 118 14.49 17.66 24.30
N ASN Q 119 13.34 17.54 23.63
CA ASN Q 119 13.12 18.20 22.34
C ASN Q 119 12.38 19.50 22.62
N TYR Q 120 13.06 20.63 22.39
CA TYR Q 120 12.50 21.93 22.69
C TYR Q 120 12.24 22.75 21.43
N ASN Q 121 12.01 22.05 20.31
CA ASN Q 121 11.69 22.71 19.05
C ASN Q 121 10.19 22.80 18.79
N TYR Q 122 9.37 22.13 19.60
CA TYR Q 122 7.92 22.13 19.41
C TYR Q 122 7.30 23.06 20.44
N LEU Q 123 6.56 24.06 19.96
CA LEU Q 123 6.09 25.14 20.81
C LEU Q 123 4.58 25.30 20.67
N TYR Q 124 4.02 25.99 21.66
CA TYR Q 124 2.60 26.33 21.69
C TYR Q 124 2.45 27.70 22.31
N ARG Q 125 1.28 28.31 22.10
CA ARG Q 125 1.02 29.63 22.64
C ARG Q 125 0.44 29.52 24.04
N LEU Q 126 1.10 30.17 25.01
CA LEU Q 126 0.71 30.15 26.42
C LEU Q 126 -0.16 31.34 26.80
N PHE Q 127 0.27 32.55 26.46
CA PHE Q 127 -0.47 33.76 26.79
C PHE Q 127 -1.13 34.34 25.54
N ARG Q 128 -2.30 34.94 25.71
CA ARG Q 128 -2.95 35.67 24.64
C ARG Q 128 -4.02 36.58 25.22
N LYS Q 129 -4.34 37.65 24.49
CA LYS Q 129 -5.30 38.63 24.98
C LYS Q 129 -6.73 38.11 24.90
N SER Q 130 -7.01 37.22 23.94
CA SER Q 130 -8.36 36.73 23.74
C SER Q 130 -8.29 35.36 23.08
N ASN Q 131 -9.41 34.64 23.13
CA ASN Q 131 -9.50 33.37 22.44
C ASN Q 131 -9.47 33.58 20.93
N LEU Q 132 -9.14 32.51 20.21
CA LEU Q 132 -9.06 32.57 18.75
C LEU Q 132 -10.43 32.36 18.12
N LYS Q 133 -10.60 32.96 16.95
CA LYS Q 133 -11.71 32.61 16.08
C LYS Q 133 -11.40 31.28 15.38
N PRO Q 134 -12.41 30.59 14.88
CA PRO Q 134 -12.15 29.31 14.21
C PRO Q 134 -11.23 29.48 13.00
N PHE Q 135 -10.24 28.60 12.91
CA PHE Q 135 -9.25 28.55 11.83
C PHE Q 135 -8.36 29.79 11.78
N GLU Q 136 -8.36 30.59 12.84
CA GLU Q 136 -7.40 31.67 12.97
C GLU Q 136 -6.01 31.09 13.29
N ARG Q 137 -4.97 31.83 12.92
CA ARG Q 137 -3.60 31.40 13.20
C ARG Q 137 -2.78 32.63 13.56
N ASP Q 138 -2.31 32.68 14.80
CA ASP Q 138 -1.52 33.80 15.34
C ASP Q 138 -0.09 33.32 15.51
N ILE Q 139 0.83 33.90 14.74
CA ILE Q 139 2.24 33.56 14.84
C ILE Q 139 3.02 34.75 15.39
N SER Q 140 2.35 35.58 16.20
CA SER Q 140 3.01 36.73 16.80
C SER Q 140 4.12 36.28 17.76
N THR Q 141 4.93 37.24 18.19
CA THR Q 141 6.07 36.92 19.03
C THR Q 141 6.32 38.03 20.05
N GLU Q 142 5.47 39.06 20.07
CA GLU Q 142 5.64 40.20 20.96
C GLU Q 142 5.44 39.81 22.42
N ILE Q 143 6.21 40.46 23.31
CA ILE Q 143 6.16 40.15 24.73
C ILE Q 143 4.77 40.49 25.27
N TYR Q 144 4.17 39.54 25.98
CA TYR Q 144 2.80 39.67 26.45
C TYR Q 144 2.75 40.60 27.65
N GLN Q 145 2.00 41.69 27.54
CA GLN Q 145 1.88 42.66 28.63
C GLN Q 145 0.76 42.21 29.58
N ALA Q 146 1.14 41.82 30.79
CA ALA Q 146 0.16 41.37 31.77
C ALA Q 146 -0.25 42.47 32.75
N GLY Q 147 0.57 43.50 32.93
CA GLY Q 147 0.25 44.61 33.80
C GLY Q 147 -0.18 45.84 33.02
N SER Q 148 0.03 47.01 33.64
CA SER Q 148 -0.26 48.29 33.00
C SER Q 148 1.00 48.96 32.46
N THR Q 149 2.18 48.48 32.84
CA THR Q 149 3.46 48.99 32.36
C THR Q 149 3.77 48.40 30.98
N PRO Q 150 4.22 49.23 30.04
CA PRO Q 150 4.59 48.70 28.71
C PRO Q 150 5.89 47.93 28.76
N CYS Q 151 5.97 46.91 27.92
CA CYS Q 151 7.08 45.95 27.98
C CYS Q 151 8.27 46.35 27.12
N ASN Q 152 8.05 47.10 26.05
CA ASN Q 152 9.14 47.65 25.22
C ASN Q 152 10.01 46.54 24.64
N GLY Q 153 9.39 45.43 24.26
CA GLY Q 153 10.13 44.30 23.71
C GLY Q 153 11.18 43.74 24.67
N VAL Q 154 10.89 43.74 25.96
CA VAL Q 154 11.85 43.30 26.97
C VAL Q 154 11.12 42.46 28.00
N GLU Q 155 11.63 41.26 28.25
CA GLU Q 155 11.02 40.37 29.24
C GLU Q 155 11.34 40.85 30.65
N GLY Q 156 10.49 40.44 31.59
CA GLY Q 156 10.68 40.81 32.97
C GLY Q 156 9.45 40.51 33.82
N PHE Q 157 9.17 41.39 34.79
CA PHE Q 157 7.99 41.23 35.63
C PHE Q 157 6.77 41.77 34.89
N ASN Q 158 5.73 40.95 34.79
CA ASN Q 158 4.50 41.21 34.03
C ASN Q 158 4.76 41.32 32.53
N CYS Q 159 5.94 40.93 32.07
CA CYS Q 159 6.29 40.93 30.65
C CYS Q 159 6.86 39.56 30.31
N TYR Q 160 6.02 38.73 29.68
CA TYR Q 160 6.30 37.32 29.49
C TYR Q 160 6.29 37.01 28.00
N PHE Q 161 7.15 36.08 27.59
CA PHE Q 161 7.17 35.70 26.19
C PHE Q 161 5.94 34.86 25.88
N PRO Q 162 5.26 35.12 24.76
CA PRO Q 162 3.94 34.48 24.55
C PRO Q 162 4.00 32.97 24.38
N LEU Q 163 5.11 32.43 23.90
CA LEU Q 163 5.19 31.02 23.56
C LEU Q 163 5.97 30.23 24.61
N GLN Q 164 5.85 28.91 24.51
CA GLN Q 164 6.49 27.98 25.43
C GLN Q 164 6.55 26.63 24.73
N SER Q 165 7.53 25.81 25.12
CA SER Q 165 7.85 24.59 24.41
C SER Q 165 7.50 23.35 25.23
N TYR Q 166 7.02 22.32 24.54
CA TYR Q 166 6.95 20.99 25.14
C TYR Q 166 8.35 20.47 25.40
N GLY Q 167 8.53 19.84 26.55
CA GLY Q 167 9.80 19.18 26.85
C GLY Q 167 9.77 17.74 26.43
N PHE Q 168 9.54 17.49 25.14
CA PHE Q 168 9.29 16.15 24.62
C PHE Q 168 10.47 15.22 24.88
N GLN Q 169 10.31 14.33 25.84
CA GLN Q 169 11.29 13.34 26.26
C GLN Q 169 10.79 11.93 25.93
N PRO Q 170 11.70 11.00 25.60
CA PRO Q 170 11.23 9.67 25.20
C PRO Q 170 10.61 8.89 26.34
N THR Q 171 11.13 9.05 27.56
CA THR Q 171 10.62 8.32 28.71
C THR Q 171 9.33 8.90 29.27
N ASN Q 172 8.79 9.95 28.65
CA ASN Q 172 7.54 10.53 29.12
C ASN Q 172 6.41 9.51 29.04
N GLY Q 173 5.37 9.76 29.84
CA GLY Q 173 4.15 9.00 29.71
C GLY Q 173 3.40 9.38 28.44
N VAL Q 174 2.67 8.40 27.89
CA VAL Q 174 2.01 8.57 26.60
C VAL Q 174 1.07 9.76 26.57
N GLY Q 175 0.56 10.19 27.73
CA GLY Q 175 -0.23 11.41 27.76
C GLY Q 175 0.61 12.63 27.41
N TYR Q 176 1.86 12.66 27.85
CA TYR Q 176 2.77 13.77 27.60
C TYR Q 176 3.62 13.57 26.36
N GLN Q 177 3.44 12.47 25.63
CA GLN Q 177 4.23 12.20 24.43
C GLN Q 177 3.71 13.00 23.24
N PRO Q 178 4.55 13.25 22.24
CA PRO Q 178 4.10 14.01 21.07
C PRO Q 178 3.17 13.20 20.19
N TYR Q 179 2.13 13.87 19.67
CA TYR Q 179 1.19 13.28 18.74
C TYR Q 179 1.07 14.17 17.52
N ARG Q 180 1.04 13.55 16.34
CA ARG Q 180 0.90 14.26 15.09
C ARG Q 180 -0.56 14.30 14.69
N VAL Q 181 -1.16 15.48 14.72
CA VAL Q 181 -2.57 15.67 14.37
C VAL Q 181 -2.65 16.11 12.91
N VAL Q 182 -3.66 15.61 12.21
CA VAL Q 182 -3.98 16.05 10.85
C VAL Q 182 -5.49 16.22 10.76
N VAL Q 183 -5.94 17.41 10.41
CA VAL Q 183 -7.35 17.75 10.36
C VAL Q 183 -7.75 17.99 8.92
N LEU Q 184 -8.81 17.32 8.48
CA LEU Q 184 -9.31 17.44 7.11
C LEU Q 184 -10.58 18.28 7.11
N SER Q 185 -10.54 19.42 6.43
CA SER Q 185 -11.71 20.28 6.28
C SER Q 185 -12.24 20.15 4.86
N PHE Q 186 -13.56 20.01 4.74
CA PHE Q 186 -14.22 19.86 3.45
C PHE Q 186 -15.09 21.07 3.17
N GLU Q 187 -14.93 21.65 1.99
CA GLU Q 187 -15.63 22.87 1.61
C GLU Q 187 -16.51 22.60 0.39
N LEU Q 188 -17.76 23.03 0.47
CA LEU Q 188 -18.74 22.87 -0.61
C LEU Q 188 -19.28 24.25 -0.96
N LEU Q 189 -18.81 24.81 -2.07
CA LEU Q 189 -19.16 26.15 -2.50
C LEU Q 189 -19.86 26.10 -3.85
N HIS Q 190 -20.29 27.27 -4.33
CA HIS Q 190 -21.02 27.38 -5.59
C HIS Q 190 -20.15 27.10 -6.82
N ALA Q 191 -18.83 26.90 -6.64
CA ALA Q 191 -17.87 26.65 -7.71
C ALA Q 191 -17.88 25.17 -8.10
N PRO Q 192 -17.18 24.76 -9.17
CA PRO Q 192 -17.07 23.33 -9.45
C PRO Q 192 -16.27 22.60 -8.38
N ALA Q 193 -16.49 21.29 -8.29
CA ALA Q 193 -15.86 20.44 -7.29
C ALA Q 193 -14.68 19.70 -7.92
N THR Q 194 -13.49 19.90 -7.37
CA THR Q 194 -12.27 19.34 -7.93
C THR Q 194 -11.71 18.15 -7.15
N VAL Q 195 -12.29 17.84 -6.00
CA VAL Q 195 -11.83 16.72 -5.17
C VAL Q 195 -13.01 15.78 -4.98
N CYS Q 196 -12.85 14.54 -5.46
CA CYS Q 196 -13.93 13.57 -5.45
C CYS Q 196 -13.38 12.19 -5.07
N GLY Q 197 -14.28 11.34 -4.58
CA GLY Q 197 -13.95 9.96 -4.36
C GLY Q 197 -13.97 9.17 -5.64
N PRO Q 198 -13.74 7.85 -5.53
CA PRO Q 198 -13.75 6.96 -6.69
C PRO Q 198 -15.14 6.39 -6.99
N ASN R 5 -29.99 -9.60 21.15
CA ASN R 5 -30.97 -9.32 20.11
C ASN R 5 -31.48 -10.61 19.48
N LEU R 6 -32.79 -10.67 19.22
CA LEU R 6 -33.41 -11.87 18.69
C LEU R 6 -33.17 -11.99 17.18
N CYS R 7 -33.28 -13.22 16.68
CA CYS R 7 -33.03 -13.41 15.26
C CYS R 7 -34.31 -13.14 14.47
N PRO R 8 -34.19 -12.44 13.34
CA PRO R 8 -35.36 -12.00 12.58
C PRO R 8 -35.99 -13.11 11.72
N PHE R 9 -36.26 -14.25 12.34
CA PHE R 9 -36.86 -15.37 11.60
C PHE R 9 -38.25 -15.04 11.08
N GLY R 10 -38.90 -14.01 11.63
CA GLY R 10 -40.15 -13.55 11.05
C GLY R 10 -39.97 -12.99 9.65
N GLU R 11 -38.79 -12.42 9.36
CA GLU R 11 -38.52 -11.94 8.02
C GLU R 11 -38.58 -13.06 6.99
N VAL R 12 -37.99 -14.21 7.33
CA VAL R 12 -37.88 -15.30 6.36
C VAL R 12 -39.18 -16.08 6.26
N PHE R 13 -39.73 -16.51 7.40
CA PHE R 13 -40.92 -17.35 7.39
C PHE R 13 -42.15 -16.57 6.97
N ASN R 14 -42.33 -15.36 7.50
CA ASN R 14 -43.51 -14.55 7.26
C ASN R 14 -43.36 -13.59 6.10
N ALA R 15 -42.42 -13.85 5.18
CA ALA R 15 -42.23 -12.97 4.04
C ALA R 15 -43.45 -13.01 3.13
N THR R 16 -43.88 -11.82 2.69
CA THR R 16 -45.00 -11.74 1.75
C THR R 16 -44.70 -12.48 0.46
N ARG R 17 -43.61 -12.10 -0.21
CA ARG R 17 -43.17 -12.76 -1.42
C ARG R 17 -42.22 -13.90 -1.07
N PHE R 18 -42.27 -14.95 -1.88
CA PHE R 18 -41.34 -16.06 -1.78
C PHE R 18 -40.70 -16.30 -3.14
N ALA R 19 -39.51 -16.89 -3.11
CA ALA R 19 -38.71 -17.04 -4.31
C ALA R 19 -39.11 -18.29 -5.11
N SER R 20 -38.83 -18.26 -6.40
CA SER R 20 -38.91 -19.45 -7.21
C SER R 20 -37.73 -20.37 -6.88
N VAL R 21 -37.96 -21.68 -7.02
CA VAL R 21 -36.95 -22.65 -6.56
C VAL R 21 -35.66 -22.52 -7.38
N TYR R 22 -35.78 -22.24 -8.67
CA TYR R 22 -34.60 -22.05 -9.50
C TYR R 22 -33.82 -20.82 -9.07
N ALA R 23 -34.51 -19.78 -8.64
CA ALA R 23 -33.88 -18.57 -8.15
C ALA R 23 -34.03 -18.45 -6.63
N TRP R 24 -33.72 -19.55 -5.95
CA TRP R 24 -33.96 -19.63 -4.51
C TRP R 24 -33.16 -18.58 -3.76
N ASN R 25 -33.69 -18.16 -2.61
CA ASN R 25 -33.21 -17.01 -1.87
C ASN R 25 -32.57 -17.44 -0.56
N ARG R 26 -31.44 -16.83 -0.22
CA ARG R 26 -30.67 -17.18 0.96
C ARG R 26 -30.43 -15.93 1.81
N LYS R 27 -30.64 -16.07 3.12
CA LYS R 27 -30.40 -15.01 4.08
C LYS R 27 -29.43 -15.49 5.15
N ARG R 28 -28.34 -14.75 5.33
CA ARG R 28 -27.36 -15.07 6.36
C ARG R 28 -27.82 -14.49 7.70
N ILE R 29 -27.91 -15.36 8.71
CA ILE R 29 -28.24 -14.95 10.07
C ILE R 29 -26.94 -14.84 10.85
N SER R 30 -26.68 -13.65 11.40
CA SER R 30 -25.43 -13.41 12.11
C SER R 30 -25.69 -12.54 13.34
N ASN R 31 -25.12 -12.95 14.48
CA ASN R 31 -25.09 -12.16 15.71
C ASN R 31 -26.50 -11.88 16.22
N CYS R 32 -27.12 -12.94 16.74
CA CYS R 32 -28.42 -12.87 17.39
C CYS R 32 -28.66 -14.17 18.14
N VAL R 33 -29.64 -14.15 19.04
CA VAL R 33 -30.04 -15.32 19.81
C VAL R 33 -31.39 -15.80 19.27
N ALA R 34 -31.48 -17.09 18.97
CA ALA R 34 -32.67 -17.69 18.38
C ALA R 34 -33.21 -18.79 19.29
N ASP R 35 -34.52 -18.78 19.51
CA ASP R 35 -35.18 -19.85 20.26
C ASP R 35 -35.69 -20.86 19.23
N TYR R 36 -34.98 -21.98 19.11
CA TYR R 36 -35.30 -22.95 18.08
C TYR R 36 -36.53 -23.77 18.42
N SER R 37 -36.71 -24.10 19.71
CA SER R 37 -37.89 -24.86 20.13
C SER R 37 -39.17 -24.05 20.03
N VAL R 38 -39.09 -22.73 19.89
CA VAL R 38 -40.26 -21.91 19.60
C VAL R 38 -40.57 -21.89 18.11
N LEU R 39 -39.55 -21.98 17.25
CA LEU R 39 -39.79 -22.16 15.82
C LEU R 39 -40.45 -23.49 15.52
N TYR R 40 -40.33 -24.49 16.40
CA TYR R 40 -41.05 -25.73 16.21
C TYR R 40 -42.54 -25.55 16.41
N ASN R 41 -42.93 -24.74 17.41
CA ASN R 41 -44.32 -24.48 17.72
C ASN R 41 -44.78 -23.12 17.22
N SER R 42 -44.00 -22.47 16.36
CA SER R 42 -44.39 -21.16 15.83
C SER R 42 -45.70 -21.26 15.05
N ALA R 43 -45.79 -22.24 14.16
CA ALA R 43 -47.03 -22.55 13.44
C ALA R 43 -47.14 -24.07 13.34
N SER R 44 -48.11 -24.53 12.56
CA SER R 44 -48.18 -25.94 12.19
C SER R 44 -47.38 -26.12 10.91
N PHE R 45 -46.34 -26.97 10.98
CA PHE R 45 -45.49 -27.27 9.84
C PHE R 45 -45.76 -28.69 9.39
N SER R 46 -46.09 -28.87 8.11
CA SER R 46 -46.34 -30.20 7.58
C SER R 46 -45.06 -31.02 7.55
N THR R 47 -43.90 -30.36 7.48
CA THR R 47 -42.62 -31.03 7.49
C THR R 47 -41.67 -30.26 8.39
N PHE R 48 -40.95 -30.98 9.26
CA PHE R 48 -39.92 -30.39 10.11
C PHE R 48 -38.93 -31.49 10.46
N LYS R 49 -38.14 -31.91 9.47
CA LYS R 49 -37.11 -32.92 9.67
C LYS R 49 -35.78 -32.22 9.98
N CYS R 50 -34.94 -32.92 10.75
CA CYS R 50 -33.65 -32.37 11.15
C CYS R 50 -32.56 -33.40 10.91
N TYR R 51 -31.44 -32.93 10.36
CA TYR R 51 -30.29 -33.77 10.04
C TYR R 51 -29.05 -33.15 10.66
N GLY R 52 -28.32 -33.94 11.45
CA GLY R 52 -27.13 -33.46 12.12
C GLY R 52 -27.37 -32.87 13.49
N VAL R 53 -28.61 -32.85 13.97
CA VAL R 53 -28.94 -32.35 15.30
C VAL R 53 -30.36 -32.74 15.65
N SER R 54 -30.78 -32.42 16.88
CA SER R 54 -32.16 -32.50 17.29
C SER R 54 -32.64 -31.12 17.70
N PRO R 55 -33.88 -30.74 17.37
CA PRO R 55 -34.32 -29.36 17.63
C PRO R 55 -34.20 -28.96 19.09
N THR R 56 -34.41 -29.90 20.01
CA THR R 56 -34.18 -29.61 21.42
C THR R 56 -32.71 -29.34 21.69
N LYS R 57 -31.83 -30.15 21.10
CA LYS R 57 -30.40 -30.02 21.34
C LYS R 57 -29.76 -28.89 20.55
N LEU R 58 -30.39 -28.47 19.44
CA LEU R 58 -29.92 -27.29 18.73
C LEU R 58 -30.16 -26.01 19.50
N ASN R 59 -30.92 -26.07 20.59
CA ASN R 59 -31.24 -24.87 21.37
C ASN R 59 -30.06 -24.40 22.22
N ASP R 60 -29.06 -25.26 22.47
CA ASP R 60 -27.95 -24.89 23.34
C ASP R 60 -26.59 -25.08 22.68
N LEU R 61 -26.54 -25.38 21.38
CA LEU R 61 -25.27 -25.36 20.66
C LEU R 61 -25.00 -23.96 20.14
N CYS R 62 -23.76 -23.73 19.71
CA CYS R 62 -23.30 -22.42 19.26
C CYS R 62 -22.65 -22.55 17.89
N PHE R 63 -23.25 -21.88 16.90
CA PHE R 63 -22.77 -21.93 15.53
C PHE R 63 -22.24 -20.57 15.10
N THR R 64 -21.30 -20.58 14.15
CA THR R 64 -20.71 -19.32 13.69
C THR R 64 -21.71 -18.50 12.89
N ASN R 65 -22.19 -19.05 11.78
CA ASN R 65 -23.22 -18.40 10.97
C ASN R 65 -24.31 -19.41 10.65
N VAL R 66 -25.49 -18.87 10.31
CA VAL R 66 -26.65 -19.69 10.00
C VAL R 66 -27.32 -19.10 8.77
N TYR R 67 -27.46 -19.91 7.72
CA TYR R 67 -28.12 -19.48 6.49
C TYR R 67 -29.53 -20.04 6.42
N ALA R 68 -30.43 -19.26 5.83
CA ALA R 68 -31.83 -19.64 5.67
C ALA R 68 -32.19 -19.54 4.20
N ASP R 69 -32.38 -20.68 3.56
CA ASP R 69 -32.82 -20.74 2.17
C ASP R 69 -34.33 -20.92 2.13
N SER R 70 -34.97 -20.31 1.14
CA SER R 70 -36.43 -20.35 1.05
C SER R 70 -36.86 -20.32 -0.41
N PHE R 71 -37.94 -21.04 -0.70
CA PHE R 71 -38.47 -21.14 -2.06
C PHE R 71 -39.86 -21.77 -1.99
N VAL R 72 -40.48 -21.93 -3.15
CA VAL R 72 -41.80 -22.55 -3.27
C VAL R 72 -41.69 -23.71 -4.25
N ILE R 73 -42.23 -24.86 -3.87
CA ILE R 73 -42.26 -26.05 -4.72
C ILE R 73 -43.60 -26.75 -4.54
N ARG R 74 -43.84 -27.74 -5.39
CA ARG R 74 -45.04 -28.55 -5.28
C ARG R 74 -44.98 -29.41 -4.03
N GLY R 75 -46.16 -29.92 -3.64
CA GLY R 75 -46.25 -30.66 -2.39
C GLY R 75 -45.44 -31.95 -2.40
N ASP R 76 -45.64 -32.77 -3.43
CA ASP R 76 -44.96 -34.06 -3.54
C ASP R 76 -43.46 -33.95 -3.80
N GLU R 77 -42.91 -32.73 -3.83
CA GLU R 77 -41.49 -32.53 -4.08
C GLU R 77 -40.71 -32.12 -2.85
N VAL R 78 -41.38 -31.84 -1.72
CA VAL R 78 -40.68 -31.50 -0.48
C VAL R 78 -39.69 -32.60 -0.10
N ARG R 79 -40.07 -33.86 -0.37
CA ARG R 79 -39.21 -34.99 -0.06
C ARG R 79 -37.95 -35.03 -0.90
N GLN R 80 -37.86 -34.22 -1.96
CA GLN R 80 -36.60 -34.06 -2.68
C GLN R 80 -35.68 -33.06 -2.02
N ILE R 81 -36.16 -32.30 -1.05
CA ILE R 81 -35.32 -31.37 -0.29
C ILE R 81 -34.74 -32.14 0.89
N ALA R 82 -33.89 -33.11 0.60
CA ALA R 82 -33.27 -33.96 1.61
C ALA R 82 -31.94 -34.44 1.09
N PRO R 83 -30.98 -34.74 1.96
CA PRO R 83 -29.68 -35.23 1.49
C PRO R 83 -29.81 -36.54 0.74
N GLY R 84 -29.03 -36.68 -0.33
CA GLY R 84 -28.99 -37.91 -1.09
C GLY R 84 -30.26 -38.24 -1.86
N GLN R 85 -30.86 -37.24 -2.49
CA GLN R 85 -32.07 -37.42 -3.28
C GLN R 85 -31.78 -37.16 -4.75
N THR R 86 -32.75 -37.50 -5.59
CA THR R 86 -32.66 -37.30 -7.03
C THR R 86 -34.00 -36.81 -7.55
N GLY R 87 -33.98 -36.29 -8.77
CA GLY R 87 -35.17 -35.78 -9.41
C GLY R 87 -35.02 -34.33 -9.84
N LYS R 88 -36.06 -33.87 -10.54
CA LYS R 88 -36.08 -32.54 -11.16
C LYS R 88 -35.57 -31.44 -10.24
N ILE R 89 -36.12 -31.35 -9.02
CA ILE R 89 -35.78 -30.26 -8.11
C ILE R 89 -34.40 -30.49 -7.49
N ALA R 90 -34.13 -31.72 -7.05
CA ALA R 90 -32.83 -32.00 -6.43
C ALA R 90 -31.70 -31.90 -7.44
N ASP R 91 -31.96 -32.28 -8.69
CA ASP R 91 -30.89 -32.34 -9.67
C ASP R 91 -30.60 -30.98 -10.31
N TYR R 92 -31.65 -30.23 -10.65
CA TYR R 92 -31.50 -29.03 -11.46
C TYR R 92 -31.84 -27.73 -10.73
N ASN R 93 -32.29 -27.80 -9.47
CA ASN R 93 -32.77 -26.58 -8.81
C ASN R 93 -32.10 -26.33 -7.47
N TYR R 94 -32.32 -27.22 -6.50
CA TYR R 94 -31.79 -27.05 -5.15
C TYR R 94 -31.28 -28.39 -4.67
N LYS R 95 -30.00 -28.44 -4.27
CA LYS R 95 -29.33 -29.68 -3.91
C LYS R 95 -28.72 -29.55 -2.53
N LEU R 96 -28.99 -30.54 -1.68
CA LEU R 96 -28.38 -30.62 -0.36
C LEU R 96 -27.25 -31.64 -0.34
N PRO R 97 -26.14 -31.33 0.34
CA PRO R 97 -25.02 -32.27 0.37
C PRO R 97 -25.36 -33.52 1.18
N ASP R 98 -24.54 -34.56 0.98
CA ASP R 98 -24.69 -35.76 1.79
C ASP R 98 -24.36 -35.48 3.25
N ASP R 99 -23.27 -34.77 3.50
CA ASP R 99 -22.94 -34.30 4.84
C ASP R 99 -23.70 -33.00 5.08
N PHE R 100 -24.95 -33.13 5.52
CA PHE R 100 -25.82 -31.98 5.79
C PHE R 100 -26.08 -31.88 7.28
N THR R 101 -25.88 -30.69 7.82
CA THR R 101 -26.14 -30.38 9.23
C THR R 101 -27.14 -29.22 9.26
N GLY R 102 -28.41 -29.56 9.32
CA GLY R 102 -29.45 -28.54 9.32
C GLY R 102 -30.82 -29.19 9.26
N CYS R 103 -31.84 -28.34 9.28
CA CYS R 103 -33.23 -28.79 9.33
C CYS R 103 -34.00 -28.25 8.14
N VAL R 104 -35.01 -29.01 7.71
CA VAL R 104 -35.86 -28.66 6.57
C VAL R 104 -37.27 -28.46 7.08
N ILE R 105 -37.86 -27.31 6.76
CA ILE R 105 -39.16 -26.89 7.28
C ILE R 105 -40.06 -26.55 6.10
N ALA R 106 -41.30 -27.03 6.14
CA ALA R 106 -42.23 -26.81 5.04
C ALA R 106 -43.65 -26.67 5.57
N TRP R 107 -44.43 -25.84 4.90
CA TRP R 107 -45.84 -25.69 5.23
C TRP R 107 -46.62 -25.36 3.96
N ASN R 108 -47.88 -25.81 3.91
CA ASN R 108 -48.70 -25.62 2.73
C ASN R 108 -49.10 -24.16 2.59
N SER R 109 -48.96 -23.62 1.37
CA SER R 109 -49.23 -22.21 1.11
C SER R 109 -50.22 -22.02 -0.03
N ASN R 110 -51.21 -22.91 -0.13
CA ASN R 110 -52.24 -22.76 -1.15
C ASN R 110 -53.05 -21.49 -0.94
N ASN R 111 -53.14 -21.01 0.30
CA ASN R 111 -53.90 -19.80 0.56
C ASN R 111 -53.16 -18.55 0.08
N LEU R 112 -51.84 -18.63 -0.05
CA LEU R 112 -51.04 -17.47 -0.45
C LEU R 112 -50.58 -17.52 -1.89
N ASP R 113 -50.31 -18.71 -2.44
CA ASP R 113 -49.54 -18.82 -3.67
C ASP R 113 -50.24 -19.60 -4.77
N SER R 114 -51.57 -19.69 -4.71
CA SER R 114 -52.36 -20.20 -5.83
C SER R 114 -53.34 -19.11 -6.26
N LYS R 115 -53.77 -19.19 -7.52
CA LYS R 115 -54.62 -18.16 -8.09
C LYS R 115 -55.71 -18.80 -8.95
N VAL R 116 -56.86 -18.12 -9.01
CA VAL R 116 -57.90 -18.51 -9.95
C VAL R 116 -57.35 -18.40 -11.37
N GLY R 117 -57.65 -19.41 -12.19
CA GLY R 117 -57.06 -19.51 -13.50
C GLY R 117 -55.61 -19.95 -13.50
N GLY R 118 -54.98 -20.09 -12.34
CA GLY R 118 -53.62 -20.58 -12.23
C GLY R 118 -52.65 -19.46 -11.86
N ASN R 119 -51.74 -19.77 -10.95
CA ASN R 119 -50.64 -18.88 -10.60
C ASN R 119 -49.42 -19.35 -11.39
N TYR R 120 -48.97 -18.51 -12.33
CA TYR R 120 -47.89 -18.88 -13.24
C TYR R 120 -46.61 -18.06 -12.98
N ASN R 121 -46.50 -17.45 -11.80
CA ASN R 121 -45.34 -16.66 -11.44
C ASN R 121 -44.33 -17.44 -10.61
N TYR R 122 -44.55 -18.74 -10.42
CA TYR R 122 -43.59 -19.62 -9.77
C TYR R 122 -43.01 -20.58 -10.81
N LEU R 123 -41.72 -20.84 -10.74
CA LEU R 123 -41.00 -21.52 -11.80
C LEU R 123 -40.05 -22.55 -11.22
N TYR R 124 -39.62 -23.47 -12.09
CA TYR R 124 -38.55 -24.41 -11.75
C TYR R 124 -37.72 -24.64 -13.00
N ARG R 125 -36.57 -25.30 -12.81
CA ARG R 125 -35.64 -25.59 -13.89
C ARG R 125 -35.93 -26.98 -14.45
N LEU R 126 -36.28 -27.04 -15.73
CA LEU R 126 -36.65 -28.29 -16.39
C LEU R 126 -35.49 -28.94 -17.14
N PHE R 127 -34.69 -28.15 -17.86
CA PHE R 127 -33.62 -28.67 -18.69
C PHE R 127 -32.27 -28.15 -18.20
N ARG R 128 -31.29 -29.04 -18.14
CA ARG R 128 -29.95 -28.67 -17.73
C ARG R 128 -28.97 -29.72 -18.23
N LYS R 129 -27.76 -29.26 -18.58
CA LYS R 129 -26.77 -30.16 -19.16
C LYS R 129 -26.30 -31.19 -18.15
N SER R 130 -25.89 -30.74 -16.96
CA SER R 130 -25.44 -31.62 -15.89
C SER R 130 -26.30 -31.40 -14.66
N ASN R 131 -26.11 -32.26 -13.67
CA ASN R 131 -26.75 -32.06 -12.38
C ASN R 131 -26.07 -30.94 -11.61
N LEU R 132 -26.73 -30.49 -10.55
CA LEU R 132 -26.22 -29.35 -9.79
C LEU R 132 -25.21 -29.80 -8.75
N LYS R 133 -24.31 -28.86 -8.39
CA LYS R 133 -23.44 -29.04 -7.24
C LYS R 133 -24.16 -28.61 -5.97
N PRO R 134 -23.82 -29.19 -4.83
CA PRO R 134 -24.53 -28.86 -3.59
C PRO R 134 -24.51 -27.36 -3.29
N PHE R 135 -25.70 -26.82 -3.02
CA PHE R 135 -25.91 -25.41 -2.67
C PHE R 135 -25.61 -24.47 -3.83
N GLU R 136 -25.50 -24.99 -5.05
CA GLU R 136 -25.34 -24.13 -6.21
C GLU R 136 -26.66 -23.45 -6.55
N ARG R 137 -26.59 -22.41 -7.37
CA ARG R 137 -27.78 -21.74 -7.89
C ARG R 137 -27.54 -21.39 -9.35
N ASP R 138 -28.58 -21.56 -10.16
CA ASP R 138 -28.50 -21.36 -11.61
C ASP R 138 -29.69 -20.51 -12.05
N ILE R 139 -29.47 -19.21 -12.21
CA ILE R 139 -30.50 -18.29 -12.67
C ILE R 139 -30.35 -17.98 -14.16
N SER R 140 -29.68 -18.85 -14.92
CA SER R 140 -29.49 -18.63 -16.34
C SER R 140 -30.82 -18.74 -17.08
N THR R 141 -30.82 -18.22 -18.31
CA THR R 141 -32.00 -18.28 -19.16
C THR R 141 -31.67 -18.54 -20.62
N GLU R 142 -30.41 -18.86 -20.95
CA GLU R 142 -30.06 -19.18 -22.32
C GLU R 142 -30.83 -20.42 -22.79
N ILE R 143 -31.24 -20.41 -24.05
CA ILE R 143 -32.05 -21.49 -24.59
C ILE R 143 -31.27 -22.79 -24.52
N TYR R 144 -31.87 -23.81 -23.92
CA TYR R 144 -31.23 -25.11 -23.79
C TYR R 144 -31.12 -25.78 -25.15
N GLN R 145 -29.90 -26.18 -25.50
CA GLN R 145 -29.64 -26.85 -26.78
C GLN R 145 -29.72 -28.36 -26.56
N ALA R 146 -30.71 -29.00 -27.16
CA ALA R 146 -30.89 -30.44 -27.02
C ALA R 146 -30.30 -31.23 -28.18
N GLY R 147 -30.17 -30.62 -29.34
CA GLY R 147 -29.58 -31.25 -30.51
C GLY R 147 -28.16 -30.79 -30.75
N SER R 148 -27.76 -30.79 -32.03
CA SER R 148 -26.46 -30.27 -32.42
C SER R 148 -26.53 -28.89 -33.06
N THR R 149 -27.68 -28.52 -33.61
CA THR R 149 -27.84 -27.19 -34.20
C THR R 149 -27.74 -26.13 -33.11
N PRO R 150 -26.98 -25.06 -33.34
CA PRO R 150 -26.98 -23.95 -32.38
C PRO R 150 -28.35 -23.29 -32.33
N CYS R 151 -28.80 -22.98 -31.11
CA CYS R 151 -30.13 -22.39 -30.94
C CYS R 151 -30.15 -20.91 -31.30
N ASN R 152 -29.04 -20.20 -31.08
CA ASN R 152 -28.93 -18.78 -31.41
C ASN R 152 -30.02 -17.96 -30.73
N GLY R 153 -30.33 -18.31 -29.48
CA GLY R 153 -31.25 -17.54 -28.68
C GLY R 153 -32.71 -17.67 -29.02
N VAL R 154 -33.09 -18.58 -29.92
CA VAL R 154 -34.47 -18.74 -30.34
C VAL R 154 -34.94 -20.15 -30.03
N GLU R 155 -36.25 -20.29 -29.83
CA GLU R 155 -36.85 -21.57 -29.54
C GLU R 155 -37.35 -22.24 -30.82
N GLY R 156 -37.52 -23.55 -30.73
CA GLY R 156 -38.02 -24.32 -31.87
C GLY R 156 -37.80 -25.80 -31.66
N PHE R 157 -37.57 -26.50 -32.77
CA PHE R 157 -37.18 -27.90 -32.69
C PHE R 157 -35.83 -28.02 -32.01
N ASN R 158 -35.75 -28.91 -31.02
CA ASN R 158 -34.53 -29.23 -30.28
C ASN R 158 -33.95 -28.03 -29.54
N CYS R 159 -34.69 -26.92 -29.44
CA CYS R 159 -34.23 -25.70 -28.78
C CYS R 159 -35.33 -25.23 -27.84
N TYR R 160 -35.11 -25.42 -26.55
CA TYR R 160 -36.17 -25.30 -25.56
C TYR R 160 -35.76 -24.31 -24.47
N PHE R 161 -36.75 -23.59 -23.94
CA PHE R 161 -36.50 -22.71 -22.81
C PHE R 161 -36.31 -23.55 -21.55
N PRO R 162 -35.31 -23.22 -20.72
CA PRO R 162 -34.98 -24.11 -19.59
C PRO R 162 -36.01 -24.14 -18.47
N LEU R 163 -36.82 -23.10 -18.32
CA LEU R 163 -37.70 -22.98 -17.17
C LEU R 163 -39.16 -23.21 -17.57
N GLN R 164 -39.90 -23.81 -16.64
CA GLN R 164 -41.33 -24.05 -16.82
C GLN R 164 -42.04 -23.68 -15.52
N SER R 165 -43.29 -23.23 -15.66
CA SER R 165 -44.05 -22.71 -14.53
C SER R 165 -44.86 -23.80 -13.83
N TYR R 166 -44.91 -23.73 -12.52
CA TYR R 166 -45.95 -24.43 -11.76
C TYR R 166 -47.30 -23.79 -12.07
N GLY R 167 -48.26 -24.60 -12.49
CA GLY R 167 -49.63 -24.13 -12.59
C GLY R 167 -50.34 -24.34 -11.27
N PHE R 168 -50.44 -23.28 -10.46
CA PHE R 168 -50.91 -23.40 -9.08
C PHE R 168 -52.39 -22.98 -9.03
N GLN R 169 -53.27 -23.96 -9.23
CA GLN R 169 -54.72 -23.84 -9.11
C GLN R 169 -55.14 -24.15 -7.67
N PRO R 170 -56.15 -23.46 -7.14
CA PRO R 170 -56.57 -23.77 -5.77
C PRO R 170 -57.36 -25.06 -5.64
N THR R 171 -58.00 -25.50 -6.72
CA THR R 171 -58.80 -26.72 -6.70
C THR R 171 -57.96 -27.98 -6.83
N ASN R 172 -56.64 -27.86 -6.89
CA ASN R 172 -55.78 -29.01 -7.08
C ASN R 172 -55.79 -29.90 -5.84
N GLY R 173 -55.15 -31.06 -5.96
CA GLY R 173 -54.95 -31.92 -4.83
C GLY R 173 -53.75 -31.50 -4.00
N VAL R 174 -53.77 -31.88 -2.73
CA VAL R 174 -52.78 -31.40 -1.75
C VAL R 174 -51.36 -31.71 -2.20
N GLY R 175 -51.18 -32.77 -3.00
CA GLY R 175 -49.84 -33.08 -3.49
C GLY R 175 -49.33 -32.12 -4.54
N TYR R 176 -50.24 -31.50 -5.30
CA TYR R 176 -49.86 -30.54 -6.33
C TYR R 176 -49.93 -29.09 -5.87
N GLN R 177 -50.41 -28.84 -4.65
CA GLN R 177 -50.52 -27.48 -4.14
C GLN R 177 -49.14 -26.92 -3.81
N PRO R 178 -49.01 -25.59 -3.78
CA PRO R 178 -47.71 -24.99 -3.47
C PRO R 178 -47.36 -25.07 -2.00
N TYR R 179 -46.08 -25.29 -1.72
CA TYR R 179 -45.57 -25.36 -0.36
C TYR R 179 -44.37 -24.44 -0.21
N ARG R 180 -44.42 -23.59 0.81
CA ARG R 180 -43.26 -22.81 1.20
C ARG R 180 -42.25 -23.68 1.93
N VAL R 181 -40.97 -23.44 1.67
CA VAL R 181 -39.89 -24.21 2.27
C VAL R 181 -38.87 -23.24 2.85
N VAL R 182 -38.36 -23.56 4.04
CA VAL R 182 -37.29 -22.80 4.69
C VAL R 182 -36.27 -23.80 5.21
N VAL R 183 -35.10 -23.85 4.57
CA VAL R 183 -34.03 -24.77 4.94
C VAL R 183 -32.97 -24.00 5.71
N LEU R 184 -32.63 -24.48 6.90
CA LEU R 184 -31.66 -23.83 7.76
C LEU R 184 -30.34 -24.59 7.71
N SER R 185 -29.26 -23.86 7.41
CA SER R 185 -27.92 -24.42 7.39
C SER R 185 -27.11 -23.82 8.54
N PHE R 186 -26.36 -24.68 9.23
CA PHE R 186 -25.52 -24.26 10.34
C PHE R 186 -24.07 -24.54 10.00
N GLU R 187 -23.22 -23.53 10.15
CA GLU R 187 -21.78 -23.67 9.95
C GLU R 187 -21.06 -23.24 11.22
N LEU R 188 -20.23 -24.13 11.77
CA LEU R 188 -19.40 -23.85 12.94
C LEU R 188 -17.96 -23.78 12.45
N LEU R 189 -17.53 -22.57 12.10
CA LEU R 189 -16.24 -22.34 11.46
C LEU R 189 -15.22 -21.86 12.49
N HIS R 190 -14.05 -21.43 12.00
CA HIS R 190 -12.94 -21.09 12.86
C HIS R 190 -13.14 -19.75 13.56
N ALA R 191 -13.95 -18.86 13.00
CA ALA R 191 -14.17 -17.53 13.56
C ALA R 191 -15.12 -17.61 14.75
N PRO R 192 -15.26 -16.52 15.51
CA PRO R 192 -16.20 -16.53 16.64
C PRO R 192 -17.62 -16.84 16.20
N ALA R 193 -18.39 -17.42 17.13
CA ALA R 193 -19.75 -17.89 16.88
C ALA R 193 -20.72 -17.02 17.67
N THR R 194 -21.51 -16.20 16.97
CA THR R 194 -22.41 -15.26 17.61
C THR R 194 -23.88 -15.57 17.35
N VAL R 195 -24.19 -16.78 16.91
CA VAL R 195 -25.56 -17.19 16.65
C VAL R 195 -25.83 -18.43 17.50
N CYS R 196 -26.41 -18.23 18.68
CA CYS R 196 -26.70 -19.31 19.60
C CYS R 196 -28.13 -19.17 20.13
N GLY R 197 -28.54 -20.12 20.95
CA GLY R 197 -29.79 -20.03 21.67
C GLY R 197 -29.55 -19.67 23.13
N PRO R 198 -30.63 -19.53 23.90
CA PRO R 198 -30.51 -19.21 25.33
C PRO R 198 -30.42 -20.46 26.19
N ASN S 5 4.58 -32.46 -109.23
CA ASN S 5 3.96 -31.65 -108.19
C ASN S 5 5.00 -30.73 -107.54
N LEU S 6 4.55 -29.85 -106.66
CA LEU S 6 5.38 -28.80 -106.10
C LEU S 6 5.69 -29.06 -104.64
N CYS S 7 6.84 -28.57 -104.18
CA CYS S 7 7.25 -28.75 -102.80
C CYS S 7 6.55 -27.72 -101.91
N PRO S 8 5.96 -28.13 -100.79
CA PRO S 8 5.23 -27.21 -99.90
C PRO S 8 6.14 -26.41 -98.98
N PHE S 9 6.81 -25.40 -99.53
CA PHE S 9 7.69 -24.57 -98.74
C PHE S 9 6.93 -23.51 -97.96
N GLY S 10 5.78 -23.06 -98.46
CA GLY S 10 4.93 -22.19 -97.68
C GLY S 10 4.50 -22.83 -96.37
N GLU S 11 4.42 -24.16 -96.34
CA GLU S 11 4.18 -24.87 -95.09
C GLU S 11 5.30 -24.61 -94.10
N VAL S 12 6.55 -24.55 -94.58
CA VAL S 12 7.69 -24.30 -93.71
C VAL S 12 7.83 -22.82 -93.40
N PHE S 13 7.89 -21.99 -94.44
CA PHE S 13 8.16 -20.57 -94.25
C PHE S 13 7.01 -19.84 -93.58
N ASN S 14 5.79 -20.05 -94.08
CA ASN S 14 4.63 -19.26 -93.69
C ASN S 14 3.89 -19.85 -92.50
N ALA S 15 4.54 -20.68 -91.70
CA ALA S 15 3.88 -21.27 -90.54
C ALA S 15 3.51 -20.17 -89.53
N THR S 16 2.31 -20.29 -88.96
CA THR S 16 1.86 -19.34 -87.96
C THR S 16 2.80 -19.34 -86.76
N ARG S 17 2.96 -20.50 -86.12
CA ARG S 17 3.86 -20.63 -84.99
C ARG S 17 5.22 -21.13 -85.46
N PHE S 18 6.27 -20.64 -84.79
CA PHE S 18 7.64 -21.09 -85.03
C PHE S 18 8.20 -21.65 -83.72
N ALA S 19 9.09 -22.62 -83.85
CA ALA S 19 9.65 -23.28 -82.68
C ALA S 19 10.75 -22.43 -82.05
N SER S 20 10.93 -22.62 -80.74
CA SER S 20 12.11 -22.06 -80.09
C SER S 20 13.36 -22.74 -80.61
N VAL S 21 14.50 -22.06 -80.44
CA VAL S 21 15.73 -22.55 -81.08
C VAL S 21 16.25 -23.81 -80.41
N TYR S 22 16.03 -23.97 -79.10
CA TYR S 22 16.48 -25.19 -78.43
C TYR S 22 15.68 -26.39 -78.90
N ALA S 23 14.39 -26.20 -79.14
CA ALA S 23 13.52 -27.25 -79.68
C ALA S 23 13.24 -27.00 -81.16
N TRP S 24 14.31 -26.81 -81.94
CA TRP S 24 14.14 -26.44 -83.35
C TRP S 24 13.47 -27.56 -84.12
N ASN S 25 12.80 -27.18 -85.20
CA ASN S 25 11.88 -28.05 -85.93
C ASN S 25 12.48 -28.44 -87.28
N ARG S 26 12.39 -29.73 -87.61
CA ARG S 26 12.86 -30.26 -88.88
C ARG S 26 11.69 -30.86 -89.66
N LYS S 27 11.66 -30.59 -90.96
CA LYS S 27 10.74 -31.23 -91.88
C LYS S 27 11.48 -31.58 -93.16
N ARG S 28 11.43 -32.85 -93.54
CA ARG S 28 12.08 -33.30 -94.76
C ARG S 28 11.13 -33.21 -95.94
N ILE S 29 11.65 -32.73 -97.07
CA ILE S 29 10.89 -32.56 -98.30
C ILE S 29 11.33 -33.61 -99.29
N SER S 30 10.36 -34.31 -99.88
CA SER S 30 10.66 -35.38 -100.82
C SER S 30 9.58 -35.45 -101.88
N ASN S 31 9.94 -36.02 -103.04
CA ASN S 31 9.00 -36.34 -104.11
C ASN S 31 8.21 -35.11 -104.55
N CYS S 32 8.94 -34.09 -105.00
CA CYS S 32 8.32 -32.88 -105.52
C CYS S 32 9.36 -32.12 -106.35
N VAL S 33 8.89 -31.07 -106.99
CA VAL S 33 9.75 -30.16 -107.76
C VAL S 33 9.52 -28.75 -107.26
N ALA S 34 10.61 -28.05 -106.95
CA ALA S 34 10.55 -26.66 -106.54
C ALA S 34 11.74 -25.92 -107.13
N ASP S 35 11.50 -24.70 -107.58
CA ASP S 35 12.56 -23.83 -108.05
C ASP S 35 12.96 -22.90 -106.92
N TYR S 36 14.24 -22.99 -106.51
CA TYR S 36 14.72 -22.18 -105.40
C TYR S 36 15.00 -20.75 -105.81
N SER S 37 15.10 -20.47 -107.11
CA SER S 37 15.35 -19.11 -107.58
C SER S 37 14.16 -18.19 -107.36
N VAL S 38 12.96 -18.74 -107.13
CA VAL S 38 11.84 -17.91 -106.71
C VAL S 38 12.06 -17.40 -105.28
N LEU S 39 12.63 -18.24 -104.43
CA LEU S 39 12.89 -17.83 -103.04
C LEU S 39 13.94 -16.74 -102.98
N TYR S 40 14.95 -16.81 -103.84
CA TYR S 40 16.08 -15.88 -103.76
C TYR S 40 15.68 -14.49 -104.25
N ASN S 41 15.23 -14.38 -105.50
CA ASN S 41 14.92 -13.07 -106.05
C ASN S 41 13.73 -12.41 -105.39
N SER S 42 12.96 -13.15 -104.58
CA SER S 42 11.89 -12.53 -103.80
C SER S 42 12.51 -11.66 -102.71
N ALA S 43 12.25 -10.35 -102.76
CA ALA S 43 12.86 -9.37 -101.87
C ALA S 43 12.39 -9.50 -100.42
N SER S 44 11.72 -10.58 -100.03
CA SER S 44 11.18 -10.68 -98.68
C SER S 44 12.28 -10.81 -97.64
N PHE S 45 13.31 -11.62 -97.94
CA PHE S 45 14.29 -12.03 -96.94
C PHE S 45 15.44 -11.04 -96.85
N SER S 46 15.93 -10.84 -95.62
CA SER S 46 17.11 -10.01 -95.40
C SER S 46 18.40 -10.81 -95.51
N THR S 47 18.40 -12.04 -94.99
CA THR S 47 19.56 -12.92 -95.06
C THR S 47 19.20 -14.16 -95.86
N PHE S 48 20.06 -14.51 -96.82
CA PHE S 48 19.88 -15.71 -97.63
C PHE S 48 21.23 -16.18 -98.14
N LYS S 49 22.07 -16.69 -97.24
CA LYS S 49 23.41 -17.16 -97.60
C LYS S 49 23.37 -18.62 -97.99
N CYS S 50 24.05 -18.96 -99.08
CA CYS S 50 24.18 -20.33 -99.55
C CYS S 50 25.64 -20.75 -99.44
N TYR S 51 25.86 -22.00 -99.02
CA TYR S 51 27.19 -22.53 -98.79
C TYR S 51 27.40 -23.74 -99.70
N GLY S 52 28.35 -23.62 -100.63
CA GLY S 52 28.68 -24.70 -101.53
C GLY S 52 27.81 -24.82 -102.75
N VAL S 53 26.82 -23.95 -102.92
CA VAL S 53 25.93 -23.99 -104.07
C VAL S 53 25.51 -22.57 -104.43
N SER S 54 25.17 -22.37 -105.68
CA SER S 54 24.51 -21.14 -106.10
C SER S 54 23.02 -21.40 -106.23
N PRO S 55 22.17 -20.59 -105.60
CA PRO S 55 20.72 -20.83 -105.71
C PRO S 55 20.21 -20.76 -107.13
N THR S 56 20.92 -20.08 -108.03
CA THR S 56 20.60 -20.17 -109.44
C THR S 56 20.96 -21.53 -110.01
N LYS S 57 22.08 -22.11 -109.54
CA LYS S 57 22.48 -23.45 -109.93
C LYS S 57 21.74 -24.54 -109.17
N LEU S 58 20.92 -24.19 -108.19
CA LEU S 58 20.12 -25.18 -107.48
C LEU S 58 18.94 -25.69 -108.29
N ASN S 59 18.60 -25.01 -109.38
CA ASN S 59 17.53 -25.47 -110.26
C ASN S 59 18.01 -26.48 -111.30
N ASP S 60 19.30 -26.82 -111.29
CA ASP S 60 19.85 -27.87 -112.13
C ASP S 60 20.17 -29.14 -111.35
N LEU S 61 20.37 -29.04 -110.04
CA LEU S 61 20.79 -30.17 -109.23
C LEU S 61 19.57 -30.86 -108.60
N CYS S 62 19.65 -32.18 -108.49
CA CYS S 62 18.65 -33.01 -107.85
C CYS S 62 19.19 -33.55 -106.53
N PHE S 63 18.28 -33.98 -105.66
CA PHE S 63 18.69 -34.44 -104.35
C PHE S 63 17.72 -35.50 -103.85
N THR S 64 18.26 -36.45 -103.09
CA THR S 64 17.44 -37.50 -102.51
C THR S 64 16.46 -36.94 -101.49
N ASN S 65 16.86 -35.89 -100.77
CA ASN S 65 16.00 -35.30 -99.75
C ASN S 65 16.48 -33.88 -99.45
N VAL S 66 15.56 -33.07 -98.93
CA VAL S 66 15.88 -31.75 -98.40
C VAL S 66 15.25 -31.64 -97.02
N TYR S 67 16.02 -31.17 -96.05
CA TYR S 67 15.55 -30.96 -94.69
C TYR S 67 15.46 -29.47 -94.40
N ALA S 68 14.31 -29.02 -93.92
CA ALA S 68 14.07 -27.62 -93.60
C ALA S 68 13.99 -27.47 -92.10
N ASP S 69 15.00 -26.83 -91.51
CA ASP S 69 15.01 -26.48 -90.10
C ASP S 69 14.49 -25.06 -89.92
N SER S 70 13.82 -24.81 -88.81
CA SER S 70 13.25 -23.49 -88.56
C SER S 70 13.16 -23.24 -87.06
N PHE S 71 13.36 -21.98 -86.68
CA PHE S 71 13.33 -21.56 -85.29
C PHE S 71 13.32 -20.03 -85.25
N VAL S 72 13.43 -19.47 -84.05
CA VAL S 72 13.46 -18.02 -83.85
C VAL S 72 14.62 -17.68 -82.93
N ILE S 73 15.43 -16.70 -83.32
CA ILE S 73 16.55 -16.21 -82.54
C ILE S 73 16.57 -14.69 -82.60
N ARG S 74 17.52 -14.10 -81.87
CA ARG S 74 17.70 -12.66 -81.91
C ARG S 74 18.33 -12.24 -83.24
N GLY S 75 18.26 -10.93 -83.52
CA GLY S 75 18.81 -10.42 -84.76
C GLY S 75 20.32 -10.59 -84.86
N ASP S 76 21.03 -10.28 -83.77
CA ASP S 76 22.49 -10.39 -83.79
C ASP S 76 22.94 -11.84 -83.89
N GLU S 77 22.21 -12.76 -83.26
CA GLU S 77 22.61 -14.17 -83.24
C GLU S 77 22.53 -14.82 -84.61
N VAL S 78 21.85 -14.18 -85.58
CA VAL S 78 21.65 -14.79 -86.89
C VAL S 78 22.99 -15.12 -87.55
N ARG S 79 24.03 -14.34 -87.24
CA ARG S 79 25.36 -14.64 -87.77
C ARG S 79 25.87 -16.00 -87.30
N GLN S 80 25.39 -16.50 -86.16
CA GLN S 80 25.89 -17.77 -85.64
C GLN S 80 25.42 -18.96 -86.45
N ILE S 81 24.32 -18.82 -87.19
CA ILE S 81 23.81 -19.91 -88.03
C ILE S 81 24.68 -19.96 -89.28
N ALA S 82 25.93 -20.39 -89.11
CA ALA S 82 26.90 -20.43 -90.20
C ALA S 82 27.99 -21.42 -89.84
N PRO S 83 28.67 -21.99 -90.83
CA PRO S 83 29.74 -22.95 -90.53
C PRO S 83 30.85 -22.32 -89.71
N GLY S 84 31.43 -23.12 -88.81
CA GLY S 84 32.59 -22.71 -88.04
C GLY S 84 32.36 -21.57 -87.07
N GLN S 85 31.13 -21.38 -86.62
CA GLN S 85 30.81 -20.27 -85.73
C GLN S 85 30.87 -20.71 -84.27
N THR S 86 30.74 -19.73 -83.38
CA THR S 86 30.70 -19.99 -81.94
C THR S 86 29.83 -18.94 -81.29
N GLY S 87 29.31 -19.28 -80.11
CA GLY S 87 28.36 -18.43 -79.41
C GLY S 87 27.29 -19.26 -78.73
N LYS S 88 26.42 -18.61 -77.96
CA LYS S 88 25.45 -19.35 -77.15
C LYS S 88 24.54 -20.21 -78.02
N ILE S 89 24.15 -19.70 -79.18
CA ILE S 89 23.27 -20.47 -80.07
C ILE S 89 24.04 -21.56 -80.79
N ALA S 90 25.21 -21.23 -81.34
CA ALA S 90 25.98 -22.22 -82.08
C ALA S 90 26.54 -23.31 -81.18
N ASP S 91 26.76 -23.00 -79.90
CA ASP S 91 27.33 -23.98 -78.97
C ASP S 91 26.26 -24.85 -78.33
N TYR S 92 25.13 -24.28 -77.93
CA TYR S 92 24.16 -24.98 -77.10
C TYR S 92 22.78 -25.15 -77.75
N ASN S 93 22.59 -24.71 -79.00
CA ASN S 93 21.24 -24.72 -79.55
C ASN S 93 21.18 -25.33 -80.95
N TYR S 94 21.79 -24.65 -81.93
CA TYR S 94 21.77 -25.12 -83.31
C TYR S 94 23.17 -24.96 -83.88
N LYS S 95 23.75 -26.08 -84.33
CA LYS S 95 25.12 -26.12 -84.80
C LYS S 95 25.16 -26.60 -86.24
N LEU S 96 25.96 -25.92 -87.07
CA LEU S 96 26.17 -26.31 -88.45
C LEU S 96 27.57 -26.89 -88.64
N PRO S 97 27.72 -27.94 -89.44
CA PRO S 97 29.05 -28.51 -89.66
C PRO S 97 29.90 -27.59 -90.52
N ASP S 98 31.22 -27.77 -90.38
CA ASP S 98 32.16 -26.97 -91.15
C ASP S 98 31.99 -27.21 -92.65
N ASP S 99 31.52 -28.39 -93.04
CA ASP S 99 31.31 -28.75 -94.44
C ASP S 99 29.86 -28.62 -94.86
N PHE S 100 29.16 -27.60 -94.36
CA PHE S 100 27.74 -27.44 -94.64
C PHE S 100 27.50 -27.17 -96.12
N THR S 101 26.49 -27.84 -96.68
CA THR S 101 26.06 -27.64 -98.06
C THR S 101 24.57 -27.33 -98.03
N GLY S 102 24.23 -26.06 -98.16
CA GLY S 102 22.85 -25.63 -98.06
C GLY S 102 22.79 -24.18 -97.65
N CYS S 103 21.59 -23.61 -97.77
CA CYS S 103 21.38 -22.18 -97.58
C CYS S 103 20.69 -21.90 -96.25
N VAL S 104 21.11 -20.82 -95.60
CA VAL S 104 20.50 -20.32 -94.37
C VAL S 104 19.73 -19.04 -94.73
N ILE S 105 18.49 -18.96 -94.28
CA ILE S 105 17.58 -17.88 -94.64
C ILE S 105 17.03 -17.25 -93.37
N ALA S 106 16.95 -15.92 -93.35
CA ALA S 106 16.47 -15.20 -92.18
C ALA S 106 15.68 -13.97 -92.61
N TRP S 107 14.71 -13.59 -91.78
CA TRP S 107 13.96 -12.36 -91.99
C TRP S 107 13.39 -11.91 -90.65
N ASN S 108 13.21 -10.60 -90.52
CA ASN S 108 12.73 -10.03 -89.28
C ASN S 108 11.26 -10.38 -89.07
N SER S 109 10.90 -10.58 -87.80
CA SER S 109 9.55 -11.01 -87.45
C SER S 109 9.08 -10.32 -86.17
N ASN S 110 9.43 -9.04 -86.00
CA ASN S 110 8.94 -8.28 -84.86
C ASN S 110 7.42 -8.17 -84.87
N ASN S 111 6.83 -8.09 -86.06
CA ASN S 111 5.37 -8.00 -86.16
C ASN S 111 4.67 -9.31 -85.82
N LEU S 112 5.38 -10.43 -85.90
CA LEU S 112 4.78 -11.74 -85.63
C LEU S 112 5.12 -12.28 -84.24
N ASP S 113 6.30 -11.98 -83.72
CA ASP S 113 6.82 -12.72 -82.57
C ASP S 113 7.23 -11.84 -81.39
N SER S 114 6.95 -10.54 -81.44
CA SER S 114 7.12 -9.68 -80.28
C SER S 114 5.75 -9.35 -79.69
N LYS S 115 5.76 -8.96 -78.41
CA LYS S 115 4.52 -8.72 -77.68
C LYS S 115 4.66 -7.52 -76.75
N VAL S 116 3.56 -6.78 -76.59
CA VAL S 116 3.53 -5.71 -75.59
C VAL S 116 3.74 -6.32 -74.21
N GLY S 117 4.54 -5.66 -73.39
CA GLY S 117 4.98 -6.21 -72.13
C GLY S 117 6.08 -7.25 -72.27
N GLY S 118 6.37 -7.72 -73.48
CA GLY S 118 7.37 -8.74 -73.71
C GLY S 118 6.74 -10.08 -74.08
N ASN S 119 7.26 -10.69 -75.14
CA ASN S 119 6.93 -12.06 -75.48
C ASN S 119 7.93 -12.97 -74.78
N TYR S 120 7.44 -13.80 -73.86
CA TYR S 120 8.30 -14.67 -73.07
C TYR S 120 8.10 -16.15 -73.40
N ASN S 121 7.63 -16.46 -74.61
CA ASN S 121 7.43 -17.84 -75.02
C ASN S 121 8.56 -18.39 -75.86
N TYR S 122 9.42 -17.54 -76.40
CA TYR S 122 10.54 -17.97 -77.24
C TYR S 122 11.78 -18.11 -76.36
N LEU S 123 12.35 -19.30 -76.33
CA LEU S 123 13.40 -19.66 -75.39
C LEU S 123 14.67 -20.07 -76.11
N TYR S 124 15.73 -20.29 -75.33
CA TYR S 124 16.99 -20.80 -75.84
C TYR S 124 17.76 -21.42 -74.69
N ARG S 125 18.76 -22.21 -75.03
CA ARG S 125 19.55 -22.92 -74.03
C ARG S 125 20.70 -22.05 -73.55
N LEU S 126 20.78 -21.87 -72.23
CA LEU S 126 21.77 -21.01 -71.59
C LEU S 126 22.93 -21.80 -71.01
N PHE S 127 22.65 -22.91 -70.33
CA PHE S 127 23.67 -23.70 -69.67
C PHE S 127 23.71 -25.09 -70.29
N ARG S 128 24.92 -25.58 -70.58
CA ARG S 128 25.09 -26.95 -71.05
C ARG S 128 26.49 -27.43 -70.68
N LYS S 129 26.62 -28.73 -70.46
CA LYS S 129 27.91 -29.31 -70.10
C LYS S 129 28.92 -29.12 -71.24
N SER S 130 28.63 -29.70 -72.40
CA SER S 130 29.51 -29.59 -73.56
C SER S 130 28.75 -28.95 -74.72
N ASN S 131 29.51 -28.57 -75.74
CA ASN S 131 28.91 -28.02 -76.96
C ASN S 131 28.18 -29.12 -77.73
N LEU S 132 27.25 -28.69 -78.57
CA LEU S 132 26.53 -29.62 -79.43
C LEU S 132 27.40 -30.04 -80.62
N LYS S 133 27.06 -31.19 -81.17
CA LYS S 133 27.57 -31.63 -82.45
C LYS S 133 26.67 -31.12 -83.56
N PRO S 134 27.11 -31.18 -84.83
CA PRO S 134 26.25 -30.71 -85.92
C PRO S 134 24.91 -31.43 -85.93
N PHE S 135 23.83 -30.63 -85.99
CA PHE S 135 22.45 -31.07 -86.12
C PHE S 135 21.96 -31.86 -84.91
N GLU S 136 22.69 -31.82 -83.79
CA GLU S 136 22.21 -32.44 -82.57
C GLU S 136 21.12 -31.56 -81.93
N ARG S 137 20.15 -32.21 -81.31
CA ARG S 137 19.00 -31.54 -80.74
C ARG S 137 18.83 -31.97 -79.29
N ASP S 138 18.73 -31.00 -78.38
CA ASP S 138 18.66 -31.27 -76.94
C ASP S 138 17.48 -30.50 -76.38
N ILE S 139 16.41 -31.22 -76.03
CA ILE S 139 15.23 -30.62 -75.44
C ILE S 139 15.13 -30.91 -73.95
N SER S 140 16.26 -31.21 -73.31
CA SER S 140 16.24 -31.53 -71.89
C SER S 140 15.83 -30.32 -71.05
N THR S 141 15.37 -30.60 -69.83
CA THR S 141 15.02 -29.57 -68.87
C THR S 141 15.65 -29.84 -67.50
N GLU S 142 16.70 -30.66 -67.45
CA GLU S 142 17.29 -31.05 -66.18
C GLU S 142 18.03 -29.87 -65.55
N ILE S 143 17.88 -29.72 -64.24
CA ILE S 143 18.48 -28.60 -63.53
C ILE S 143 20.00 -28.64 -63.73
N TYR S 144 20.55 -27.55 -64.27
CA TYR S 144 21.98 -27.48 -64.51
C TYR S 144 22.73 -27.39 -63.19
N GLN S 145 23.72 -28.26 -63.02
CA GLN S 145 24.53 -28.32 -61.81
C GLN S 145 25.85 -27.63 -62.06
N ALA S 146 26.05 -26.47 -61.42
CA ALA S 146 27.26 -25.68 -61.63
C ALA S 146 28.36 -26.01 -60.62
N GLY S 147 28.00 -26.43 -59.42
CA GLY S 147 28.97 -26.80 -58.40
C GLY S 147 29.17 -28.29 -58.31
N SER S 148 29.40 -28.76 -57.07
CA SER S 148 29.52 -30.19 -56.80
C SER S 148 28.32 -30.76 -56.07
N THR S 149 27.49 -29.92 -55.47
CA THR S 149 26.28 -30.40 -54.82
C THR S 149 25.26 -30.83 -55.88
N PRO S 150 24.61 -31.98 -55.71
CA PRO S 150 23.52 -32.36 -56.61
C PRO S 150 22.31 -31.46 -56.39
N CYS S 151 21.57 -31.24 -57.48
CA CYS S 151 20.49 -30.26 -57.48
C CYS S 151 19.14 -30.85 -57.08
N ASN S 152 18.92 -32.14 -57.33
CA ASN S 152 17.70 -32.83 -56.92
C ASN S 152 16.45 -32.21 -57.55
N GLY S 153 16.59 -31.70 -58.77
CA GLY S 153 15.45 -31.08 -59.45
C GLY S 153 14.95 -29.84 -58.76
N VAL S 154 15.85 -29.06 -58.19
CA VAL S 154 15.49 -27.87 -57.40
C VAL S 154 16.49 -26.77 -57.69
N GLU S 155 16.00 -25.54 -57.85
CA GLU S 155 16.83 -24.38 -58.13
C GLU S 155 17.37 -23.79 -56.83
N GLY S 156 18.55 -23.17 -56.93
CA GLY S 156 19.17 -22.52 -55.80
C GLY S 156 20.58 -22.06 -56.07
N PHE S 157 21.47 -22.23 -55.10
CA PHE S 157 22.88 -21.91 -55.31
C PHE S 157 23.53 -22.96 -56.18
N ASN S 158 24.22 -22.51 -57.23
CA ASN S 158 24.91 -23.35 -58.20
C ASN S 158 23.98 -24.32 -58.92
N CYS S 159 22.67 -24.19 -58.73
CA CYS S 159 21.68 -25.08 -59.34
C CYS S 159 20.71 -24.20 -60.13
N TYR S 160 20.97 -24.09 -61.43
CA TYR S 160 20.29 -23.13 -62.29
C TYR S 160 19.47 -23.87 -63.35
N PHE S 161 18.32 -23.31 -63.69
CA PHE S 161 17.53 -23.86 -64.78
C PHE S 161 18.26 -23.61 -66.10
N PRO S 162 18.25 -24.58 -67.03
CA PRO S 162 19.12 -24.48 -68.20
C PRO S 162 18.61 -23.55 -69.31
N LEU S 163 17.34 -23.15 -69.30
CA LEU S 163 16.80 -22.36 -70.39
C LEU S 163 16.37 -20.97 -69.91
N GLN S 164 16.28 -20.06 -70.87
CA GLN S 164 15.93 -18.66 -70.61
C GLN S 164 15.24 -18.11 -71.86
N SER S 165 14.32 -17.18 -71.64
CA SER S 165 13.50 -16.64 -72.72
C SER S 165 14.04 -15.32 -73.24
N TYR S 166 13.82 -15.08 -74.53
CA TYR S 166 14.02 -13.76 -75.09
C TYR S 166 12.91 -12.84 -74.62
N GLY S 167 13.27 -11.65 -74.15
CA GLY S 167 12.27 -10.66 -73.79
C GLY S 167 11.81 -9.86 -74.99
N PHE S 168 11.28 -10.55 -75.99
CA PHE S 168 10.95 -9.93 -77.28
C PHE S 168 9.89 -8.84 -77.12
N GLN S 169 10.33 -7.58 -77.07
CA GLN S 169 9.48 -6.42 -77.03
C GLN S 169 9.52 -5.69 -78.36
N PRO S 170 8.42 -5.05 -78.76
CA PRO S 170 8.39 -4.44 -80.11
C PRO S 170 9.26 -3.21 -80.22
N THR S 171 9.53 -2.52 -79.13
CA THR S 171 10.33 -1.30 -79.14
C THR S 171 11.83 -1.57 -79.15
N ASN S 172 12.24 -2.83 -79.12
CA ASN S 172 13.66 -3.15 -79.14
C ASN S 172 14.33 -2.65 -80.40
N GLY S 173 15.65 -2.57 -80.33
CA GLY S 173 16.42 -2.28 -81.51
C GLY S 173 16.45 -3.45 -82.48
N VAL S 174 16.73 -3.14 -83.74
CA VAL S 174 16.64 -4.13 -84.80
C VAL S 174 17.51 -5.34 -84.49
N GLY S 175 18.68 -5.12 -83.88
CA GLY S 175 19.54 -6.22 -83.50
C GLY S 175 18.97 -7.12 -82.43
N TYR S 176 18.03 -6.61 -81.63
CA TYR S 176 17.40 -7.39 -80.57
C TYR S 176 15.96 -7.80 -80.89
N GLN S 177 15.47 -7.48 -82.09
CA GLN S 177 14.14 -7.90 -82.50
C GLN S 177 14.16 -9.37 -82.93
N PRO S 178 13.04 -10.07 -82.84
CA PRO S 178 13.03 -11.49 -83.19
C PRO S 178 13.19 -11.72 -84.68
N TYR S 179 13.80 -12.86 -85.02
CA TYR S 179 14.07 -13.23 -86.40
C TYR S 179 13.73 -14.70 -86.61
N ARG S 180 12.99 -14.98 -87.69
CA ARG S 180 12.68 -16.35 -88.05
C ARG S 180 13.73 -16.86 -89.03
N VAL S 181 14.26 -18.04 -88.75
CA VAL S 181 15.33 -18.65 -89.52
C VAL S 181 14.81 -19.93 -90.17
N VAL S 182 15.24 -20.20 -91.39
CA VAL S 182 14.91 -21.43 -92.09
C VAL S 182 16.18 -21.93 -92.77
N VAL S 183 16.65 -23.11 -92.35
CA VAL S 183 17.91 -23.67 -92.82
C VAL S 183 17.61 -24.89 -93.68
N LEU S 184 18.08 -24.87 -94.92
CA LEU S 184 17.92 -25.97 -95.86
C LEU S 184 19.24 -26.72 -96.00
N SER S 185 19.21 -28.01 -95.70
CA SER S 185 20.34 -28.89 -95.96
C SER S 185 19.93 -29.93 -97.00
N PHE S 186 20.82 -30.18 -97.96
CA PHE S 186 20.54 -31.06 -99.07
C PHE S 186 21.35 -32.35 -98.90
N GLU S 187 20.68 -33.50 -99.03
CA GLU S 187 21.34 -34.79 -98.91
C GLU S 187 21.25 -35.54 -100.23
N LEU S 188 22.30 -36.31 -100.52
CA LEU S 188 22.34 -37.18 -101.69
C LEU S 188 22.77 -38.56 -101.23
N LEU S 189 21.91 -39.55 -101.44
CA LEU S 189 22.17 -40.92 -101.05
C LEU S 189 22.22 -41.80 -102.28
N HIS S 190 22.44 -43.10 -102.05
CA HIS S 190 22.40 -44.07 -103.14
C HIS S 190 20.98 -44.32 -103.63
N ALA S 191 19.96 -43.88 -102.89
CA ALA S 191 18.58 -44.06 -103.27
C ALA S 191 18.20 -43.11 -104.41
N PRO S 192 17.04 -43.29 -105.01
CA PRO S 192 16.58 -42.34 -106.05
C PRO S 192 16.39 -40.94 -105.49
N ALA S 193 16.80 -39.95 -106.29
CA ALA S 193 16.64 -38.55 -105.95
C ALA S 193 15.33 -38.03 -106.51
N THR S 194 14.53 -37.39 -105.66
CA THR S 194 13.18 -36.99 -106.04
C THR S 194 12.92 -35.50 -106.01
N VAL S 195 13.78 -34.71 -105.38
CA VAL S 195 13.59 -33.27 -105.28
C VAL S 195 14.50 -32.58 -106.30
N CYS S 196 13.89 -31.90 -107.26
CA CYS S 196 14.64 -31.34 -108.38
C CYS S 196 14.10 -29.96 -108.74
N GLY S 197 14.91 -29.22 -109.48
CA GLY S 197 14.48 -27.98 -110.10
C GLY S 197 13.92 -28.24 -111.48
N PRO S 198 13.03 -27.37 -111.95
CA PRO S 198 12.29 -27.51 -113.21
C PRO S 198 13.17 -27.86 -114.41
N ASN T 5 23.32 -26.34 -5.61
CA ASN T 5 23.17 -25.96 -4.21
C ASN T 5 24.35 -25.14 -3.74
N LEU T 6 24.07 -24.13 -2.92
CA LEU T 6 25.09 -23.23 -2.40
C LEU T 6 25.50 -23.65 -0.99
N CYS T 7 26.56 -23.01 -0.49
CA CYS T 7 27.08 -23.35 0.83
C CYS T 7 26.39 -22.53 1.90
N PRO T 8 25.99 -23.13 3.02
CA PRO T 8 25.23 -22.40 4.04
C PRO T 8 26.09 -21.44 4.84
N PHE T 9 26.74 -20.49 4.16
CA PHE T 9 27.49 -19.45 4.86
C PHE T 9 26.57 -18.44 5.53
N GLY T 10 25.28 -18.43 5.18
CA GLY T 10 24.35 -17.54 5.86
C GLY T 10 24.20 -17.87 7.33
N GLU T 11 24.15 -19.16 7.66
CA GLU T 11 24.03 -19.55 9.07
C GLU T 11 25.29 -19.20 9.85
N VAL T 12 26.46 -19.27 9.21
CA VAL T 12 27.70 -18.94 9.89
C VAL T 12 27.81 -17.44 10.12
N PHE T 13 27.72 -16.66 9.04
CA PHE T 13 27.95 -15.23 9.15
C PHE T 13 26.75 -14.48 9.72
N ASN T 14 25.53 -14.89 9.35
CA ASN T 14 24.33 -14.15 9.69
C ASN T 14 23.56 -14.77 10.86
N ALA T 15 24.24 -15.55 11.71
CA ALA T 15 23.59 -16.07 12.90
C ALA T 15 23.24 -14.93 13.85
N THR T 16 22.08 -15.05 14.51
CA THR T 16 21.68 -14.03 15.47
C THR T 16 22.63 -14.03 16.67
N ARG T 17 22.92 -15.20 17.21
CA ARG T 17 23.84 -15.34 18.34
C ARG T 17 25.18 -15.88 17.88
N PHE T 18 26.24 -15.37 18.51
CA PHE T 18 27.58 -15.89 18.32
C PHE T 18 28.08 -16.48 19.63
N ALA T 19 29.07 -17.36 19.52
CA ALA T 19 29.61 -18.02 20.71
C ALA T 19 30.63 -17.13 21.39
N SER T 20 30.92 -17.47 22.65
CA SER T 20 32.05 -16.86 23.34
C SER T 20 33.35 -17.45 22.80
N VAL T 21 34.44 -16.71 22.99
CA VAL T 21 35.72 -17.13 22.41
C VAL T 21 36.24 -18.38 23.10
N TYR T 22 35.97 -18.52 24.40
CA TYR T 22 36.43 -19.71 25.12
C TYR T 22 35.67 -20.94 24.68
N ALA T 23 34.39 -20.80 24.36
CA ALA T 23 33.59 -21.91 23.87
C ALA T 23 33.19 -21.67 22.41
N TRP T 24 34.18 -21.57 21.53
CA TRP T 24 33.92 -21.16 20.16
C TRP T 24 33.14 -22.25 19.40
N ASN T 25 32.66 -21.87 18.22
CA ASN T 25 31.70 -22.65 17.45
C ASN T 25 32.33 -23.06 16.12
N ARG T 26 32.09 -24.32 15.71
CA ARG T 26 32.64 -24.84 14.46
C ARG T 26 31.53 -25.50 13.66
N LYS T 27 31.43 -25.12 12.39
CA LYS T 27 30.47 -25.69 11.45
C LYS T 27 31.24 -26.28 10.27
N ARG T 28 30.86 -27.49 9.86
CA ARG T 28 31.53 -28.21 8.79
C ARG T 28 30.73 -28.04 7.51
N ILE T 29 31.36 -27.45 6.49
CA ILE T 29 30.75 -27.24 5.18
C ILE T 29 31.31 -28.33 4.26
N SER T 30 30.44 -29.23 3.80
CA SER T 30 30.88 -30.43 3.10
C SER T 30 30.53 -30.41 1.61
N ASN T 31 29.27 -30.65 1.27
CA ASN T 31 28.84 -30.84 -0.11
C ASN T 31 28.08 -29.60 -0.59
N CYS T 32 28.77 -28.72 -1.30
CA CYS T 32 28.16 -27.50 -1.83
C CYS T 32 29.15 -26.82 -2.77
N VAL T 33 28.76 -25.66 -3.28
CA VAL T 33 29.58 -24.85 -4.16
C VAL T 33 29.61 -23.43 -3.60
N ALA T 34 30.79 -22.97 -3.21
CA ALA T 34 30.95 -21.66 -2.58
C ALA T 34 31.62 -20.70 -3.55
N ASP T 35 31.12 -19.46 -3.58
CA ASP T 35 31.77 -18.37 -4.28
C ASP T 35 32.44 -17.50 -3.21
N TYR T 36 33.77 -17.67 -3.06
CA TYR T 36 34.50 -16.93 -2.05
C TYR T 36 34.77 -15.49 -2.48
N SER T 37 35.09 -15.30 -3.77
CA SER T 37 35.30 -13.96 -4.28
C SER T 37 34.05 -13.10 -4.16
N VAL T 38 32.87 -13.70 -4.31
CA VAL T 38 31.65 -13.01 -3.92
C VAL T 38 31.73 -12.63 -2.44
N LEU T 39 31.90 -13.63 -1.57
CA LEU T 39 31.98 -13.42 -0.13
C LEU T 39 32.98 -12.33 0.26
N TYR T 40 34.07 -12.19 -0.50
CA TYR T 40 35.10 -11.20 -0.17
C TYR T 40 34.48 -9.80 -0.06
N ASN T 41 33.90 -9.31 -1.15
CA ASN T 41 33.32 -7.98 -1.18
C ASN T 41 31.82 -7.95 -0.86
N SER T 42 31.20 -9.10 -0.58
CA SER T 42 29.73 -9.12 -0.51
C SER T 42 29.19 -8.48 0.76
N ALA T 43 29.99 -8.36 1.82
CA ALA T 43 29.44 -7.95 3.11
C ALA T 43 30.30 -6.91 3.83
N SER T 44 31.40 -6.48 3.22
CA SER T 44 32.21 -5.37 3.71
C SER T 44 32.65 -5.61 5.16
N PHE T 45 33.52 -6.61 5.30
CA PHE T 45 34.14 -6.87 6.59
C PHE T 45 35.35 -5.98 6.77
N SER T 46 35.69 -5.69 8.02
CA SER T 46 36.84 -4.86 8.37
C SER T 46 38.14 -5.65 8.39
N THR T 47 38.10 -6.97 8.20
CA THR T 47 39.30 -7.78 8.16
C THR T 47 39.02 -9.02 7.33
N PHE T 48 39.94 -9.33 6.40
CA PHE T 48 39.80 -10.49 5.53
C PHE T 48 41.21 -10.97 5.15
N LYS T 49 41.99 -11.34 6.16
CA LYS T 49 43.38 -11.75 5.95
C LYS T 49 43.42 -13.23 5.59
N CYS T 50 43.85 -13.54 4.38
CA CYS T 50 44.00 -14.91 3.92
C CYS T 50 45.44 -15.37 4.11
N TYR T 51 45.62 -16.64 4.46
CA TYR T 51 46.92 -17.20 4.80
C TYR T 51 47.18 -18.43 3.95
N GLY T 52 48.10 -18.31 3.00
CA GLY T 52 48.51 -19.44 2.19
C GLY T 52 47.76 -19.61 0.89
N VAL T 53 46.75 -18.78 0.62
CA VAL T 53 45.95 -18.90 -0.59
C VAL T 53 45.56 -17.51 -1.08
N SER T 54 44.70 -17.46 -2.09
CA SER T 54 44.19 -16.20 -2.61
C SER T 54 42.68 -16.32 -2.77
N PRO T 55 41.90 -15.34 -2.32
CA PRO T 55 40.43 -15.46 -2.43
C PRO T 55 39.95 -15.54 -3.86
N THR T 56 40.58 -14.80 -4.77
CA THR T 56 40.28 -14.95 -6.19
C THR T 56 40.54 -16.37 -6.65
N LYS T 57 41.70 -16.92 -6.27
CA LYS T 57 42.06 -18.29 -6.63
C LYS T 57 41.39 -19.32 -5.73
N LEU T 58 40.61 -18.91 -4.73
CA LEU T 58 39.96 -19.86 -3.84
C LEU T 58 38.75 -20.52 -4.48
N ASN T 59 38.17 -19.92 -5.52
CA ASN T 59 37.09 -20.57 -6.24
C ASN T 59 37.61 -21.72 -7.11
N ASP T 60 38.89 -21.70 -7.49
CA ASP T 60 39.45 -22.64 -8.43
C ASP T 60 40.01 -23.89 -7.77
N LEU T 61 39.70 -24.13 -6.50
CA LEU T 61 40.26 -25.26 -5.77
C LEU T 61 39.15 -26.06 -5.10
N CYS T 62 39.40 -27.36 -4.94
CA CYS T 62 38.48 -28.28 -4.29
C CYS T 62 39.14 -28.87 -3.05
N PHE T 63 38.47 -28.73 -1.91
CA PHE T 63 38.94 -29.29 -0.66
C PHE T 63 37.99 -30.37 -0.17
N THR T 64 38.49 -31.20 0.75
CA THR T 64 37.64 -32.24 1.33
C THR T 64 36.51 -31.63 2.14
N ASN T 65 36.86 -30.90 3.20
CA ASN T 65 35.89 -30.17 4.02
C ASN T 65 36.40 -28.77 4.29
N VAL T 66 35.48 -27.91 4.71
CA VAL T 66 35.79 -26.56 5.17
C VAL T 66 35.15 -26.38 6.54
N TYR T 67 35.95 -26.00 7.53
CA TYR T 67 35.46 -25.76 8.88
C TYR T 67 35.42 -24.26 9.14
N ALA T 68 34.25 -23.76 9.48
CA ALA T 68 34.06 -22.34 9.76
C ALA T 68 33.91 -22.16 11.27
N ASP T 69 34.91 -21.53 11.89
CA ASP T 69 34.83 -21.19 13.30
C ASP T 69 34.33 -19.76 13.46
N SER T 70 33.74 -19.47 14.63
CA SER T 70 33.14 -18.17 14.84
C SER T 70 33.00 -17.90 16.34
N PHE T 71 33.18 -16.64 16.72
CA PHE T 71 33.12 -16.20 18.12
C PHE T 71 33.15 -14.68 18.14
N VAL T 72 33.27 -14.10 19.33
CA VAL T 72 33.27 -12.65 19.52
C VAL T 72 34.43 -12.26 20.42
N ILE T 73 35.20 -11.26 20.01
CA ILE T 73 36.32 -10.76 20.77
C ILE T 73 36.37 -9.24 20.68
N ARG T 74 37.28 -8.65 21.46
CA ARG T 74 37.53 -7.22 21.39
C ARG T 74 38.23 -6.88 20.08
N GLY T 75 38.12 -5.61 19.68
CA GLY T 75 38.70 -5.17 18.43
C GLY T 75 40.21 -5.29 18.41
N ASP T 76 40.87 -4.87 19.49
CA ASP T 76 42.32 -4.93 19.57
C ASP T 76 42.86 -6.35 19.65
N GLU T 77 41.98 -7.34 19.77
CA GLU T 77 42.39 -8.74 19.88
C GLU T 77 42.27 -9.52 18.59
N VAL T 78 41.61 -8.95 17.57
CA VAL T 78 41.45 -9.62 16.28
C VAL T 78 42.81 -9.98 15.68
N ARG T 79 43.85 -9.25 16.04
CA ARG T 79 45.19 -9.54 15.56
C ARG T 79 45.83 -10.73 16.24
N GLN T 80 45.27 -11.22 17.35
CA GLN T 80 45.72 -12.49 17.92
C GLN T 80 45.17 -13.69 17.17
N ILE T 81 44.18 -13.49 16.30
CA ILE T 81 43.63 -14.56 15.48
C ILE T 81 44.48 -14.66 14.22
N ALA T 82 45.75 -15.01 14.40
CA ALA T 82 46.70 -15.10 13.29
C ALA T 82 47.81 -16.06 13.68
N PRO T 83 48.43 -16.73 12.72
CA PRO T 83 49.53 -17.64 13.04
C PRO T 83 50.65 -16.95 13.81
N GLY T 84 51.25 -17.70 14.73
CA GLY T 84 52.39 -17.22 15.49
C GLY T 84 52.10 -16.11 16.47
N GLN T 85 50.83 -15.92 16.83
CA GLN T 85 50.46 -14.81 17.72
C GLN T 85 50.43 -15.27 19.18
N THR T 86 50.46 -14.28 20.07
CA THR T 86 50.49 -14.54 21.51
C THR T 86 49.57 -13.54 22.20
N GLY T 87 49.18 -13.90 23.42
CA GLY T 87 48.20 -13.15 24.18
C GLY T 87 47.12 -14.05 24.73
N LYS T 88 46.29 -13.46 25.60
CA LYS T 88 45.25 -14.20 26.29
C LYS T 88 44.36 -14.96 25.32
N ILE T 89 43.97 -14.31 24.23
CA ILE T 89 43.04 -14.93 23.29
C ILE T 89 43.75 -16.02 22.48
N ALA T 90 45.02 -15.80 22.13
CA ALA T 90 45.75 -16.81 21.39
C ALA T 90 46.23 -17.94 22.31
N ASP T 91 46.65 -17.60 23.53
CA ASP T 91 47.23 -18.61 24.41
C ASP T 91 46.16 -19.45 25.12
N TYR T 92 44.99 -18.87 25.40
CA TYR T 92 44.02 -19.52 26.29
C TYR T 92 42.66 -19.78 25.64
N ASN T 93 42.43 -19.35 24.40
CA ASN T 93 41.08 -19.40 23.86
C ASN T 93 40.99 -20.01 22.47
N TYR T 94 41.45 -19.30 21.46
CA TYR T 94 41.48 -19.79 20.09
C TYR T 94 42.87 -19.60 19.52
N LYS T 95 43.49 -20.68 19.08
CA LYS T 95 44.88 -20.67 18.63
C LYS T 95 44.97 -21.27 17.23
N LEU T 96 45.58 -20.53 16.31
CA LEU T 96 45.81 -21.02 14.97
C LEU T 96 47.17 -21.69 14.86
N PRO T 97 47.34 -22.65 13.96
CA PRO T 97 48.65 -23.27 13.78
C PRO T 97 49.59 -22.36 13.03
N ASP T 98 50.88 -22.74 13.02
CA ASP T 98 51.86 -22.01 12.21
C ASP T 98 51.69 -22.33 10.73
N ASP T 99 51.24 -23.54 10.41
CA ASP T 99 50.95 -23.94 9.03
C ASP T 99 49.50 -23.75 8.67
N PHE T 100 48.91 -22.62 9.05
CA PHE T 100 47.48 -22.40 8.82
C PHE T 100 47.19 -22.24 7.33
N THR T 101 46.10 -22.88 6.89
CA THR T 101 45.63 -22.80 5.51
C THR T 101 44.19 -22.31 5.57
N GLY T 102 43.99 -21.02 5.42
CA GLY T 102 42.65 -20.46 5.45
C GLY T 102 42.68 -18.96 5.61
N CYS T 103 41.49 -18.38 5.69
CA CYS T 103 41.30 -16.94 5.77
C CYS T 103 40.60 -16.58 7.07
N VAL T 104 40.95 -15.42 7.62
CA VAL T 104 40.39 -14.91 8.87
C VAL T 104 39.57 -13.67 8.55
N ILE T 105 38.30 -13.70 8.94
CA ILE T 105 37.34 -12.66 8.60
C ILE T 105 36.72 -12.13 9.89
N ALA T 106 36.64 -10.80 10.00
CA ALA T 106 36.12 -10.17 11.20
C ALA T 106 35.49 -8.83 10.85
N TRP T 107 34.48 -8.44 11.62
CA TRP T 107 33.77 -7.18 11.41
C TRP T 107 33.19 -6.69 12.72
N ASN T 108 33.03 -5.37 12.82
CA ASN T 108 32.57 -4.75 14.06
C ASN T 108 31.09 -5.02 14.27
N SER T 109 30.75 -5.54 15.46
CA SER T 109 29.36 -5.78 15.82
C SER T 109 29.01 -5.09 17.12
N ASN T 110 29.29 -3.79 17.20
CA ASN T 110 28.83 -3.01 18.35
C ASN T 110 27.31 -2.92 18.39
N ASN T 111 26.66 -2.95 17.22
CA ASN T 111 25.22 -2.83 17.14
C ASN T 111 24.50 -4.09 17.60
N LEU T 112 25.15 -5.25 17.55
CA LEU T 112 24.52 -6.50 17.93
C LEU T 112 24.92 -7.02 19.29
N ASP T 113 26.12 -6.68 19.77
CA ASP T 113 26.74 -7.39 20.88
C ASP T 113 27.11 -6.51 22.07
N SER T 114 26.68 -5.26 22.09
CA SER T 114 26.87 -4.40 23.26
C SER T 114 25.50 -4.01 23.82
N LYS T 115 25.50 -3.64 25.10
CA LYS T 115 24.26 -3.34 25.81
C LYS T 115 24.44 -2.14 26.72
N VAL T 116 23.36 -1.38 26.92
CA VAL T 116 23.37 -0.28 27.88
C VAL T 116 23.61 -0.84 29.27
N GLY T 117 24.49 -0.18 30.02
CA GLY T 117 24.94 -0.70 31.30
C GLY T 117 25.91 -1.86 31.21
N GLY T 118 26.17 -2.38 30.01
CA GLY T 118 27.10 -3.47 29.82
C GLY T 118 26.48 -4.73 29.26
N ASN T 119 27.26 -5.49 28.50
CA ASN T 119 26.87 -6.81 28.01
C ASN T 119 27.85 -7.80 28.62
N TYR T 120 27.38 -8.57 29.61
CA TYR T 120 28.24 -9.46 30.37
C TYR T 120 28.02 -10.92 30.00
N ASN T 121 27.47 -11.17 28.82
CA ASN T 121 27.22 -12.53 28.34
C ASN T 121 28.32 -13.04 27.41
N TYR T 122 29.27 -12.20 27.03
CA TYR T 122 30.41 -12.63 26.23
C TYR T 122 31.64 -12.73 27.14
N LEU T 123 32.26 -13.90 27.16
CA LEU T 123 33.33 -14.20 28.10
C LEU T 123 34.56 -14.70 27.36
N TYR T 124 35.68 -14.68 28.07
CA TYR T 124 36.94 -15.22 27.59
C TYR T 124 37.62 -15.95 28.73
N ARG T 125 38.62 -16.74 28.40
CA ARG T 125 39.40 -17.46 29.39
C ARG T 125 40.58 -16.60 29.86
N LEU T 126 40.71 -16.45 31.18
CA LEU T 126 41.73 -15.61 31.76
C LEU T 126 42.85 -16.40 32.43
N PHE T 127 42.54 -17.51 33.08
CA PHE T 127 43.53 -18.33 33.77
C PHE T 127 43.57 -19.71 33.16
N ARG T 128 44.78 -20.23 32.95
CA ARG T 128 44.96 -21.58 32.46
C ARG T 128 46.32 -22.10 32.91
N LYS T 129 46.43 -23.43 32.98
CA LYS T 129 47.68 -24.04 33.39
C LYS T 129 48.76 -23.89 32.32
N SER T 130 48.40 -24.10 31.06
CA SER T 130 49.36 -24.03 29.97
C SER T 130 48.66 -23.47 28.73
N ASN T 131 49.47 -23.10 27.75
CA ASN T 131 48.93 -22.61 26.48
C ASN T 131 48.13 -23.70 25.77
N LEU T 132 47.23 -23.26 24.90
CA LEU T 132 46.46 -24.19 24.10
C LEU T 132 47.31 -24.77 22.98
N LYS T 133 46.86 -25.90 22.47
CA LYS T 133 47.38 -26.43 21.22
C LYS T 133 46.52 -25.96 20.06
N PRO T 134 47.05 -25.99 18.83
CA PRO T 134 46.25 -25.55 17.67
C PRO T 134 44.87 -26.20 17.59
N PHE T 135 43.84 -25.35 17.55
CA PHE T 135 42.45 -25.74 17.43
C PHE T 135 41.92 -26.49 18.65
N GLU T 136 42.61 -26.39 19.79
CA GLU T 136 42.10 -26.95 21.03
C GLU T 136 40.94 -26.09 21.55
N ARG T 137 40.09 -26.71 22.37
CA ARG T 137 38.95 -26.03 22.97
C ARG T 137 38.82 -26.44 24.42
N ASP T 138 38.65 -25.45 25.31
CA ASP T 138 38.58 -25.67 26.75
C ASP T 138 37.35 -24.94 27.28
N ILE T 139 36.25 -25.68 27.45
CA ILE T 139 35.03 -25.12 27.98
C ILE T 139 34.84 -25.47 29.46
N SER T 140 35.92 -25.87 30.13
CA SER T 140 35.84 -26.22 31.54
C SER T 140 35.57 -24.99 32.40
N THR T 141 35.33 -25.23 33.70
CA THR T 141 35.04 -24.16 34.64
C THR T 141 35.66 -24.40 36.02
N GLU T 142 36.57 -25.35 36.16
CA GLU T 142 37.16 -25.64 37.46
C GLU T 142 37.95 -24.44 37.97
N ILE T 143 37.76 -24.12 39.25
CA ILE T 143 38.42 -23.01 39.92
C ILE T 143 39.93 -23.11 39.71
N TYR T 144 40.52 -22.07 39.13
CA TYR T 144 41.96 -22.07 38.87
C TYR T 144 42.72 -21.98 40.18
N GLN T 145 43.53 -22.99 40.47
CA GLN T 145 44.34 -23.04 41.68
C GLN T 145 45.68 -22.36 41.39
N ALA T 146 45.89 -21.19 41.98
CA ALA T 146 47.12 -20.44 41.76
C ALA T 146 48.20 -20.76 42.79
N GLY T 147 47.82 -21.05 44.02
CA GLY T 147 48.77 -21.44 45.05
C GLY T 147 48.97 -22.94 45.10
N SER T 148 49.30 -23.42 46.30
CA SER T 148 49.43 -24.86 46.53
C SER T 148 48.22 -25.45 47.25
N THR T 149 47.47 -24.64 47.98
CA THR T 149 46.28 -25.12 48.67
C THR T 149 45.20 -25.50 47.67
N PRO T 150 44.53 -26.63 47.86
CA PRO T 150 43.42 -26.98 46.98
C PRO T 150 42.26 -26.01 47.14
N CYS T 151 41.57 -25.76 46.04
CA CYS T 151 40.49 -24.78 46.03
C CYS T 151 39.15 -25.36 46.44
N ASN T 152 38.90 -26.63 46.11
CA ASN T 152 37.69 -27.33 46.55
C ASN T 152 36.43 -26.69 46.00
N GLY T 153 36.49 -26.26 44.74
CA GLY T 153 35.32 -25.64 44.12
C GLY T 153 34.88 -24.37 44.81
N VAL T 154 35.82 -23.61 45.36
CA VAL T 154 35.52 -22.42 46.15
C VAL T 154 36.48 -21.32 45.73
N GLU T 155 35.98 -20.08 45.70
CA GLU T 155 36.78 -18.92 45.36
C GLU T 155 37.26 -18.20 46.62
N GLY T 156 38.39 -17.53 46.49
CA GLY T 156 39.01 -16.83 47.59
C GLY T 156 40.46 -16.51 47.25
N PHE T 157 41.28 -16.43 48.30
CA PHE T 157 42.71 -16.21 48.12
C PHE T 157 43.33 -17.35 47.32
N ASN T 158 43.98 -16.99 46.20
CA ASN T 158 44.65 -17.91 45.29
C ASN T 158 43.70 -18.90 44.64
N CYS T 159 42.40 -18.66 44.72
CA CYS T 159 41.39 -19.53 44.09
C CYS T 159 40.47 -18.65 43.26
N TYR T 160 40.71 -18.62 41.95
CA TYR T 160 40.12 -17.66 41.05
C TYR T 160 39.31 -18.39 39.99
N PHE T 161 38.22 -17.77 39.56
CA PHE T 161 37.42 -18.37 38.50
C PHE T 161 38.15 -18.21 37.17
N PRO T 162 38.14 -19.24 36.32
CA PRO T 162 38.95 -19.18 35.08
C PRO T 162 38.46 -18.14 34.08
N LEU T 163 37.15 -17.96 33.93
CA LEU T 163 36.61 -17.10 32.88
C LEU T 163 36.30 -15.71 33.41
N GLN T 164 36.37 -14.74 32.51
CA GLN T 164 36.03 -13.36 32.81
C GLN T 164 35.20 -12.80 31.65
N SER T 165 34.44 -11.74 31.93
CA SER T 165 33.52 -11.17 30.97
C SER T 165 34.11 -9.93 30.31
N TYR T 166 33.61 -9.63 29.11
CA TYR T 166 34.04 -8.43 28.38
C TYR T 166 33.35 -7.19 28.91
N GLY T 167 32.03 -7.24 29.07
CA GLY T 167 31.28 -6.08 29.48
C GLY T 167 31.15 -5.03 28.40
N PHE T 168 30.86 -5.45 27.17
CA PHE T 168 30.83 -4.55 26.02
C PHE T 168 29.83 -3.41 26.23
N GLN T 169 30.34 -2.19 26.34
CA GLN T 169 29.45 -1.05 26.41
C GLN T 169 29.41 -0.32 25.08
N PRO T 170 28.27 0.29 24.73
CA PRO T 170 28.18 0.95 23.43
C PRO T 170 29.08 2.15 23.29
N THR T 171 29.36 2.86 24.38
CA THR T 171 30.16 4.08 24.32
C THR T 171 31.66 3.82 24.38
N ASN T 172 32.08 2.56 24.37
CA ASN T 172 33.50 2.26 24.36
C ASN T 172 34.15 2.74 23.07
N GLY T 173 35.48 2.69 23.05
CA GLY T 173 36.20 2.95 21.83
C GLY T 173 36.17 1.76 20.89
N VAL T 174 36.40 2.05 19.61
CA VAL T 174 36.35 1.00 18.59
C VAL T 174 37.34 -0.11 18.89
N GLY T 175 38.41 0.20 19.62
CA GLY T 175 39.34 -0.85 20.04
C GLY T 175 38.70 -1.83 21.00
N TYR T 176 37.89 -1.33 21.94
CA TYR T 176 37.29 -2.15 22.97
C TYR T 176 35.91 -2.69 22.59
N GLN T 177 35.40 -2.34 21.42
CA GLN T 177 34.09 -2.78 20.97
C GLN T 177 34.12 -4.25 20.54
N PRO T 178 32.97 -4.93 20.54
CA PRO T 178 32.94 -6.34 20.15
C PRO T 178 33.08 -6.53 18.65
N TYR T 179 33.68 -7.66 18.29
CA TYR T 179 33.89 -8.01 16.88
C TYR T 179 33.54 -9.48 16.66
N ARG T 180 32.69 -9.72 15.67
CA ARG T 180 32.42 -11.09 15.23
C ARG T 180 33.53 -11.56 14.30
N VAL T 181 34.11 -12.71 14.63
CA VAL T 181 35.18 -13.30 13.83
C VAL T 181 34.68 -14.60 13.24
N VAL T 182 35.07 -14.88 12.00
CA VAL T 182 34.74 -16.13 11.32
C VAL T 182 36.01 -16.63 10.64
N VAL T 183 36.55 -17.74 11.13
CA VAL T 183 37.78 -18.33 10.61
C VAL T 183 37.43 -19.48 9.68
N LEU T 184 37.96 -19.45 8.46
CA LEU T 184 37.72 -20.51 7.48
C LEU T 184 38.98 -21.36 7.39
N SER T 185 38.82 -22.68 7.57
CA SER T 185 39.91 -23.63 7.46
C SER T 185 39.57 -24.66 6.39
N PHE T 186 40.48 -24.85 5.45
CA PHE T 186 40.30 -25.78 4.34
C PHE T 186 41.23 -26.97 4.54
N GLU T 187 40.69 -28.18 4.41
CA GLU T 187 41.48 -29.40 4.52
C GLU T 187 41.35 -30.21 3.23
N LEU T 188 42.47 -30.71 2.73
CA LEU T 188 42.52 -31.57 1.56
C LEU T 188 43.05 -32.93 2.03
N LEU T 189 42.14 -33.81 2.40
CA LEU T 189 42.49 -35.14 2.86
C LEU T 189 42.59 -36.11 1.68
N HIS T 190 43.05 -37.33 1.98
CA HIS T 190 43.21 -38.32 0.93
C HIS T 190 41.87 -38.75 0.33
N ALA T 191 40.76 -38.46 1.01
CA ALA T 191 39.44 -38.80 0.50
C ALA T 191 39.08 -37.88 -0.66
N PRO T 192 38.04 -38.22 -1.42
CA PRO T 192 37.62 -37.33 -2.53
C PRO T 192 37.10 -36.00 -2.01
N ALA T 193 37.28 -34.97 -2.84
CA ALA T 193 36.86 -33.63 -2.49
C ALA T 193 35.36 -33.48 -2.68
N THR T 194 34.73 -32.71 -1.79
CA THR T 194 33.29 -32.50 -1.83
C THR T 194 32.87 -31.04 -1.75
N VAL T 195 33.78 -30.13 -1.38
CA VAL T 195 33.49 -28.70 -1.28
C VAL T 195 34.34 -27.98 -2.31
N CYS T 196 33.69 -27.34 -3.28
CA CYS T 196 34.38 -26.70 -4.38
C CYS T 196 33.78 -25.33 -4.67
N GLY T 197 34.41 -24.63 -5.60
CA GLY T 197 33.89 -23.42 -6.17
C GLY T 197 33.92 -23.49 -7.67
N PRO T 198 33.01 -22.78 -8.34
CA PRO T 198 32.98 -22.79 -9.81
C PRO T 198 34.22 -22.16 -10.42
P PO4 U . 20.20 38.87 48.38
O1 PO4 U . 21.35 38.84 49.35
O2 PO4 U . 19.58 40.25 48.35
O3 PO4 U . 20.71 38.52 47.00
O4 PO4 U . 19.15 37.88 48.81
P PO4 V . 16.18 47.40 34.26
O1 PO4 V . 15.55 47.86 35.56
O2 PO4 V . 17.27 46.39 34.56
O3 PO4 V . 16.77 48.58 33.54
O4 PO4 V . 15.12 46.75 33.40
P PO4 W . 18.51 -9.81 -43.74
O1 PO4 W . 18.97 -8.42 -43.36
O2 PO4 W . 19.22 -10.85 -42.90
O3 PO4 W . 18.83 -10.05 -45.20
O4 PO4 W . 17.02 -9.93 -43.52
P PO4 X . -51.46 -28.35 -43.59
O1 PO4 X . -50.78 -27.30 -42.75
O2 PO4 X . -52.95 -28.14 -43.55
O3 PO4 X . -51.14 -29.72 -43.03
O4 PO4 X . -50.96 -28.26 -45.01
P PO4 Y . -37.35 -19.85 -39.26
O1 PO4 Y . -36.98 -20.16 -37.83
O2 PO4 Y . -38.69 -19.17 -39.31
O3 PO4 Y . -36.31 -18.93 -39.87
O4 PO4 Y . -37.41 -21.14 -40.04
P PO4 Z . 16.27 -25.69 -48.25
O1 PO4 Z . 17.49 -25.48 -47.38
O2 PO4 Z . 15.38 -24.47 -48.16
O3 PO4 Z . 15.51 -26.90 -47.75
O4 PO4 Z . 16.70 -25.90 -49.67
P PO4 AA . 38.15 -4.10 60.00
O1 PO4 AA . 37.78 -3.49 61.32
O2 PO4 AA . 38.98 -5.34 60.20
O3 PO4 AA . 38.95 -3.09 59.19
O4 PO4 AA . 36.89 -4.46 59.24
P PO4 BA . 36.25 -20.03 55.12
O1 PO4 BA . 37.37 -19.31 55.84
O2 PO4 BA . 34.96 -19.26 55.29
O3 PO4 BA . 36.06 -21.42 55.69
O4 PO4 BA . 36.61 -20.13 53.66
C1 NAG CA . 2.93 6.83 4.28
C2 NAG CA . 1.64 6.53 3.49
C3 NAG CA . 1.13 5.12 3.83
C4 NAG CA . 2.24 4.09 3.63
C5 NAG CA . 3.49 4.50 4.41
C6 NAG CA . 4.67 3.59 4.17
C7 NAG CA . -0.29 7.92 2.88
C8 NAG CA . -1.27 8.94 3.34
N2 NAG CA . 0.62 7.52 3.77
O3 NAG CA . 0.03 4.80 2.98
O4 NAG CA . 1.80 2.82 4.10
O5 NAG CA . 3.89 5.81 4.01
O6 NAG CA . 5.79 4.31 3.69
O7 NAG CA . -0.31 7.48 1.72
C1 NAG DA . -45.73 -14.82 11.68
C2 NAG DA . -44.87 -15.08 12.92
C3 NAG DA . -45.68 -15.84 13.97
C4 NAG DA . -46.98 -15.11 14.27
C5 NAG DA . -47.75 -14.84 12.98
C6 NAG DA . -48.99 -14.00 13.20
C7 NAG DA . -42.50 -15.64 13.22
C8 NAG DA . -41.36 -16.49 12.73
N2 NAG DA . -43.66 -15.82 12.58
O3 NAG DA . -44.91 -15.98 15.16
O4 NAG DA . -47.80 -15.89 15.14
O5 NAG DA . -46.92 -14.12 12.06
O6 NAG DA . -50.12 -14.81 13.45
O7 NAG DA . -42.38 -14.85 14.14
C1 NAG EA . 4.46 -17.30 -98.05
C2 NAG EA . 4.92 -17.92 -99.38
C3 NAG EA . 5.01 -16.85 -100.48
C4 NAG EA . 3.70 -16.07 -100.59
C5 NAG EA . 3.34 -15.50 -99.23
C6 NAG EA . 2.00 -14.79 -99.22
C7 NAG EA . 6.53 -19.73 -99.84
C8 NAG EA . 7.89 -20.27 -99.55
N2 NAG EA . 6.20 -18.58 -99.22
O3 NAG EA . 5.29 -17.48 -101.72
O4 NAG EA . 3.84 -15.02 -101.52
O5 NAG EA . 3.24 -16.56 -98.26
O6 NAG EA . 2.11 -13.48 -99.75
O7 NAG EA . 5.74 -20.29 -100.60
C1 NAG FA . 23.71 -11.96 5.35
C2 NAG FA . 24.36 -12.49 4.07
C3 NAG FA . 24.64 -11.33 3.11
C4 NAG FA . 23.37 -10.53 2.87
C5 NAG FA . 22.75 -10.08 4.19
C6 NAG FA . 21.42 -9.41 4.02
C7 NAG FA . 25.94 -14.34 3.73
C8 NAG FA . 27.24 -14.95 4.15
N2 NAG FA . 25.58 -13.21 4.36
O3 NAG FA . 25.15 -11.83 1.89
O4 NAG FA . 23.67 -9.37 2.10
O5 NAG FA . 22.53 -11.23 5.03
O6 NAG FA . 20.34 -10.30 4.28
O7 NAG FA . 25.25 -14.84 2.84
#